data_3MKV
#
_entry.id   3MKV
#
_cell.length_a   92.022
_cell.length_b   198.599
_cell.length_c   104.294
_cell.angle_alpha   90.00
_cell.angle_beta   107.76
_cell.angle_gamma   90.00
#
_symmetry.space_group_name_H-M   'P 1 21 1'
#
loop_
_entity.id
_entity.type
_entity.pdbx_description
1 polymer 'PUTATIVE AMIDOHYDROLASE'
2 non-polymer 'ZINC ION'
3 non-polymer 'SULFATE ION'
4 non-polymer GLYCEROL
5 non-polymer 'CARBONATE ION'
6 water water
#
_entity_poly.entity_id   1
_entity_poly.type   'polypeptide(L)'
_entity_poly.pdbx_seq_one_letter_code
;MSLTTFLFRNGALLDPDHPDLLQGFEILIEDGFIREVSDKPIKSSNAHVIDVKGKTIMPGLIDLHVHVVAIEFNLPRVAT
LPNVLVTLRAVPIMRAMLRRGFTTVRDAGGAGYPFKQAVESGLVEGPRLFVSGRALSQTGGHADPRARSDYMPPDSPCGC
CVRVGALGRVADGVDEVRRAVREELQMGADQI(KCX)IMASGGVASPTDPVGVFGYSEDEIRAIVAEAQGRGTYVLAHAY
TPAAIARAVRCGVRTIEHGNLIDDETARLVAEHGAYVVPTLVTYDALASEGEKYGLPPESIAKIADVHGAGLHSIEIMKR
AGVKMGFGTDLLGEAQRLQSDEFRILAEVLSPAEVIASATIVSAEVLGMQDKLGRIVPGAHADVLVVDGNPLKSVDCLLG
QGEHIPLVMKDGRLFVNELEGHEGHHHHHH
;
_entity_poly.pdbx_strand_id   A,B,C,D,E,F,G,H
#
# COMPACT_ATOMS: atom_id res chain seq x y z
N LEU A 3 48.35 -17.98 -27.42
CA LEU A 3 48.56 -19.46 -27.47
C LEU A 3 49.07 -20.02 -26.14
N THR A 4 48.15 -20.43 -25.27
CA THR A 4 48.52 -21.16 -24.07
C THR A 4 48.09 -22.62 -24.28
N THR A 5 49.04 -23.43 -24.70
CA THR A 5 48.75 -24.74 -25.28
C THR A 5 49.09 -25.92 -24.38
N PHE A 6 48.39 -27.03 -24.56
CA PHE A 6 48.63 -28.25 -23.81
C PHE A 6 48.50 -29.48 -24.69
N LEU A 7 49.37 -30.45 -24.46
CA LEU A 7 49.31 -31.69 -25.20
C LEU A 7 49.36 -32.91 -24.26
N PHE A 8 48.20 -33.56 -24.15
CA PHE A 8 48.09 -34.80 -23.38
C PHE A 8 48.65 -35.94 -24.22
N ARG A 9 49.54 -36.73 -23.65
CA ARG A 9 50.21 -37.81 -24.35
CA ARG A 9 50.12 -37.86 -24.34
C ARG A 9 50.39 -39.06 -23.46
N ASN A 10 50.47 -40.22 -24.08
CA ASN A 10 50.77 -41.46 -23.35
C ASN A 10 49.70 -41.94 -22.36
N GLY A 11 48.45 -41.91 -22.78
CA GLY A 11 47.36 -42.38 -21.93
C GLY A 11 46.22 -43.06 -22.67
N ALA A 12 45.30 -43.63 -21.91
CA ALA A 12 44.07 -44.15 -22.48
C ALA A 12 43.09 -42.98 -22.60
N LEU A 13 42.22 -43.05 -23.61
CA LEU A 13 41.22 -42.03 -23.83
C LEU A 13 39.86 -42.63 -23.63
N LEU A 14 39.04 -41.99 -22.81
CA LEU A 14 37.68 -42.45 -22.59
C LEU A 14 36.74 -41.66 -23.50
N ASP A 15 36.18 -42.37 -24.47
CA ASP A 15 35.22 -41.80 -25.41
C ASP A 15 33.90 -42.44 -25.06
N PRO A 16 33.04 -41.67 -24.39
CA PRO A 16 31.84 -42.18 -23.70
C PRO A 16 30.89 -43.00 -24.58
N ASP A 17 31.05 -42.94 -25.90
CA ASP A 17 30.25 -43.82 -26.76
C ASP A 17 31.02 -45.02 -27.28
N HIS A 18 32.11 -45.39 -26.59
CA HIS A 18 32.82 -46.64 -26.87
C HIS A 18 33.06 -47.43 -25.59
N PRO A 19 32.77 -48.73 -25.61
CA PRO A 19 32.71 -49.60 -24.43
C PRO A 19 34.05 -49.79 -23.73
N ASP A 20 35.16 -49.56 -24.43
CA ASP A 20 36.50 -49.74 -23.88
C ASP A 20 37.36 -48.51 -24.15
N LEU A 21 38.41 -48.35 -23.34
CA LEU A 21 39.34 -47.24 -23.49
C LEU A 21 40.09 -47.31 -24.82
N LEU A 22 40.20 -46.16 -25.48
CA LEU A 22 41.00 -46.07 -26.69
C LEU A 22 42.44 -45.79 -26.32
N GLN A 23 43.36 -46.55 -26.91
CA GLN A 23 44.79 -46.38 -26.62
C GLN A 23 45.49 -45.69 -27.78
N GLY A 24 46.56 -44.97 -27.48
CA GLY A 24 47.40 -44.37 -28.53
C GLY A 24 46.94 -43.06 -29.13
N PHE A 25 46.10 -42.31 -28.40
CA PHE A 25 45.70 -40.97 -28.85
C PHE A 25 46.48 -39.86 -28.19
N GLU A 26 46.55 -38.73 -28.86
CA GLU A 26 47.09 -37.51 -28.27
C GLU A 26 46.05 -36.40 -28.41
N ILE A 27 46.01 -35.50 -27.43
CA ILE A 27 45.01 -34.44 -27.44
C ILE A 27 45.69 -33.07 -27.41
N LEU A 28 45.28 -32.20 -28.33
CA LEU A 28 45.86 -30.86 -28.42
C LEU A 28 44.89 -29.82 -27.90
N ILE A 29 45.22 -29.24 -26.75
CA ILE A 29 44.42 -28.19 -26.16
C ILE A 29 45.09 -26.85 -26.31
N GLU A 30 44.35 -25.86 -26.77
CA GLU A 30 44.86 -24.49 -26.79
C GLU A 30 43.75 -23.46 -26.74
N ASP A 31 43.92 -22.49 -25.83
CA ASP A 31 42.95 -21.41 -25.66
C ASP A 31 41.54 -21.89 -25.30
N GLY A 32 41.46 -22.79 -24.34
CA GLY A 32 40.18 -23.23 -23.81
C GLY A 32 39.50 -24.37 -24.53
N PHE A 33 39.97 -24.71 -25.73
CA PHE A 33 39.28 -25.72 -26.53
C PHE A 33 40.16 -26.88 -26.96
N ILE A 34 39.52 -28.04 -27.15
CA ILE A 34 40.16 -29.18 -27.77
C ILE A 34 40.40 -28.87 -29.24
N ARG A 35 41.64 -29.03 -29.69
CA ARG A 35 42.01 -28.62 -31.04
C ARG A 35 42.16 -29.84 -31.94
N GLU A 36 42.85 -30.86 -31.43
CA GLU A 36 43.05 -32.09 -32.18
C GLU A 36 42.99 -33.30 -31.26
N VAL A 37 42.51 -34.41 -31.81
CA VAL A 37 42.42 -35.67 -31.10
C VAL A 37 42.73 -36.79 -32.08
N SER A 38 44.01 -37.14 -32.22
CA SER A 38 44.40 -38.19 -33.16
C SER A 38 45.31 -39.23 -32.52
N ASP A 39 45.49 -40.34 -33.22
CA ASP A 39 46.43 -41.38 -32.82
C ASP A 39 47.77 -41.14 -33.49
N LYS A 40 47.73 -40.53 -34.67
CA LYS A 40 48.92 -40.04 -35.34
C LYS A 40 49.50 -38.86 -34.56
N PRO A 41 50.52 -39.12 -33.72
CA PRO A 41 51.17 -38.06 -32.97
C PRO A 41 51.05 -36.71 -33.66
N ILE A 42 50.79 -35.66 -32.89
CA ILE A 42 50.51 -34.34 -33.44
C ILE A 42 51.65 -33.35 -33.23
N LYS A 43 51.75 -32.39 -34.16
CA LYS A 43 52.81 -31.38 -34.13
C LYS A 43 52.44 -30.22 -33.21
N SER A 44 53.27 -29.98 -32.21
CA SER A 44 53.06 -28.86 -31.30
C SER A 44 54.39 -28.23 -30.90
N SER A 45 54.62 -27.01 -31.37
CA SER A 45 55.88 -26.32 -31.12
C SER A 45 55.88 -25.59 -29.79
N ASN A 46 54.72 -25.04 -29.41
CA ASN A 46 54.60 -24.29 -28.17
C ASN A 46 53.97 -25.12 -27.06
N ALA A 47 53.37 -26.25 -27.44
CA ALA A 47 52.61 -27.06 -26.52
C ALA A 47 53.33 -27.37 -25.22
N HIS A 48 52.61 -27.26 -24.10
CA HIS A 48 53.08 -27.76 -22.83
C HIS A 48 52.58 -29.20 -22.70
N VAL A 49 53.51 -30.14 -22.72
CA VAL A 49 53.18 -31.56 -22.79
C VAL A 49 52.82 -32.16 -21.44
N ILE A 50 51.74 -32.95 -21.41
CA ILE A 50 51.34 -33.63 -20.19
C ILE A 50 51.43 -35.15 -20.34
N ASP A 51 52.34 -35.75 -19.61
CA ASP A 51 52.57 -37.18 -19.71
C ASP A 51 51.74 -37.92 -18.67
N VAL A 52 50.85 -38.78 -19.14
CA VAL A 52 49.85 -39.38 -18.28
C VAL A 52 50.28 -40.73 -17.68
N LYS A 53 51.50 -41.18 -17.99
CA LYS A 53 52.01 -42.44 -17.45
C LYS A 53 50.98 -43.54 -17.50
N GLY A 54 50.32 -43.66 -18.65
CA GLY A 54 49.34 -44.71 -18.86
C GLY A 54 48.09 -44.62 -18.01
N LYS A 55 47.73 -43.40 -17.61
CA LYS A 55 46.49 -43.18 -16.86
C LYS A 55 45.36 -42.81 -17.82
N THR A 56 44.17 -42.62 -17.28
CA THR A 56 42.99 -42.38 -18.11
C THR A 56 42.66 -40.90 -18.29
N ILE A 57 42.50 -40.51 -19.54
CA ILE A 57 42.07 -39.17 -19.86
C ILE A 57 40.60 -39.24 -20.26
N MET A 58 39.75 -38.59 -19.47
CA MET A 58 38.30 -38.61 -19.72
C MET A 58 37.70 -37.20 -19.68
N PRO A 59 36.51 -37.04 -20.26
CA PRO A 59 35.87 -35.72 -20.27
C PRO A 59 35.47 -35.27 -18.86
N GLY A 60 35.35 -33.95 -18.68
CA GLY A 60 34.82 -33.39 -17.44
C GLY A 60 33.45 -33.95 -17.10
N LEU A 61 33.22 -34.21 -15.82
CA LEU A 61 31.95 -34.76 -15.40
C LEU A 61 30.92 -33.64 -15.25
N ILE A 62 29.65 -34.00 -15.46
CA ILE A 62 28.54 -33.05 -15.39
C ILE A 62 27.49 -33.51 -14.37
N ASP A 63 27.14 -32.63 -13.42
CA ASP A 63 26.04 -32.94 -12.50
C ASP A 63 24.84 -32.03 -12.76
N LEU A 64 23.70 -32.65 -13.08
CA LEU A 64 22.53 -31.94 -13.59
C LEU A 64 21.59 -31.47 -12.50
N HIS A 65 21.93 -31.74 -11.25
CA HIS A 65 21.05 -31.35 -10.15
C HIS A 65 21.80 -31.08 -8.85
N VAL A 66 22.28 -29.86 -8.70
CA VAL A 66 22.89 -29.47 -7.44
C VAL A 66 22.20 -28.23 -6.91
N HIS A 67 22.40 -27.97 -5.62
CA HIS A 67 22.05 -26.69 -5.02
C HIS A 67 23.29 -26.12 -4.35
N VAL A 68 23.91 -25.13 -4.98
CA VAL A 68 25.14 -24.61 -4.44
C VAL A 68 24.91 -23.87 -3.12
N VAL A 69 23.74 -23.25 -2.95
CA VAL A 69 23.51 -22.49 -1.73
C VAL A 69 22.75 -23.27 -0.67
N ALA A 70 22.56 -24.56 -0.91
CA ALA A 70 21.99 -25.43 0.11
C ALA A 70 23.08 -25.78 1.11
N ILE A 71 23.45 -24.77 1.91
CA ILE A 71 24.61 -24.87 2.80
C ILE A 71 24.28 -25.62 4.09
N GLU A 72 23.00 -25.91 4.31
CA GLU A 72 22.61 -26.83 5.37
C GLU A 72 21.33 -27.60 5.07
N PHE A 73 21.03 -28.60 5.90
CA PHE A 73 19.83 -29.43 5.74
C PHE A 73 18.49 -28.68 5.94
N ASN A 74 18.50 -27.62 6.72
CA ASN A 74 17.29 -26.84 6.97
C ASN A 74 17.17 -25.63 6.02
N LEU A 75 16.44 -25.83 4.93
CA LEU A 75 16.40 -24.87 3.85
C LEU A 75 15.62 -23.61 4.22
N PRO A 76 14.48 -23.77 4.90
CA PRO A 76 13.76 -22.57 5.32
C PRO A 76 14.69 -21.69 6.14
N ARG A 77 15.48 -22.29 7.01
CA ARG A 77 16.39 -21.51 7.83
C ARG A 77 17.48 -20.84 7.00
N VAL A 78 17.92 -21.51 5.93
CA VAL A 78 18.96 -20.94 5.08
C VAL A 78 18.55 -19.62 4.40
N ALA A 79 17.25 -19.43 4.14
CA ALA A 79 16.79 -18.23 3.47
C ALA A 79 16.75 -17.01 4.39
N THR A 80 16.81 -17.24 5.69
CA THR A 80 16.82 -16.16 6.67
C THR A 80 18.24 -15.74 7.07
N LEU A 81 19.20 -16.61 6.81
CA LEU A 81 20.61 -16.28 6.97
C LEU A 81 21.03 -15.08 6.10
N PRO A 82 21.96 -14.27 6.61
CA PRO A 82 22.50 -13.14 5.89
C PRO A 82 23.06 -13.53 4.53
N ASN A 83 22.84 -12.67 3.54
CA ASN A 83 23.31 -12.89 2.19
C ASN A 83 24.82 -13.07 2.10
N VAL A 84 25.54 -12.41 2.99
CA VAL A 84 26.99 -12.48 3.06
C VAL A 84 27.45 -13.87 3.46
N LEU A 85 26.90 -14.39 4.55
CA LEU A 85 27.29 -15.70 5.08
C LEU A 85 26.99 -16.80 4.09
N VAL A 86 25.80 -16.75 3.52
CA VAL A 86 25.40 -17.76 2.57
C VAL A 86 26.37 -17.78 1.40
N THR A 87 26.70 -16.59 0.89
CA THR A 87 27.59 -16.47 -0.25
C THR A 87 28.96 -17.05 0.07
N LEU A 88 29.52 -16.62 1.19
CA LEU A 88 30.81 -17.10 1.65
C LEU A 88 30.81 -18.61 1.94
N ARG A 89 29.71 -19.11 2.50
CA ARG A 89 29.62 -20.55 2.79
C ARG A 89 29.43 -21.43 1.55
N ALA A 90 29.07 -20.81 0.42
CA ALA A 90 28.91 -21.51 -0.86
C ALA A 90 30.23 -21.73 -1.60
N VAL A 91 31.19 -20.85 -1.36
CA VAL A 91 32.50 -20.93 -2.02
C VAL A 91 33.25 -22.28 -1.87
N PRO A 92 33.45 -22.72 -0.62
CA PRO A 92 34.06 -24.02 -0.40
C PRO A 92 33.26 -25.14 -1.08
N ILE A 93 31.94 -25.03 -1.07
CA ILE A 93 31.07 -26.01 -1.72
C ILE A 93 31.34 -26.14 -3.22
N MET A 94 31.40 -25.01 -3.91
CA MET A 94 31.66 -25.02 -5.34
C MET A 94 33.06 -25.59 -5.66
N ARG A 95 34.02 -25.27 -4.80
CA ARG A 95 35.40 -25.66 -4.98
C ARG A 95 35.55 -27.19 -4.88
N ALA A 96 34.79 -27.79 -3.98
CA ALA A 96 34.90 -29.22 -3.77
C ALA A 96 34.28 -30.02 -4.91
N MET A 97 33.29 -29.42 -5.61
CA MET A 97 32.62 -30.09 -6.72
C MET A 97 33.64 -30.26 -7.83
N LEU A 98 34.36 -29.18 -8.11
CA LEU A 98 35.38 -29.16 -9.14
C LEU A 98 36.49 -30.18 -8.84
N ARG A 99 36.89 -30.26 -7.56
CA ARG A 99 37.92 -31.20 -7.13
C ARG A 99 37.51 -32.65 -7.36
N ARG A 100 36.21 -32.93 -7.26
CA ARG A 100 35.65 -34.26 -7.55
C ARG A 100 35.51 -34.51 -9.05
N GLY A 101 35.98 -33.58 -9.87
CA GLY A 101 35.95 -33.77 -11.32
C GLY A 101 34.78 -33.13 -12.05
N PHE A 102 33.87 -32.52 -11.31
CA PHE A 102 32.69 -31.93 -11.94
C PHE A 102 33.01 -30.56 -12.54
N THR A 103 33.13 -30.52 -13.86
CA THR A 103 33.56 -29.32 -14.54
C THR A 103 32.37 -28.48 -14.98
N THR A 104 31.20 -29.10 -14.99
CA THR A 104 29.96 -28.37 -15.22
C THR A 104 28.90 -28.89 -14.27
N VAL A 105 28.05 -27.99 -13.77
CA VAL A 105 26.86 -28.41 -13.04
C VAL A 105 25.62 -27.62 -13.44
N ARG A 106 24.47 -28.26 -13.33
CA ARG A 106 23.21 -27.55 -13.49
C ARG A 106 22.63 -27.36 -12.11
N ASP A 107 22.48 -26.10 -11.71
CA ASP A 107 21.92 -25.81 -10.41
C ASP A 107 20.40 -25.77 -10.52
N ALA A 108 19.75 -26.55 -9.65
CA ALA A 108 18.33 -26.80 -9.76
C ALA A 108 17.48 -25.82 -8.95
N GLY A 109 18.12 -24.85 -8.30
CA GLY A 109 17.39 -23.85 -7.55
C GLY A 109 18.25 -23.18 -6.51
N GLY A 110 18.28 -21.85 -6.56
CA GLY A 110 19.08 -21.06 -5.63
C GLY A 110 20.03 -20.19 -6.39
N ALA A 111 21.25 -20.69 -6.59
CA ALA A 111 22.30 -19.97 -7.30
C ALA A 111 21.75 -19.25 -8.52
N GLY A 112 22.06 -17.97 -8.62
CA GLY A 112 21.66 -17.19 -9.76
C GLY A 112 22.84 -16.77 -10.61
N TYR A 113 22.55 -15.93 -11.59
CA TYR A 113 23.54 -15.46 -12.54
C TYR A 113 24.80 -14.83 -11.90
N PRO A 114 24.63 -14.11 -10.77
CA PRO A 114 25.79 -13.55 -10.06
C PRO A 114 26.84 -14.61 -9.70
N PHE A 115 26.40 -15.79 -9.26
CA PHE A 115 27.29 -16.93 -9.07
C PHE A 115 27.91 -17.39 -10.40
N LYS A 116 27.08 -17.40 -11.43
CA LYS A 116 27.56 -17.79 -12.76
CA LYS A 116 27.57 -17.80 -12.75
C LYS A 116 28.67 -16.85 -13.22
N GLN A 117 28.50 -15.55 -13.00
CA GLN A 117 29.48 -14.58 -13.46
CA GLN A 117 29.47 -14.52 -13.42
C GLN A 117 30.73 -14.65 -12.58
N ALA A 118 30.55 -14.75 -11.28
CA ALA A 118 31.65 -14.89 -10.34
C ALA A 118 32.65 -15.99 -10.76
N VAL A 119 32.13 -17.17 -11.10
CA VAL A 119 32.96 -18.25 -11.62
C VAL A 119 33.59 -17.91 -12.97
N GLU A 120 32.81 -17.42 -13.91
CA GLU A 120 33.34 -17.23 -15.25
C GLU A 120 34.41 -16.15 -15.27
N SER A 121 34.29 -15.14 -14.40
CA SER A 121 35.28 -14.08 -14.31
C SER A 121 36.51 -14.51 -13.50
N GLY A 122 36.48 -15.73 -12.97
CA GLY A 122 37.58 -16.22 -12.14
C GLY A 122 37.61 -15.68 -10.72
N LEU A 123 36.61 -14.89 -10.34
CA LEU A 123 36.55 -14.36 -8.99
C LEU A 123 36.51 -15.49 -7.95
N VAL A 124 35.89 -16.60 -8.31
CA VAL A 124 35.96 -17.81 -7.50
C VAL A 124 36.26 -19.00 -8.43
N GLU A 125 36.60 -20.14 -7.84
CA GLU A 125 36.80 -21.34 -8.63
C GLU A 125 35.67 -22.32 -8.40
N GLY A 126 35.19 -22.92 -9.48
CA GLY A 126 34.15 -23.93 -9.36
C GLY A 126 33.74 -24.46 -10.71
N PRO A 127 32.70 -25.29 -10.71
CA PRO A 127 32.20 -25.82 -11.96
C PRO A 127 31.58 -24.69 -12.79
N ARG A 128 31.60 -24.82 -14.11
CA ARG A 128 30.82 -23.97 -14.97
C ARG A 128 29.38 -24.15 -14.53
N LEU A 129 28.64 -23.05 -14.44
CA LEU A 129 27.30 -23.08 -13.81
C LEU A 129 26.18 -22.85 -14.81
N PHE A 130 25.25 -23.80 -14.86
CA PHE A 130 23.99 -23.59 -15.57
C PHE A 130 22.90 -23.45 -14.52
N VAL A 131 22.46 -22.20 -14.30
CA VAL A 131 21.62 -21.87 -13.16
C VAL A 131 20.13 -21.73 -13.50
N SER A 132 19.29 -22.06 -12.53
CA SER A 132 17.85 -22.00 -12.65
C SER A 132 17.27 -20.72 -12.05
N GLY A 133 18.08 -20.00 -11.27
CA GLY A 133 17.56 -18.95 -10.40
C GLY A 133 16.78 -19.59 -9.27
N ARG A 134 15.63 -19.02 -8.93
CA ARG A 134 14.78 -19.60 -7.90
C ARG A 134 13.76 -20.56 -8.51
N ALA A 135 13.60 -21.71 -7.87
CA ALA A 135 12.58 -22.68 -8.26
C ALA A 135 11.19 -22.07 -8.11
N LEU A 136 10.33 -22.28 -9.09
CA LEU A 136 8.93 -21.85 -8.97
C LEU A 136 8.09 -22.87 -8.22
N SER A 137 7.39 -22.42 -7.19
CA SER A 137 6.51 -23.29 -6.43
C SER A 137 5.18 -22.59 -6.25
N GLN A 138 4.11 -23.39 -6.09
CA GLN A 138 2.81 -22.85 -5.74
C GLN A 138 2.79 -22.70 -4.24
N THR A 139 1.75 -22.03 -3.74
CA THR A 139 1.54 -21.90 -2.31
C THR A 139 1.40 -23.28 -1.65
N GLY A 140 2.18 -23.52 -0.61
CA GLY A 140 2.17 -24.79 0.09
C GLY A 140 2.89 -25.88 -0.68
N GLY A 141 3.51 -25.48 -1.79
CA GLY A 141 4.27 -26.43 -2.61
C GLY A 141 5.62 -26.76 -2.02
N HIS A 142 6.37 -27.62 -2.70
CA HIS A 142 7.70 -28.00 -2.26
C HIS A 142 8.51 -26.79 -1.83
N ALA A 143 8.63 -25.82 -2.73
CA ALA A 143 9.55 -24.69 -2.53
C ALA A 143 8.96 -23.54 -1.70
N ASP A 144 7.82 -23.80 -1.04
CA ASP A 144 7.22 -22.81 -0.13
C ASP A 144 7.71 -23.12 1.27
N PRO A 145 8.57 -22.24 1.82
CA PRO A 145 9.31 -22.53 3.04
C PRO A 145 8.52 -22.29 4.32
N ARG A 146 7.34 -21.67 4.22
CA ARG A 146 6.57 -21.27 5.39
C ARG A 146 6.05 -22.42 6.24
N ALA A 147 6.16 -22.26 7.56
CA ALA A 147 5.73 -23.28 8.50
C ALA A 147 4.21 -23.28 8.63
N ARG A 148 3.64 -24.39 9.10
CA ARG A 148 2.20 -24.51 9.25
C ARG A 148 1.70 -23.82 10.51
N SER A 149 0.72 -22.93 10.35
CA SER A 149 0.07 -22.26 11.46
C SER A 149 -1.36 -21.83 11.10
N ASP A 150 -1.87 -20.81 11.76
CA ASP A 150 -3.20 -20.30 11.45
C ASP A 150 -3.13 -18.92 10.80
N TYR A 151 -2.10 -18.71 9.99
CA TYR A 151 -1.98 -17.50 9.18
C TYR A 151 -0.86 -17.68 8.17
N MET A 152 -0.99 -17.01 7.02
CA MET A 152 0.02 -17.05 5.97
C MET A 152 0.88 -15.79 6.01
N PRO A 153 2.13 -15.92 6.49
CA PRO A 153 3.06 -14.79 6.41
C PRO A 153 3.47 -14.55 4.96
N PRO A 154 3.95 -13.34 4.66
CA PRO A 154 4.38 -13.03 3.29
C PRO A 154 5.40 -14.04 2.78
N ASP A 155 5.24 -14.46 1.53
CA ASP A 155 6.18 -15.42 0.97
C ASP A 155 7.61 -15.11 1.40
N SER A 156 8.02 -13.87 1.15
CA SER A 156 9.34 -13.39 1.53
C SER A 156 9.24 -12.02 2.19
N PRO A 157 10.28 -11.60 2.91
CA PRO A 157 10.29 -10.33 3.64
C PRO A 157 9.99 -9.14 2.73
N CYS A 158 10.75 -9.01 1.65
CA CYS A 158 10.64 -7.86 0.75
C CYS A 158 10.48 -8.31 -0.70
N GLY A 159 9.54 -7.70 -1.41
CA GLY A 159 9.19 -8.12 -2.77
C GLY A 159 10.32 -8.12 -3.78
N CYS A 160 10.88 -6.95 -4.06
CA CYS A 160 11.89 -6.79 -5.11
C CYS A 160 13.10 -7.69 -4.90
N CYS A 161 13.50 -7.84 -3.64
CA CYS A 161 14.80 -8.42 -3.29
C CYS A 161 14.85 -9.92 -3.03
N VAL A 162 15.65 -10.61 -3.82
CA VAL A 162 15.90 -12.03 -3.60
C VAL A 162 16.91 -12.27 -2.46
N ARG A 163 16.61 -13.25 -1.62
CA ARG A 163 17.54 -13.69 -0.59
C ARG A 163 18.46 -14.69 -1.25
N VAL A 164 19.74 -14.62 -0.93
CA VAL A 164 20.73 -15.48 -1.55
C VAL A 164 20.54 -16.94 -1.13
N GLY A 165 19.96 -17.15 0.05
CA GLY A 165 19.75 -18.48 0.56
C GLY A 165 18.41 -19.07 0.19
N ALA A 166 17.66 -18.36 -0.67
CA ALA A 166 16.37 -18.86 -1.16
C ALA A 166 16.53 -19.74 -2.38
N LEU A 167 16.15 -21.02 -2.24
CA LEU A 167 16.17 -21.96 -3.36
C LEU A 167 14.96 -21.78 -4.31
N GLY A 168 13.86 -21.27 -3.77
CA GLY A 168 12.68 -21.03 -4.59
C GLY A 168 11.92 -19.74 -4.30
N ARG A 169 10.77 -19.61 -4.93
CA ARG A 169 9.89 -18.46 -4.74
C ARG A 169 8.48 -18.93 -5.00
N VAL A 170 7.51 -18.37 -4.28
CA VAL A 170 6.11 -18.74 -4.46
C VAL A 170 5.44 -17.91 -5.54
N ALA A 171 4.56 -18.57 -6.30
CA ALA A 171 3.85 -17.92 -7.38
C ALA A 171 2.64 -18.78 -7.76
N ASP A 172 1.48 -18.13 -7.91
CA ASP A 172 0.24 -18.85 -8.24
C ASP A 172 -0.48 -18.12 -9.33
N GLY A 173 -1.00 -18.89 -10.28
CA GLY A 173 -1.80 -18.33 -11.34
C GLY A 173 -0.95 -17.98 -12.51
N VAL A 174 -1.54 -18.13 -13.70
CA VAL A 174 -0.85 -17.95 -14.97
C VAL A 174 -0.10 -16.62 -15.03
N ASP A 175 -0.72 -15.56 -14.52
CA ASP A 175 -0.10 -14.25 -14.58
C ASP A 175 1.12 -14.20 -13.68
N GLU A 176 0.98 -14.68 -12.45
CA GLU A 176 2.10 -14.71 -11.52
C GLU A 176 3.25 -15.56 -12.02
N VAL A 177 2.95 -16.68 -12.65
CA VAL A 177 4.03 -17.59 -13.08
C VAL A 177 4.67 -17.14 -14.39
N ARG A 178 3.93 -16.40 -15.20
CA ARG A 178 4.53 -15.77 -16.38
C ARG A 178 5.50 -14.69 -15.94
N ARG A 179 5.04 -13.76 -15.12
CA ARG A 179 5.89 -12.67 -14.67
C ARG A 179 7.14 -13.21 -13.97
N ALA A 180 6.95 -14.19 -13.10
CA ALA A 180 8.06 -14.79 -12.37
C ALA A 180 9.10 -15.36 -13.33
N VAL A 181 8.67 -16.13 -14.32
CA VAL A 181 9.61 -16.73 -15.23
C VAL A 181 10.33 -15.64 -16.01
N ARG A 182 9.59 -14.62 -16.40
CA ARG A 182 10.18 -13.53 -17.15
C ARG A 182 11.23 -12.79 -16.31
N GLU A 183 10.94 -12.65 -15.02
CA GLU A 183 11.89 -12.07 -14.06
C GLU A 183 13.17 -12.90 -13.92
N GLU A 184 13.03 -14.21 -13.76
CA GLU A 184 14.19 -15.07 -13.59
C GLU A 184 15.04 -15.05 -14.84
N LEU A 185 14.39 -15.10 -16.00
CA LEU A 185 15.09 -15.04 -17.26
C LEU A 185 15.83 -13.70 -17.45
N GLN A 186 15.17 -12.58 -17.12
CA GLN A 186 15.84 -11.28 -17.28
C GLN A 186 17.02 -11.17 -16.32
N MET A 187 16.91 -11.85 -15.18
CA MET A 187 17.98 -11.81 -14.19
C MET A 187 19.15 -12.73 -14.59
N GLY A 188 18.95 -13.55 -15.62
CA GLY A 188 20.04 -14.36 -16.22
C GLY A 188 19.97 -15.87 -16.08
N ALA A 189 18.84 -16.41 -15.62
CA ALA A 189 18.65 -17.87 -15.55
C ALA A 189 18.94 -18.58 -16.89
N ASP A 190 19.64 -19.70 -16.84
CA ASP A 190 19.90 -20.49 -18.06
C ASP A 190 18.71 -21.36 -18.42
N GLN A 191 17.87 -21.68 -17.42
CA GLN A 191 16.72 -22.57 -17.63
C GLN A 191 15.80 -22.38 -16.44
N ILE A 192 14.63 -23.04 -16.48
CA ILE A 192 13.61 -22.81 -15.46
C ILE A 192 13.19 -24.04 -14.65
N ILE A 194 10.63 -25.81 -11.77
CA ILE A 194 9.37 -25.77 -11.03
C ILE A 194 9.27 -26.99 -10.15
N MET A 195 8.55 -26.85 -9.05
CA MET A 195 8.14 -28.01 -8.28
C MET A 195 6.82 -28.50 -8.86
N ALA A 196 6.83 -29.69 -9.42
CA ALA A 196 5.63 -30.28 -10.02
C ALA A 196 5.09 -31.39 -9.13
N SER A 197 5.58 -31.47 -7.91
CA SER A 197 4.99 -32.35 -6.91
C SER A 197 5.47 -31.97 -5.51
N GLY A 198 4.94 -32.67 -4.50
CA GLY A 198 5.42 -32.56 -3.14
C GLY A 198 6.81 -33.17 -3.03
N GLY A 199 7.47 -32.91 -1.91
CA GLY A 199 8.84 -33.36 -1.72
C GLY A 199 9.12 -33.75 -0.29
N VAL A 200 10.35 -34.21 -0.04
CA VAL A 200 10.75 -34.70 1.28
C VAL A 200 11.26 -33.60 2.22
N ALA A 201 12.19 -32.79 1.73
CA ALA A 201 12.86 -31.77 2.56
C ALA A 201 12.04 -30.49 2.68
N SER A 202 10.72 -30.63 2.77
CA SER A 202 9.82 -29.48 2.82
C SER A 202 8.95 -29.53 4.08
N PRO A 203 8.62 -28.35 4.64
CA PRO A 203 7.79 -28.29 5.84
C PRO A 203 6.42 -28.94 5.67
N THR A 204 5.61 -28.39 4.77
CA THR A 204 4.17 -28.69 4.73
C THR A 204 3.72 -29.82 3.77
N ASP A 205 4.30 -29.83 2.58
CA ASP A 205 3.84 -30.67 1.47
C ASP A 205 4.19 -32.15 1.60
N PRO A 206 3.24 -33.04 1.24
CA PRO A 206 3.51 -34.47 1.17
C PRO A 206 4.02 -34.86 -0.23
N VAL A 207 4.70 -36.01 -0.29
CA VAL A 207 5.39 -36.46 -1.52
C VAL A 207 4.51 -36.60 -2.77
N GLY A 208 3.24 -36.94 -2.61
CA GLY A 208 2.41 -37.29 -3.76
C GLY A 208 1.47 -36.23 -4.32
N VAL A 209 1.37 -35.10 -3.64
CA VAL A 209 0.53 -33.99 -4.10
C VAL A 209 1.05 -33.43 -5.42
N PHE A 210 0.15 -32.91 -6.26
CA PHE A 210 0.53 -32.27 -7.51
C PHE A 210 1.07 -30.88 -7.25
N GLY A 211 2.03 -30.45 -8.06
CA GLY A 211 2.47 -29.07 -8.04
C GLY A 211 1.97 -28.35 -9.27
N TYR A 212 1.13 -27.34 -9.06
CA TYR A 212 0.62 -26.51 -10.15
C TYR A 212 -0.49 -27.16 -10.95
N SER A 213 -1.34 -26.32 -11.54
CA SER A 213 -2.31 -26.75 -12.54
C SER A 213 -1.60 -26.89 -13.88
N GLU A 214 -2.24 -27.59 -14.81
CA GLU A 214 -1.72 -27.74 -16.16
C GLU A 214 -1.66 -26.43 -16.95
N ASP A 215 -2.56 -25.50 -16.62
CA ASP A 215 -2.54 -24.16 -17.18
C ASP A 215 -1.28 -23.40 -16.78
N GLU A 216 -0.88 -23.52 -15.52
CA GLU A 216 0.35 -22.88 -15.05
C GLU A 216 1.58 -23.51 -15.69
N ILE A 217 1.69 -24.84 -15.64
CA ILE A 217 2.84 -25.53 -16.23
C ILE A 217 3.02 -25.14 -17.69
N ARG A 218 1.94 -25.24 -18.46
CA ARG A 218 2.00 -24.88 -19.88
C ARG A 218 2.37 -23.41 -20.10
N ALA A 219 1.89 -22.51 -19.25
CA ALA A 219 2.34 -21.11 -19.34
C ALA A 219 3.84 -20.99 -19.07
N ILE A 220 4.32 -21.70 -18.05
CA ILE A 220 5.74 -21.65 -17.68
C ILE A 220 6.63 -22.20 -18.80
N VAL A 221 6.26 -23.36 -19.35
CA VAL A 221 7.01 -23.96 -20.45
C VAL A 221 7.06 -23.04 -21.70
N ALA A 222 5.93 -22.44 -22.05
CA ALA A 222 5.88 -21.52 -23.19
C ALA A 222 6.80 -20.31 -22.98
N GLU A 223 6.75 -19.74 -21.80
CA GLU A 223 7.68 -18.66 -21.43
C GLU A 223 9.16 -19.03 -21.57
N ALA A 224 9.54 -20.22 -21.12
CA ALA A 224 10.92 -20.68 -21.27
C ALA A 224 11.30 -20.92 -22.72
N GLN A 225 10.37 -21.50 -23.48
CA GLN A 225 10.62 -21.81 -24.87
C GLN A 225 10.71 -20.55 -25.72
N GLY A 226 10.02 -19.49 -25.31
CA GLY A 226 10.10 -18.24 -26.06
C GLY A 226 11.50 -17.64 -26.01
N ARG A 227 12.30 -18.13 -25.07
CA ARG A 227 13.66 -17.64 -24.88
C ARG A 227 14.70 -18.69 -25.26
N GLY A 228 14.25 -19.75 -25.91
CA GLY A 228 15.17 -20.78 -26.37
C GLY A 228 15.70 -21.70 -25.28
N THR A 229 14.99 -21.74 -24.15
CA THR A 229 15.38 -22.69 -23.12
C THR A 229 14.21 -23.58 -22.72
N TYR A 230 14.30 -24.22 -21.56
CA TYR A 230 13.34 -25.27 -21.21
C TYR A 230 13.06 -25.27 -19.70
N VAL A 231 12.20 -26.19 -19.30
CA VAL A 231 11.78 -26.32 -17.92
C VAL A 231 12.18 -27.69 -17.36
N LEU A 232 12.74 -27.71 -16.15
CA LEU A 232 12.95 -28.98 -15.46
C LEU A 232 12.00 -28.95 -14.28
N ALA A 233 11.48 -30.12 -13.91
CA ALA A 233 10.42 -30.20 -12.93
C ALA A 233 10.68 -31.30 -11.95
N HIS A 234 10.60 -30.96 -10.67
CA HIS A 234 10.70 -31.93 -9.59
C HIS A 234 9.35 -32.66 -9.53
N ALA A 235 9.40 -33.99 -9.64
CA ALA A 235 8.18 -34.83 -9.66
C ALA A 235 8.50 -36.27 -9.28
N TYR A 236 7.71 -36.86 -8.39
CA TYR A 236 7.95 -38.23 -7.91
C TYR A 236 7.04 -39.31 -8.50
N THR A 237 5.73 -39.09 -8.49
CA THR A 237 4.75 -40.13 -8.87
C THR A 237 4.37 -40.16 -10.35
N PRO A 238 3.91 -41.33 -10.81
CA PRO A 238 3.49 -41.44 -12.21
C PRO A 238 2.55 -40.31 -12.62
N ALA A 239 1.48 -40.11 -11.86
CA ALA A 239 0.51 -39.05 -12.17
C ALA A 239 1.19 -37.69 -12.35
N ALA A 240 2.07 -37.33 -11.42
CA ALA A 240 2.76 -36.04 -11.45
C ALA A 240 3.81 -35.97 -12.57
N ILE A 241 4.57 -37.04 -12.73
CA ILE A 241 5.49 -37.12 -13.83
C ILE A 241 4.78 -37.00 -15.18
N ALA A 242 3.69 -37.75 -15.34
CA ALA A 242 2.96 -37.80 -16.59
C ALA A 242 2.39 -36.44 -17.03
N ARG A 243 1.78 -35.71 -16.09
CA ARG A 243 1.12 -34.45 -16.44
C ARG A 243 2.14 -33.39 -16.82
N ALA A 244 3.24 -33.37 -16.08
CA ALA A 244 4.35 -32.48 -16.34
C ALA A 244 4.86 -32.66 -17.77
N VAL A 245 5.05 -33.91 -18.17
CA VAL A 245 5.53 -34.19 -19.51
C VAL A 245 4.53 -33.82 -20.60
N ARG A 246 3.24 -34.02 -20.34
CA ARG A 246 2.20 -33.68 -21.32
CA ARG A 246 2.23 -33.68 -21.36
C ARG A 246 2.07 -32.17 -21.44
N CYS A 247 2.56 -31.46 -20.42
CA CYS A 247 2.49 -30.01 -20.41
C CYS A 247 3.72 -29.38 -21.06
N GLY A 248 4.72 -30.20 -21.34
CA GLY A 248 5.85 -29.78 -22.15
C GLY A 248 7.19 -29.72 -21.44
N VAL A 249 7.23 -30.13 -20.18
CA VAL A 249 8.45 -30.13 -19.38
C VAL A 249 9.52 -31.02 -20.02
N ARG A 250 10.76 -30.53 -20.12
CA ARG A 250 11.83 -31.27 -20.80
C ARG A 250 12.64 -32.27 -19.93
N THR A 251 13.02 -31.87 -18.73
CA THR A 251 13.66 -32.84 -17.85
C THR A 251 12.86 -33.02 -16.57
N ILE A 252 12.83 -34.26 -16.10
CA ILE A 252 12.14 -34.62 -14.87
C ILE A 252 13.16 -34.97 -13.80
N GLU A 253 12.92 -34.51 -12.59
CA GLU A 253 13.92 -34.63 -11.54
C GLU A 253 13.48 -35.66 -10.51
N HIS A 254 14.39 -36.60 -10.24
CA HIS A 254 14.13 -37.66 -9.27
C HIS A 254 13.37 -38.80 -9.94
N GLY A 255 12.06 -38.64 -10.09
CA GLY A 255 11.24 -39.64 -10.77
C GLY A 255 11.22 -40.97 -10.04
N ASN A 256 11.37 -40.93 -8.72
CA ASN A 256 11.54 -42.13 -7.90
C ASN A 256 10.47 -43.20 -8.04
N LEU A 257 9.20 -42.77 -8.00
CA LEU A 257 8.08 -43.71 -8.00
C LEU A 257 7.50 -43.91 -9.39
N ILE A 258 8.29 -43.63 -10.41
CA ILE A 258 7.83 -43.79 -11.78
C ILE A 258 7.48 -45.26 -12.01
N ASP A 259 6.58 -45.50 -12.95
CA ASP A 259 6.21 -46.86 -13.32
C ASP A 259 6.46 -47.13 -14.80
N ASP A 260 6.51 -48.41 -15.17
CA ASP A 260 6.76 -48.81 -16.56
C ASP A 260 5.98 -47.94 -17.54
N GLU A 261 4.69 -47.76 -17.26
CA GLU A 261 3.81 -47.05 -18.17
C GLU A 261 4.22 -45.58 -18.37
N THR A 262 4.62 -44.93 -17.27
CA THR A 262 5.05 -43.55 -17.33
C THR A 262 6.45 -43.47 -17.90
N ALA A 263 7.28 -44.44 -17.55
CA ALA A 263 8.64 -44.52 -18.10
C ALA A 263 8.54 -44.51 -19.61
N ARG A 264 7.58 -45.26 -20.13
CA ARG A 264 7.36 -45.34 -21.56
C ARG A 264 7.01 -43.99 -22.15
N LEU A 265 6.09 -43.29 -21.50
CA LEU A 265 5.60 -42.00 -21.98
C LEU A 265 6.71 -40.95 -22.05
N VAL A 266 7.54 -40.92 -21.03
CA VAL A 266 8.76 -40.10 -21.05
C VAL A 266 9.65 -40.41 -22.25
N ALA A 267 9.95 -41.69 -22.45
CA ALA A 267 10.78 -42.12 -23.57
C ALA A 267 10.21 -41.65 -24.89
N GLU A 268 8.89 -41.80 -25.03
CA GLU A 268 8.20 -41.49 -26.27
C GLU A 268 8.16 -40.00 -26.54
N HIS A 269 8.16 -39.20 -25.48
CA HIS A 269 8.13 -37.74 -25.63
C HIS A 269 9.51 -37.16 -25.85
N GLY A 270 10.54 -37.95 -25.61
CA GLY A 270 11.91 -37.48 -25.81
C GLY A 270 12.40 -36.71 -24.60
N ALA A 271 11.67 -36.83 -23.50
CA ALA A 271 12.03 -36.17 -22.25
C ALA A 271 13.16 -36.92 -21.53
N TYR A 272 13.85 -36.24 -20.63
CA TYR A 272 14.90 -36.86 -19.82
C TYR A 272 14.52 -36.94 -18.36
N VAL A 273 15.03 -37.96 -17.69
CA VAL A 273 14.93 -38.03 -16.22
C VAL A 273 16.29 -37.92 -15.56
N VAL A 274 16.32 -37.28 -14.40
CA VAL A 274 17.53 -37.12 -13.63
C VAL A 274 17.32 -37.63 -12.21
N PRO A 275 17.71 -38.89 -11.97
CA PRO A 275 17.62 -39.52 -10.66
C PRO A 275 18.63 -38.89 -9.74
N THR A 276 18.31 -38.81 -8.45
CA THR A 276 19.24 -38.22 -7.49
C THR A 276 19.37 -39.08 -6.24
N LEU A 277 19.67 -40.36 -6.46
CA LEU A 277 19.63 -41.41 -5.41
C LEU A 277 20.49 -41.17 -4.16
N VAL A 278 21.70 -40.65 -4.37
CA VAL A 278 22.63 -40.48 -3.25
C VAL A 278 22.04 -39.61 -2.14
N THR A 279 21.20 -38.65 -2.51
CA THR A 279 20.65 -37.73 -1.53
C THR A 279 19.71 -38.44 -0.55
N TYR A 280 18.94 -39.40 -1.03
CA TYR A 280 18.02 -40.13 -0.15
C TYR A 280 18.77 -40.99 0.86
N ASP A 281 19.82 -41.66 0.42
CA ASP A 281 20.68 -42.43 1.32
C ASP A 281 21.29 -41.58 2.43
N ALA A 282 21.52 -40.30 2.15
CA ALA A 282 22.13 -39.39 3.11
C ALA A 282 21.12 -38.79 4.08
N LEU A 283 19.94 -38.44 3.57
CA LEU A 283 18.90 -37.90 4.42
C LEU A 283 18.56 -38.88 5.52
N ALA A 284 18.55 -40.17 5.18
CA ALA A 284 18.26 -41.23 6.15
C ALA A 284 19.40 -41.41 7.15
N SER A 285 20.65 -41.38 6.65
CA SER A 285 21.83 -41.69 7.46
C SER A 285 22.21 -40.60 8.47
N GLU A 286 22.22 -39.36 8.04
CA GLU A 286 22.79 -38.28 8.83
C GLU A 286 21.94 -37.02 8.80
N GLY A 287 20.75 -37.12 8.23
CA GLY A 287 19.85 -35.98 8.11
C GLY A 287 19.48 -35.33 9.42
N GLU A 288 19.09 -36.14 10.40
CA GLU A 288 18.65 -35.63 11.69
C GLU A 288 19.78 -35.12 12.57
N LYS A 289 20.93 -35.79 12.48
CA LYS A 289 22.12 -35.38 13.23
C LYS A 289 22.57 -33.97 12.89
N TYR A 290 22.45 -33.59 11.63
CA TYR A 290 22.91 -32.28 11.19
C TYR A 290 21.77 -31.26 11.07
N GLY A 291 20.60 -31.63 11.59
CA GLY A 291 19.52 -30.67 11.81
C GLY A 291 18.44 -30.61 10.75
N LEU A 292 18.09 -31.76 10.18
CA LEU A 292 16.97 -31.80 9.25
C LEU A 292 15.69 -31.90 10.08
N PRO A 293 14.72 -31.01 9.78
CA PRO A 293 13.42 -31.00 10.47
C PRO A 293 12.72 -32.36 10.44
N PRO A 294 12.06 -32.72 11.56
CA PRO A 294 11.38 -34.01 11.75
C PRO A 294 10.19 -34.22 10.82
N GLU A 295 9.58 -33.13 10.33
CA GLU A 295 8.48 -33.25 9.36
C GLU A 295 9.00 -33.77 8.02
N SER A 296 10.26 -33.45 7.72
CA SER A 296 10.92 -33.92 6.50
C SER A 296 11.58 -35.29 6.71
N ILE A 297 12.02 -35.56 7.94
CA ILE A 297 12.55 -36.87 8.31
C ILE A 297 11.50 -37.95 8.07
N ALA A 298 10.25 -37.62 8.39
CA ALA A 298 9.14 -38.54 8.23
C ALA A 298 8.83 -38.84 6.77
N LYS A 299 9.35 -38.01 5.86
CA LYS A 299 8.98 -38.13 4.45
C LYS A 299 9.97 -38.95 3.60
N ILE A 300 11.16 -39.18 4.13
CA ILE A 300 12.20 -39.89 3.38
C ILE A 300 11.78 -41.28 2.91
N ALA A 301 11.26 -42.10 3.84
CA ALA A 301 10.98 -43.50 3.57
C ALA A 301 10.05 -43.68 2.37
N ASP A 302 9.23 -42.65 2.13
CA ASP A 302 8.25 -42.68 1.04
C ASP A 302 8.90 -43.02 -0.30
N VAL A 303 10.04 -42.40 -0.59
CA VAL A 303 10.68 -42.50 -1.90
C VAL A 303 12.01 -43.24 -1.90
N HIS A 304 12.67 -43.27 -0.74
CA HIS A 304 14.04 -43.76 -0.65
C HIS A 304 14.27 -45.19 -1.17
N GLY A 305 13.40 -46.12 -0.79
CA GLY A 305 13.57 -47.53 -1.15
C GLY A 305 13.24 -47.93 -2.59
N ALA A 306 12.49 -47.08 -3.30
CA ALA A 306 12.06 -47.38 -4.66
C ALA A 306 13.07 -46.90 -5.70
N GLY A 307 13.95 -46.00 -5.28
CA GLY A 307 14.92 -45.38 -6.18
C GLY A 307 15.75 -46.35 -6.99
N LEU A 308 16.40 -47.29 -6.32
CA LEU A 308 17.26 -48.25 -7.01
C LEU A 308 16.46 -48.96 -8.11
N HIS A 309 15.23 -49.36 -7.79
CA HIS A 309 14.40 -50.07 -8.77
C HIS A 309 13.92 -49.18 -9.94
N SER A 310 13.64 -47.90 -9.66
CA SER A 310 13.21 -46.96 -10.70
C SER A 310 14.16 -46.95 -11.88
N ILE A 311 15.45 -47.09 -11.60
CA ILE A 311 16.49 -47.12 -12.62
C ILE A 311 16.28 -48.27 -13.61
N GLU A 312 16.00 -49.45 -13.06
CA GLU A 312 15.72 -50.64 -13.86
C GLU A 312 14.52 -50.40 -14.76
N ILE A 313 13.45 -49.87 -14.16
CA ILE A 313 12.25 -49.49 -14.89
C ILE A 313 12.54 -48.52 -16.04
N MET A 314 13.39 -47.53 -15.80
CA MET A 314 13.65 -46.50 -16.81
C MET A 314 14.54 -47.00 -17.92
N LYS A 315 15.49 -47.87 -17.58
CA LYS A 315 16.35 -48.47 -18.58
C LYS A 315 15.55 -49.35 -19.53
N ARG A 316 14.77 -50.26 -18.93
CA ARG A 316 13.88 -51.12 -19.68
C ARG A 316 13.05 -50.31 -20.66
N ALA A 317 12.66 -49.11 -20.25
CA ALA A 317 11.85 -48.24 -21.09
C ALA A 317 12.65 -47.47 -22.14
N GLY A 318 13.98 -47.44 -21.97
CA GLY A 318 14.83 -46.69 -22.88
C GLY A 318 14.78 -45.21 -22.59
N VAL A 319 14.57 -44.88 -21.32
CA VAL A 319 14.58 -43.47 -20.89
C VAL A 319 16.00 -42.92 -20.83
N LYS A 320 16.22 -41.84 -21.58
CA LYS A 320 17.45 -41.07 -21.47
C LYS A 320 17.61 -40.52 -20.03
N MET A 321 18.61 -41.03 -19.32
CA MET A 321 18.88 -40.66 -17.93
C MET A 321 20.13 -39.78 -17.80
N GLY A 322 20.02 -38.73 -16.99
CA GLY A 322 21.15 -37.85 -16.74
C GLY A 322 21.69 -38.12 -15.35
N PHE A 323 22.78 -37.45 -14.99
CA PHE A 323 23.40 -37.68 -13.69
C PHE A 323 23.08 -36.53 -12.74
N GLY A 324 22.64 -36.85 -11.53
CA GLY A 324 22.34 -35.84 -10.55
C GLY A 324 22.53 -36.33 -9.14
N THR A 325 22.65 -35.40 -8.20
CA THR A 325 22.95 -35.75 -6.82
C THR A 325 21.94 -35.15 -5.82
N ASP A 326 21.70 -33.85 -5.92
CA ASP A 326 20.72 -33.15 -5.07
C ASP A 326 21.03 -33.23 -3.57
N LEU A 327 22.29 -33.00 -3.20
CA LEU A 327 22.72 -33.12 -1.81
C LEU A 327 22.66 -31.78 -1.04
N LEU A 328 22.54 -31.85 0.28
CA LEU A 328 22.39 -30.68 1.13
C LEU A 328 23.47 -30.60 2.21
N GLY A 329 23.79 -29.38 2.63
CA GLY A 329 24.68 -29.17 3.77
C GLY A 329 25.96 -29.97 3.76
N GLU A 330 26.17 -30.70 4.83
CA GLU A 330 27.33 -31.52 5.07
C GLU A 330 27.46 -32.64 4.06
N ALA A 331 26.31 -33.15 3.65
CA ALA A 331 26.21 -34.32 2.75
C ALA A 331 26.69 -34.04 1.34
N GLN A 332 26.72 -32.76 0.97
CA GLN A 332 27.26 -32.37 -0.32
C GLN A 332 28.57 -33.08 -0.60
N ARG A 333 29.28 -33.49 0.45
CA ARG A 333 30.58 -34.12 0.25
C ARG A 333 30.48 -35.48 -0.45
N LEU A 334 29.26 -36.03 -0.49
CA LEU A 334 28.99 -37.39 -0.96
C LEU A 334 28.68 -37.49 -2.45
N GLN A 335 28.67 -36.35 -3.12
CA GLN A 335 28.37 -36.31 -4.55
C GLN A 335 28.88 -37.52 -5.35
N SER A 336 30.17 -37.80 -5.27
CA SER A 336 30.74 -38.88 -6.09
C SER A 336 30.16 -40.28 -5.82
N ASP A 337 29.49 -40.45 -4.69
CA ASP A 337 28.91 -41.74 -4.37
C ASP A 337 27.75 -42.11 -5.30
N GLU A 338 27.29 -41.16 -6.08
CA GLU A 338 26.16 -41.44 -6.98
C GLU A 338 26.62 -42.38 -8.10
N PHE A 339 27.92 -42.44 -8.33
CA PHE A 339 28.49 -43.37 -9.32
C PHE A 339 28.41 -44.79 -8.79
N ARG A 340 28.93 -44.98 -7.57
CA ARG A 340 28.85 -46.25 -6.87
C ARG A 340 27.42 -46.79 -6.84
N ILE A 341 26.49 -45.94 -6.40
CA ILE A 341 25.11 -46.36 -6.24
C ILE A 341 24.48 -46.80 -7.58
N LEU A 342 24.58 -45.97 -8.60
CA LEU A 342 24.06 -46.32 -9.92
C LEU A 342 24.78 -47.56 -10.47
N ALA A 343 26.04 -47.73 -10.07
CA ALA A 343 26.85 -48.84 -10.57
C ALA A 343 26.26 -50.20 -10.19
N GLU A 344 25.44 -50.21 -9.15
CA GLU A 344 24.84 -51.44 -8.68
C GLU A 344 23.78 -51.96 -9.66
N VAL A 345 23.37 -51.11 -10.59
CA VAL A 345 22.29 -51.49 -11.48
C VAL A 345 22.62 -51.24 -12.93
N LEU A 346 23.46 -50.24 -13.18
CA LEU A 346 23.88 -49.89 -14.52
C LEU A 346 25.34 -50.28 -14.71
N SER A 347 25.74 -50.50 -15.96
CA SER A 347 27.13 -50.79 -16.28
C SER A 347 27.97 -49.54 -16.11
N PRO A 348 29.24 -49.71 -15.71
CA PRO A 348 30.14 -48.58 -15.46
C PRO A 348 30.17 -47.62 -16.65
N ALA A 349 29.90 -48.14 -17.84
CA ALA A 349 29.86 -47.31 -19.04
C ALA A 349 28.57 -46.52 -19.14
N GLU A 350 27.45 -47.17 -18.79
CA GLU A 350 26.14 -46.51 -18.82
C GLU A 350 26.10 -45.31 -17.90
N VAL A 351 26.68 -45.46 -16.70
CA VAL A 351 26.66 -44.35 -15.76
C VAL A 351 27.60 -43.22 -16.16
N ILE A 352 28.70 -43.56 -16.82
CA ILE A 352 29.61 -42.50 -17.27
C ILE A 352 28.99 -41.72 -18.41
N ALA A 353 28.25 -42.42 -19.26
CA ALA A 353 27.52 -41.80 -20.34
C ALA A 353 26.56 -40.79 -19.72
N SER A 354 26.04 -41.16 -18.57
CA SER A 354 25.11 -40.32 -17.83
C SER A 354 25.70 -38.97 -17.49
N ALA A 355 26.91 -39.00 -16.93
CA ALA A 355 27.55 -37.81 -16.38
C ALA A 355 28.31 -37.05 -17.43
N THR A 356 28.08 -37.40 -18.69
CA THR A 356 28.87 -36.84 -19.77
C THR A 356 28.02 -36.50 -20.98
N ILE A 357 27.92 -37.42 -21.94
CA ILE A 357 27.23 -37.12 -23.19
C ILE A 357 25.73 -36.95 -23.02
N VAL A 358 25.14 -37.71 -22.10
CA VAL A 358 23.72 -37.59 -21.87
C VAL A 358 23.42 -36.26 -21.21
N SER A 359 24.14 -35.96 -20.14
CA SER A 359 24.00 -34.69 -19.46
C SER A 359 24.28 -33.50 -20.39
N ALA A 360 25.31 -33.63 -21.23
CA ALA A 360 25.64 -32.58 -22.19
C ALA A 360 24.46 -32.34 -23.13
N GLU A 361 23.74 -33.41 -23.43
CA GLU A 361 22.60 -33.33 -24.32
C GLU A 361 21.51 -32.50 -23.62
N VAL A 362 21.26 -32.82 -22.36
CA VAL A 362 20.31 -32.07 -21.55
C VAL A 362 20.58 -30.56 -21.54
N LEU A 363 21.85 -30.18 -21.69
CA LEU A 363 22.26 -28.78 -21.59
C LEU A 363 22.31 -28.11 -22.95
N GLY A 364 22.01 -28.86 -24.01
CA GLY A 364 22.08 -28.35 -25.37
C GLY A 364 23.52 -28.12 -25.77
N MET A 365 24.41 -28.96 -25.23
CA MET A 365 25.85 -28.82 -25.44
C MET A 365 26.48 -30.05 -26.08
N GLN A 366 25.71 -30.78 -26.90
CA GLN A 366 26.28 -31.93 -27.59
C GLN A 366 27.47 -31.49 -28.43
N ASP A 367 28.61 -32.15 -28.21
CA ASP A 367 29.84 -31.88 -28.96
C ASP A 367 30.59 -30.69 -28.40
N LYS A 368 29.95 -29.97 -27.48
CA LYS A 368 30.57 -28.85 -26.79
C LYS A 368 31.07 -29.23 -25.40
N LEU A 369 30.42 -30.22 -24.77
CA LEU A 369 30.86 -30.76 -23.49
C LEU A 369 30.63 -32.27 -23.45
N GLY A 370 31.14 -32.93 -22.41
CA GLY A 370 30.95 -34.36 -22.19
C GLY A 370 31.68 -35.28 -23.15
N ARG A 371 32.43 -34.70 -24.09
CA ARG A 371 33.19 -35.47 -25.08
C ARG A 371 34.47 -34.74 -25.44
N ILE A 372 35.59 -35.45 -25.40
CA ILE A 372 36.86 -34.87 -25.84
C ILE A 372 36.99 -34.92 -27.37
N VAL A 373 36.47 -33.87 -28.03
CA VAL A 373 36.48 -33.77 -29.49
C VAL A 373 36.92 -32.38 -29.90
N PRO A 374 37.49 -32.25 -31.11
CA PRO A 374 37.94 -30.94 -31.60
C PRO A 374 36.81 -29.92 -31.61
N GLY A 375 37.06 -28.75 -31.02
CA GLY A 375 36.10 -27.67 -31.00
C GLY A 375 35.34 -27.61 -29.69
N ALA A 376 35.47 -28.66 -28.88
CA ALA A 376 34.81 -28.76 -27.59
C ALA A 376 35.57 -28.00 -26.50
N HIS A 377 34.93 -27.79 -25.36
CA HIS A 377 35.61 -27.11 -24.25
C HIS A 377 36.68 -28.03 -23.66
N ALA A 378 37.86 -27.46 -23.40
CA ALA A 378 38.93 -28.22 -22.80
C ALA A 378 38.65 -28.39 -21.31
N ASP A 379 37.60 -29.15 -21.03
CA ASP A 379 37.31 -29.62 -19.68
C ASP A 379 37.76 -31.07 -19.66
N VAL A 380 38.90 -31.31 -19.03
CA VAL A 380 39.54 -32.63 -19.09
C VAL A 380 39.91 -33.14 -17.71
N LEU A 381 39.74 -34.43 -17.50
CA LEU A 381 40.21 -35.09 -16.29
C LEU A 381 41.30 -36.12 -16.62
N VAL A 382 42.18 -36.36 -15.65
CA VAL A 382 43.07 -37.51 -15.71
C VAL A 382 42.82 -38.35 -14.48
N VAL A 383 42.44 -39.61 -14.68
CA VAL A 383 42.12 -40.48 -13.57
C VAL A 383 43.10 -41.63 -13.42
N ASP A 384 43.43 -41.96 -12.19
CA ASP A 384 44.26 -43.09 -11.90
C ASP A 384 43.38 -44.33 -11.77
N GLY A 385 42.93 -44.86 -12.90
CA GLY A 385 42.05 -46.01 -12.92
C GLY A 385 41.28 -46.06 -14.22
N ASN A 386 40.43 -47.07 -14.36
CA ASN A 386 39.62 -47.23 -15.58
C ASN A 386 38.11 -47.31 -15.31
N PRO A 387 37.43 -46.16 -15.44
CA PRO A 387 36.03 -45.96 -15.05
C PRO A 387 35.08 -46.89 -15.80
N LEU A 388 35.47 -47.27 -17.02
CA LEU A 388 34.71 -48.23 -17.82
C LEU A 388 34.72 -49.65 -17.23
N LYS A 389 35.74 -49.95 -16.42
CA LYS A 389 35.79 -51.22 -15.71
C LYS A 389 35.17 -51.07 -14.33
N SER A 390 35.56 -50.00 -13.64
CA SER A 390 35.05 -49.70 -12.32
C SER A 390 34.96 -48.18 -12.12
N VAL A 391 34.05 -47.75 -11.24
CA VAL A 391 33.85 -46.32 -10.98
C VAL A 391 34.46 -45.91 -9.63
N ASP A 392 35.05 -46.88 -8.95
CA ASP A 392 35.66 -46.65 -7.64
C ASP A 392 36.77 -45.60 -7.69
N CYS A 393 37.35 -45.41 -8.87
CA CYS A 393 38.38 -44.37 -9.05
C CYS A 393 37.82 -42.94 -8.99
N LEU A 394 36.51 -42.80 -9.22
CA LEU A 394 35.86 -41.48 -9.16
C LEU A 394 35.40 -41.15 -7.74
N LEU A 395 35.25 -42.16 -6.89
CA LEU A 395 34.72 -41.97 -5.54
C LEU A 395 35.57 -41.07 -4.67
N GLY A 396 34.95 -40.58 -3.60
CA GLY A 396 35.62 -39.75 -2.61
C GLY A 396 35.74 -38.28 -2.98
N GLN A 397 36.94 -37.75 -2.79
CA GLN A 397 37.17 -36.33 -2.85
C GLN A 397 38.25 -36.06 -3.86
N GLY A 398 38.28 -36.87 -4.92
CA GLY A 398 39.27 -36.73 -5.99
C GLY A 398 40.61 -37.39 -5.73
N GLU A 399 40.64 -38.43 -4.90
CA GLU A 399 41.92 -39.08 -4.54
C GLU A 399 42.63 -39.65 -5.75
N HIS A 400 41.87 -40.21 -6.67
CA HIS A 400 42.44 -40.84 -7.84
C HIS A 400 42.15 -39.99 -9.06
N ILE A 401 42.16 -38.68 -8.86
CA ILE A 401 41.94 -37.73 -9.92
C ILE A 401 43.00 -36.64 -9.83
N PRO A 402 44.24 -37.00 -10.18
CA PRO A 402 45.42 -36.14 -10.15
C PRO A 402 45.31 -34.84 -10.94
N LEU A 403 44.54 -34.83 -12.03
CA LEU A 403 44.45 -33.63 -12.86
C LEU A 403 43.02 -33.24 -13.23
N VAL A 404 42.71 -31.95 -13.07
CA VAL A 404 41.40 -31.41 -13.40
C VAL A 404 41.52 -30.12 -14.21
N MET A 405 41.04 -30.16 -15.44
CA MET A 405 41.17 -29.04 -16.37
C MET A 405 39.79 -28.53 -16.75
N LYS A 406 39.55 -27.23 -16.56
CA LYS A 406 38.32 -26.59 -16.95
CA LYS A 406 38.30 -26.59 -16.95
C LYS A 406 38.64 -25.40 -17.83
N ASP A 407 38.03 -25.30 -19.00
CA ASP A 407 38.29 -24.19 -19.93
C ASP A 407 39.77 -24.07 -20.27
N GLY A 408 40.45 -25.22 -20.43
CA GLY A 408 41.86 -25.21 -20.81
C GLY A 408 42.83 -24.70 -19.75
N ARG A 409 42.38 -24.62 -18.50
CA ARG A 409 43.27 -24.27 -17.40
C ARG A 409 43.26 -25.40 -16.39
N LEU A 410 44.38 -25.58 -15.71
CA LEU A 410 44.51 -26.61 -14.69
C LEU A 410 44.13 -26.04 -13.35
N PHE A 411 43.15 -26.65 -12.70
CA PHE A 411 42.74 -26.29 -11.36
CA PHE A 411 42.83 -26.23 -11.37
C PHE A 411 43.48 -27.17 -10.37
N VAL A 412 43.84 -28.36 -10.84
CA VAL A 412 44.49 -29.36 -10.02
C VAL A 412 45.36 -30.26 -10.90
N ASN A 413 46.67 -30.17 -10.71
CA ASN A 413 47.60 -31.02 -11.43
C ASN A 413 48.68 -31.56 -10.52
N GLU A 414 48.42 -32.69 -9.88
CA GLU A 414 49.42 -33.29 -9.01
C GLU A 414 50.15 -34.44 -9.70
N LEU A 415 50.50 -34.22 -10.96
CA LEU A 415 51.34 -35.14 -11.72
C LEU A 415 52.71 -34.51 -11.82
N GLU A 416 52.73 -33.19 -12.01
CA GLU A 416 53.96 -32.42 -12.20
C GLU A 416 54.24 -31.51 -11.00
N THR B 4 46.74 -22.23 21.78
CA THR B 4 48.07 -22.53 21.15
C THR B 4 49.12 -21.47 21.50
N THR B 5 50.31 -21.91 21.86
CA THR B 5 51.30 -21.06 22.53
C THR B 5 52.50 -20.70 21.66
N PHE B 6 52.85 -19.41 21.62
CA PHE B 6 54.02 -18.94 20.88
C PHE B 6 54.97 -18.17 21.80
N LEU B 7 56.25 -18.13 21.45
CA LEU B 7 57.21 -17.29 22.16
C LEU B 7 58.12 -16.50 21.20
N PHE B 8 58.10 -15.17 21.31
CA PHE B 8 58.92 -14.34 20.45
C PHE B 8 60.22 -13.99 21.14
N ARG B 9 61.31 -14.03 20.39
CA ARG B 9 62.64 -13.89 20.98
C ARG B 9 63.66 -13.26 20.04
N ASN B 10 64.70 -12.66 20.61
CA ASN B 10 65.79 -12.09 19.84
C ASN B 10 65.33 -10.98 18.87
N GLY B 11 64.56 -10.03 19.41
CA GLY B 11 64.11 -8.89 18.62
C GLY B 11 63.83 -7.61 19.42
N ALA B 12 63.71 -6.50 18.69
CA ALA B 12 63.35 -5.22 19.30
C ALA B 12 61.85 -5.16 19.56
N LEU B 13 61.46 -4.62 20.70
CA LEU B 13 60.05 -4.52 21.02
C LEU B 13 59.60 -3.07 20.89
N LEU B 14 58.48 -2.87 20.19
CA LEU B 14 57.93 -1.54 19.96
C LEU B 14 56.70 -1.33 20.83
N ASP B 15 56.82 -0.40 21.78
CA ASP B 15 55.75 -0.05 22.68
C ASP B 15 55.46 1.44 22.48
N PRO B 16 54.31 1.78 21.89
CA PRO B 16 53.99 3.19 21.61
C PRO B 16 54.23 4.12 22.80
N ASP B 17 54.05 3.61 24.01
CA ASP B 17 54.17 4.44 25.21
C ASP B 17 55.60 4.77 25.60
N HIS B 18 56.55 3.98 25.12
CA HIS B 18 57.97 4.24 25.36
C HIS B 18 58.68 4.23 24.03
N PRO B 19 58.73 5.39 23.38
CA PRO B 19 58.91 5.47 21.93
C PRO B 19 60.37 5.23 21.51
N ASP B 20 60.95 4.15 21.99
CA ASP B 20 62.20 3.63 21.45
C ASP B 20 62.09 2.12 21.38
N LEU B 21 62.92 1.50 20.54
CA LEU B 21 62.87 0.05 20.41
C LEU B 21 63.48 -0.56 21.65
N LEU B 22 62.70 -1.41 22.32
CA LEU B 22 63.16 -2.00 23.58
C LEU B 22 63.88 -3.33 23.36
N GLN B 23 65.16 -3.33 23.72
CA GLN B 23 66.03 -4.45 23.53
C GLN B 23 65.87 -5.47 24.68
N GLY B 24 66.23 -6.73 24.40
CA GLY B 24 66.24 -7.77 25.42
C GLY B 24 64.91 -8.22 25.99
N PHE B 25 63.85 -8.16 25.18
CA PHE B 25 62.54 -8.61 25.65
C PHE B 25 62.05 -9.94 25.02
N GLU B 26 61.16 -10.61 25.73
CA GLU B 26 60.54 -11.84 25.21
C GLU B 26 59.02 -11.76 25.39
N ILE B 27 58.27 -12.39 24.50
CA ILE B 27 56.80 -12.29 24.57
C ILE B 27 56.09 -13.63 24.46
N LEU B 28 55.28 -13.93 25.47
CA LEU B 28 54.55 -15.19 25.53
C LEU B 28 53.09 -15.06 25.10
N ILE B 29 52.77 -15.66 23.96
CA ILE B 29 51.41 -15.71 23.45
C ILE B 29 50.77 -17.05 23.81
N GLU B 30 49.54 -17.01 24.30
CA GLU B 30 48.82 -18.26 24.48
C GLU B 30 47.31 -18.11 24.41
N ASP B 31 46.68 -18.95 23.60
CA ASP B 31 45.23 -19.02 23.58
C ASP B 31 44.62 -17.75 23.01
N GLY B 32 45.44 -16.97 22.28
CA GLY B 32 44.95 -15.77 21.62
C GLY B 32 45.27 -14.45 22.32
N PHE B 33 45.82 -14.53 23.53
CA PHE B 33 46.13 -13.34 24.29
C PHE B 33 47.62 -13.21 24.61
N ILE B 34 48.07 -11.99 24.88
CA ILE B 34 49.41 -11.78 25.39
C ILE B 34 49.40 -12.16 26.87
N ARG B 35 50.25 -13.12 27.22
CA ARG B 35 50.26 -13.62 28.59
C ARG B 35 51.36 -12.95 29.40
N GLU B 36 52.57 -12.88 28.85
CA GLU B 36 53.67 -12.22 29.54
C GLU B 36 54.59 -11.44 28.63
N VAL B 37 55.15 -10.36 29.18
CA VAL B 37 56.18 -9.59 28.52
C VAL B 37 57.23 -9.30 29.59
N SER B 38 58.41 -9.89 29.46
CA SER B 38 59.47 -9.64 30.42
CA SER B 38 59.47 -9.67 30.43
C SER B 38 60.81 -9.43 29.72
N ASP B 39 61.69 -8.67 30.37
CA ASP B 39 63.04 -8.42 29.85
C ASP B 39 64.01 -9.53 30.27
N LYS B 40 63.49 -10.52 30.99
CA LYS B 40 64.26 -11.69 31.39
C LYS B 40 63.70 -12.92 30.70
N PRO B 41 64.59 -13.79 30.18
CA PRO B 41 64.22 -15.02 29.47
C PRO B 41 63.01 -15.74 30.07
N ILE B 42 62.06 -16.12 29.21
CA ILE B 42 60.81 -16.69 29.66
C ILE B 42 60.82 -18.22 29.55
N LYS B 43 60.32 -18.87 30.60
CA LYS B 43 60.33 -20.32 30.70
C LYS B 43 59.04 -20.93 30.19
N SER B 44 59.10 -21.54 29.00
CA SER B 44 57.96 -22.26 28.44
C SER B 44 58.43 -23.26 27.40
N SER B 45 58.64 -24.49 27.84
CA SER B 45 59.09 -25.57 26.96
C SER B 45 57.95 -26.00 26.04
N ASN B 46 56.72 -25.62 26.41
CA ASN B 46 55.54 -25.95 25.63
C ASN B 46 55.01 -24.78 24.81
N ALA B 47 55.76 -24.36 23.79
CA ALA B 47 55.34 -23.23 22.96
C ALA B 47 56.26 -23.02 21.77
N HIS B 48 55.67 -22.78 20.61
CA HIS B 48 56.45 -22.53 19.40
C HIS B 48 57.27 -21.24 19.54
N VAL B 49 58.58 -21.38 19.37
CA VAL B 49 59.49 -20.27 19.55
C VAL B 49 59.77 -19.60 18.21
N ILE B 50 59.61 -18.29 18.16
CA ILE B 50 59.88 -17.55 16.95
C ILE B 50 61.08 -16.63 17.14
N ASP B 51 62.14 -16.90 16.39
CA ASP B 51 63.36 -16.12 16.48
C ASP B 51 63.29 -14.98 15.48
N VAL B 52 63.00 -13.80 15.98
CA VAL B 52 62.82 -12.63 15.15
C VAL B 52 64.10 -12.12 14.50
N LYS B 53 65.22 -12.54 15.05
CA LYS B 53 66.53 -12.19 14.53
C LYS B 53 66.79 -10.70 14.34
N GLY B 54 66.48 -9.93 15.37
CA GLY B 54 66.76 -8.51 15.38
C GLY B 54 65.75 -7.61 14.72
N LYS B 55 64.68 -8.21 14.22
CA LYS B 55 63.58 -7.49 13.62
C LYS B 55 62.68 -6.93 14.69
N THR B 56 61.85 -5.96 14.33
CA THR B 56 60.96 -5.28 15.25
C THR B 56 59.69 -6.11 15.51
N ILE B 57 59.26 -6.13 16.76
CA ILE B 57 57.99 -6.71 17.13
C ILE B 57 57.08 -5.56 17.59
N MET B 58 56.00 -5.31 16.85
CA MET B 58 55.09 -4.24 17.18
C MET B 58 53.64 -4.69 17.33
N PRO B 59 52.80 -3.83 17.91
CA PRO B 59 51.38 -4.19 17.92
C PRO B 59 50.78 -4.11 16.50
N GLY B 60 49.68 -4.82 16.27
CA GLY B 60 48.96 -4.74 14.99
C GLY B 60 48.44 -3.33 14.72
N LEU B 61 48.32 -3.00 13.45
CA LEU B 61 47.87 -1.68 13.05
C LEU B 61 46.34 -1.58 13.06
N ILE B 62 45.85 -0.36 13.34
CA ILE B 62 44.42 -0.10 13.41
C ILE B 62 44.02 1.04 12.45
N ASP B 63 42.97 0.80 11.65
CA ASP B 63 42.46 1.82 10.72
C ASP B 63 41.02 2.10 11.10
N LEU B 64 40.78 3.34 11.51
CA LEU B 64 39.51 3.74 12.10
C LEU B 64 38.45 4.12 11.07
N HIS B 65 38.85 4.14 9.80
CA HIS B 65 37.93 4.57 8.77
C HIS B 65 38.16 3.83 7.45
N VAL B 66 37.48 2.70 7.29
CA VAL B 66 37.55 1.95 6.04
C VAL B 66 36.14 1.62 5.52
N HIS B 67 36.06 1.25 4.25
CA HIS B 67 34.84 0.75 3.63
C HIS B 67 35.14 -0.54 2.91
N VAL B 68 34.94 -1.65 3.62
CA VAL B 68 35.14 -2.98 3.06
C VAL B 68 34.37 -3.22 1.74
N VAL B 69 33.14 -2.70 1.63
CA VAL B 69 32.32 -2.97 0.46
C VAL B 69 32.40 -1.89 -0.60
N ALA B 70 33.28 -0.91 -0.43
CA ALA B 70 33.53 0.06 -1.47
C ALA B 70 34.46 -0.57 -2.52
N ILE B 71 33.87 -1.39 -3.39
CA ILE B 71 34.65 -2.18 -4.34
C ILE B 71 34.95 -1.40 -5.63
N GLU B 72 34.53 -0.15 -5.67
CA GLU B 72 34.91 0.72 -6.76
C GLU B 72 34.42 2.12 -6.48
N PHE B 73 34.92 3.08 -7.26
CA PHE B 73 34.77 4.52 -6.99
C PHE B 73 33.33 5.06 -7.07
N ASN B 74 32.50 4.42 -7.89
CA ASN B 74 31.12 4.86 -8.07
C ASN B 74 30.19 4.13 -7.11
N LEU B 75 29.93 4.74 -5.95
CA LEU B 75 29.26 4.05 -4.84
C LEU B 75 27.76 3.82 -5.02
N PRO B 76 27.06 4.80 -5.59
CA PRO B 76 25.67 4.51 -5.93
C PRO B 76 25.57 3.30 -6.84
N ARG B 77 26.54 3.12 -7.71
CA ARG B 77 26.52 1.99 -8.61
C ARG B 77 26.76 0.70 -7.81
N VAL B 78 27.57 0.78 -6.77
CA VAL B 78 27.90 -0.41 -5.99
C VAL B 78 26.67 -0.97 -5.28
N ALA B 79 25.77 -0.09 -4.87
CA ALA B 79 24.56 -0.50 -4.19
C ALA B 79 23.60 -1.24 -5.12
N THR B 80 23.84 -1.17 -6.43
CA THR B 80 22.98 -1.83 -7.38
C THR B 80 23.54 -3.20 -7.79
N LEU B 81 24.80 -3.43 -7.49
CA LEU B 81 25.46 -4.68 -7.85
C LEU B 81 24.89 -5.84 -7.03
N PRO B 82 24.81 -7.03 -7.64
CA PRO B 82 24.34 -8.19 -6.88
C PRO B 82 25.04 -8.33 -5.55
N ASN B 83 24.27 -8.72 -4.55
CA ASN B 83 24.79 -9.02 -3.23
C ASN B 83 25.95 -10.01 -3.30
N VAL B 84 25.77 -11.06 -4.08
CA VAL B 84 26.79 -12.11 -4.17
C VAL B 84 28.12 -11.52 -4.63
N LEU B 85 28.06 -10.67 -5.64
CA LEU B 85 29.24 -10.14 -6.27
C LEU B 85 29.94 -9.16 -5.36
N VAL B 86 29.17 -8.30 -4.70
CA VAL B 86 29.76 -7.33 -3.82
C VAL B 86 30.52 -7.99 -2.69
N THR B 87 29.98 -9.11 -2.21
CA THR B 87 30.58 -9.86 -1.11
C THR B 87 31.92 -10.47 -1.51
N LEU B 88 31.96 -11.11 -2.68
CA LEU B 88 33.14 -11.83 -3.08
C LEU B 88 34.31 -10.92 -3.43
N ARG B 89 34.00 -9.71 -3.90
CA ARG B 89 35.00 -8.70 -4.24
C ARG B 89 35.56 -8.08 -2.97
N ALA B 90 34.73 -8.08 -1.92
CA ALA B 90 35.13 -7.64 -0.59
C ALA B 90 36.23 -8.53 -0.02
N VAL B 91 36.10 -9.83 -0.23
CA VAL B 91 37.01 -10.80 0.39
C VAL B 91 38.49 -10.47 0.16
N PRO B 92 38.90 -10.31 -1.11
CA PRO B 92 40.31 -9.97 -1.41
C PRO B 92 40.75 -8.67 -0.75
N ILE B 93 39.83 -7.70 -0.71
CA ILE B 93 40.13 -6.40 -0.14
C ILE B 93 40.38 -6.48 1.36
N MET B 94 39.55 -7.23 2.08
CA MET B 94 39.73 -7.45 3.51
C MET B 94 41.06 -8.15 3.76
N ARG B 95 41.40 -9.06 2.86
CA ARG B 95 42.60 -9.89 3.02
C ARG B 95 43.88 -9.09 2.80
N ALA B 96 43.81 -8.15 1.87
CA ALA B 96 44.91 -7.24 1.60
C ALA B 96 45.17 -6.30 2.80
N MET B 97 44.11 -5.82 3.43
CA MET B 97 44.23 -5.00 4.64
C MET B 97 45.10 -5.68 5.71
N LEU B 98 44.73 -6.92 6.05
CA LEU B 98 45.46 -7.76 7.01
C LEU B 98 46.93 -8.00 6.66
N ARG B 99 47.22 -8.20 5.37
CA ARG B 99 48.60 -8.39 4.91
C ARG B 99 49.48 -7.15 5.15
N ARG B 100 48.86 -5.97 5.10
CA ARG B 100 49.56 -4.71 5.27
C ARG B 100 49.79 -4.40 6.75
N GLY B 101 49.25 -5.25 7.62
CA GLY B 101 49.49 -5.12 9.05
C GLY B 101 48.27 -4.74 9.87
N PHE B 102 47.17 -4.45 9.19
CA PHE B 102 46.01 -3.97 9.91
C PHE B 102 45.18 -5.13 10.45
N THR B 103 45.36 -5.39 11.73
CA THR B 103 44.72 -6.52 12.37
C THR B 103 43.38 -6.10 12.94
N THR B 104 43.12 -4.80 12.92
CA THR B 104 41.82 -4.27 13.35
C THR B 104 41.48 -3.05 12.53
N VAL B 105 40.23 -2.96 12.11
CA VAL B 105 39.75 -1.80 11.36
C VAL B 105 38.37 -1.40 11.89
N ARG B 106 38.09 -0.10 11.86
CA ARG B 106 36.73 0.38 12.07
C ARG B 106 36.13 0.72 10.71
N ASP B 107 35.00 0.09 10.39
CA ASP B 107 34.33 0.31 9.12
C ASP B 107 33.32 1.43 9.25
N ALA B 108 33.47 2.45 8.40
CA ALA B 108 32.74 3.71 8.58
C ALA B 108 31.38 3.73 7.86
N GLY B 109 30.91 2.56 7.42
CA GLY B 109 29.63 2.45 6.73
C GLY B 109 29.75 1.44 5.60
N GLY B 110 28.80 0.53 5.55
CA GLY B 110 28.81 -0.53 4.55
C GLY B 110 28.77 -1.84 5.30
N ALA B 111 29.92 -2.50 5.42
CA ALA B 111 29.98 -3.78 6.09
C ALA B 111 29.16 -3.82 7.37
N GLY B 112 28.31 -4.84 7.47
CA GLY B 112 27.54 -5.08 8.68
C GLY B 112 28.06 -6.23 9.53
N TYR B 113 27.19 -6.71 10.41
CA TYR B 113 27.58 -7.68 11.41
C TYR B 113 27.90 -9.06 10.84
N PRO B 114 27.26 -9.42 9.71
CA PRO B 114 27.58 -10.67 9.02
C PRO B 114 29.06 -10.75 8.58
N PHE B 115 29.63 -9.66 8.08
CA PHE B 115 31.07 -9.65 7.82
C PHE B 115 31.89 -9.83 9.12
N LYS B 116 31.52 -9.09 10.16
CA LYS B 116 32.18 -9.21 11.45
C LYS B 116 32.21 -10.67 11.92
N GLN B 117 31.08 -11.37 11.78
CA GLN B 117 31.06 -12.77 12.18
C GLN B 117 31.75 -13.73 11.20
N ALA B 118 31.79 -13.38 9.93
CA ALA B 118 32.49 -14.22 8.94
C ALA B 118 34.00 -14.19 9.16
N VAL B 119 34.47 -13.17 9.87
CA VAL B 119 35.88 -13.01 10.19
C VAL B 119 36.19 -13.75 11.47
N GLU B 120 35.38 -13.51 12.50
CA GLU B 120 35.58 -14.18 13.79
C GLU B 120 35.49 -15.70 13.68
N SER B 121 34.55 -16.17 12.86
CA SER B 121 34.36 -17.62 12.71
C SER B 121 35.30 -18.24 11.69
N GLY B 122 36.06 -17.43 10.96
CA GLY B 122 37.08 -17.95 10.06
C GLY B 122 36.69 -18.24 8.60
N LEU B 123 35.46 -17.92 8.22
CA LEU B 123 35.06 -18.10 6.83
C LEU B 123 36.02 -17.33 5.93
N VAL B 124 36.40 -16.14 6.40
CA VAL B 124 37.33 -15.30 5.65
C VAL B 124 38.45 -14.79 6.54
N GLU B 125 39.53 -14.33 5.92
CA GLU B 125 40.63 -13.78 6.69
C GLU B 125 40.73 -12.28 6.47
N GLY B 126 40.58 -11.54 7.55
CA GLY B 126 40.68 -10.08 7.49
C GLY B 126 40.92 -9.54 8.88
N PRO B 127 40.94 -8.22 9.00
CA PRO B 127 41.12 -7.61 10.32
C PRO B 127 39.91 -7.91 11.21
N ARG B 128 40.05 -7.68 12.51
CA ARG B 128 38.91 -7.68 13.39
C ARG B 128 38.08 -6.49 12.95
N LEU B 129 36.76 -6.65 12.84
CA LEU B 129 35.90 -5.57 12.37
C LEU B 129 35.08 -4.95 13.47
N PHE B 130 35.08 -3.62 13.51
CA PHE B 130 34.09 -2.86 14.26
C PHE B 130 33.18 -2.16 13.26
N VAL B 131 31.92 -2.58 13.19
CA VAL B 131 31.06 -2.20 12.09
C VAL B 131 30.00 -1.15 12.44
N SER B 132 29.85 -0.17 11.56
CA SER B 132 28.82 0.85 11.69
C SER B 132 27.49 0.40 11.08
N GLY B 133 27.51 -0.68 10.30
CA GLY B 133 26.37 -0.96 9.44
C GLY B 133 26.25 0.20 8.48
N ARG B 134 25.02 0.62 8.18
CA ARG B 134 24.81 1.69 7.20
C ARG B 134 24.89 3.08 7.81
N ALA B 135 25.69 3.94 7.21
CA ALA B 135 25.73 5.35 7.62
C ALA B 135 24.33 5.94 7.48
N LEU B 136 23.93 6.77 8.43
CA LEU B 136 22.66 7.48 8.33
C LEU B 136 22.85 8.82 7.65
N SER B 137 22.04 9.09 6.64
CA SER B 137 22.10 10.35 5.95
C SER B 137 20.71 10.95 5.76
N GLN B 138 20.64 12.27 5.84
CA GLN B 138 19.41 12.96 5.54
C GLN B 138 19.15 12.89 4.03
N THR B 139 17.91 13.14 3.64
CA THR B 139 17.58 13.27 2.22
C THR B 139 18.49 14.32 1.58
N GLY B 140 19.08 13.99 0.43
CA GLY B 140 20.01 14.90 -0.23
C GLY B 140 21.34 14.97 0.50
N GLY B 141 21.47 14.16 1.55
CA GLY B 141 22.70 14.07 2.31
C GLY B 141 23.77 13.29 1.57
N HIS B 142 24.96 13.24 2.18
CA HIS B 142 26.14 12.67 1.56
C HIS B 142 26.00 11.17 1.29
N ALA B 143 25.12 10.50 2.01
CA ALA B 143 24.92 9.08 1.78
C ALA B 143 23.57 8.81 1.09
N ASP B 144 22.95 9.85 0.56
CA ASP B 144 21.76 9.66 -0.28
C ASP B 144 22.26 9.49 -1.72
N PRO B 145 22.20 8.25 -2.23
CA PRO B 145 22.84 7.86 -3.48
C PRO B 145 22.10 8.33 -4.72
N ARG B 146 20.91 8.88 -4.54
CA ARG B 146 20.06 9.23 -5.68
C ARG B 146 20.59 10.41 -6.50
N ALA B 147 20.28 10.39 -7.79
CA ALA B 147 20.73 11.43 -8.70
C ALA B 147 19.75 12.59 -8.77
N ARG B 148 20.19 13.75 -9.23
CA ARG B 148 19.31 14.90 -9.40
C ARG B 148 18.46 14.82 -10.66
N SER B 149 17.17 15.01 -10.49
CA SER B 149 16.19 14.94 -11.55
C SER B 149 14.98 15.71 -11.08
N ASP B 150 13.86 15.49 -11.72
CA ASP B 150 12.64 16.16 -11.34
C ASP B 150 11.71 15.26 -10.54
N TYR B 151 12.21 14.15 -10.05
CA TYR B 151 11.40 13.23 -9.28
C TYR B 151 12.27 12.57 -8.22
N MET B 152 11.65 12.12 -7.13
CA MET B 152 12.41 11.51 -6.05
C MET B 152 12.10 10.02 -5.97
N PRO B 153 12.98 9.18 -6.52
CA PRO B 153 12.72 7.75 -6.38
C PRO B 153 12.91 7.34 -4.92
N PRO B 154 12.41 6.14 -4.56
CA PRO B 154 12.59 5.68 -3.19
C PRO B 154 14.06 5.44 -2.89
N ASP B 155 14.49 5.79 -1.69
CA ASP B 155 15.88 5.61 -1.31
C ASP B 155 16.31 4.19 -1.65
N SER B 156 15.50 3.24 -1.21
CA SER B 156 15.79 1.83 -1.43
C SER B 156 14.64 1.14 -2.13
N PRO B 157 14.96 0.25 -3.08
CA PRO B 157 13.93 -0.62 -3.65
C PRO B 157 13.49 -1.61 -2.58
N CYS B 158 14.45 -2.37 -2.08
CA CYS B 158 14.21 -3.41 -1.09
C CYS B 158 14.01 -2.83 0.31
N GLY B 159 13.10 -1.87 0.43
CA GLY B 159 12.86 -1.19 1.69
C GLY B 159 13.34 -1.99 2.90
N CYS B 160 12.84 -3.22 3.02
CA CYS B 160 13.07 -4.05 4.20
C CYS B 160 14.37 -4.88 4.16
N CYS B 161 14.88 -5.12 2.96
CA CYS B 161 16.13 -5.88 2.80
C CYS B 161 17.33 -4.97 2.48
N VAL B 162 18.38 -5.10 3.29
CA VAL B 162 19.62 -4.37 3.12
C VAL B 162 20.44 -4.86 1.91
N ARG B 163 20.88 -3.94 1.06
CA ARG B 163 21.84 -4.25 -0.01
C ARG B 163 23.26 -4.30 0.55
N VAL B 164 23.99 -5.37 0.24
CA VAL B 164 25.36 -5.50 0.73
C VAL B 164 26.24 -4.31 0.30
N GLY B 165 26.01 -3.78 -0.89
CA GLY B 165 26.83 -2.71 -1.42
C GLY B 165 26.41 -1.32 -0.99
N ALA B 166 25.32 -1.23 -0.24
CA ALA B 166 24.86 0.02 0.35
C ALA B 166 25.73 0.47 1.53
N LEU B 167 26.29 1.65 1.41
CA LEU B 167 27.14 2.21 2.44
C LEU B 167 26.32 2.99 3.43
N GLY B 168 25.19 3.53 2.97
CA GLY B 168 24.34 4.37 3.83
C GLY B 168 22.85 4.04 3.76
N ARG B 169 22.06 4.80 4.51
CA ARG B 169 20.61 4.72 4.42
C ARG B 169 20.07 6.13 4.69
N VAL B 170 18.97 6.48 4.04
CA VAL B 170 18.38 7.80 4.23
C VAL B 170 17.36 7.79 5.37
N ALA B 171 17.37 8.86 6.17
CA ALA B 171 16.50 8.96 7.31
C ALA B 171 16.32 10.42 7.76
N ASP B 172 15.06 10.86 7.88
CA ASP B 172 14.76 12.25 8.19
C ASP B 172 13.80 12.30 9.34
N GLY B 173 14.13 13.13 10.33
CA GLY B 173 13.27 13.35 11.48
C GLY B 173 13.62 12.46 12.65
N VAL B 174 13.40 13.01 13.84
CA VAL B 174 13.72 12.32 15.09
C VAL B 174 13.16 10.90 15.20
N ASP B 175 11.89 10.71 14.88
CA ASP B 175 11.32 9.38 14.98
C ASP B 175 12.06 8.44 14.03
N GLU B 176 12.41 8.94 12.85
CA GLU B 176 13.07 8.11 11.83
C GLU B 176 14.52 7.78 12.14
N VAL B 177 15.27 8.78 12.62
CA VAL B 177 16.64 8.52 13.02
C VAL B 177 16.73 7.59 14.23
N ARG B 178 15.73 7.65 15.13
CA ARG B 178 15.70 6.72 16.26
C ARG B 178 15.46 5.30 15.79
N ARG B 179 14.42 5.10 14.98
CA ARG B 179 14.12 3.79 14.42
CA ARG B 179 14.11 3.80 14.41
C ARG B 179 15.33 3.26 13.64
N ALA B 180 15.96 4.11 12.84
CA ALA B 180 17.14 3.71 12.05
C ALA B 180 18.29 3.17 12.91
N VAL B 181 18.66 3.93 13.93
CA VAL B 181 19.73 3.52 14.82
C VAL B 181 19.33 2.24 15.55
N ARG B 182 18.08 2.19 16.00
CA ARG B 182 17.57 1.03 16.71
C ARG B 182 17.69 -0.22 15.86
N GLU B 183 17.43 -0.08 14.56
CA GLU B 183 17.56 -1.21 13.66
C GLU B 183 19.01 -1.61 13.45
N GLU B 184 19.88 -0.62 13.28
CA GLU B 184 21.28 -0.89 13.06
C GLU B 184 21.89 -1.62 14.26
N LEU B 185 21.50 -1.21 15.46
CA LEU B 185 22.03 -1.83 16.67
C LEU B 185 21.42 -3.19 16.84
N GLN B 186 20.15 -3.33 16.49
CA GLN B 186 19.51 -4.62 16.57
C GLN B 186 20.27 -5.58 15.65
N MET B 187 20.74 -5.05 14.53
CA MET B 187 21.44 -5.88 13.55
C MET B 187 22.90 -6.15 13.94
N GLY B 188 23.38 -5.46 14.97
CA GLY B 188 24.67 -5.77 15.58
C GLY B 188 25.78 -4.79 15.29
N ALA B 189 25.42 -3.54 14.99
CA ALA B 189 26.44 -2.53 14.73
C ALA B 189 27.20 -2.24 16.02
N ASP B 190 28.51 -2.03 15.91
CA ASP B 190 29.34 -1.78 17.08
C ASP B 190 29.28 -0.30 17.44
N GLN B 191 29.01 0.53 16.43
CA GLN B 191 28.86 1.97 16.65
C GLN B 191 28.06 2.56 15.49
N ILE B 192 27.88 3.87 15.50
CA ILE B 192 26.93 4.50 14.59
C ILE B 192 27.58 5.61 13.78
N ILE B 194 27.04 8.72 11.09
CA ILE B 194 26.12 9.66 10.48
C ILE B 194 26.91 10.61 9.58
N MET B 195 26.22 11.20 8.61
CA MET B 195 26.79 12.23 7.76
C MET B 195 26.34 13.58 8.28
N ALA B 196 27.27 14.33 8.86
CA ALA B 196 26.92 15.62 9.45
C ALA B 196 27.36 16.77 8.54
N SER B 197 27.58 16.46 7.27
CA SER B 197 28.08 17.42 6.32
C SER B 197 27.90 16.87 4.91
N GLY B 198 27.99 17.77 3.92
CA GLY B 198 28.04 17.38 2.51
C GLY B 198 29.34 16.63 2.26
N GLY B 199 29.37 15.85 1.18
CA GLY B 199 30.55 15.03 0.92
C GLY B 199 31.28 15.38 -0.36
N VAL B 200 32.31 14.61 -0.66
CA VAL B 200 33.01 14.71 -1.93
C VAL B 200 32.51 13.63 -2.87
N ALA B 201 32.51 12.39 -2.38
CA ALA B 201 32.12 11.22 -3.18
C ALA B 201 30.61 11.01 -3.21
N SER B 202 29.86 12.10 -3.31
CA SER B 202 28.41 12.03 -3.42
C SER B 202 27.95 12.64 -4.75
N PRO B 203 26.67 12.40 -5.11
CA PRO B 203 26.11 12.94 -6.34
C PRO B 203 25.77 14.44 -6.27
N THR B 204 24.94 14.85 -5.31
CA THR B 204 24.27 16.14 -5.38
C THR B 204 24.62 17.17 -4.29
N ASP B 205 25.25 16.72 -3.21
CA ASP B 205 25.49 17.57 -2.04
C ASP B 205 26.84 18.28 -2.04
N PRO B 206 26.87 19.56 -1.64
CA PRO B 206 28.11 20.33 -1.46
C PRO B 206 28.80 20.02 -0.13
N VAL B 207 30.02 20.53 0.03
CA VAL B 207 30.83 20.33 1.22
C VAL B 207 30.41 21.01 2.52
N GLY B 208 30.02 22.28 2.44
CA GLY B 208 29.67 23.09 3.60
C GLY B 208 28.24 22.90 4.07
N VAL B 209 27.44 22.25 3.25
CA VAL B 209 26.07 21.90 3.60
C VAL B 209 26.03 21.07 4.89
N PHE B 210 25.22 21.50 5.85
CA PHE B 210 25.09 20.79 7.12
C PHE B 210 24.50 19.41 6.92
N GLY B 211 24.84 18.50 7.83
CA GLY B 211 24.24 17.18 7.81
C GLY B 211 23.30 17.02 9.00
N TYR B 212 22.00 17.03 8.72
CA TYR B 212 20.99 16.83 9.77
C TYR B 212 20.78 18.09 10.62
N SER B 213 19.68 18.08 11.37
CA SER B 213 19.42 19.13 12.35
C SER B 213 20.01 18.71 13.69
N GLU B 214 20.11 19.67 14.61
CA GLU B 214 20.67 19.39 15.93
C GLU B 214 19.82 18.43 16.75
N ASP B 215 18.51 18.44 16.50
CA ASP B 215 17.57 17.56 17.19
C ASP B 215 17.78 16.10 16.79
N GLU B 216 17.96 15.89 15.49
CA GLU B 216 18.26 14.57 14.94
C GLU B 216 19.60 14.05 15.49
N ILE B 217 20.66 14.83 15.32
CA ILE B 217 21.95 14.41 15.83
C ILE B 217 21.84 14.00 17.29
N ARG B 218 21.19 14.85 18.09
CA ARG B 218 21.03 14.58 19.52
C ARG B 218 20.28 13.28 19.78
N ALA B 219 19.23 13.03 19.00
CA ALA B 219 18.46 11.81 19.11
C ALA B 219 19.34 10.59 18.80
N ILE B 220 20.13 10.70 17.74
CA ILE B 220 21.05 9.64 17.34
C ILE B 220 22.10 9.35 18.41
N VAL B 221 22.74 10.39 18.91
CA VAL B 221 23.70 10.24 19.99
C VAL B 221 23.03 9.58 21.19
N ALA B 222 21.82 10.01 21.50
CA ALA B 222 21.12 9.43 22.64
C ALA B 222 20.92 7.94 22.43
N GLU B 223 20.36 7.58 21.28
CA GLU B 223 20.11 6.18 20.98
C GLU B 223 21.36 5.33 21.15
N ALA B 224 22.47 5.77 20.54
CA ALA B 224 23.72 4.99 20.61
C ALA B 224 24.26 4.92 22.03
N GLN B 225 24.20 6.03 22.76
CA GLN B 225 24.63 6.03 24.16
C GLN B 225 23.76 5.15 25.06
N GLY B 226 22.51 4.96 24.68
CA GLY B 226 21.57 4.14 25.45
C GLY B 226 21.96 2.69 25.37
N ARG B 227 22.78 2.36 24.37
CA ARG B 227 23.28 1.01 24.21
C ARG B 227 24.77 0.97 24.50
N GLY B 228 25.29 2.08 25.00
CA GLY B 228 26.65 2.10 25.50
C GLY B 228 27.68 2.13 24.40
N THR B 229 27.36 2.86 23.33
CA THR B 229 28.36 3.11 22.31
C THR B 229 28.22 4.56 21.85
N TYR B 230 28.75 4.88 20.68
CA TYR B 230 28.97 6.29 20.35
C TYR B 230 28.70 6.60 18.87
N VAL B 231 28.78 7.87 18.52
CA VAL B 231 28.55 8.27 17.15
C VAL B 231 29.83 8.83 16.57
N LEU B 232 30.10 8.46 15.31
CA LEU B 232 31.13 9.10 14.49
C LEU B 232 30.41 9.84 13.37
N ALA B 233 30.94 11.00 12.99
CA ALA B 233 30.27 11.81 11.97
C ALA B 233 31.24 12.35 10.94
N HIS B 234 30.85 12.21 9.68
CA HIS B 234 31.53 12.83 8.58
C HIS B 234 31.31 14.34 8.64
N ALA B 235 32.39 15.10 8.75
CA ALA B 235 32.30 16.57 8.82
C ALA B 235 33.60 17.22 8.40
N TYR B 236 33.50 18.29 7.61
CA TYR B 236 34.67 18.95 6.99
C TYR B 236 34.96 20.34 7.53
N THR B 237 33.90 21.12 7.73
CA THR B 237 34.05 22.52 8.06
C THR B 237 33.85 22.79 9.54
N PRO B 238 34.38 23.92 10.01
CA PRO B 238 34.28 24.44 11.37
C PRO B 238 32.86 24.37 11.96
N ALA B 239 31.88 24.94 11.27
CA ALA B 239 30.52 25.00 11.80
C ALA B 239 29.90 23.62 11.92
N ALA B 240 30.04 22.82 10.87
CA ALA B 240 29.51 21.46 10.85
C ALA B 240 30.16 20.62 11.94
N ILE B 241 31.47 20.75 12.07
CA ILE B 241 32.22 20.04 13.09
C ILE B 241 31.76 20.44 14.49
N ALA B 242 31.78 21.74 14.76
CA ALA B 242 31.39 22.27 16.07
C ALA B 242 29.99 21.86 16.54
N ARG B 243 29.04 21.93 15.65
CA ARG B 243 27.63 21.59 16.02
CA ARG B 243 27.71 21.56 15.94
C ARG B 243 27.57 20.12 16.33
N ALA B 244 28.30 19.30 15.60
CA ALA B 244 28.33 17.86 15.81
C ALA B 244 28.89 17.50 17.18
N VAL B 245 29.97 18.19 17.56
CA VAL B 245 30.63 17.92 18.84
C VAL B 245 29.78 18.42 19.99
N ARG B 246 29.13 19.55 19.78
CA ARG B 246 28.24 20.12 20.76
CA ARG B 246 28.27 20.09 20.83
C ARG B 246 27.11 19.16 21.00
N CYS B 247 26.71 18.43 19.96
CA CYS B 247 25.57 17.55 20.05
C CYS B 247 25.95 16.15 20.54
N GLY B 248 27.19 16.03 21.03
CA GLY B 248 27.65 14.80 21.67
C GLY B 248 28.27 13.75 20.78
N VAL B 249 28.55 14.09 19.54
CA VAL B 249 29.30 13.20 18.64
C VAL B 249 30.75 13.03 19.13
N ARG B 250 31.20 11.78 19.26
CA ARG B 250 32.48 11.45 19.88
C ARG B 250 33.73 11.45 18.98
N THR B 251 33.57 11.10 17.70
CA THR B 251 34.69 11.16 16.76
C THR B 251 34.28 11.78 15.44
N ILE B 252 35.12 12.69 14.97
CA ILE B 252 34.91 13.42 13.74
C ILE B 252 35.74 12.77 12.63
N GLU B 253 35.08 12.44 11.52
CA GLU B 253 35.77 11.88 10.36
C GLU B 253 36.20 12.97 9.39
N HIS B 254 37.46 12.89 8.96
CA HIS B 254 38.03 13.85 7.99
C HIS B 254 38.44 15.17 8.63
N GLY B 255 37.49 16.10 8.77
CA GLY B 255 37.74 17.41 9.39
C GLY B 255 38.76 18.29 8.67
N ASN B 256 38.78 18.23 7.35
CA ASN B 256 39.86 18.82 6.54
C ASN B 256 39.96 20.33 6.65
N LEU B 257 38.81 20.96 6.95
CA LEU B 257 38.71 22.41 6.95
C LEU B 257 38.47 22.93 8.35
N ILE B 258 38.94 22.19 9.35
CA ILE B 258 38.84 22.64 10.73
C ILE B 258 39.68 23.90 10.88
N ASP B 259 39.33 24.73 11.85
CA ASP B 259 40.12 25.91 12.17
C ASP B 259 40.62 25.82 13.60
N ASP B 260 41.46 26.76 14.00
CA ASP B 260 42.05 26.75 15.34
C ASP B 260 41.01 26.72 16.45
N GLU B 261 39.95 27.51 16.29
CA GLU B 261 38.93 27.62 17.33
C GLU B 261 38.10 26.36 17.49
N THR B 262 37.72 25.74 16.39
CA THR B 262 36.97 24.49 16.42
C THR B 262 37.84 23.34 16.97
N ALA B 263 39.11 23.35 16.58
CA ALA B 263 40.07 22.39 17.11
C ALA B 263 40.18 22.47 18.63
N ARG B 264 40.19 23.68 19.18
CA ARG B 264 40.22 23.82 20.63
C ARG B 264 38.92 23.29 21.24
N LEU B 265 37.81 23.49 20.52
CA LEU B 265 36.51 23.02 20.98
C LEU B 265 36.47 21.49 21.05
N VAL B 266 37.02 20.86 20.02
CA VAL B 266 37.15 19.43 19.95
C VAL B 266 37.98 18.88 21.10
N ALA B 267 39.15 19.45 21.31
CA ALA B 267 40.03 18.99 22.39
C ALA B 267 39.34 19.20 23.72
N GLU B 268 38.71 20.36 23.85
CA GLU B 268 38.01 20.69 25.08
C GLU B 268 36.97 19.61 25.45
N HIS B 269 36.25 19.08 24.46
CA HIS B 269 35.26 18.03 24.74
C HIS B 269 35.82 16.62 24.74
N GLY B 270 37.13 16.46 24.55
CA GLY B 270 37.75 15.14 24.60
C GLY B 270 37.27 14.27 23.46
N ALA B 271 36.92 14.92 22.36
CA ALA B 271 36.49 14.22 21.15
C ALA B 271 37.71 13.93 20.26
N TYR B 272 37.58 12.89 19.43
CA TYR B 272 38.67 12.48 18.55
C TYR B 272 38.42 12.92 17.11
N VAL B 273 39.48 13.08 16.35
CA VAL B 273 39.36 13.31 14.92
C VAL B 273 40.12 12.24 14.19
N VAL B 274 39.56 11.78 13.08
CA VAL B 274 40.23 10.81 12.22
C VAL B 274 40.48 11.40 10.82
N PRO B 275 41.65 12.01 10.61
CA PRO B 275 41.95 12.49 9.27
C PRO B 275 42.11 11.33 8.30
N THR B 276 41.82 11.57 7.02
CA THR B 276 41.98 10.54 6.00
C THR B 276 42.60 11.13 4.77
N LEU B 277 43.87 11.50 4.88
CA LEU B 277 44.58 12.23 3.82
C LEU B 277 44.78 11.49 2.51
N VAL B 278 45.07 10.18 2.56
CA VAL B 278 45.33 9.42 1.33
C VAL B 278 44.19 9.52 0.35
N THR B 279 42.97 9.36 0.83
CA THR B 279 41.86 9.20 -0.08
C THR B 279 41.76 10.40 -1.04
N TYR B 280 42.18 11.58 -0.59
CA TYR B 280 42.05 12.78 -1.42
C TYR B 280 43.11 12.81 -2.52
N ASP B 281 44.30 12.32 -2.21
CA ASP B 281 45.30 12.04 -3.23
C ASP B 281 44.69 11.09 -4.26
N ALA B 282 44.35 9.88 -3.82
CA ALA B 282 43.76 8.86 -4.67
C ALA B 282 42.74 9.43 -5.65
N LEU B 283 41.82 10.26 -5.13
CA LEU B 283 40.77 10.84 -5.96
C LEU B 283 41.31 11.94 -6.86
N ALA B 284 42.62 12.19 -6.76
CA ALA B 284 43.28 13.15 -7.63
C ALA B 284 44.04 12.42 -8.73
N SER B 285 44.85 11.42 -8.33
CA SER B 285 45.72 10.71 -9.25
C SER B 285 45.03 9.63 -10.09
N GLU B 286 44.11 8.89 -9.48
CA GLU B 286 43.56 7.70 -10.15
C GLU B 286 42.07 7.47 -9.92
N GLY B 287 41.32 8.52 -9.63
CA GLY B 287 39.90 8.37 -9.35
C GLY B 287 39.03 8.64 -10.56
N GLU B 288 39.38 9.70 -11.28
CA GLU B 288 38.60 10.19 -12.42
C GLU B 288 38.60 9.21 -13.60
N LYS B 289 39.69 8.47 -13.78
CA LYS B 289 39.79 7.53 -14.90
C LYS B 289 39.68 6.08 -14.42
N TYR B 290 39.22 5.90 -13.19
CA TYR B 290 38.86 4.58 -12.70
C TYR B 290 37.34 4.46 -12.52
N GLY B 291 36.62 5.47 -12.99
CA GLY B 291 35.16 5.44 -12.97
C GLY B 291 34.56 6.13 -11.76
N LEU B 292 34.94 7.39 -11.56
CA LEU B 292 34.34 8.20 -10.50
C LEU B 292 33.54 9.35 -11.13
N PRO B 293 32.21 9.36 -10.89
CA PRO B 293 31.29 10.37 -11.39
C PRO B 293 31.92 11.75 -11.59
N PRO B 294 31.47 12.48 -12.62
CA PRO B 294 32.02 13.80 -12.95
C PRO B 294 31.55 14.86 -11.96
N GLU B 295 30.56 14.50 -11.14
CA GLU B 295 29.99 15.41 -10.15
C GLU B 295 30.89 15.54 -8.94
N SER B 296 31.59 14.44 -8.61
CA SER B 296 32.52 14.41 -7.50
C SER B 296 33.85 15.04 -7.88
N ILE B 297 34.06 15.21 -9.19
CA ILE B 297 35.27 15.83 -9.70
C ILE B 297 35.37 17.27 -9.22
N ALA B 298 34.24 17.97 -9.20
CA ALA B 298 34.22 19.38 -8.83
C ALA B 298 34.53 19.59 -7.34
N LYS B 299 33.89 18.81 -6.50
CA LYS B 299 34.03 18.91 -5.04
C LYS B 299 35.41 18.64 -4.40
N ILE B 300 36.25 17.84 -5.05
CA ILE B 300 37.51 17.41 -4.44
C ILE B 300 38.46 18.57 -4.09
N ALA B 301 38.94 19.26 -5.11
CA ALA B 301 40.16 20.11 -5.05
C ALA B 301 40.40 20.96 -3.78
N ASP B 302 39.32 21.49 -3.24
CA ASP B 302 39.30 22.33 -2.04
C ASP B 302 39.87 21.64 -0.80
N VAL B 303 39.26 20.51 -0.42
CA VAL B 303 39.64 19.78 0.79
C VAL B 303 41.04 19.16 0.73
N HIS B 304 41.48 18.77 -0.46
CA HIS B 304 42.80 18.16 -0.65
C HIS B 304 43.92 19.07 -0.13
N GLY B 305 43.92 20.32 -0.57
CA GLY B 305 44.98 21.26 -0.23
C GLY B 305 45.06 21.65 1.22
N ALA B 306 43.95 21.47 1.95
CA ALA B 306 43.88 21.89 3.35
C ALA B 306 44.43 20.82 4.31
N GLY B 307 44.43 19.57 3.83
CA GLY B 307 44.70 18.39 4.65
C GLY B 307 45.88 18.48 5.57
N LEU B 308 47.06 18.66 4.99
CA LEU B 308 48.28 18.61 5.75
C LEU B 308 48.29 19.68 6.85
N HIS B 309 47.87 20.89 6.49
CA HIS B 309 47.83 21.98 7.45
C HIS B 309 46.79 21.74 8.55
N SER B 310 45.76 20.95 8.26
CA SER B 310 44.75 20.60 9.26
C SER B 310 45.34 19.78 10.41
N ILE B 311 46.32 18.94 10.10
CA ILE B 311 47.04 18.17 11.10
C ILE B 311 47.76 19.13 12.02
N GLU B 312 48.37 20.14 11.42
CA GLU B 312 49.11 21.13 12.20
C GLU B 312 48.15 21.89 13.12
N ILE B 313 47.04 22.32 12.55
CA ILE B 313 46.00 22.98 13.34
C ILE B 313 45.58 22.06 14.48
N MET B 314 45.18 20.84 14.15
CA MET B 314 44.76 19.88 15.17
C MET B 314 45.85 19.57 16.19
N LYS B 315 47.08 19.34 15.72
CA LYS B 315 48.19 19.06 16.63
C LYS B 315 48.36 20.20 17.62
N ARG B 316 48.44 21.42 17.11
CA ARG B 316 48.56 22.61 17.94
C ARG B 316 47.53 22.60 19.07
N ALA B 317 46.28 22.32 18.71
CA ALA B 317 45.18 22.34 19.69
C ALA B 317 45.19 21.18 20.68
N GLY B 318 46.04 20.19 20.45
CA GLY B 318 46.11 19.07 21.36
C GLY B 318 44.99 18.10 21.11
N VAL B 319 44.48 18.10 19.87
CA VAL B 319 43.40 17.18 19.47
C VAL B 319 43.93 15.74 19.34
N LYS B 320 43.25 14.80 20.00
CA LYS B 320 43.58 13.37 19.84
C LYS B 320 43.16 12.85 18.47
N MET B 321 44.14 12.48 17.65
CA MET B 321 43.91 12.04 16.28
C MET B 321 44.11 10.52 16.13
N GLY B 322 43.06 9.83 15.66
CA GLY B 322 43.20 8.45 15.24
C GLY B 322 43.70 8.35 13.81
N PHE B 323 44.02 7.14 13.37
CA PHE B 323 44.48 6.86 12.02
C PHE B 323 43.29 6.41 11.15
N GLY B 324 43.20 6.93 9.93
CA GLY B 324 42.16 6.52 8.98
C GLY B 324 42.60 6.68 7.54
N THR B 325 41.96 5.95 6.63
CA THR B 325 42.32 6.01 5.22
C THR B 325 41.14 6.34 4.28
N ASP B 326 40.00 5.70 4.51
CA ASP B 326 38.80 5.93 3.71
C ASP B 326 39.00 5.83 2.20
N LEU B 327 39.71 4.80 1.73
CA LEU B 327 39.98 4.67 0.29
C LEU B 327 38.91 3.85 -0.46
N LEU B 328 38.82 4.07 -1.78
CA LEU B 328 37.77 3.49 -2.59
C LEU B 328 38.29 2.71 -3.80
N GLY B 329 37.66 1.57 -4.10
CA GLY B 329 38.04 0.78 -5.27
C GLY B 329 39.52 0.47 -5.36
N GLU B 330 40.09 0.59 -6.56
CA GLU B 330 41.49 0.23 -6.76
C GLU B 330 42.45 1.00 -5.84
N ALA B 331 42.00 2.14 -5.32
CA ALA B 331 42.86 2.99 -4.49
C ALA B 331 43.10 2.37 -3.11
N GLN B 332 42.31 1.35 -2.76
CA GLN B 332 42.48 0.70 -1.48
C GLN B 332 43.92 0.21 -1.24
N ARG B 333 44.60 -0.26 -2.27
CA ARG B 333 45.96 -0.73 -2.09
C ARG B 333 46.89 0.36 -1.56
N LEU B 334 46.41 1.60 -1.59
CA LEU B 334 47.20 2.73 -1.11
C LEU B 334 47.11 2.93 0.41
N GLN B 335 46.40 2.05 1.10
CA GLN B 335 46.15 2.19 2.54
C GLN B 335 47.35 2.67 3.38
N SER B 336 48.49 2.02 3.22
CA SER B 336 49.64 2.33 4.04
C SER B 336 50.09 3.78 3.88
N ASP B 337 49.96 4.30 2.68
CA ASP B 337 50.54 5.61 2.35
C ASP B 337 50.19 6.69 3.36
N GLU B 338 49.06 6.53 4.04
CA GLU B 338 48.66 7.47 5.07
C GLU B 338 49.84 7.70 6.05
N PHE B 339 50.60 6.64 6.31
CA PHE B 339 51.73 6.73 7.24
C PHE B 339 52.75 7.77 6.82
N ARG B 340 53.02 7.77 5.52
CA ARG B 340 54.10 8.53 4.96
C ARG B 340 53.65 9.96 4.78
N ILE B 341 52.36 10.13 4.52
CA ILE B 341 51.81 11.45 4.38
C ILE B 341 51.67 12.11 5.74
N LEU B 342 51.27 11.33 6.74
CA LEU B 342 51.17 11.86 8.09
C LEU B 342 52.56 12.22 8.63
N ALA B 343 53.58 11.48 8.21
CA ALA B 343 54.94 11.76 8.64
C ALA B 343 55.54 13.04 8.06
N GLU B 344 54.92 13.62 7.04
CA GLU B 344 55.34 14.93 6.55
C GLU B 344 55.17 16.01 7.60
N VAL B 345 54.32 15.76 8.58
CA VAL B 345 53.99 16.76 9.58
C VAL B 345 54.26 16.29 11.00
N LEU B 346 54.10 14.99 11.25
CA LEU B 346 54.22 14.45 12.59
C LEU B 346 55.35 13.45 12.63
N SER B 347 55.92 13.24 13.80
CA SER B 347 56.99 12.30 13.97
C SER B 347 56.48 10.88 13.74
N PRO B 348 57.31 10.00 13.17
CA PRO B 348 56.88 8.61 13.01
C PRO B 348 56.33 8.01 14.29
N ALA B 349 56.95 8.32 15.43
CA ALA B 349 56.45 7.82 16.70
C ALA B 349 54.97 8.15 16.88
N GLU B 350 54.61 9.42 16.68
CA GLU B 350 53.24 9.87 16.84
C GLU B 350 52.33 9.17 15.84
N VAL B 351 52.82 9.04 14.61
CA VAL B 351 52.06 8.38 13.57
C VAL B 351 51.73 6.92 13.97
N ILE B 352 52.72 6.17 14.44
CA ILE B 352 52.46 4.79 14.87
C ILE B 352 51.51 4.77 16.05
N ALA B 353 51.62 5.77 16.92
CA ALA B 353 50.76 5.88 18.10
C ALA B 353 49.30 6.11 17.72
N SER B 354 49.07 6.90 16.68
CA SER B 354 47.73 7.18 16.20
CA SER B 354 47.72 7.16 16.22
C SER B 354 47.09 5.89 15.69
N ALA B 355 47.91 5.04 15.11
CA ALA B 355 47.43 3.80 14.51
C ALA B 355 47.46 2.64 15.51
N THR B 356 47.70 2.94 16.77
CA THR B 356 47.74 1.89 17.80
C THR B 356 47.00 2.30 19.08
N ILE B 357 47.69 3.00 19.97
CA ILE B 357 47.09 3.32 21.26
C ILE B 357 45.91 4.28 21.11
N VAL B 358 46.08 5.30 20.28
CA VAL B 358 45.03 6.29 20.16
C VAL B 358 43.75 5.68 19.55
N SER B 359 43.94 4.83 18.55
CA SER B 359 42.83 4.17 17.89
C SER B 359 42.17 3.10 18.79
N ALA B 360 42.99 2.40 19.57
CA ALA B 360 42.48 1.42 20.52
C ALA B 360 41.57 2.14 21.52
N GLU B 361 41.98 3.35 21.88
CA GLU B 361 41.22 4.19 22.80
C GLU B 361 39.86 4.53 22.21
N VAL B 362 39.85 4.97 20.96
CA VAL B 362 38.60 5.21 20.25
C VAL B 362 37.65 4.00 20.28
N LEU B 363 38.22 2.79 20.20
CA LEU B 363 37.43 1.56 20.21
C LEU B 363 37.00 1.09 21.59
N GLY B 364 37.44 1.81 22.63
CA GLY B 364 37.23 1.36 24.00
C GLY B 364 38.04 0.10 24.26
N MET B 365 39.18 0.00 23.59
CA MET B 365 40.01 -1.19 23.65
C MET B 365 41.40 -0.91 24.21
N GLN B 366 41.50 0.12 25.04
CA GLN B 366 42.75 0.40 25.74
C GLN B 366 43.26 -0.83 26.50
N ASP B 367 44.52 -1.18 26.26
CA ASP B 367 45.15 -2.38 26.87
C ASP B 367 44.59 -3.69 26.33
N LYS B 368 43.62 -3.60 25.42
CA LYS B 368 43.15 -4.78 24.71
C LYS B 368 43.79 -4.86 23.33
N LEU B 369 43.99 -3.69 22.72
CA LEU B 369 44.64 -3.58 21.42
C LEU B 369 45.60 -2.39 21.38
N GLY B 370 46.45 -2.37 20.36
CA GLY B 370 47.33 -1.24 20.11
C GLY B 370 48.59 -1.27 20.96
N ARG B 371 48.71 -2.30 21.78
CA ARG B 371 49.81 -2.40 22.74
C ARG B 371 50.07 -3.85 23.15
N ILE B 372 51.33 -4.26 23.10
CA ILE B 372 51.68 -5.60 23.52
C ILE B 372 51.94 -5.63 25.04
N VAL B 373 50.87 -5.82 25.80
CA VAL B 373 50.96 -5.97 27.24
C VAL B 373 50.15 -7.21 27.65
N PRO B 374 50.38 -7.73 28.86
CA PRO B 374 49.69 -8.94 29.31
C PRO B 374 48.18 -8.74 29.35
N GLY B 375 47.44 -9.63 28.70
CA GLY B 375 45.99 -9.54 28.70
C GLY B 375 45.40 -8.99 27.41
N ALA B 376 46.23 -8.36 26.59
CA ALA B 376 45.76 -7.79 25.33
C ALA B 376 45.63 -8.89 24.30
N HIS B 377 44.86 -8.64 23.24
CA HIS B 377 44.72 -9.60 22.16
C HIS B 377 46.06 -9.81 21.45
N ALA B 378 46.37 -11.06 21.13
CA ALA B 378 47.66 -11.35 20.49
C ALA B 378 47.68 -10.94 19.00
N ASP B 379 47.68 -9.64 18.77
CA ASP B 379 47.82 -9.10 17.43
C ASP B 379 49.21 -8.49 17.33
N VAL B 380 50.08 -9.13 16.56
CA VAL B 380 51.49 -8.77 16.55
C VAL B 380 52.03 -8.84 15.14
N LEU B 381 52.85 -7.86 14.77
CA LEU B 381 53.53 -7.90 13.49
C LEU B 381 55.03 -7.99 13.74
N VAL B 382 55.75 -8.50 12.76
CA VAL B 382 57.19 -8.44 12.80
C VAL B 382 57.60 -7.60 11.62
N VAL B 383 58.35 -6.53 11.89
CA VAL B 383 58.69 -5.58 10.85
C VAL B 383 60.19 -5.59 10.57
N ASP B 384 60.53 -5.79 9.30
CA ASP B 384 61.92 -5.74 8.89
C ASP B 384 62.33 -4.28 8.75
N GLY B 385 62.55 -3.62 9.88
CA GLY B 385 62.87 -2.20 9.89
C GLY B 385 62.52 -1.56 11.21
N ASN B 386 62.78 -0.27 11.33
CA ASN B 386 62.52 0.46 12.58
C ASN B 386 61.55 1.64 12.38
N PRO B 387 60.26 1.38 12.57
CA PRO B 387 59.20 2.34 12.29
C PRO B 387 59.33 3.63 13.08
N LEU B 388 60.15 3.61 14.14
CA LEU B 388 60.34 4.80 14.95
C LEU B 388 61.31 5.81 14.33
N LYS B 389 62.22 5.32 13.48
CA LYS B 389 63.12 6.23 12.78
C LYS B 389 62.54 6.63 11.44
N SER B 390 61.85 5.71 10.79
CA SER B 390 61.20 6.00 9.52
C SER B 390 60.01 5.08 9.27
N VAL B 391 58.95 5.67 8.76
CA VAL B 391 57.71 4.97 8.53
C VAL B 391 57.68 4.15 7.21
N ASP B 392 58.74 4.26 6.42
CA ASP B 392 58.81 3.66 5.10
C ASP B 392 58.67 2.15 5.05
N CYS B 393 59.18 1.44 6.05
CA CYS B 393 59.13 -0.02 6.02
C CYS B 393 57.72 -0.53 6.23
N LEU B 394 56.80 0.37 6.57
CA LEU B 394 55.40 0.00 6.71
C LEU B 394 54.66 0.15 5.39
N LEU B 395 55.35 0.70 4.41
CA LEU B 395 54.76 1.11 3.15
C LEU B 395 54.48 -0.05 2.18
N GLY B 396 53.56 0.19 1.26
CA GLY B 396 53.29 -0.77 0.20
C GLY B 396 52.35 -1.88 0.62
N GLN B 397 52.77 -3.11 0.33
CA GLN B 397 51.87 -4.24 0.39
C GLN B 397 52.39 -5.27 1.38
N GLY B 398 53.01 -4.81 2.47
CA GLY B 398 53.51 -5.71 3.50
C GLY B 398 54.85 -6.37 3.19
N GLU B 399 55.60 -5.80 2.24
CA GLU B 399 56.87 -6.39 1.83
C GLU B 399 57.85 -6.52 2.98
N HIS B 400 57.78 -5.60 3.94
CA HIS B 400 58.69 -5.57 5.08
C HIS B 400 58.06 -5.98 6.40
N ILE B 401 56.90 -6.62 6.31
CA ILE B 401 56.24 -7.19 7.48
C ILE B 401 56.12 -8.69 7.25
N PRO B 402 57.20 -9.43 7.56
CA PRO B 402 57.34 -10.88 7.35
C PRO B 402 56.32 -11.69 8.10
N LEU B 403 55.88 -11.19 9.25
CA LEU B 403 54.94 -11.90 10.09
C LEU B 403 53.75 -11.02 10.48
N VAL B 404 52.56 -11.62 10.42
CA VAL B 404 51.31 -11.00 10.85
C VAL B 404 50.50 -11.99 11.69
N MET B 405 50.26 -11.65 12.95
CA MET B 405 49.51 -12.47 13.88
C MET B 405 48.26 -11.71 14.32
N LYS B 406 47.12 -12.39 14.30
CA LYS B 406 45.86 -11.81 14.79
CA LYS B 406 45.86 -11.82 14.78
C LYS B 406 45.12 -12.87 15.59
N ASP B 407 44.68 -12.53 16.78
CA ASP B 407 44.02 -13.51 17.66
C ASP B 407 44.96 -14.66 18.04
N GLY B 408 46.27 -14.44 17.94
CA GLY B 408 47.21 -15.47 18.33
C GLY B 408 47.43 -16.54 17.27
N ARG B 409 46.88 -16.30 16.08
CA ARG B 409 47.09 -17.19 14.94
C ARG B 409 47.90 -16.46 13.90
N LEU B 410 48.86 -17.15 13.30
CA LEU B 410 49.68 -16.58 12.24
C LEU B 410 48.95 -16.56 10.91
N PHE B 411 48.70 -15.39 10.35
CA PHE B 411 48.08 -15.28 9.02
CA PHE B 411 48.09 -15.35 9.04
C PHE B 411 49.17 -15.20 7.96
N VAL B 412 50.31 -14.64 8.35
CA VAL B 412 51.44 -14.53 7.45
C VAL B 412 52.69 -14.82 8.26
N ASN B 413 53.64 -15.49 7.63
CA ASN B 413 54.88 -15.89 8.30
C ASN B 413 55.92 -16.38 7.30
N GLU B 414 56.76 -15.48 6.81
CA GLU B 414 57.85 -15.88 5.93
C GLU B 414 59.20 -15.77 6.59
N LEU B 415 59.34 -16.38 7.76
CA LEU B 415 60.61 -16.39 8.47
C LEU B 415 61.31 -17.74 8.34
N GLU B 416 60.57 -18.81 8.64
CA GLU B 416 61.09 -20.17 8.49
C GLU B 416 61.51 -20.42 7.05
N THR C 4 -5.49 30.38 -46.76
CA THR C 4 -5.11 31.19 -47.95
C THR C 4 -5.01 30.31 -49.20
N THR C 5 -4.46 30.87 -50.28
CA THR C 5 -4.43 30.18 -51.57
C THR C 5 -3.04 30.17 -52.21
N PHE C 6 -2.79 29.19 -53.07
CA PHE C 6 -1.48 29.01 -53.70
C PHE C 6 -1.58 28.37 -55.09
N LEU C 7 -0.64 28.71 -55.97
CA LEU C 7 -0.60 28.12 -57.31
C LEU C 7 0.80 27.77 -57.82
N PHE C 8 0.99 26.48 -58.12
CA PHE C 8 2.24 25.98 -58.65
C PHE C 8 2.13 25.75 -60.16
N ARG C 9 3.17 26.13 -60.89
CA ARG C 9 3.24 25.85 -62.31
CA ARG C 9 3.22 26.00 -62.34
C ARG C 9 4.66 25.94 -62.84
N ASN C 10 4.82 25.58 -64.11
CA ASN C 10 6.14 25.55 -64.73
C ASN C 10 7.09 24.57 -64.04
N GLY C 11 6.54 23.44 -63.57
CA GLY C 11 7.34 22.41 -62.91
C GLY C 11 6.85 21.00 -63.14
N ALA C 12 7.75 20.02 -63.03
CA ALA C 12 7.38 18.62 -63.21
C ALA C 12 6.66 18.03 -61.98
N LEU C 13 5.50 17.42 -62.22
CA LEU C 13 4.71 16.82 -61.13
C LEU C 13 5.05 15.35 -60.89
N LEU C 14 5.61 15.05 -59.72
CA LEU C 14 5.87 13.66 -59.35
C LEU C 14 4.65 13.02 -58.71
N ASP C 15 4.00 12.13 -59.46
CA ASP C 15 2.91 11.32 -58.91
C ASP C 15 3.46 9.92 -58.63
N PRO C 16 3.52 9.52 -57.35
CA PRO C 16 4.22 8.33 -56.90
C PRO C 16 3.84 7.03 -57.62
N ASP C 17 2.62 6.94 -58.15
CA ASP C 17 2.25 5.74 -58.89
C ASP C 17 2.30 5.90 -60.41
N HIS C 18 3.21 6.76 -60.88
CA HIS C 18 3.55 6.89 -62.29
C HIS C 18 5.05 7.02 -62.42
N PRO C 19 5.67 6.13 -63.22
CA PRO C 19 7.11 5.94 -63.27
C PRO C 19 7.86 7.11 -63.87
N ASP C 20 7.11 8.07 -64.41
CA ASP C 20 7.71 9.28 -64.96
C ASP C 20 6.92 10.53 -64.59
N LEU C 21 7.65 11.63 -64.42
CA LEU C 21 7.06 12.91 -64.05
C LEU C 21 5.92 13.34 -64.98
N LEU C 22 4.83 13.81 -64.39
CA LEU C 22 3.74 14.38 -65.17
C LEU C 22 4.07 15.82 -65.55
N GLN C 23 4.00 16.11 -66.84
CA GLN C 23 4.49 17.38 -67.37
C GLN C 23 3.35 18.29 -67.83
N GLY C 24 3.49 19.59 -67.59
CA GLY C 24 2.44 20.55 -67.94
C GLY C 24 1.20 20.38 -67.08
N PHE C 25 1.38 20.38 -65.77
CA PHE C 25 0.27 20.32 -64.83
C PHE C 25 0.28 21.56 -63.94
N GLU C 26 -0.84 21.82 -63.29
CA GLU C 26 -0.92 22.96 -62.37
C GLU C 26 -1.69 22.60 -61.10
N ILE C 27 -1.16 23.00 -59.96
CA ILE C 27 -1.77 22.65 -58.68
C ILE C 27 -2.28 23.85 -57.91
N LEU C 28 -3.52 23.77 -57.48
CA LEU C 28 -4.13 24.86 -56.73
C LEU C 28 -4.41 24.45 -55.29
N ILE C 29 -3.87 25.20 -54.34
CA ILE C 29 -4.02 24.90 -52.94
C ILE C 29 -4.94 25.89 -52.27
N GLU C 30 -5.92 25.39 -51.54
CA GLU C 30 -6.79 26.27 -50.82
C GLU C 30 -7.14 25.68 -49.45
N ASP C 31 -6.93 26.46 -48.40
CA ASP C 31 -7.26 26.03 -47.04
C ASP C 31 -6.63 24.72 -46.56
N GLY C 32 -5.34 24.54 -46.82
CA GLY C 32 -4.62 23.35 -46.41
C GLY C 32 -5.06 22.07 -47.11
N PHE C 33 -5.62 22.22 -48.31
CA PHE C 33 -6.01 21.08 -49.13
C PHE C 33 -5.71 21.31 -50.60
N ILE C 34 -5.37 20.24 -51.30
CA ILE C 34 -5.23 20.31 -52.75
C ILE C 34 -6.63 20.47 -53.33
N ARG C 35 -6.81 21.48 -54.18
CA ARG C 35 -8.13 21.81 -54.70
C ARG C 35 -8.35 21.29 -56.12
N GLU C 36 -7.43 21.61 -57.02
CA GLU C 36 -7.48 21.15 -58.40
C GLU C 36 -6.09 20.77 -58.87
N VAL C 37 -6.04 19.75 -59.72
CA VAL C 37 -4.82 19.38 -60.42
C VAL C 37 -5.23 19.05 -61.84
N SER C 38 -4.78 19.86 -62.80
CA SER C 38 -5.17 19.66 -64.19
C SER C 38 -4.04 19.94 -65.16
N ASP C 39 -4.09 19.27 -66.30
CA ASP C 39 -3.16 19.52 -67.40
C ASP C 39 -3.50 20.85 -68.07
N LYS C 40 -4.65 21.40 -67.69
CA LYS C 40 -5.09 22.70 -68.20
C LYS C 40 -4.91 23.77 -67.14
N PRO C 41 -4.26 24.87 -67.50
CA PRO C 41 -4.09 26.02 -66.61
C PRO C 41 -5.34 26.30 -65.76
N ILE C 42 -5.13 26.87 -64.56
CA ILE C 42 -6.21 27.08 -63.60
C ILE C 42 -6.61 28.55 -63.44
N LYS C 43 -7.83 28.77 -62.99
CA LYS C 43 -8.36 30.10 -62.82
C LYS C 43 -7.94 30.65 -61.47
N SER C 44 -6.88 31.43 -61.45
CA SER C 44 -6.33 31.96 -60.22
C SER C 44 -6.77 33.40 -59.98
N SER C 45 -7.71 33.59 -59.07
CA SER C 45 -8.13 34.94 -58.75
C SER C 45 -7.41 35.43 -57.50
N ASN C 46 -7.42 34.62 -56.46
CA ASN C 46 -6.76 34.99 -55.21
C ASN C 46 -5.73 33.95 -54.79
N ALA C 47 -4.86 33.56 -55.72
CA ALA C 47 -3.78 32.65 -55.37
C ALA C 47 -2.35 33.11 -55.61
N HIS C 48 -1.52 32.99 -54.57
CA HIS C 48 -0.12 33.35 -54.67
C HIS C 48 0.51 32.37 -55.66
N VAL C 49 1.30 32.88 -56.59
CA VAL C 49 1.87 32.03 -57.63
C VAL C 49 3.32 31.65 -57.39
N ILE C 50 3.62 30.39 -57.66
CA ILE C 50 4.98 29.88 -57.51
C ILE C 50 5.47 29.28 -58.83
N ASP C 51 6.54 29.84 -59.36
CA ASP C 51 7.15 29.31 -60.56
C ASP C 51 8.28 28.35 -60.16
N VAL C 52 8.01 27.06 -60.29
CA VAL C 52 9.01 26.05 -59.96
C VAL C 52 10.15 26.13 -60.95
N LYS C 53 9.88 26.72 -62.11
CA LYS C 53 10.89 26.84 -63.14
C LYS C 53 11.46 25.45 -63.45
N GLY C 54 10.58 24.53 -63.80
CA GLY C 54 10.97 23.20 -64.25
C GLY C 54 11.57 22.30 -63.19
N LYS C 55 11.35 22.62 -61.93
CA LYS C 55 11.81 21.77 -60.83
C LYS C 55 10.68 20.82 -60.44
N THR C 56 10.96 19.89 -59.53
CA THR C 56 9.95 18.88 -59.21
C THR C 56 9.04 19.23 -58.03
N ILE C 57 7.74 19.07 -58.26
CA ILE C 57 6.75 19.15 -57.22
C ILE C 57 6.45 17.70 -56.83
N MET C 58 6.59 17.38 -55.54
CA MET C 58 6.19 16.07 -55.05
C MET C 58 5.36 16.16 -53.78
N PRO C 59 4.70 15.05 -53.41
CA PRO C 59 4.05 14.93 -52.12
C PRO C 59 5.05 15.02 -50.98
N GLY C 60 4.63 15.58 -49.85
CA GLY C 60 5.44 15.52 -48.63
C GLY C 60 5.78 14.07 -48.27
N LEU C 61 6.98 13.88 -47.74
CA LEU C 61 7.48 12.56 -47.38
C LEU C 61 6.95 12.04 -46.04
N ILE C 62 6.96 10.71 -45.87
CA ILE C 62 6.40 10.08 -44.67
C ILE C 62 7.39 9.13 -44.03
N ASP C 63 7.69 9.32 -42.75
CA ASP C 63 8.53 8.36 -42.03
C ASP C 63 7.74 7.54 -40.99
N LEU C 64 7.57 6.25 -41.28
CA LEU C 64 6.74 5.40 -40.46
C LEU C 64 7.35 4.96 -39.14
N HIS C 65 8.63 5.23 -38.95
CA HIS C 65 9.28 4.82 -37.71
C HIS C 65 10.25 5.84 -37.16
N VAL C 66 9.77 6.71 -36.29
CA VAL C 66 10.63 7.70 -35.65
C VAL C 66 10.41 7.73 -34.14
N HIS C 67 11.36 8.29 -33.43
CA HIS C 67 11.28 8.49 -31.98
C HIS C 67 11.73 9.90 -31.67
N VAL C 68 10.80 10.84 -31.59
CA VAL C 68 11.19 12.24 -31.38
C VAL C 68 11.81 12.51 -30.00
N VAL C 69 11.58 11.61 -29.05
CA VAL C 69 12.14 11.80 -27.71
C VAL C 69 13.40 10.97 -27.47
N ALA C 70 13.87 10.28 -28.50
CA ALA C 70 15.11 9.54 -28.42
C ALA C 70 16.22 10.53 -28.61
N ILE C 71 16.53 11.27 -27.54
CA ILE C 71 17.46 12.39 -27.63
C ILE C 71 18.89 11.97 -27.37
N GLU C 72 19.09 10.72 -26.97
CA GLU C 72 20.42 10.19 -26.71
C GLU C 72 20.46 8.69 -27.02
N PHE C 73 21.66 8.15 -27.22
CA PHE C 73 21.80 6.74 -27.57
C PHE C 73 21.42 5.84 -26.40
N ASN C 74 21.68 6.30 -25.19
CA ASN C 74 21.30 5.58 -23.98
C ASN C 74 19.83 5.82 -23.62
N LEU C 75 18.95 4.91 -24.06
CA LEU C 75 17.52 5.11 -23.89
C LEU C 75 17.06 4.97 -22.44
N PRO C 76 17.55 3.93 -21.74
CA PRO C 76 17.12 3.85 -20.36
C PRO C 76 17.46 5.15 -19.59
N ARG C 77 18.58 5.77 -19.95
CA ARG C 77 18.99 7.03 -19.33
C ARG C 77 18.06 8.19 -19.65
N VAL C 78 17.52 8.21 -20.87
CA VAL C 78 16.65 9.31 -21.30
C VAL C 78 15.38 9.37 -20.44
N ALA C 79 14.89 8.19 -20.05
CA ALA C 79 13.74 8.08 -19.18
C ALA C 79 13.97 8.68 -17.79
N THR C 80 15.22 8.90 -17.40
CA THR C 80 15.52 9.44 -16.08
C THR C 80 15.76 10.95 -16.11
N LEU C 81 15.89 11.47 -17.34
CA LEU C 81 16.06 12.91 -17.54
C LEU C 81 14.79 13.71 -17.25
N PRO C 82 14.95 14.89 -16.65
CA PRO C 82 13.85 15.81 -16.40
C PRO C 82 12.95 15.98 -17.62
N ASN C 83 11.64 16.02 -17.37
CA ASN C 83 10.65 16.15 -18.43
C ASN C 83 10.84 17.46 -19.19
N VAL C 84 11.26 18.50 -18.48
CA VAL C 84 11.50 19.79 -19.12
C VAL C 84 12.58 19.65 -20.19
N LEU C 85 13.63 18.92 -19.87
CA LEU C 85 14.77 18.79 -20.78
C LEU C 85 14.43 17.93 -21.98
N VAL C 86 13.78 16.79 -21.75
CA VAL C 86 13.47 15.89 -22.84
C VAL C 86 12.57 16.60 -23.84
N THR C 87 11.57 17.30 -23.32
CA THR C 87 10.68 18.10 -24.16
C THR C 87 11.43 19.11 -25.03
N LEU C 88 12.28 19.92 -24.40
CA LEU C 88 13.01 20.97 -25.11
C LEU C 88 13.99 20.44 -26.18
N ARG C 89 14.59 19.29 -25.91
CA ARG C 89 15.56 18.74 -26.85
C ARG C 89 14.91 18.03 -28.04
N ALA C 90 13.63 17.76 -27.93
CA ALA C 90 12.84 17.18 -29.02
C ALA C 90 12.41 18.24 -30.04
N VAL C 91 12.46 19.51 -29.66
CA VAL C 91 12.01 20.60 -30.53
C VAL C 91 12.88 20.75 -31.78
N PRO C 92 14.19 20.99 -31.60
CA PRO C 92 15.12 21.05 -32.71
C PRO C 92 14.96 19.81 -33.58
N ILE C 93 14.78 18.66 -32.94
CA ILE C 93 14.64 17.41 -33.65
C ILE C 93 13.45 17.44 -34.61
N MET C 94 12.26 17.64 -34.06
CA MET C 94 11.05 17.64 -34.89
C MET C 94 11.22 18.58 -36.08
N ARG C 95 11.96 19.65 -35.87
CA ARG C 95 12.05 20.73 -36.82
C ARG C 95 12.96 20.34 -38.00
N ALA C 96 14.08 19.71 -37.67
CA ALA C 96 14.98 19.17 -38.68
C ALA C 96 14.29 18.13 -39.56
N MET C 97 13.39 17.34 -38.97
CA MET C 97 12.65 16.35 -39.73
C MET C 97 11.82 17.05 -40.81
N LEU C 98 11.16 18.14 -40.43
CA LEU C 98 10.31 18.84 -41.37
C LEU C 98 11.12 19.44 -42.53
N ARG C 99 12.28 20.01 -42.21
CA ARG C 99 13.17 20.56 -43.20
C ARG C 99 13.52 19.50 -44.25
N ARG C 100 13.86 18.30 -43.79
CA ARG C 100 14.28 17.23 -44.70
C ARG C 100 13.15 16.69 -45.60
N GLY C 101 12.00 17.33 -45.58
CA GLY C 101 10.90 16.95 -46.46
C GLY C 101 9.79 16.11 -45.84
N PHE C 102 9.97 15.75 -44.56
CA PHE C 102 9.01 14.89 -43.85
C PHE C 102 7.86 15.65 -43.23
N THR C 103 6.73 15.65 -43.92
CA THR C 103 5.58 16.43 -43.50
C THR C 103 4.71 15.62 -42.55
N THR C 104 4.74 14.30 -42.69
CA THR C 104 4.10 13.40 -41.74
C THR C 104 5.10 12.37 -41.21
N VAL C 105 5.00 12.07 -39.92
CA VAL C 105 5.77 10.95 -39.35
C VAL C 105 4.92 10.10 -38.41
N ARG C 106 5.21 8.80 -38.36
CA ARG C 106 4.69 7.96 -37.29
C ARG C 106 5.72 7.80 -36.17
N ASP C 107 5.36 8.20 -34.96
CA ASP C 107 6.24 7.93 -33.84
C ASP C 107 5.99 6.51 -33.34
N ALA C 108 7.06 5.76 -33.14
CA ALA C 108 6.95 4.33 -32.87
C ALA C 108 7.07 4.00 -31.41
N GLY C 109 7.07 5.05 -30.58
CA GLY C 109 7.22 4.88 -29.15
C GLY C 109 7.82 6.11 -28.51
N GLY C 110 7.17 6.61 -27.47
CA GLY C 110 7.62 7.82 -26.80
C GLY C 110 6.57 8.90 -26.92
N ALA C 111 6.81 9.84 -27.83
CA ALA C 111 5.90 10.98 -28.01
C ALA C 111 4.44 10.55 -27.95
N GLY C 112 3.69 11.26 -27.13
CA GLY C 112 2.26 11.02 -26.98
C GLY C 112 1.45 12.15 -27.58
N TYR C 113 0.17 12.16 -27.27
CA TYR C 113 -0.78 13.11 -27.81
C TYR C 113 -0.33 14.57 -27.64
N PRO C 114 0.22 14.92 -26.46
CA PRO C 114 0.68 16.27 -26.15
C PRO C 114 1.56 16.88 -27.23
N PHE C 115 2.51 16.09 -27.74
CA PHE C 115 3.36 16.52 -28.87
C PHE C 115 2.54 16.73 -30.13
N LYS C 116 1.61 15.82 -30.36
CA LYS C 116 0.74 15.88 -31.50
C LYS C 116 -0.02 17.20 -31.48
N GLN C 117 -0.68 17.51 -30.36
CA GLN C 117 -1.42 18.76 -30.25
C GLN C 117 -0.50 20.00 -30.20
N ALA C 118 0.72 19.86 -29.67
CA ALA C 118 1.65 20.99 -29.67
C ALA C 118 1.97 21.41 -31.09
N VAL C 119 2.06 20.41 -31.96
CA VAL C 119 2.38 20.62 -33.37
C VAL C 119 1.16 21.14 -34.10
N GLU C 120 0.03 20.48 -33.90
CA GLU C 120 -1.21 20.86 -34.56
C GLU C 120 -1.62 22.28 -34.24
N SER C 121 -1.29 22.73 -33.03
CA SER C 121 -1.71 24.05 -32.57
C SER C 121 -0.76 25.14 -33.07
N GLY C 122 0.44 24.75 -33.49
CA GLY C 122 1.42 25.71 -33.98
C GLY C 122 2.43 26.08 -32.91
N LEU C 123 2.22 25.58 -31.70
CA LEU C 123 3.15 25.83 -30.60
C LEU C 123 4.57 25.65 -31.08
N VAL C 124 4.81 24.53 -31.74
CA VAL C 124 6.10 24.18 -32.29
C VAL C 124 5.93 23.68 -33.71
N GLU C 125 7.02 23.63 -34.46
CA GLU C 125 6.91 23.22 -35.84
C GLU C 125 7.49 21.83 -36.07
N GLY C 126 6.83 21.06 -36.91
CA GLY C 126 7.30 19.73 -37.21
C GLY C 126 6.37 19.00 -38.14
N PRO C 127 6.63 17.70 -38.36
CA PRO C 127 5.75 16.93 -39.20
C PRO C 127 4.47 16.70 -38.44
N ARG C 128 3.39 16.41 -39.16
CA ARG C 128 2.18 15.93 -38.53
C ARG C 128 2.57 14.61 -37.87
N LEU C 129 2.06 14.38 -36.66
CA LEU C 129 2.47 13.23 -35.86
C LEU C 129 1.38 12.18 -35.75
N PHE C 130 1.76 10.92 -35.98
CA PHE C 130 0.90 9.80 -35.66
C PHE C 130 1.55 9.08 -34.51
N VAL C 131 0.94 9.16 -33.33
CA VAL C 131 1.63 8.78 -32.10
C VAL C 131 1.19 7.43 -31.50
N SER C 132 2.16 6.64 -31.03
CA SER C 132 1.89 5.33 -30.43
C SER C 132 1.68 5.43 -28.92
N GLY C 133 2.20 6.50 -28.32
CA GLY C 133 2.28 6.59 -26.88
C GLY C 133 3.49 5.78 -26.43
N ARG C 134 3.35 5.01 -25.35
CA ARG C 134 4.46 4.18 -24.92
C ARG C 134 4.28 2.80 -25.52
N ALA C 135 5.38 2.25 -26.01
CA ALA C 135 5.39 0.92 -26.56
C ALA C 135 5.13 -0.05 -25.42
N LEU C 136 4.36 -1.10 -25.69
CA LEU C 136 4.13 -2.14 -24.69
C LEU C 136 5.22 -3.18 -24.78
N SER C 137 5.78 -3.55 -23.63
CA SER C 137 6.75 -4.65 -23.57
C SER C 137 6.52 -5.52 -22.33
N GLN C 138 6.76 -6.82 -22.46
CA GLN C 138 6.70 -7.73 -21.33
C GLN C 138 7.90 -7.47 -20.44
N THR C 139 7.90 -8.05 -19.23
CA THR C 139 9.02 -7.86 -18.31
C THR C 139 10.28 -8.47 -18.90
N GLY C 140 11.35 -7.70 -18.93
CA GLY C 140 12.60 -8.15 -19.51
C GLY C 140 12.64 -8.05 -21.03
N GLY C 141 11.64 -7.40 -21.60
CA GLY C 141 11.56 -7.26 -23.05
C GLY C 141 12.34 -6.05 -23.56
N HIS C 142 12.31 -5.86 -24.87
CA HIS C 142 13.10 -4.81 -25.51
C HIS C 142 12.87 -3.43 -24.89
N ALA C 143 11.63 -3.14 -24.48
CA ALA C 143 11.30 -1.82 -23.92
C ALA C 143 11.29 -1.79 -22.39
N ASP C 144 11.99 -2.74 -21.77
CA ASP C 144 12.18 -2.77 -20.34
C ASP C 144 13.54 -2.19 -19.93
N PRO C 145 13.54 -0.98 -19.35
CA PRO C 145 14.77 -0.20 -19.14
C PRO C 145 15.65 -0.72 -18.00
N ARG C 146 15.09 -1.62 -17.21
CA ARG C 146 15.79 -2.14 -16.04
C ARG C 146 17.05 -2.93 -16.37
N ALA C 147 18.13 -2.60 -15.66
CA ALA C 147 19.41 -3.28 -15.78
C ALA C 147 19.33 -4.65 -15.11
N ARG C 148 20.33 -5.49 -15.33
CA ARG C 148 20.36 -6.82 -14.76
C ARG C 148 21.14 -6.88 -13.46
N SER C 149 20.48 -7.36 -12.43
CA SER C 149 21.03 -7.51 -11.10
C SER C 149 20.28 -8.62 -10.40
N ASP C 150 20.32 -8.62 -9.07
CA ASP C 150 19.63 -9.63 -8.29
C ASP C 150 18.28 -9.18 -7.72
N TYR C 151 17.79 -8.03 -8.17
CA TYR C 151 16.50 -7.55 -7.72
C TYR C 151 15.82 -6.86 -8.88
N MET C 152 14.50 -6.74 -8.83
CA MET C 152 13.75 -6.03 -9.86
C MET C 152 13.17 -4.75 -9.27
N PRO C 153 13.81 -3.60 -9.54
CA PRO C 153 13.11 -2.36 -9.20
C PRO C 153 11.83 -2.28 -10.01
N PRO C 154 10.82 -1.56 -9.51
CA PRO C 154 9.60 -1.37 -10.30
C PRO C 154 9.87 -0.70 -11.65
N ASP C 155 9.11 -1.10 -12.66
CA ASP C 155 9.27 -0.58 -14.03
C ASP C 155 9.64 0.90 -14.04
N SER C 156 8.93 1.68 -13.23
CA SER C 156 9.15 3.12 -13.15
C SER C 156 8.82 3.65 -11.76
N PRO C 157 9.25 4.89 -11.46
CA PRO C 157 9.02 5.55 -10.18
C PRO C 157 7.56 5.49 -9.74
N CYS C 158 6.70 6.21 -10.45
CA CYS C 158 5.26 6.21 -10.18
C CYS C 158 4.49 5.84 -11.43
N GLY C 159 4.01 4.59 -11.47
CA GLY C 159 3.33 4.06 -12.64
C GLY C 159 2.15 4.91 -13.09
N CYS C 160 1.80 5.91 -12.30
CA CYS C 160 0.66 6.75 -12.61
C CYS C 160 1.00 7.89 -13.59
N CYS C 161 2.13 8.56 -13.33
CA CYS C 161 2.58 9.66 -14.18
C CYS C 161 3.60 9.22 -15.23
N VAL C 162 3.25 9.45 -16.50
CA VAL C 162 4.13 9.18 -17.62
C VAL C 162 5.38 10.08 -17.64
N ARG C 163 6.55 9.48 -17.84
CA ARG C 163 7.79 10.24 -18.03
C ARG C 163 7.94 10.60 -19.49
N VAL C 164 8.18 11.87 -19.77
CA VAL C 164 8.31 12.29 -21.14
C VAL C 164 9.35 11.47 -21.89
N GLY C 165 10.44 11.12 -21.22
CA GLY C 165 11.55 10.42 -21.86
C GLY C 165 11.34 8.92 -22.03
N ALA C 166 10.25 8.40 -21.48
CA ALA C 166 9.97 6.97 -21.55
C ALA C 166 9.54 6.56 -22.95
N LEU C 167 10.24 5.61 -23.55
CA LEU C 167 9.86 5.12 -24.88
C LEU C 167 8.83 4.00 -24.77
N GLY C 168 8.82 3.33 -23.62
CA GLY C 168 7.88 2.23 -23.41
C GLY C 168 7.35 2.06 -22.00
N ARG C 169 6.71 0.93 -21.77
CA ARG C 169 6.15 0.62 -20.48
C ARG C 169 5.97 -0.89 -20.42
N VAL C 170 6.09 -1.45 -19.23
CA VAL C 170 6.02 -2.88 -19.03
C VAL C 170 4.62 -3.29 -18.62
N ALA C 171 4.10 -4.30 -19.30
CA ALA C 171 2.80 -4.87 -18.99
C ALA C 171 2.87 -6.38 -19.24
N ASP C 172 2.42 -7.18 -18.27
CA ASP C 172 2.44 -8.64 -18.41
C ASP C 172 1.07 -9.23 -18.15
N GLY C 173 0.66 -10.20 -18.97
CA GLY C 173 -0.64 -10.84 -18.77
C GLY C 173 -1.76 -10.12 -19.50
N VAL C 174 -2.83 -10.86 -19.80
CA VAL C 174 -3.90 -10.33 -20.64
C VAL C 174 -4.54 -9.09 -20.02
N ASP C 175 -4.94 -9.19 -18.75
CA ASP C 175 -5.57 -8.05 -18.10
C ASP C 175 -4.65 -6.83 -18.16
N GLU C 176 -3.42 -7.02 -17.69
CA GLU C 176 -2.47 -5.94 -17.61
C GLU C 176 -2.27 -5.28 -18.99
N VAL C 177 -2.08 -6.08 -20.03
CA VAL C 177 -1.89 -5.51 -21.37
C VAL C 177 -3.15 -4.87 -21.95
N ARG C 178 -4.32 -5.44 -21.65
CA ARG C 178 -5.58 -4.83 -22.08
C ARG C 178 -5.83 -3.47 -21.43
N ARG C 179 -5.40 -3.32 -20.18
CA ARG C 179 -5.53 -2.05 -19.47
C ARG C 179 -4.56 -1.00 -20.05
N ALA C 180 -3.30 -1.38 -20.16
CA ALA C 180 -2.27 -0.52 -20.74
C ALA C 180 -2.70 0.00 -22.10
N VAL C 181 -3.17 -0.88 -22.98
CA VAL C 181 -3.63 -0.41 -24.28
C VAL C 181 -4.77 0.58 -24.08
N ARG C 182 -5.76 0.20 -23.27
CA ARG C 182 -6.86 1.11 -23.01
C ARG C 182 -6.42 2.49 -22.47
N GLU C 183 -5.34 2.53 -21.69
CA GLU C 183 -4.84 3.81 -21.19
C GLU C 183 -4.16 4.64 -22.29
N GLU C 184 -3.29 4.02 -23.07
CA GLU C 184 -2.59 4.72 -24.12
C GLU C 184 -3.59 5.35 -25.06
N LEU C 185 -4.64 4.59 -25.37
CA LEU C 185 -5.67 5.04 -26.29
C LEU C 185 -6.48 6.15 -25.64
N GLN C 186 -6.90 5.90 -24.40
CA GLN C 186 -7.54 6.93 -23.62
C GLN C 186 -6.71 8.21 -23.71
N MET C 187 -5.40 8.07 -23.56
CA MET C 187 -4.53 9.22 -23.52
C MET C 187 -4.29 9.89 -24.88
N GLY C 188 -4.81 9.31 -25.96
CA GLY C 188 -4.70 9.94 -27.27
C GLY C 188 -3.84 9.29 -28.35
N ALA C 189 -3.40 8.06 -28.12
CA ALA C 189 -2.58 7.34 -29.10
C ALA C 189 -3.34 7.08 -30.40
N ASP C 190 -2.63 7.16 -31.52
CA ASP C 190 -3.22 6.89 -32.83
C ASP C 190 -3.14 5.42 -33.19
N GLN C 191 -2.16 4.74 -32.64
CA GLN C 191 -1.98 3.32 -32.91
C GLN C 191 -1.20 2.71 -31.75
N ILE C 192 -1.10 1.38 -31.73
CA ILE C 192 -0.41 0.70 -30.63
C ILE C 192 0.90 0.04 -31.07
N ILE C 194 4.02 -2.58 -30.01
CA ILE C 194 4.49 -3.58 -29.08
C ILE C 194 5.87 -4.11 -29.48
N MET C 195 6.58 -4.65 -28.50
CA MET C 195 7.82 -5.38 -28.76
C MET C 195 7.50 -6.87 -28.84
N ALA C 196 7.71 -7.46 -30.01
CA ALA C 196 7.38 -8.87 -30.24
C ALA C 196 8.66 -9.72 -30.33
N SER C 197 9.78 -9.12 -30.00
CA SER C 197 11.03 -9.84 -29.91
C SER C 197 12.02 -9.01 -29.09
N GLY C 198 13.21 -9.57 -28.86
CA GLY C 198 14.26 -8.83 -28.21
C GLY C 198 14.78 -7.72 -29.12
N GLY C 199 15.62 -6.85 -28.59
CA GLY C 199 16.12 -5.72 -29.38
C GLY C 199 17.61 -5.47 -29.24
N VAL C 200 18.07 -4.39 -29.85
CA VAL C 200 19.49 -4.03 -29.83
C VAL C 200 19.77 -3.06 -28.69
N ALA C 201 18.99 -1.99 -28.63
CA ALA C 201 19.22 -0.88 -27.69
C ALA C 201 18.66 -1.11 -26.27
N SER C 202 18.28 -2.36 -25.97
CA SER C 202 17.86 -2.72 -24.62
C SER C 202 18.99 -3.44 -23.87
N PRO C 203 18.95 -3.42 -22.52
CA PRO C 203 20.03 -3.97 -21.70
C PRO C 203 20.14 -5.50 -21.71
N THR C 204 19.03 -6.20 -21.48
CA THR C 204 19.13 -7.62 -21.12
C THR C 204 18.50 -8.65 -22.08
N ASP C 205 17.81 -8.19 -23.12
CA ASP C 205 17.09 -9.12 -24.01
C ASP C 205 17.85 -9.45 -25.30
N PRO C 206 18.02 -10.76 -25.57
CA PRO C 206 18.56 -11.24 -26.85
C PRO C 206 17.66 -10.88 -28.03
N VAL C 207 18.24 -10.81 -29.22
CA VAL C 207 17.53 -10.44 -30.43
C VAL C 207 16.52 -11.49 -30.89
N GLY C 208 16.84 -12.77 -30.67
CA GLY C 208 15.98 -13.87 -31.11
C GLY C 208 14.81 -14.18 -30.20
N VAL C 209 14.83 -13.62 -28.99
CA VAL C 209 13.83 -13.95 -27.98
C VAL C 209 12.44 -13.38 -28.31
N PHE C 210 11.39 -14.17 -28.10
CA PHE C 210 10.01 -13.73 -28.36
C PHE C 210 9.56 -12.61 -27.44
N GLY C 211 8.70 -11.74 -27.94
CA GLY C 211 7.96 -10.83 -27.07
C GLY C 211 6.50 -11.24 -26.97
N TYR C 212 6.07 -11.62 -25.77
CA TYR C 212 4.65 -11.88 -25.49
C TYR C 212 4.13 -13.22 -25.95
N SER C 213 3.22 -13.79 -25.16
CA SER C 213 2.49 -14.97 -25.59
C SER C 213 1.51 -14.54 -26.69
N GLU C 214 0.90 -15.51 -27.36
CA GLU C 214 -0.06 -15.19 -28.41
C GLU C 214 -1.33 -14.62 -27.77
N ASP C 215 -1.68 -15.17 -26.63
CA ASP C 215 -2.79 -14.66 -25.86
C ASP C 215 -2.66 -13.15 -25.69
N GLU C 216 -1.48 -12.71 -25.30
CA GLU C 216 -1.25 -11.29 -25.05
C GLU C 216 -1.31 -10.49 -26.34
N ILE C 217 -0.82 -11.07 -27.43
CA ILE C 217 -0.81 -10.30 -28.67
C ILE C 217 -2.20 -10.17 -29.27
N ARG C 218 -3.01 -11.21 -29.16
CA ARG C 218 -4.36 -11.18 -29.70
CA ARG C 218 -4.37 -11.18 -29.69
C ARG C 218 -5.26 -10.27 -28.89
N ALA C 219 -4.98 -10.19 -27.59
CA ALA C 219 -5.71 -9.32 -26.69
C ALA C 219 -5.42 -7.87 -27.05
N ILE C 220 -4.13 -7.57 -27.21
CA ILE C 220 -3.67 -6.25 -27.62
C ILE C 220 -4.26 -5.85 -28.98
N VAL C 221 -4.12 -6.71 -29.98
CA VAL C 221 -4.69 -6.46 -31.31
C VAL C 221 -6.21 -6.16 -31.27
N ALA C 222 -6.97 -7.03 -30.61
CA ALA C 222 -8.41 -6.79 -30.45
C ALA C 222 -8.77 -5.43 -29.82
N GLU C 223 -7.94 -4.91 -28.92
CA GLU C 223 -8.22 -3.60 -28.35
C GLU C 223 -8.02 -2.56 -29.42
N ALA C 224 -6.84 -2.57 -30.01
CA ALA C 224 -6.52 -1.58 -31.03
C ALA C 224 -7.65 -1.53 -32.07
N GLN C 225 -8.01 -2.69 -32.60
CA GLN C 225 -9.04 -2.78 -33.63
C GLN C 225 -10.40 -2.27 -33.14
N GLY C 226 -10.82 -2.75 -31.98
CA GLY C 226 -12.04 -2.27 -31.33
C GLY C 226 -12.18 -0.76 -31.35
N ARG C 227 -11.06 -0.05 -31.37
CA ARG C 227 -11.08 1.40 -31.41
C ARG C 227 -10.73 1.89 -32.80
N GLY C 228 -10.90 1.03 -33.79
CA GLY C 228 -10.65 1.38 -35.17
C GLY C 228 -9.21 1.61 -35.54
N THR C 229 -8.29 1.06 -34.76
CA THR C 229 -6.88 1.22 -35.05
C THR C 229 -6.14 -0.10 -35.23
N TYR C 230 -4.82 -0.06 -35.12
CA TYR C 230 -4.01 -1.25 -35.35
C TYR C 230 -2.74 -1.27 -34.52
N VAL C 231 -2.07 -2.41 -34.57
CA VAL C 231 -0.84 -2.64 -33.86
C VAL C 231 0.40 -2.71 -34.73
N LEU C 232 1.47 -2.03 -34.36
CA LEU C 232 2.76 -2.27 -35.00
C LEU C 232 3.63 -3.05 -34.02
N ALA C 233 4.51 -3.89 -34.57
CA ALA C 233 5.29 -4.81 -33.75
C ALA C 233 6.75 -4.82 -34.15
N HIS C 234 7.61 -4.42 -33.23
CA HIS C 234 9.04 -4.63 -33.36
C HIS C 234 9.34 -6.14 -33.37
N ALA C 235 9.84 -6.66 -34.49
CA ALA C 235 10.29 -8.07 -34.56
C ALA C 235 11.36 -8.31 -35.65
N TYR C 236 12.38 -9.13 -35.34
CA TYR C 236 13.50 -9.41 -36.26
C TYR C 236 13.46 -10.76 -37.00
N THR C 237 13.18 -11.84 -36.27
CA THR C 237 13.30 -13.19 -36.80
C THR C 237 12.01 -13.75 -37.42
N PRO C 238 12.15 -14.75 -38.29
CA PRO C 238 11.00 -15.39 -38.91
C PRO C 238 9.92 -15.82 -37.91
N ALA C 239 10.33 -16.51 -36.85
CA ALA C 239 9.39 -17.05 -35.87
C ALA C 239 8.63 -15.95 -35.15
N ALA C 240 9.34 -14.87 -34.84
CA ALA C 240 8.76 -13.76 -34.10
C ALA C 240 7.84 -13.00 -35.02
N ILE C 241 8.28 -12.77 -36.25
CA ILE C 241 7.44 -12.10 -37.22
C ILE C 241 6.20 -12.91 -37.51
N ALA C 242 6.39 -14.22 -37.69
CA ALA C 242 5.30 -15.08 -38.09
C ALA C 242 4.19 -15.15 -37.04
N ARG C 243 4.55 -15.26 -35.76
CA ARG C 243 3.52 -15.35 -34.74
C ARG C 243 2.75 -14.05 -34.62
N ALA C 244 3.47 -12.93 -34.73
CA ALA C 244 2.85 -11.63 -34.69
C ALA C 244 1.78 -11.46 -35.79
N VAL C 245 2.18 -11.74 -37.03
CA VAL C 245 1.27 -11.66 -38.17
C VAL C 245 0.05 -12.55 -37.98
N ARG C 246 0.27 -13.78 -37.55
CA ARG C 246 -0.82 -14.70 -37.27
CA ARG C 246 -0.85 -14.68 -37.30
C ARG C 246 -1.72 -14.14 -36.18
N CYS C 247 -1.12 -13.42 -35.23
CA CYS C 247 -1.89 -12.85 -34.12
C CYS C 247 -2.61 -11.54 -34.47
N GLY C 248 -2.40 -11.06 -35.70
CA GLY C 248 -3.16 -9.94 -36.24
C GLY C 248 -2.41 -8.63 -36.34
N VAL C 249 -1.12 -8.63 -36.00
CA VAL C 249 -0.33 -7.39 -36.07
C VAL C 249 -0.35 -6.84 -37.49
N ARG C 250 -0.48 -5.54 -37.65
CA ARG C 250 -0.67 -4.97 -38.98
C ARG C 250 0.64 -4.60 -39.68
N THR C 251 1.58 -4.04 -38.93
CA THR C 251 2.84 -3.73 -39.50
C THR C 251 3.95 -4.27 -38.62
N ILE C 252 5.00 -4.76 -39.26
CA ILE C 252 6.15 -5.29 -38.60
C ILE C 252 7.28 -4.29 -38.72
N GLU C 253 7.94 -3.99 -37.61
CA GLU C 253 9.01 -3.03 -37.65
C GLU C 253 10.33 -3.77 -37.77
N HIS C 254 11.23 -3.25 -38.62
CA HIS C 254 12.57 -3.83 -38.89
C HIS C 254 12.56 -5.10 -39.75
N GLY C 255 12.36 -6.26 -39.11
CA GLY C 255 12.26 -7.52 -39.83
C GLY C 255 13.52 -7.94 -40.56
N ASN C 256 14.68 -7.54 -40.03
CA ASN C 256 15.95 -7.77 -40.73
C ASN C 256 16.25 -9.21 -41.06
N LEU C 257 15.77 -10.14 -40.24
CA LEU C 257 16.09 -11.55 -40.43
C LEU C 257 14.91 -12.33 -41.03
N ILE C 258 14.03 -11.63 -41.71
CA ILE C 258 12.92 -12.26 -42.37
C ILE C 258 13.47 -13.19 -43.43
N ASP C 259 12.76 -14.28 -43.67
CA ASP C 259 13.12 -15.22 -44.72
C ASP C 259 11.99 -15.33 -45.74
N ASP C 260 12.20 -16.15 -46.77
CA ASP C 260 11.21 -16.32 -47.84
C ASP C 260 9.84 -16.79 -47.30
N GLU C 261 9.84 -17.81 -46.47
CA GLU C 261 8.59 -18.31 -45.91
C GLU C 261 7.84 -17.22 -45.14
N THR C 262 8.56 -16.48 -44.32
CA THR C 262 7.92 -15.45 -43.53
C THR C 262 7.45 -14.31 -44.43
N ALA C 263 8.31 -13.89 -45.35
CA ALA C 263 7.96 -12.79 -46.25
C ALA C 263 6.65 -13.05 -46.98
N ARG C 264 6.34 -14.32 -47.24
CA ARG C 264 5.18 -14.69 -48.03
C ARG C 264 3.92 -14.63 -47.18
N LEU C 265 4.02 -15.24 -46.01
CA LEU C 265 2.99 -15.15 -44.99
C LEU C 265 2.54 -13.69 -44.83
N VAL C 266 3.52 -12.81 -44.65
CA VAL C 266 3.29 -11.39 -44.51
C VAL C 266 2.45 -10.82 -45.63
N ALA C 267 2.81 -11.17 -46.86
CA ALA C 267 2.11 -10.66 -48.02
C ALA C 267 0.72 -11.28 -48.12
N GLU C 268 0.61 -12.56 -47.78
CA GLU C 268 -0.68 -13.24 -47.80
C GLU C 268 -1.65 -12.61 -46.81
N HIS C 269 -1.13 -12.15 -45.69
CA HIS C 269 -1.95 -11.62 -44.61
C HIS C 269 -2.26 -10.14 -44.78
N GLY C 270 -1.57 -9.50 -45.71
CA GLY C 270 -1.79 -8.09 -45.96
C GLY C 270 -1.04 -7.15 -45.06
N ALA C 271 -0.14 -7.71 -44.24
CA ALA C 271 0.69 -6.88 -43.35
C ALA C 271 1.74 -6.08 -44.12
N TYR C 272 2.19 -4.99 -43.53
CA TYR C 272 3.30 -4.22 -44.08
C TYR C 272 4.56 -4.43 -43.24
N VAL C 273 5.71 -4.22 -43.86
CA VAL C 273 6.96 -4.23 -43.13
C VAL C 273 7.64 -2.90 -43.30
N VAL C 274 8.15 -2.35 -42.19
CA VAL C 274 8.87 -1.09 -42.23
C VAL C 274 10.32 -1.27 -41.83
N PRO C 275 11.18 -1.53 -42.82
CA PRO C 275 12.64 -1.61 -42.61
C PRO C 275 13.22 -0.28 -42.14
N THR C 276 14.25 -0.35 -41.31
CA THR C 276 14.86 0.85 -40.76
C THR C 276 16.38 0.70 -40.83
N LEU C 277 16.93 0.69 -42.04
CA LEU C 277 18.32 0.31 -42.26
C LEU C 277 19.39 1.31 -41.78
N VAL C 278 19.16 2.61 -42.00
CA VAL C 278 20.11 3.61 -41.53
C VAL C 278 20.50 3.41 -40.08
N THR C 279 19.52 3.25 -39.21
CA THR C 279 19.83 3.22 -37.80
C THR C 279 20.98 2.26 -37.51
N TYR C 280 20.98 1.09 -38.13
CA TYR C 280 21.98 0.06 -37.82
C TYR C 280 23.38 0.47 -38.26
N ASP C 281 23.50 0.95 -39.50
CA ASP C 281 24.71 1.61 -39.94
C ASP C 281 25.20 2.56 -38.85
N ALA C 282 24.29 3.42 -38.40
CA ALA C 282 24.62 4.47 -37.44
C ALA C 282 24.99 3.97 -36.05
N LEU C 283 24.26 2.99 -35.53
CA LEU C 283 24.57 2.42 -34.23
C LEU C 283 25.99 1.86 -34.28
N ALA C 284 26.40 1.43 -35.48
CA ALA C 284 27.71 0.82 -35.69
C ALA C 284 28.81 1.86 -35.91
N SER C 285 28.44 2.98 -36.52
CA SER C 285 29.40 4.05 -36.80
C SER C 285 29.80 4.81 -35.54
N GLU C 286 28.80 5.21 -34.76
CA GLU C 286 28.98 6.17 -33.69
C GLU C 286 28.20 5.80 -32.44
N GLY C 287 27.91 4.50 -32.29
CA GLY C 287 27.21 4.00 -31.11
C GLY C 287 28.08 4.06 -29.87
N GLU C 288 29.22 3.38 -29.93
CA GLU C 288 30.20 3.40 -28.84
C GLU C 288 30.57 4.84 -28.49
N LYS C 289 30.92 5.61 -29.52
CA LYS C 289 31.37 6.99 -29.38
C LYS C 289 30.37 7.92 -28.68
N TYR C 290 29.09 7.60 -28.76
CA TYR C 290 28.07 8.45 -28.15
C TYR C 290 27.35 7.80 -26.97
N GLY C 291 28.08 7.01 -26.20
CA GLY C 291 27.58 6.46 -24.95
C GLY C 291 26.47 5.44 -25.05
N LEU C 292 26.47 4.67 -26.13
CA LEU C 292 25.58 3.51 -26.24
C LEU C 292 26.19 2.34 -25.44
N PRO C 293 25.39 1.75 -24.53
CA PRO C 293 25.87 0.68 -23.67
C PRO C 293 26.48 -0.48 -24.46
N PRO C 294 27.62 -1.02 -23.99
CA PRO C 294 28.36 -2.07 -24.68
C PRO C 294 27.60 -3.39 -24.75
N GLU C 295 26.48 -3.46 -24.03
CA GLU C 295 25.57 -4.61 -24.09
C GLU C 295 24.82 -4.57 -25.41
N SER C 296 24.36 -3.38 -25.77
CA SER C 296 23.58 -3.16 -26.98
C SER C 296 24.45 -3.26 -28.22
N ILE C 297 25.65 -2.69 -28.13
CA ILE C 297 26.61 -2.73 -29.22
C ILE C 297 26.84 -4.19 -29.65
N ALA C 298 26.98 -5.07 -28.67
CA ALA C 298 27.16 -6.49 -28.95
C ALA C 298 26.04 -7.06 -29.83
N LYS C 299 24.83 -6.52 -29.68
CA LYS C 299 23.64 -7.03 -30.37
C LYS C 299 23.39 -6.46 -31.77
N ILE C 300 24.24 -5.54 -32.22
CA ILE C 300 24.08 -4.87 -33.52
C ILE C 300 24.43 -5.78 -34.71
N ALA C 301 25.49 -6.54 -34.56
CA ALA C 301 26.03 -7.44 -35.58
C ALA C 301 25.11 -8.57 -36.00
N ASP C 302 24.35 -9.09 -35.04
CA ASP C 302 23.41 -10.19 -35.22
C ASP C 302 22.32 -9.78 -36.16
N VAL C 303 22.12 -8.49 -36.26
CA VAL C 303 21.04 -7.93 -37.06
C VAL C 303 21.47 -7.05 -38.23
N HIS C 304 22.65 -6.46 -38.13
CA HIS C 304 23.15 -5.53 -39.15
C HIS C 304 23.46 -6.07 -40.54
N GLY C 305 24.13 -7.22 -40.61
CA GLY C 305 24.47 -7.88 -41.87
C GLY C 305 23.29 -8.16 -42.80
N ALA C 306 22.22 -8.73 -42.26
CA ALA C 306 21.07 -9.16 -43.08
C ALA C 306 20.23 -8.02 -43.68
N GLY C 307 20.43 -6.80 -43.19
CA GLY C 307 19.61 -5.66 -43.58
C GLY C 307 19.26 -5.58 -45.07
N LEU C 308 20.27 -5.57 -45.92
CA LEU C 308 20.03 -5.32 -47.34
C LEU C 308 19.30 -6.46 -48.07
N HIS C 309 19.69 -7.69 -47.76
CA HIS C 309 19.11 -8.83 -48.45
C HIS C 309 17.65 -9.05 -48.05
N SER C 310 17.30 -8.66 -46.83
CA SER C 310 15.92 -8.74 -46.35
C SER C 310 14.96 -7.96 -47.25
N ILE C 311 15.46 -6.90 -47.86
CA ILE C 311 14.70 -6.14 -48.84
C ILE C 311 14.45 -6.92 -50.12
N GLU C 312 15.47 -7.66 -50.56
CA GLU C 312 15.35 -8.43 -51.79
C GLU C 312 14.35 -9.53 -51.57
N ILE C 313 14.48 -10.19 -50.43
CA ILE C 313 13.54 -11.20 -49.99
C ILE C 313 12.13 -10.61 -50.04
N MET C 314 11.96 -9.44 -49.44
CA MET C 314 10.64 -8.85 -49.30
C MET C 314 10.05 -8.49 -50.67
N LYS C 315 10.86 -7.86 -51.52
CA LYS C 315 10.40 -7.54 -52.87
C LYS C 315 10.06 -8.80 -53.65
N ARG C 316 10.88 -9.84 -53.51
CA ARG C 316 10.58 -11.09 -54.18
C ARG C 316 9.19 -11.59 -53.81
N ALA C 317 8.82 -11.44 -52.55
CA ALA C 317 7.52 -11.94 -52.10
C ALA C 317 6.39 -10.95 -52.35
N GLY C 318 6.73 -9.71 -52.70
CA GLY C 318 5.74 -8.69 -53.00
C GLY C 318 5.20 -8.00 -51.76
N VAL C 319 5.91 -8.16 -50.65
CA VAL C 319 5.61 -7.51 -49.38
C VAL C 319 5.59 -5.99 -49.53
N LYS C 320 4.51 -5.35 -49.06
CA LYS C 320 4.40 -3.90 -49.09
C LYS C 320 5.28 -3.31 -48.02
N MET C 321 6.37 -2.67 -48.42
CA MET C 321 7.32 -2.07 -47.48
C MET C 321 7.08 -0.57 -47.39
N GLY C 322 7.01 -0.06 -46.17
CA GLY C 322 6.91 1.38 -45.96
C GLY C 322 8.27 1.94 -45.58
N PHE C 323 8.37 3.25 -45.50
CA PHE C 323 9.65 3.91 -45.25
C PHE C 323 9.80 4.16 -43.76
N GLY C 324 11.00 3.94 -43.23
CA GLY C 324 11.25 4.22 -41.82
C GLY C 324 12.73 4.29 -41.53
N THR C 325 13.10 4.88 -40.39
CA THR C 325 14.51 5.18 -40.09
C THR C 325 14.96 4.78 -38.68
N ASP C 326 14.19 5.14 -37.66
CA ASP C 326 14.46 4.68 -36.30
C ASP C 326 15.77 5.20 -35.70
N LEU C 327 16.09 6.47 -35.92
CA LEU C 327 17.38 6.98 -35.50
C LEU C 327 17.39 7.49 -34.07
N LEU C 328 18.51 7.30 -33.37
CA LEU C 328 18.67 7.77 -31.99
C LEU C 328 19.71 8.88 -31.90
N GLY C 329 19.49 9.81 -30.96
CA GLY C 329 20.48 10.83 -30.63
C GLY C 329 20.97 11.67 -31.80
N GLU C 330 22.27 12.00 -31.75
CA GLU C 330 22.90 12.80 -32.80
C GLU C 330 22.67 12.19 -34.17
N ALA C 331 22.51 10.87 -34.21
CA ALA C 331 22.32 10.15 -35.46
C ALA C 331 21.00 10.52 -36.13
N GLN C 332 20.12 11.22 -35.42
CA GLN C 332 18.85 11.65 -36.00
C GLN C 332 19.03 12.39 -37.33
N ARG C 333 20.19 13.02 -37.49
CA ARG C 333 20.48 13.85 -38.68
C ARG C 333 20.54 13.04 -39.98
N LEU C 334 20.66 11.72 -39.87
CA LEU C 334 20.90 10.87 -41.02
C LEU C 334 19.62 10.38 -41.71
N GLN C 335 18.49 10.97 -41.34
CA GLN C 335 17.19 10.46 -41.77
C GLN C 335 17.10 10.16 -43.28
N SER C 336 17.54 11.12 -44.09
CA SER C 336 17.37 11.00 -45.54
C SER C 336 18.24 9.91 -46.18
N ASP C 337 19.30 9.50 -45.48
CA ASP C 337 20.18 8.43 -45.97
C ASP C 337 19.45 7.14 -46.30
N GLU C 338 18.37 6.87 -45.57
CA GLU C 338 17.60 5.66 -45.79
C GLU C 338 17.21 5.54 -47.26
N PHE C 339 16.88 6.68 -47.87
CA PHE C 339 16.53 6.70 -49.30
C PHE C 339 17.66 6.09 -50.11
N ARG C 340 18.88 6.51 -49.80
CA ARG C 340 20.04 6.03 -50.51
C ARG C 340 20.20 4.54 -50.26
N ILE C 341 20.43 4.17 -49.02
CA ILE C 341 20.57 2.77 -48.69
C ILE C 341 19.61 1.90 -49.48
N LEU C 342 18.36 2.35 -49.63
CA LEU C 342 17.34 1.52 -50.29
C LEU C 342 17.52 1.45 -51.80
N ALA C 343 18.03 2.53 -52.38
CA ALA C 343 18.16 2.63 -53.82
C ALA C 343 19.24 1.69 -54.33
N GLU C 344 19.96 1.07 -53.39
CA GLU C 344 20.99 0.10 -53.72
C GLU C 344 20.36 -1.23 -54.14
N VAL C 345 19.07 -1.38 -53.85
CA VAL C 345 18.36 -2.62 -54.14
C VAL C 345 17.05 -2.33 -54.87
N LEU C 346 16.37 -1.26 -54.45
CA LEU C 346 15.12 -0.88 -55.09
C LEU C 346 15.31 0.29 -56.06
N SER C 347 14.42 0.37 -57.04
CA SER C 347 14.43 1.48 -57.98
C SER C 347 13.91 2.73 -57.28
N PRO C 348 14.46 3.89 -57.64
CA PRO C 348 14.04 5.18 -57.09
C PRO C 348 12.53 5.28 -56.92
N ALA C 349 11.78 4.89 -57.95
CA ALA C 349 10.33 4.92 -57.91
C ALA C 349 9.83 4.08 -56.73
N GLU C 350 10.44 2.91 -56.56
CA GLU C 350 10.11 2.02 -55.46
C GLU C 350 10.31 2.68 -54.09
N VAL C 351 11.47 3.28 -53.85
CA VAL C 351 11.67 3.86 -52.53
C VAL C 351 10.72 5.04 -52.31
N ILE C 352 10.54 5.86 -53.34
CA ILE C 352 9.65 7.02 -53.23
C ILE C 352 8.22 6.60 -52.94
N ALA C 353 7.78 5.50 -53.52
CA ALA C 353 6.44 5.00 -53.25
C ALA C 353 6.32 4.54 -51.78
N SER C 354 7.39 3.97 -51.23
CA SER C 354 7.40 3.49 -49.85
CA SER C 354 7.38 3.49 -49.86
C SER C 354 7.28 4.63 -48.85
N ALA C 355 7.77 5.80 -49.24
CA ALA C 355 7.82 6.94 -48.34
C ALA C 355 6.69 7.89 -48.61
N THR C 356 5.69 7.43 -49.36
CA THR C 356 4.54 8.26 -49.73
C THR C 356 3.27 7.44 -49.71
N ILE C 357 2.89 6.91 -50.85
CA ILE C 357 1.62 6.21 -50.99
C ILE C 357 1.53 4.96 -50.12
N VAL C 358 2.64 4.21 -50.02
CA VAL C 358 2.60 2.98 -49.23
C VAL C 358 2.45 3.32 -47.76
N SER C 359 3.27 4.26 -47.30
CA SER C 359 3.21 4.74 -45.93
C SER C 359 1.84 5.32 -45.61
N ALA C 360 1.24 6.01 -46.57
CA ALA C 360 -0.05 6.65 -46.34
C ALA C 360 -1.13 5.59 -46.18
N GLU C 361 -0.98 4.49 -46.91
CA GLU C 361 -1.87 3.35 -46.75
C GLU C 361 -1.78 2.82 -45.32
N VAL C 362 -0.56 2.64 -44.84
CA VAL C 362 -0.32 2.21 -43.46
C VAL C 362 -1.13 3.07 -42.50
N LEU C 363 -1.13 4.37 -42.76
CA LEU C 363 -1.77 5.36 -41.90
C LEU C 363 -3.29 5.40 -42.04
N GLY C 364 -3.84 4.68 -43.00
CA GLY C 364 -5.28 4.75 -43.26
C GLY C 364 -5.60 6.14 -43.76
N MET C 365 -4.65 6.72 -44.51
CA MET C 365 -4.75 8.08 -45.02
C MET C 365 -4.61 8.09 -46.54
N GLN C 366 -5.05 7.03 -47.20
CA GLN C 366 -4.96 6.99 -48.67
C GLN C 366 -5.79 8.08 -49.31
N ASP C 367 -5.21 8.73 -50.31
CA ASP C 367 -5.88 9.80 -51.04
C ASP C 367 -5.91 11.10 -50.24
N LYS C 368 -5.43 11.04 -48.99
CA LYS C 368 -5.33 12.24 -48.15
C LYS C 368 -3.87 12.63 -47.95
N LEU C 369 -2.99 11.62 -47.98
CA LEU C 369 -1.56 11.89 -47.92
C LEU C 369 -0.79 11.11 -48.98
N GLY C 370 0.47 11.47 -49.20
CA GLY C 370 1.36 10.72 -50.08
C GLY C 370 1.12 10.91 -51.57
N ARG C 371 0.12 11.72 -51.90
CA ARG C 371 -0.17 12.04 -53.28
C ARG C 371 -0.85 13.40 -53.37
N ILE C 372 -0.51 14.12 -54.43
CA ILE C 372 -1.07 15.44 -54.72
C ILE C 372 -2.31 15.28 -55.60
N VAL C 373 -3.49 15.28 -54.99
CA VAL C 373 -4.73 15.09 -55.71
C VAL C 373 -5.87 15.82 -55.00
N PRO C 374 -6.97 16.10 -55.72
CA PRO C 374 -8.10 16.85 -55.18
C PRO C 374 -8.63 16.23 -53.90
N GLY C 375 -8.46 16.93 -52.78
CA GLY C 375 -9.02 16.49 -51.51
C GLY C 375 -7.94 16.13 -50.51
N ALA C 376 -6.74 15.87 -51.01
CA ALA C 376 -5.62 15.47 -50.17
C ALA C 376 -5.06 16.66 -49.39
N HIS C 377 -4.38 16.40 -48.28
CA HIS C 377 -3.79 17.46 -47.50
C HIS C 377 -2.73 18.14 -48.32
N ALA C 378 -2.61 19.45 -48.15
CA ALA C 378 -1.66 20.19 -48.95
C ALA C 378 -0.26 20.11 -48.37
N ASP C 379 0.28 18.90 -48.38
CA ASP C 379 1.63 18.69 -47.95
C ASP C 379 2.32 18.55 -49.28
N VAL C 380 3.22 19.47 -49.58
CA VAL C 380 3.85 19.47 -50.87
C VAL C 380 5.30 19.88 -50.80
N LEU C 381 6.09 19.40 -51.74
CA LEU C 381 7.50 19.77 -51.80
C LEU C 381 7.93 20.24 -53.19
N VAL C 382 8.98 21.05 -53.23
CA VAL C 382 9.65 21.36 -54.48
C VAL C 382 11.10 20.96 -54.36
N VAL C 383 11.55 20.13 -55.30
CA VAL C 383 12.90 19.55 -55.25
C VAL C 383 13.75 19.94 -56.45
N ASP C 384 15.05 20.11 -56.19
CA ASP C 384 16.04 20.48 -57.19
C ASP C 384 16.58 19.22 -57.85
N GLY C 385 15.73 18.53 -58.61
CA GLY C 385 16.11 17.27 -59.22
C GLY C 385 14.91 16.41 -59.59
N ASN C 386 15.17 15.19 -60.05
CA ASN C 386 14.11 14.26 -60.38
C ASN C 386 14.29 12.97 -59.60
N PRO C 387 13.65 12.89 -58.42
CA PRO C 387 13.77 11.73 -57.53
C PRO C 387 13.45 10.44 -58.25
N LEU C 388 12.57 10.50 -59.25
CA LEU C 388 12.21 9.32 -60.04
C LEU C 388 13.41 8.75 -60.79
N LYS C 389 14.47 9.54 -60.92
CA LYS C 389 15.69 9.08 -61.57
C LYS C 389 16.81 8.82 -60.56
N SER C 390 16.93 9.69 -59.57
CA SER C 390 17.96 9.53 -58.54
C SER C 390 17.53 10.14 -57.21
N VAL C 391 17.50 9.31 -56.17
CA VAL C 391 17.06 9.75 -54.84
C VAL C 391 17.99 10.79 -54.21
N ASP C 392 19.13 11.02 -54.86
CA ASP C 392 20.22 11.80 -54.26
C ASP C 392 19.86 13.22 -53.80
N CYS C 393 18.92 13.85 -54.49
CA CYS C 393 18.56 15.22 -54.17
C CYS C 393 17.79 15.33 -52.85
N LEU C 394 17.22 14.22 -52.41
CA LEU C 394 16.51 14.17 -51.14
C LEU C 394 17.47 14.08 -49.96
N LEU C 395 18.75 13.85 -50.22
CA LEU C 395 19.72 13.61 -49.16
C LEU C 395 20.07 14.84 -48.32
N GLY C 396 20.61 14.59 -47.13
CA GLY C 396 21.18 15.64 -46.29
C GLY C 396 20.17 16.38 -45.43
N GLN C 397 20.28 17.70 -45.41
CA GLN C 397 19.40 18.54 -44.60
C GLN C 397 18.48 19.40 -45.46
N GLY C 398 18.04 18.86 -46.58
CA GLY C 398 17.06 19.54 -47.43
C GLY C 398 17.65 20.53 -48.42
N GLU C 399 18.96 20.60 -48.51
CA GLU C 399 19.62 21.50 -49.46
C GLU C 399 18.88 21.61 -50.79
N HIS C 400 18.64 20.47 -51.45
CA HIS C 400 17.96 20.47 -52.74
C HIS C 400 16.44 20.39 -52.65
N ILE C 401 15.93 20.76 -51.48
CA ILE C 401 14.50 20.88 -51.23
C ILE C 401 14.23 22.32 -50.83
N PRO C 402 14.11 23.21 -51.82
CA PRO C 402 13.99 24.64 -51.56
C PRO C 402 12.62 25.03 -50.99
N LEU C 403 11.63 24.15 -51.12
CA LEU C 403 10.28 24.49 -50.67
C LEU C 403 9.51 23.32 -50.03
N VAL C 404 9.18 23.48 -48.75
CA VAL C 404 8.41 22.50 -47.98
C VAL C 404 7.14 23.16 -47.46
N MET C 405 5.99 22.58 -47.81
CA MET C 405 4.71 23.12 -47.39
C MET C 405 3.87 22.06 -46.69
N LYS C 406 3.33 22.39 -45.51
CA LYS C 406 2.49 21.45 -44.76
CA LYS C 406 2.52 21.46 -44.74
C LYS C 406 1.15 22.04 -44.33
N ASP C 407 0.08 21.29 -44.61
CA ASP C 407 -1.25 21.74 -44.25
C ASP C 407 -1.66 23.02 -45.01
N GLY C 408 -0.92 23.32 -46.07
CA GLY C 408 -1.24 24.48 -46.90
C GLY C 408 -0.53 25.72 -46.42
N ARG C 409 0.54 25.54 -45.67
CA ARG C 409 1.34 26.66 -45.20
CA ARG C 409 1.36 26.65 -45.17
C ARG C 409 2.81 26.39 -45.51
N LEU C 410 3.52 27.45 -45.88
CA LEU C 410 4.93 27.29 -46.20
C LEU C 410 5.74 27.24 -44.92
N PHE C 411 6.47 26.16 -44.70
CA PHE C 411 7.45 26.13 -43.63
C PHE C 411 8.75 26.71 -44.18
N VAL C 412 9.08 26.31 -45.41
CA VAL C 412 10.27 26.81 -46.08
C VAL C 412 10.00 27.12 -47.54
N ASN C 413 10.64 28.16 -48.05
CA ASN C 413 10.48 28.55 -49.44
C ASN C 413 11.55 29.50 -49.92
N GLU C 414 12.69 28.95 -50.31
CA GLU C 414 13.73 29.77 -50.90
C GLU C 414 13.64 29.72 -52.42
N LEU C 415 12.51 30.20 -52.94
CA LEU C 415 12.32 30.34 -54.37
C LEU C 415 12.08 31.79 -54.75
N GLU C 416 11.05 32.39 -54.15
CA GLU C 416 10.72 33.80 -54.40
C GLU C 416 11.98 34.65 -54.49
N THR D 4 -25.25 -16.55 47.96
CA THR D 4 -25.08 -17.71 48.88
C THR D 4 -24.14 -17.35 50.03
N THR D 5 -24.60 -17.57 51.26
CA THR D 5 -23.88 -17.14 52.45
C THR D 5 -23.02 -18.23 53.09
N PHE D 6 -21.84 -17.84 53.58
CA PHE D 6 -20.94 -18.76 54.26
C PHE D 6 -20.60 -18.23 55.64
N LEU D 7 -19.98 -19.07 56.46
CA LEU D 7 -19.51 -18.64 57.77
C LEU D 7 -18.33 -19.52 58.19
N PHE D 8 -17.19 -18.90 58.41
CA PHE D 8 -16.00 -19.62 58.86
C PHE D 8 -15.89 -19.56 60.37
N ARG D 9 -15.58 -20.70 60.98
CA ARG D 9 -15.58 -20.81 62.43
C ARG D 9 -14.42 -21.65 62.93
N ASN D 10 -14.00 -21.40 64.16
CA ASN D 10 -12.96 -22.20 64.78
C ASN D 10 -11.66 -22.07 64.00
N GLY D 11 -11.40 -20.85 63.52
CA GLY D 11 -10.19 -20.58 62.77
C GLY D 11 -9.35 -19.42 63.27
N ALA D 12 -8.03 -19.63 63.24
CA ALA D 12 -7.09 -18.54 63.48
C ALA D 12 -7.02 -17.66 62.23
N LEU D 13 -7.31 -16.38 62.40
CA LEU D 13 -7.35 -15.44 61.29
C LEU D 13 -5.97 -14.81 61.04
N LEU D 14 -5.60 -14.67 59.78
CA LEU D 14 -4.36 -13.98 59.41
C LEU D 14 -4.65 -12.61 58.81
N ASP D 15 -4.30 -11.56 59.56
CA ASP D 15 -4.41 -10.19 59.08
C ASP D 15 -3.01 -9.70 58.75
N PRO D 16 -2.74 -9.42 57.46
CA PRO D 16 -1.38 -9.06 57.04
C PRO D 16 -0.85 -7.85 57.81
N ASP D 17 -1.76 -7.07 58.39
CA ASP D 17 -1.40 -5.91 59.20
C ASP D 17 -0.81 -6.29 60.56
N HIS D 18 -1.16 -7.47 61.07
CA HIS D 18 -0.77 -7.84 62.44
C HIS D 18 0.18 -9.03 62.49
N PRO D 19 1.17 -8.96 63.39
CA PRO D 19 2.34 -9.84 63.43
C PRO D 19 2.05 -11.26 63.90
N ASP D 20 0.84 -11.48 64.42
CA ASP D 20 0.47 -12.80 64.90
C ASP D 20 -0.95 -13.17 64.55
N LEU D 21 -1.20 -14.46 64.40
CA LEU D 21 -2.52 -14.94 64.03
C LEU D 21 -3.53 -14.59 65.09
N LEU D 22 -4.68 -14.07 64.67
CA LEU D 22 -5.71 -13.65 65.62
C LEU D 22 -6.71 -14.78 65.89
N GLN D 23 -6.94 -15.07 67.17
CA GLN D 23 -7.83 -16.16 67.59
C GLN D 23 -9.27 -15.70 67.82
N GLY D 24 -10.17 -16.67 67.94
CA GLY D 24 -11.55 -16.41 68.32
C GLY D 24 -12.41 -15.68 67.32
N PHE D 25 -11.92 -15.56 66.09
CA PHE D 25 -12.62 -14.78 65.08
C PHE D 25 -13.57 -15.61 64.19
N GLU D 26 -14.65 -14.97 63.75
CA GLU D 26 -15.58 -15.60 62.82
C GLU D 26 -15.78 -14.72 61.59
N ILE D 27 -15.96 -15.35 60.42
CA ILE D 27 -16.05 -14.62 59.16
C ILE D 27 -17.36 -14.86 58.44
N LEU D 28 -18.18 -13.81 58.35
CA LEU D 28 -19.43 -13.90 57.60
C LEU D 28 -19.20 -13.45 56.16
N ILE D 29 -19.53 -14.35 55.23
CA ILE D 29 -19.40 -14.11 53.81
C ILE D 29 -20.79 -14.19 53.21
N GLU D 30 -21.13 -13.24 52.35
CA GLU D 30 -22.37 -13.35 51.58
C GLU D 30 -22.33 -12.53 50.28
N ASP D 31 -22.85 -13.11 49.21
CA ASP D 31 -22.88 -12.48 47.89
C ASP D 31 -21.51 -12.05 47.38
N GLY D 32 -20.49 -12.84 47.70
CA GLY D 32 -19.13 -12.61 47.20
C GLY D 32 -18.43 -11.46 47.89
N PHE D 33 -18.68 -11.29 49.18
CA PHE D 33 -18.09 -10.19 49.93
C PHE D 33 -18.01 -10.51 51.42
N ILE D 34 -16.90 -10.13 52.04
CA ILE D 34 -16.78 -10.19 53.49
C ILE D 34 -17.74 -9.17 54.13
N ARG D 35 -18.73 -9.67 54.86
CA ARG D 35 -19.75 -8.80 55.42
C ARG D 35 -19.47 -8.51 56.88
N GLU D 36 -19.07 -9.55 57.62
CA GLU D 36 -18.77 -9.39 59.03
C GLU D 36 -17.53 -10.16 59.45
N VAL D 37 -16.72 -9.51 60.26
CA VAL D 37 -15.56 -10.13 60.86
C VAL D 37 -15.49 -9.67 62.31
N SER D 38 -15.42 -10.60 63.27
CA SER D 38 -15.34 -10.25 64.68
C SER D 38 -15.22 -11.47 65.60
N ASP D 39 -14.62 -11.27 66.76
CA ASP D 39 -14.43 -12.34 67.73
C ASP D 39 -15.71 -12.62 68.53
N LYS D 40 -16.53 -11.59 68.73
CA LYS D 40 -17.84 -11.74 69.33
C LYS D 40 -18.71 -12.64 68.45
N PRO D 41 -18.74 -13.96 68.74
CA PRO D 41 -19.50 -14.91 67.95
C PRO D 41 -20.76 -14.29 67.35
N ILE D 42 -20.88 -14.35 66.02
CA ILE D 42 -22.06 -13.84 65.33
C ILE D 42 -22.95 -15.00 64.89
N LYS D 43 -24.11 -14.68 64.32
CA LYS D 43 -25.03 -15.71 63.89
C LYS D 43 -25.85 -15.33 62.67
N SER D 44 -26.06 -16.32 61.81
CA SER D 44 -27.05 -16.25 60.74
C SER D 44 -27.69 -17.63 60.66
N SER D 45 -28.95 -17.68 60.23
CA SER D 45 -29.68 -18.93 60.20
C SER D 45 -29.52 -19.68 58.86
N ASN D 46 -29.00 -18.98 57.86
CA ASN D 46 -28.91 -19.55 56.52
C ASN D 46 -27.47 -19.84 56.08
N ALA D 47 -26.51 -19.38 56.86
CA ALA D 47 -25.11 -19.50 56.50
C ALA D 47 -24.66 -20.95 56.46
N HIS D 48 -24.03 -21.36 55.37
CA HIS D 48 -23.38 -22.66 55.34
C HIS D 48 -22.11 -22.53 56.18
N VAL D 49 -21.97 -23.41 57.15
CA VAL D 49 -20.88 -23.31 58.08
C VAL D 49 -19.67 -24.14 57.71
N ILE D 50 -18.51 -23.53 57.86
CA ILE D 50 -17.28 -24.20 57.56
C ILE D 50 -16.47 -24.21 58.83
N ASP D 51 -16.15 -25.39 59.32
CA ASP D 51 -15.39 -25.48 60.54
C ASP D 51 -13.95 -25.59 60.16
N VAL D 52 -13.21 -24.50 60.37
CA VAL D 52 -11.80 -24.43 60.02
C VAL D 52 -11.04 -25.48 60.79
N LYS D 53 -11.56 -25.81 61.96
CA LYS D 53 -10.95 -26.80 62.80
C LYS D 53 -9.57 -26.38 63.25
N GLY D 54 -9.42 -25.11 63.53
CA GLY D 54 -8.16 -24.58 64.07
C GLY D 54 -7.10 -24.30 63.03
N LYS D 55 -7.49 -24.30 61.76
CA LYS D 55 -6.57 -23.99 60.68
C LYS D 55 -6.62 -22.50 60.37
N THR D 56 -5.66 -22.02 59.60
CA THR D 56 -5.52 -20.59 59.33
C THR D 56 -6.41 -20.13 58.18
N ILE D 57 -7.18 -19.09 58.44
CA ILE D 57 -7.99 -18.46 57.41
C ILE D 57 -7.30 -17.16 57.02
N MET D 58 -6.84 -17.08 55.76
CA MET D 58 -6.06 -15.93 55.30
C MET D 58 -6.58 -15.35 53.99
N PRO D 59 -6.18 -14.12 53.68
CA PRO D 59 -6.59 -13.47 52.42
C PRO D 59 -6.08 -14.25 51.21
N GLY D 60 -6.80 -14.16 50.11
CA GLY D 60 -6.31 -14.69 48.84
C GLY D 60 -5.00 -14.03 48.43
N LEU D 61 -4.07 -14.85 47.95
CA LEU D 61 -2.77 -14.38 47.49
C LEU D 61 -2.85 -13.65 46.16
N ILE D 62 -1.87 -12.79 45.93
CA ILE D 62 -1.82 -11.95 44.75
C ILE D 62 -0.41 -12.02 44.16
N ASP D 63 -0.34 -12.24 42.83
CA ASP D 63 0.92 -12.22 42.10
C ASP D 63 0.88 -11.10 41.06
N LEU D 64 1.80 -10.15 41.19
CA LEU D 64 1.79 -8.93 40.39
C LEU D 64 2.51 -9.03 39.05
N HIS D 65 3.11 -10.20 38.79
CA HIS D 65 3.84 -10.40 37.55
C HIS D 65 3.71 -11.85 37.07
N VAL D 66 2.74 -12.10 36.20
CA VAL D 66 2.62 -13.42 35.57
C VAL D 66 2.47 -13.20 34.07
N HIS D 67 2.78 -14.23 33.30
CA HIS D 67 2.60 -14.20 31.88
C HIS D 67 1.79 -15.47 31.62
N VAL D 68 0.48 -15.31 31.56
CA VAL D 68 -0.44 -16.42 31.40
C VAL D 68 -0.28 -17.18 30.11
N VAL D 69 0.04 -16.47 29.04
CA VAL D 69 0.20 -17.09 27.74
C VAL D 69 1.63 -17.54 27.47
N ALA D 70 2.51 -17.42 28.44
CA ALA D 70 3.88 -17.86 28.25
C ALA D 70 3.89 -19.34 28.47
N ILE D 71 3.35 -20.04 27.49
CA ILE D 71 3.20 -21.47 27.53
C ILE D 71 4.50 -22.23 27.39
N GLU D 72 5.58 -21.53 27.08
CA GLU D 72 6.87 -22.19 26.98
C GLU D 72 8.01 -21.19 26.94
N PHE D 73 9.23 -21.68 27.05
CA PHE D 73 10.41 -20.83 27.15
C PHE D 73 10.72 -19.99 25.90
N ASN D 74 10.70 -20.60 24.73
CA ASN D 74 10.91 -19.86 23.49
C ASN D 74 9.68 -19.01 23.13
N LEU D 75 9.62 -17.81 23.69
CA LEU D 75 8.48 -16.91 23.54
C LEU D 75 8.22 -16.43 22.12
N PRO D 76 9.29 -16.15 21.35
CA PRO D 76 9.12 -15.78 19.95
C PRO D 76 8.41 -16.89 19.18
N ARG D 77 8.77 -18.14 19.45
CA ARG D 77 8.05 -19.25 18.85
C ARG D 77 6.58 -19.19 19.27
N VAL D 78 6.33 -18.86 20.53
CA VAL D 78 4.96 -18.83 21.07
C VAL D 78 4.03 -17.87 20.30
N ALA D 79 4.59 -16.77 19.79
CA ALA D 79 3.80 -15.80 19.06
C ALA D 79 3.39 -16.33 17.69
N THR D 80 4.06 -17.38 17.21
CA THR D 80 3.73 -17.97 15.92
C THR D 80 2.81 -19.18 16.05
N LEU D 81 2.64 -19.68 17.27
CA LEU D 81 1.75 -20.79 17.48
C LEU D 81 0.32 -20.32 17.24
N PRO D 82 -0.54 -21.21 16.76
CA PRO D 82 -1.93 -20.84 16.49
C PRO D 82 -2.64 -20.30 17.72
N ASN D 83 -3.53 -19.33 17.50
CA ASN D 83 -4.34 -18.77 18.59
C ASN D 83 -5.07 -19.81 19.44
N VAL D 84 -5.68 -20.79 18.78
CA VAL D 84 -6.40 -21.84 19.47
C VAL D 84 -5.51 -22.57 20.49
N LEU D 85 -4.29 -22.90 20.09
CA LEU D 85 -3.41 -23.68 20.96
C LEU D 85 -2.91 -22.88 22.15
N VAL D 86 -2.56 -21.62 21.91
CA VAL D 86 -2.09 -20.77 22.99
C VAL D 86 -3.20 -20.60 24.02
N THR D 87 -4.42 -20.39 23.53
CA THR D 87 -5.59 -20.28 24.40
C THR D 87 -5.85 -21.55 25.22
N LEU D 88 -5.98 -22.69 24.56
CA LEU D 88 -6.23 -23.95 25.26
C LEU D 88 -5.11 -24.32 26.23
N ARG D 89 -3.87 -24.02 25.85
CA ARG D 89 -2.74 -24.32 26.73
C ARG D 89 -2.61 -23.31 27.86
N ALA D 90 -3.36 -22.22 27.77
CA ALA D 90 -3.33 -21.21 28.81
C ALA D 90 -4.29 -21.59 29.93
N VAL D 91 -5.35 -22.32 29.57
CA VAL D 91 -6.39 -22.72 30.51
C VAL D 91 -5.84 -23.46 31.72
N PRO D 92 -5.05 -24.51 31.50
CA PRO D 92 -4.48 -25.31 32.59
C PRO D 92 -3.62 -24.45 33.50
N ILE D 93 -2.91 -23.50 32.90
CA ILE D 93 -1.97 -22.67 33.64
C ILE D 93 -2.69 -21.78 34.64
N MET D 94 -3.75 -21.14 34.18
CA MET D 94 -4.54 -20.29 35.05
C MET D 94 -5.20 -21.11 36.17
N ARG D 95 -5.74 -22.27 35.82
CA ARG D 95 -6.38 -23.12 36.81
C ARG D 95 -5.41 -23.52 37.93
N ALA D 96 -4.17 -23.82 37.58
CA ALA D 96 -3.15 -24.22 38.57
C ALA D 96 -2.70 -23.07 39.46
N MET D 97 -2.63 -21.86 38.89
CA MET D 97 -2.34 -20.66 39.68
C MET D 97 -3.28 -20.57 40.87
N LEU D 98 -4.57 -20.81 40.59
CA LEU D 98 -5.63 -20.70 41.59
C LEU D 98 -5.48 -21.75 42.69
N ARG D 99 -5.26 -23.00 42.29
CA ARG D 99 -5.02 -24.06 43.24
C ARG D 99 -3.94 -23.66 44.26
N ARG D 100 -2.95 -22.90 43.81
CA ARG D 100 -1.86 -22.48 44.69
C ARG D 100 -2.22 -21.28 45.55
N GLY D 101 -3.50 -20.88 45.50
CA GLY D 101 -3.98 -19.81 46.37
C GLY D 101 -3.95 -18.40 45.78
N PHE D 102 -3.53 -18.27 44.53
CA PHE D 102 -3.53 -16.95 43.92
C PHE D 102 -4.89 -16.64 43.30
N THR D 103 -5.59 -15.68 43.91
CA THR D 103 -6.94 -15.34 43.50
C THR D 103 -6.94 -14.06 42.69
N THR D 104 -5.79 -13.41 42.63
CA THR D 104 -5.64 -12.26 41.78
C THR D 104 -4.22 -12.27 41.25
N VAL D 105 -4.07 -11.96 39.97
CA VAL D 105 -2.77 -11.84 39.36
C VAL D 105 -2.78 -10.64 38.44
N ARG D 106 -1.65 -9.95 38.37
CA ARG D 106 -1.48 -8.93 37.37
C ARG D 106 -0.67 -9.58 36.28
N ASP D 107 -1.24 -9.64 35.07
CA ASP D 107 -0.51 -10.16 33.92
C ASP D 107 0.37 -9.08 33.33
N ALA D 108 1.67 -9.38 33.20
CA ALA D 108 2.66 -8.37 32.84
C ALA D 108 2.94 -8.26 31.34
N GLY D 109 2.07 -8.85 30.52
CA GLY D 109 2.23 -8.79 29.08
C GLY D 109 1.80 -10.07 28.42
N GLY D 110 0.84 -9.96 27.49
CA GLY D 110 0.28 -11.11 26.81
C GLY D 110 -1.22 -11.09 26.95
N ALA D 111 -1.74 -11.84 27.91
CA ALA D 111 -3.18 -11.86 28.20
C ALA D 111 -3.83 -10.49 28.11
N GLY D 112 -5.00 -10.46 27.49
CA GLY D 112 -5.78 -9.24 27.37
C GLY D 112 -7.18 -9.43 27.94
N TYR D 113 -8.01 -8.44 27.67
CA TYR D 113 -9.34 -8.34 28.22
C TYR D 113 -10.21 -9.59 28.05
N PRO D 114 -10.10 -10.28 26.91
CA PRO D 114 -10.92 -11.50 26.71
C PRO D 114 -10.61 -12.64 27.69
N PHE D 115 -9.37 -12.72 28.16
CA PHE D 115 -9.04 -13.65 29.24
C PHE D 115 -9.67 -13.16 30.54
N LYS D 116 -9.58 -11.85 30.75
CA LYS D 116 -10.19 -11.24 31.91
C LYS D 116 -11.64 -11.64 32.00
N GLN D 117 -12.39 -11.35 30.93
CA GLN D 117 -13.82 -11.62 30.95
C GLN D 117 -14.14 -13.10 30.90
N ALA D 118 -13.29 -13.92 30.29
CA ALA D 118 -13.49 -15.37 30.33
C ALA D 118 -13.46 -15.86 31.77
N VAL D 119 -12.56 -15.29 32.56
CA VAL D 119 -12.47 -15.64 33.96
C VAL D 119 -13.69 -15.11 34.74
N GLU D 120 -14.08 -13.87 34.44
CA GLU D 120 -15.17 -13.23 35.15
C GLU D 120 -16.51 -13.89 34.85
N SER D 121 -16.73 -14.28 33.60
CA SER D 121 -17.97 -14.93 33.23
C SER D 121 -17.97 -16.41 33.64
N GLY D 122 -16.90 -16.85 34.28
CA GLY D 122 -16.82 -18.22 34.77
C GLY D 122 -16.75 -19.24 33.66
N LEU D 123 -16.58 -18.76 32.44
CA LEU D 123 -16.40 -19.64 31.29
C LEU D 123 -15.08 -20.39 31.41
N VAL D 124 -14.21 -19.90 32.30
CA VAL D 124 -12.94 -20.55 32.58
C VAL D 124 -12.61 -20.25 34.04
N GLU D 125 -11.91 -21.18 34.70
CA GLU D 125 -11.53 -20.98 36.11
C GLU D 125 -10.09 -20.52 36.24
N GLY D 126 -9.88 -19.50 37.06
CA GLY D 126 -8.55 -18.99 37.34
C GLY D 126 -8.65 -17.79 38.26
N PRO D 127 -7.50 -17.16 38.56
CA PRO D 127 -7.55 -15.96 39.38
C PRO D 127 -8.18 -14.81 38.60
N ARG D 128 -8.72 -13.83 39.34
CA ARG D 128 -9.11 -12.54 38.78
C ARG D 128 -7.88 -11.92 38.09
N LEU D 129 -8.10 -11.41 36.88
CA LEU D 129 -7.02 -10.88 36.04
C LEU D 129 -7.02 -9.38 35.93
N PHE D 130 -5.87 -8.77 36.22
CA PHE D 130 -5.62 -7.36 35.88
C PHE D 130 -4.60 -7.37 34.78
N VAL D 131 -5.03 -7.04 33.57
CA VAL D 131 -4.22 -7.30 32.38
C VAL D 131 -3.60 -6.05 31.77
N SER D 132 -2.44 -6.25 31.15
CA SER D 132 -1.68 -5.18 30.51
C SER D 132 -1.89 -5.17 29.01
N GLY D 133 -2.39 -6.27 28.48
CA GLY D 133 -2.41 -6.45 27.05
C GLY D 133 -0.99 -6.72 26.59
N ARG D 134 -0.57 -6.04 25.54
CA ARG D 134 0.76 -6.26 25.01
C ARG D 134 1.75 -5.25 25.61
N ALA D 135 2.89 -5.76 26.09
CA ALA D 135 3.95 -4.88 26.55
C ALA D 135 4.44 -4.04 25.38
N LEU D 136 4.88 -2.82 25.65
CA LEU D 136 5.42 -1.98 24.60
C LEU D 136 6.92 -2.10 24.59
N SER D 137 7.48 -2.38 23.41
CA SER D 137 8.93 -2.37 23.26
C SER D 137 9.39 -1.44 22.13
N GLN D 138 10.60 -0.92 22.25
CA GLN D 138 11.20 -0.21 21.14
C GLN D 138 11.72 -1.23 20.14
N THR D 139 12.08 -0.76 18.95
CA THR D 139 12.70 -1.65 17.99
C THR D 139 13.94 -2.32 18.60
N GLY D 140 14.06 -3.62 18.38
CA GLY D 140 15.12 -4.44 18.96
C GLY D 140 15.14 -4.44 20.47
N GLY D 141 14.00 -4.08 21.08
CA GLY D 141 13.88 -4.04 22.54
C GLY D 141 13.62 -5.42 23.12
N HIS D 142 13.45 -5.48 24.43
CA HIS D 142 13.29 -6.76 25.13
C HIS D 142 12.01 -7.47 24.70
N ALA D 143 11.06 -6.73 24.14
CA ALA D 143 9.79 -7.33 23.71
C ALA D 143 9.64 -7.42 22.18
N ASP D 144 10.76 -7.25 21.47
CA ASP D 144 10.81 -7.38 20.02
C ASP D 144 11.39 -8.76 19.65
N PRO D 145 10.55 -9.65 19.10
CA PRO D 145 10.85 -11.08 18.98
C PRO D 145 11.74 -11.43 17.79
N ARG D 146 12.01 -10.47 16.93
CA ARG D 146 12.75 -10.71 15.70
C ARG D 146 14.19 -11.22 15.92
N ALA D 147 14.59 -12.21 15.12
CA ALA D 147 15.95 -12.68 15.10
C ALA D 147 16.84 -11.63 14.44
N ARG D 148 18.15 -11.73 14.71
CA ARG D 148 19.11 -10.85 14.07
C ARG D 148 19.54 -11.44 12.73
N SER D 149 19.32 -10.66 11.67
CA SER D 149 19.83 -11.00 10.34
C SER D 149 20.16 -9.69 9.62
N ASP D 150 20.22 -9.73 8.29
CA ASP D 150 20.55 -8.54 7.51
C ASP D 150 19.31 -7.89 6.93
N TYR D 151 18.20 -8.02 7.65
CA TYR D 151 16.94 -7.40 7.27
C TYR D 151 16.02 -7.41 8.47
N MET D 152 15.07 -6.48 8.48
CA MET D 152 14.08 -6.40 9.54
C MET D 152 12.72 -6.80 8.99
N PRO D 153 12.20 -7.98 9.40
CA PRO D 153 10.81 -8.29 9.10
C PRO D 153 9.91 -7.41 9.93
N PRO D 154 8.67 -7.17 9.49
CA PRO D 154 7.74 -6.38 10.30
C PRO D 154 7.47 -7.06 11.65
N ASP D 155 7.14 -6.27 12.67
CA ASP D 155 6.81 -6.82 13.99
C ASP D 155 5.64 -7.79 13.92
N SER D 156 4.56 -7.35 13.27
CA SER D 156 3.36 -8.17 13.09
C SER D 156 3.14 -8.54 11.63
N PRO D 157 2.86 -9.82 11.37
CA PRO D 157 2.47 -10.27 10.04
C PRO D 157 1.13 -9.66 9.67
N CYS D 158 0.21 -9.63 10.65
CA CYS D 158 -1.12 -9.07 10.46
C CYS D 158 -1.30 -7.76 11.24
N GLY D 159 -1.03 -6.65 10.57
CA GLY D 159 -1.15 -5.33 11.18
C GLY D 159 -2.08 -5.29 12.37
N CYS D 160 -3.36 -5.02 12.10
CA CYS D 160 -4.34 -4.75 13.17
C CYS D 160 -4.78 -5.97 13.98
N CYS D 161 -4.33 -7.16 13.59
CA CYS D 161 -4.69 -8.39 14.29
C CYS D 161 -3.63 -8.86 15.31
N VAL D 162 -4.05 -8.91 16.57
CA VAL D 162 -3.22 -9.38 17.68
C VAL D 162 -3.16 -10.92 17.79
N ARG D 163 -1.95 -11.45 17.97
CA ARG D 163 -1.73 -12.86 18.17
C ARG D 163 -1.84 -13.19 19.66
N VAL D 164 -2.65 -14.19 19.99
CA VAL D 164 -2.87 -14.55 21.39
C VAL D 164 -1.54 -14.85 22.10
N GLY D 165 -0.61 -15.46 21.37
CA GLY D 165 0.69 -15.80 21.93
C GLY D 165 1.69 -14.64 22.00
N ALA D 166 1.31 -13.44 21.56
CA ALA D 166 2.22 -12.29 21.63
C ALA D 166 2.22 -11.63 23.01
N LEU D 167 3.39 -11.60 23.65
CA LEU D 167 3.56 -10.92 24.92
C LEU D 167 3.72 -9.41 24.73
N GLY D 168 4.35 -9.00 23.62
CA GLY D 168 4.66 -7.58 23.40
C GLY D 168 4.30 -7.01 22.04
N ARG D 169 4.49 -5.70 21.88
CA ARG D 169 4.39 -5.05 20.56
C ARG D 169 5.45 -3.96 20.42
N VAL D 170 5.94 -3.78 19.20
CA VAL D 170 7.04 -2.85 18.98
C VAL D 170 6.50 -1.49 18.58
N ALA D 171 6.95 -0.48 19.29
CA ALA D 171 6.48 0.86 19.06
C ALA D 171 7.63 1.81 19.23
N ASP D 172 7.78 2.73 18.29
CA ASP D 172 8.86 3.71 18.32
C ASP D 172 8.35 5.11 18.07
N GLY D 173 8.82 6.07 18.84
CA GLY D 173 8.42 7.45 18.65
C GLY D 173 7.17 7.81 19.42
N VAL D 174 7.02 9.10 19.73
CA VAL D 174 5.96 9.58 20.60
C VAL D 174 4.57 9.32 20.04
N ASP D 175 4.40 9.47 18.74
CA ASP D 175 3.10 9.25 18.14
C ASP D 175 2.73 7.78 18.18
N GLU D 176 3.71 6.91 17.94
CA GLU D 176 3.44 5.49 17.86
C GLU D 176 3.08 4.92 19.23
N VAL D 177 3.84 5.31 20.25
CA VAL D 177 3.61 4.78 21.59
C VAL D 177 2.28 5.27 22.15
N ARG D 178 1.95 6.52 21.87
CA ARG D 178 0.68 7.08 22.27
C ARG D 178 -0.48 6.34 21.65
N ARG D 179 -0.40 6.07 20.36
CA ARG D 179 -1.44 5.34 19.65
C ARG D 179 -1.55 3.90 20.15
N ALA D 180 -0.41 3.29 20.48
CA ALA D 180 -0.41 1.91 20.96
C ALA D 180 -1.03 1.81 22.34
N VAL D 181 -0.74 2.78 23.21
CA VAL D 181 -1.33 2.77 24.53
C VAL D 181 -2.84 2.95 24.44
N ARG D 182 -3.26 3.93 23.63
CA ARG D 182 -4.68 4.19 23.44
C ARG D 182 -5.43 2.97 22.93
N GLU D 183 -4.75 2.20 22.08
CA GLU D 183 -5.31 0.99 21.54
C GLU D 183 -5.43 -0.09 22.62
N GLU D 184 -4.37 -0.28 23.39
CA GLU D 184 -4.41 -1.28 24.46
C GLU D 184 -5.48 -0.93 25.48
N LEU D 185 -5.57 0.36 25.81
CA LEU D 185 -6.59 0.84 26.72
C LEU D 185 -8.00 0.65 26.16
N GLN D 186 -8.18 0.95 24.88
CA GLN D 186 -9.50 0.81 24.28
C GLN D 186 -9.91 -0.65 24.22
N MET D 187 -8.94 -1.53 24.01
CA MET D 187 -9.18 -2.98 23.97
C MET D 187 -9.37 -3.55 25.39
N GLY D 188 -9.06 -2.74 26.40
CA GLY D 188 -9.51 -3.01 27.77
C GLY D 188 -8.43 -3.32 28.79
N ALA D 189 -7.20 -2.86 28.53
CA ALA D 189 -6.13 -3.07 29.47
C ALA D 189 -6.42 -2.32 30.77
N ASP D 190 -6.00 -2.88 31.90
CA ASP D 190 -6.16 -2.23 33.20
C ASP D 190 -4.99 -1.34 33.53
N GLN D 191 -3.84 -1.67 32.94
CA GLN D 191 -2.65 -0.89 33.17
C GLN D 191 -1.74 -1.14 31.98
N ILE D 192 -0.61 -0.44 31.96
CA ILE D 192 0.26 -0.45 30.80
C ILE D 192 1.64 -0.91 31.17
N ILE D 194 5.70 -1.54 29.94
CA ILE D 194 6.73 -1.22 28.99
C ILE D 194 8.03 -1.93 29.33
N MET D 195 8.90 -2.04 28.34
CA MET D 195 10.24 -2.51 28.57
C MET D 195 11.10 -1.28 28.56
N ALA D 196 11.74 -1.00 29.67
CA ALA D 196 12.61 0.14 29.81
C ALA D 196 14.06 -0.29 29.90
N SER D 197 14.30 -1.55 29.58
CA SER D 197 15.62 -2.11 29.72
C SER D 197 15.74 -3.40 28.92
N GLY D 198 16.95 -3.90 28.80
CA GLY D 198 17.24 -5.18 28.19
C GLY D 198 16.81 -6.32 29.09
N GLY D 199 16.56 -7.49 28.51
CA GLY D 199 16.03 -8.63 29.22
C GLY D 199 16.66 -9.94 28.81
N VAL D 200 16.42 -11.01 29.57
CA VAL D 200 17.06 -12.29 29.31
C VAL D 200 16.42 -13.11 28.18
N ALA D 201 15.11 -13.32 28.27
CA ALA D 201 14.41 -14.25 27.38
C ALA D 201 14.14 -13.68 25.97
N SER D 202 15.04 -12.81 25.50
CA SER D 202 14.86 -12.19 24.19
C SER D 202 16.11 -12.31 23.30
N PRO D 203 15.90 -12.27 21.97
CA PRO D 203 16.90 -12.56 20.93
C PRO D 203 18.21 -11.74 20.99
N THR D 204 18.10 -10.41 20.83
CA THR D 204 19.26 -9.59 20.50
C THR D 204 19.54 -8.38 21.41
N ASP D 205 18.88 -8.31 22.57
CA ASP D 205 19.09 -7.18 23.47
C ASP D 205 19.91 -7.54 24.72
N PRO D 206 20.97 -6.77 24.99
CA PRO D 206 21.74 -6.94 26.24
C PRO D 206 20.97 -6.40 27.45
N VAL D 207 21.35 -6.87 28.64
CA VAL D 207 20.61 -6.54 29.86
C VAL D 207 20.71 -5.07 30.25
N GLY D 208 21.90 -4.50 30.08
CA GLY D 208 22.17 -3.11 30.50
C GLY D 208 21.62 -2.02 29.57
N VAL D 209 21.12 -2.42 28.41
CA VAL D 209 20.67 -1.46 27.41
C VAL D 209 19.38 -0.75 27.84
N PHE D 210 19.31 0.54 27.55
CA PHE D 210 18.13 1.36 27.86
C PHE D 210 16.96 0.96 26.97
N GLY D 211 15.74 1.07 27.50
CA GLY D 211 14.53 0.97 26.70
C GLY D 211 13.83 2.31 26.64
N TYR D 212 13.71 2.86 25.43
CA TYR D 212 12.93 4.08 25.19
C TYR D 212 13.62 5.36 25.62
N SER D 213 13.36 6.42 24.88
CA SER D 213 13.73 7.75 25.30
C SER D 213 12.79 8.22 26.40
N GLU D 214 13.17 9.27 27.10
CA GLU D 214 12.31 9.83 28.13
C GLU D 214 11.00 10.37 27.58
N ASP D 215 11.06 10.90 26.35
CA ASP D 215 9.91 11.49 25.68
C ASP D 215 8.84 10.45 25.47
N GLU D 216 9.29 9.26 25.11
CA GLU D 216 8.40 8.15 24.87
C GLU D 216 7.82 7.68 26.19
N ILE D 217 8.66 7.39 27.18
CA ILE D 217 8.15 6.98 28.49
C ILE D 217 7.13 7.96 29.08
N ARG D 218 7.46 9.25 29.08
CA ARG D 218 6.54 10.26 29.60
CA ARG D 218 6.55 10.27 29.58
C ARG D 218 5.23 10.36 28.81
N ALA D 219 5.29 10.23 27.49
CA ALA D 219 4.09 10.23 26.68
C ALA D 219 3.27 9.03 27.09
N ILE D 220 3.96 7.91 27.29
CA ILE D 220 3.30 6.66 27.70
C ILE D 220 2.60 6.83 29.05
N VAL D 221 3.35 7.33 30.03
CA VAL D 221 2.77 7.62 31.34
C VAL D 221 1.60 8.59 31.31
N ALA D 222 1.71 9.66 30.54
CA ALA D 222 0.58 10.59 30.37
C ALA D 222 -0.67 9.91 29.81
N GLU D 223 -0.49 8.98 28.88
CA GLU D 223 -1.65 8.28 28.32
C GLU D 223 -2.34 7.36 29.33
N ALA D 224 -1.56 6.67 30.16
CA ALA D 224 -2.11 5.77 31.18
C ALA D 224 -2.83 6.57 32.26
N GLN D 225 -2.18 7.64 32.71
CA GLN D 225 -2.76 8.48 33.73
C GLN D 225 -4.07 9.11 33.26
N GLY D 226 -4.07 9.56 32.01
CA GLY D 226 -5.25 10.19 31.42
C GLY D 226 -6.49 9.34 31.60
N ARG D 227 -6.27 8.04 31.82
CA ARG D 227 -7.37 7.13 32.02
C ARG D 227 -7.41 6.56 33.44
N GLY D 228 -6.83 7.30 34.38
CA GLY D 228 -6.85 6.89 35.78
C GLY D 228 -6.17 5.56 36.04
N THR D 229 -5.13 5.26 35.27
CA THR D 229 -4.30 4.09 35.55
C THR D 229 -2.82 4.46 35.55
N TYR D 230 -1.94 3.47 35.46
CA TYR D 230 -0.50 3.70 35.67
C TYR D 230 0.34 2.84 34.71
N VAL D 231 1.65 2.98 34.80
CA VAL D 231 2.58 2.23 33.94
C VAL D 231 3.49 1.35 34.79
N LEU D 232 3.75 0.13 34.32
CA LEU D 232 4.77 -0.74 34.92
C LEU D 232 5.90 -0.95 33.93
N ALA D 233 7.14 -0.98 34.43
CA ALA D 233 8.29 -1.10 33.55
C ALA D 233 9.27 -2.18 33.95
N HIS D 234 9.65 -3.00 32.99
CA HIS D 234 10.77 -3.93 33.13
C HIS D 234 12.07 -3.11 33.11
N ALA D 235 12.84 -3.18 34.19
CA ALA D 235 14.13 -2.48 34.27
C ALA D 235 15.07 -3.10 35.31
N TYR D 236 16.32 -3.36 34.91
CA TYR D 236 17.28 -4.00 35.79
C TYR D 236 18.30 -3.10 36.47
N THR D 237 18.98 -2.26 35.69
CA THR D 237 20.03 -1.38 36.19
C THR D 237 19.56 -0.10 36.87
N PRO D 238 20.43 0.50 37.65
CA PRO D 238 20.12 1.73 38.38
C PRO D 238 19.81 2.91 37.49
N ALA D 239 20.57 3.08 36.42
CA ALA D 239 20.34 4.17 35.50
C ALA D 239 18.98 4.01 34.83
N ALA D 240 18.66 2.78 34.48
CA ALA D 240 17.40 2.44 33.82
C ALA D 240 16.23 2.52 34.79
N ILE D 241 16.40 2.02 36.00
CA ILE D 241 15.36 2.20 36.99
C ILE D 241 15.08 3.67 37.24
N ALA D 242 16.14 4.43 37.51
CA ALA D 242 15.99 5.85 37.86
C ALA D 242 15.24 6.69 36.81
N ARG D 243 15.56 6.49 35.52
CA ARG D 243 14.93 7.28 34.45
C ARG D 243 13.47 6.88 34.23
N ALA D 244 13.15 5.61 34.40
CA ALA D 244 11.76 5.17 34.41
C ALA D 244 10.98 5.89 35.52
N VAL D 245 11.48 5.79 36.76
CA VAL D 245 10.82 6.41 37.91
C VAL D 245 10.67 7.92 37.73
N ARG D 246 11.75 8.57 37.32
CA ARG D 246 11.73 10.01 37.07
CA ARG D 246 11.72 10.01 37.08
C ARG D 246 10.76 10.40 35.95
N CYS D 247 10.43 9.44 35.10
CA CYS D 247 9.53 9.72 33.99
C CYS D 247 8.04 9.42 34.30
N GLY D 248 7.76 8.87 35.48
CA GLY D 248 6.39 8.72 35.93
C GLY D 248 5.97 7.27 36.12
N VAL D 249 6.89 6.34 35.89
CA VAL D 249 6.54 4.92 36.02
C VAL D 249 6.25 4.57 37.47
N ARG D 250 5.09 3.94 37.72
CA ARG D 250 4.65 3.66 39.10
C ARG D 250 5.15 2.34 39.73
N THR D 251 5.33 1.29 38.96
CA THR D 251 5.95 0.08 39.51
C THR D 251 7.08 -0.40 38.62
N ILE D 252 8.16 -0.83 39.28
CA ILE D 252 9.33 -1.32 38.59
C ILE D 252 9.40 -2.84 38.72
N GLU D 253 9.50 -3.51 37.58
CA GLU D 253 9.53 -4.96 37.54
C GLU D 253 10.96 -5.50 37.62
N HIS D 254 11.14 -6.54 38.45
CA HIS D 254 12.45 -7.17 38.63
C HIS D 254 13.36 -6.27 39.44
N GLY D 255 14.17 -5.45 38.77
CA GLY D 255 15.09 -4.54 39.44
C GLY D 255 16.26 -5.24 40.11
N ASN D 256 16.72 -6.32 39.50
CA ASN D 256 17.74 -7.16 40.13
C ASN D 256 19.05 -6.44 40.44
N LEU D 257 19.29 -5.31 39.79
CA LEU D 257 20.59 -4.63 39.88
C LEU D 257 20.51 -3.23 40.46
N ILE D 258 19.47 -2.99 41.26
CA ILE D 258 19.28 -1.68 41.89
C ILE D 258 20.36 -1.40 42.94
N ASP D 259 20.73 -0.14 43.10
CA ASP D 259 21.74 0.21 44.09
C ASP D 259 21.13 0.99 45.25
N ASP D 260 21.94 1.33 46.23
CA ASP D 260 21.45 2.09 47.35
C ASP D 260 20.74 3.35 46.86
N GLU D 261 21.45 4.16 46.07
CA GLU D 261 20.92 5.45 45.59
C GLU D 261 19.55 5.33 44.95
N THR D 262 19.47 4.48 43.92
CA THR D 262 18.21 4.33 43.20
C THR D 262 17.08 3.85 44.10
N ALA D 263 17.36 2.84 44.92
CA ALA D 263 16.40 2.42 45.94
C ALA D 263 15.84 3.61 46.72
N ARG D 264 16.73 4.50 47.18
CA ARG D 264 16.30 5.67 47.91
C ARG D 264 15.31 6.43 47.05
N LEU D 265 15.63 6.52 45.76
CA LEU D 265 14.85 7.30 44.83
C LEU D 265 13.46 6.68 44.67
N VAL D 266 13.45 5.40 44.35
CA VAL D 266 12.20 4.66 44.30
C VAL D 266 11.36 4.92 45.56
N ALA D 267 11.98 4.82 46.72
CA ALA D 267 11.25 5.01 47.98
C ALA D 267 10.78 6.45 48.12
N GLU D 268 11.60 7.40 47.68
CA GLU D 268 11.26 8.81 47.77
C GLU D 268 10.08 9.18 46.87
N HIS D 269 9.98 8.52 45.71
CA HIS D 269 8.90 8.81 44.77
C HIS D 269 7.62 8.02 45.07
N GLY D 270 7.63 7.24 46.13
CA GLY D 270 6.45 6.43 46.47
C GLY D 270 6.11 5.42 45.38
N ALA D 271 7.13 4.97 44.67
CA ALA D 271 6.92 3.96 43.65
C ALA D 271 7.18 2.56 44.22
N TYR D 272 6.87 1.52 43.44
CA TYR D 272 6.94 0.15 43.91
C TYR D 272 7.90 -0.67 43.06
N VAL D 273 8.47 -1.72 43.64
CA VAL D 273 9.26 -2.68 42.87
C VAL D 273 8.65 -4.06 43.00
N VAL D 274 8.70 -4.84 41.91
CA VAL D 274 8.18 -6.21 41.95
C VAL D 274 9.26 -7.18 41.57
N PRO D 275 10.01 -7.68 42.56
CA PRO D 275 11.06 -8.65 42.28
C PRO D 275 10.44 -9.93 41.77
N THR D 276 11.15 -10.64 40.91
CA THR D 276 10.67 -11.91 40.38
C THR D 276 11.75 -12.98 40.49
N LEU D 277 12.30 -13.14 41.69
CA LEU D 277 13.44 -14.04 41.89
C LEU D 277 13.28 -15.43 41.32
N VAL D 278 12.14 -16.07 41.56
CA VAL D 278 11.96 -17.49 41.21
C VAL D 278 12.42 -17.81 39.79
N THR D 279 12.08 -16.95 38.85
CA THR D 279 12.25 -17.28 37.44
C THR D 279 13.72 -17.50 37.07
N TYR D 280 14.62 -16.79 37.74
CA TYR D 280 16.06 -16.96 37.49
C TYR D 280 16.55 -18.32 37.96
N ASP D 281 16.13 -18.72 39.15
CA ASP D 281 16.46 -20.07 39.63
C ASP D 281 16.05 -21.13 38.62
N ALA D 282 14.93 -20.91 37.92
CA ALA D 282 14.40 -21.89 36.98
C ALA D 282 14.98 -21.75 35.58
N LEU D 283 15.16 -20.51 35.14
CA LEU D 283 15.81 -20.24 33.86
C LEU D 283 17.19 -20.87 33.87
N ALA D 284 17.85 -20.78 35.02
CA ALA D 284 19.13 -21.46 35.23
C ALA D 284 18.95 -22.98 35.33
N SER D 285 17.97 -23.41 36.14
CA SER D 285 17.81 -24.82 36.51
C SER D 285 17.43 -25.74 35.35
N GLU D 286 16.47 -25.31 34.53
CA GLU D 286 15.87 -26.19 33.53
C GLU D 286 15.54 -25.50 32.21
N GLY D 287 15.60 -24.16 32.20
CA GLY D 287 15.20 -23.38 31.04
C GLY D 287 15.71 -23.92 29.71
N GLU D 288 17.01 -24.19 29.66
CA GLU D 288 17.68 -24.70 28.47
C GLU D 288 17.15 -26.07 28.04
N LYS D 289 16.77 -26.87 29.03
CA LYS D 289 16.24 -28.22 28.82
C LYS D 289 14.89 -28.20 28.09
N TYR D 290 14.13 -27.13 28.28
CA TYR D 290 12.83 -26.97 27.62
C TYR D 290 12.88 -25.95 26.47
N GLY D 291 13.89 -26.07 25.62
CA GLY D 291 14.00 -25.25 24.42
C GLY D 291 13.97 -23.73 24.64
N LEU D 292 14.91 -23.24 25.44
CA LEU D 292 15.05 -21.80 25.67
C LEU D 292 16.33 -21.30 25.00
N PRO D 293 16.18 -20.41 24.00
CA PRO D 293 17.26 -19.87 23.17
C PRO D 293 18.61 -19.77 23.90
N PRO D 294 19.70 -20.22 23.24
CA PRO D 294 21.07 -20.14 23.78
C PRO D 294 21.55 -18.71 24.05
N GLU D 295 21.03 -17.74 23.30
CA GLU D 295 21.38 -16.33 23.52
C GLU D 295 20.61 -15.68 24.68
N SER D 296 19.59 -16.38 25.17
CA SER D 296 18.95 -16.02 26.43
C SER D 296 19.68 -16.74 27.57
N ILE D 297 20.01 -18.01 27.34
CA ILE D 297 20.84 -18.80 28.25
C ILE D 297 22.14 -18.06 28.57
N ALA D 298 22.67 -17.37 27.57
CA ALA D 298 23.89 -16.60 27.74
C ALA D 298 23.69 -15.35 28.61
N LYS D 299 22.44 -14.97 28.84
CA LYS D 299 22.13 -13.73 29.56
C LYS D 299 21.68 -13.94 31.01
N ILE D 300 21.57 -15.20 31.43
CA ILE D 300 21.00 -15.53 32.74
C ILE D 300 21.88 -15.13 33.92
N ALA D 301 23.18 -15.35 33.79
CA ALA D 301 24.11 -15.05 34.86
C ALA D 301 24.29 -13.54 35.01
N ASP D 302 23.63 -12.80 34.14
CA ASP D 302 23.70 -11.33 34.18
C ASP D 302 22.96 -10.74 35.38
N VAL D 303 21.99 -11.47 35.92
CA VAL D 303 21.13 -10.94 36.98
C VAL D 303 20.83 -11.93 38.11
N HIS D 304 21.11 -13.20 37.87
CA HIS D 304 20.79 -14.26 38.84
C HIS D 304 21.43 -14.03 40.21
N GLY D 305 22.75 -14.15 40.28
CA GLY D 305 23.47 -14.06 41.54
C GLY D 305 23.24 -12.78 42.33
N ALA D 306 22.52 -11.83 41.73
CA ALA D 306 22.33 -10.52 42.36
C ALA D 306 20.98 -10.35 43.06
N GLY D 307 20.04 -11.25 42.78
CA GLY D 307 18.64 -11.06 43.16
C GLY D 307 18.34 -11.01 44.64
N LEU D 308 18.74 -12.07 45.34
CA LEU D 308 18.53 -12.18 46.78
C LEU D 308 19.00 -10.92 47.51
N HIS D 309 20.13 -10.38 47.10
CA HIS D 309 20.66 -9.20 47.77
C HIS D 309 19.88 -7.92 47.47
N SER D 310 19.47 -7.75 46.21
CA SER D 310 18.70 -6.56 45.88
C SER D 310 17.52 -6.36 46.83
N ILE D 311 16.98 -7.46 47.36
CA ILE D 311 15.85 -7.38 48.29
C ILE D 311 16.23 -6.67 49.58
N GLU D 312 17.44 -6.96 50.03
CA GLU D 312 17.98 -6.38 51.25
C GLU D 312 18.18 -4.88 51.06
N ILE D 313 18.65 -4.51 49.87
CA ILE D 313 18.86 -3.11 49.54
C ILE D 313 17.56 -2.33 49.55
N MET D 314 16.48 -2.96 49.08
CA MET D 314 15.18 -2.29 48.94
C MET D 314 14.49 -2.15 50.30
N LYS D 315 14.61 -3.18 51.14
CA LYS D 315 14.12 -3.12 52.50
C LYS D 315 14.89 -2.07 53.28
N ARG D 316 16.21 -2.10 53.14
CA ARG D 316 17.06 -1.09 53.72
C ARG D 316 16.50 0.29 53.40
N ALA D 317 16.27 0.56 52.12
CA ALA D 317 15.78 1.87 51.68
C ALA D 317 14.33 2.05 52.03
N GLY D 318 13.68 0.97 52.43
CA GLY D 318 12.26 1.03 52.78
C GLY D 318 11.34 1.08 51.57
N VAL D 319 11.78 0.45 50.49
CA VAL D 319 10.99 0.42 49.26
C VAL D 319 9.76 -0.48 49.40
N LYS D 320 8.63 0.02 48.91
CA LYS D 320 7.44 -0.80 48.83
C LYS D 320 7.62 -1.91 47.78
N MET D 321 7.64 -3.16 48.24
CA MET D 321 7.86 -4.33 47.36
C MET D 321 6.62 -5.23 47.21
N GLY D 322 6.27 -5.57 45.97
CA GLY D 322 5.17 -6.50 45.69
C GLY D 322 5.65 -7.91 45.39
N PHE D 323 4.72 -8.86 45.27
CA PHE D 323 5.02 -10.25 44.94
C PHE D 323 4.97 -10.51 43.42
N GLY D 324 5.98 -11.18 42.90
CA GLY D 324 6.00 -11.51 41.48
C GLY D 324 6.81 -12.76 41.19
N THR D 325 6.40 -13.48 40.15
CA THR D 325 7.05 -14.74 39.80
C THR D 325 7.72 -14.73 38.41
N ASP D 326 6.98 -14.27 37.42
CA ASP D 326 7.50 -14.12 36.05
C ASP D 326 8.00 -15.43 35.40
N LEU D 327 7.33 -16.54 35.68
CA LEU D 327 7.78 -17.83 35.14
C LEU D 327 7.18 -18.14 33.76
N LEU D 328 7.90 -18.96 32.99
CA LEU D 328 7.50 -19.33 31.64
C LEU D 328 7.44 -20.84 31.48
N GLY D 329 6.63 -21.29 30.53
CA GLY D 329 6.59 -22.70 30.18
C GLY D 329 6.38 -23.63 31.36
N GLU D 330 7.13 -24.72 31.41
CA GLU D 330 6.91 -25.72 32.44
C GLU D 330 7.25 -25.19 33.83
N ALA D 331 8.05 -24.13 33.89
CA ALA D 331 8.51 -23.58 35.16
C ALA D 331 7.41 -22.87 35.95
N GLN D 332 6.30 -22.60 35.28
CA GLN D 332 5.15 -21.95 35.93
C GLN D 332 4.71 -22.66 37.21
N ARG D 333 4.92 -23.98 37.25
CA ARG D 333 4.53 -24.83 38.38
C ARG D 333 5.27 -24.48 39.67
N LEU D 334 6.30 -23.65 39.55
CA LEU D 334 7.16 -23.33 40.69
C LEU D 334 6.76 -22.01 41.36
N GLN D 335 5.65 -21.46 40.91
CA GLN D 335 5.19 -20.14 41.36
C GLN D 335 5.31 -19.93 42.86
N SER D 336 4.85 -20.90 43.65
CA SER D 336 4.85 -20.75 45.10
C SER D 336 6.25 -20.68 45.70
N ASP D 337 7.23 -21.23 45.00
CA ASP D 337 8.61 -21.19 45.49
C ASP D 337 9.09 -19.79 45.84
N GLU D 338 8.56 -18.77 45.17
CA GLU D 338 9.00 -17.40 45.42
C GLU D 338 8.86 -17.04 46.89
N PHE D 339 7.93 -17.71 47.58
CA PHE D 339 7.75 -17.52 49.02
C PHE D 339 8.98 -18.00 49.82
N ARG D 340 9.50 -19.16 49.45
CA ARG D 340 10.64 -19.77 50.14
C ARG D 340 11.92 -18.98 49.91
N ILE D 341 12.14 -18.57 48.67
CA ILE D 341 13.30 -17.75 48.32
C ILE D 341 13.28 -16.42 49.06
N LEU D 342 12.17 -15.71 48.96
CA LEU D 342 12.01 -14.44 49.66
C LEU D 342 12.18 -14.63 51.17
N ALA D 343 11.73 -15.79 51.67
CA ALA D 343 11.73 -16.07 53.10
C ALA D 343 13.16 -16.13 53.68
N GLU D 344 14.14 -16.41 52.83
CA GLU D 344 15.53 -16.44 53.26
C GLU D 344 16.01 -15.08 53.75
N VAL D 345 15.40 -14.01 53.25
CA VAL D 345 15.89 -12.66 53.54
C VAL D 345 14.85 -11.80 54.23
N LEU D 346 13.59 -12.23 54.20
CA LEU D 346 12.52 -11.46 54.80
C LEU D 346 11.71 -12.24 55.82
N SER D 347 11.09 -11.50 56.73
CA SER D 347 10.22 -12.08 57.74
C SER D 347 8.91 -12.58 57.14
N PRO D 348 8.53 -13.82 57.44
CA PRO D 348 7.31 -14.39 56.91
C PRO D 348 6.18 -13.36 56.80
N ALA D 349 5.98 -12.57 57.85
CA ALA D 349 4.96 -11.53 57.82
C ALA D 349 5.21 -10.58 56.65
N GLU D 350 6.49 -10.36 56.35
CA GLU D 350 6.86 -9.44 55.29
C GLU D 350 6.59 -10.01 53.90
N VAL D 351 6.85 -11.29 53.72
CA VAL D 351 6.55 -11.91 52.43
C VAL D 351 5.04 -11.95 52.20
N ILE D 352 4.27 -12.29 53.24
CA ILE D 352 2.82 -12.36 53.09
C ILE D 352 2.19 -10.99 52.84
N ALA D 353 2.81 -9.94 53.34
CA ALA D 353 2.27 -8.59 53.15
C ALA D 353 2.45 -8.16 51.70
N SER D 354 3.58 -8.56 51.11
CA SER D 354 3.87 -8.31 49.69
C SER D 354 2.84 -8.91 48.75
N ALA D 355 2.42 -10.12 49.09
CA ALA D 355 1.50 -10.86 48.26
C ALA D 355 0.08 -10.57 48.64
N THR D 356 -0.11 -9.63 49.56
CA THR D 356 -1.46 -9.29 50.02
C THR D 356 -1.74 -7.80 50.05
N ILE D 357 -1.48 -7.17 51.19
CA ILE D 357 -1.83 -5.75 51.34
C ILE D 357 -1.02 -4.84 50.41
N VAL D 358 0.27 -5.12 50.24
CA VAL D 358 1.09 -4.31 49.36
C VAL D 358 0.67 -4.48 47.89
N SER D 359 0.55 -5.73 47.46
CA SER D 359 0.01 -6.03 46.13
C SER D 359 -1.34 -5.34 45.88
N ALA D 360 -2.19 -5.31 46.89
CA ALA D 360 -3.53 -4.77 46.70
C ALA D 360 -3.44 -3.27 46.49
N GLU D 361 -2.42 -2.70 47.10
CA GLU D 361 -2.16 -1.29 47.03
C GLU D 361 -1.78 -0.97 45.60
N VAL D 362 -0.85 -1.75 45.05
CA VAL D 362 -0.43 -1.60 43.67
C VAL D 362 -1.61 -1.62 42.68
N LEU D 363 -2.59 -2.48 42.93
CA LEU D 363 -3.74 -2.59 42.06
C LEU D 363 -4.75 -1.48 42.31
N GLY D 364 -4.48 -0.65 43.31
CA GLY D 364 -5.47 0.33 43.74
C GLY D 364 -6.70 -0.36 44.29
N MET D 365 -6.49 -1.42 45.07
CA MET D 365 -7.60 -2.18 45.63
C MET D 365 -7.43 -2.34 47.13
N GLN D 366 -6.94 -1.30 47.79
CA GLN D 366 -6.76 -1.32 49.23
C GLN D 366 -8.11 -1.49 49.92
N ASP D 367 -8.18 -2.40 50.88
CA ASP D 367 -9.42 -2.64 51.60
C ASP D 367 -10.41 -3.47 50.81
N LYS D 368 -10.09 -3.73 49.54
CA LYS D 368 -10.95 -4.54 48.69
C LYS D 368 -10.34 -5.91 48.40
N LEU D 369 -9.01 -6.01 48.53
CA LEU D 369 -8.29 -7.26 48.35
C LEU D 369 -7.11 -7.30 49.32
N GLY D 370 -6.55 -8.48 49.56
CA GLY D 370 -5.35 -8.58 50.38
C GLY D 370 -5.63 -8.61 51.86
N ARG D 371 -6.83 -8.19 52.25
CA ARG D 371 -7.27 -8.28 53.63
C ARG D 371 -8.68 -8.82 53.74
N ILE D 372 -8.89 -9.72 54.70
CA ILE D 372 -10.22 -10.14 55.11
C ILE D 372 -10.84 -9.07 56.05
N VAL D 373 -11.80 -8.32 55.51
CA VAL D 373 -12.40 -7.19 56.21
C VAL D 373 -13.77 -6.86 55.58
N PRO D 374 -14.70 -6.34 56.38
CA PRO D 374 -16.02 -5.92 55.89
C PRO D 374 -15.96 -5.06 54.62
N GLY D 375 -16.58 -5.55 53.56
CA GLY D 375 -16.66 -4.81 52.31
C GLY D 375 -15.69 -5.29 51.25
N ALA D 376 -14.71 -6.08 51.66
CA ALA D 376 -13.73 -6.60 50.71
C ALA D 376 -14.28 -7.80 49.93
N HIS D 377 -13.59 -8.18 48.86
CA HIS D 377 -14.00 -9.30 48.05
C HIS D 377 -13.78 -10.61 48.79
N ALA D 378 -14.74 -11.52 48.72
CA ALA D 378 -14.62 -12.78 49.44
C ALA D 378 -13.62 -13.73 48.78
N ASP D 379 -12.34 -13.43 48.94
CA ASP D 379 -11.25 -14.27 48.46
C ASP D 379 -10.49 -14.80 49.67
N VAL D 380 -10.71 -16.07 49.99
CA VAL D 380 -10.20 -16.63 51.22
C VAL D 380 -9.58 -17.99 51.02
N LEU D 381 -8.48 -18.23 51.73
CA LEU D 381 -7.87 -19.55 51.76
C LEU D 381 -7.99 -20.14 53.16
N VAL D 382 -7.94 -21.45 53.25
CA VAL D 382 -7.73 -22.11 54.52
C VAL D 382 -6.43 -22.90 54.40
N VAL D 383 -5.52 -22.68 55.33
CA VAL D 383 -4.18 -23.26 55.24
C VAL D 383 -3.90 -24.18 56.42
N ASP D 384 -3.38 -25.36 56.11
CA ASP D 384 -2.97 -26.32 57.13
C ASP D 384 -1.55 -25.98 57.58
N GLY D 385 -1.44 -24.92 58.36
CA GLY D 385 -0.14 -24.42 58.82
C GLY D 385 -0.27 -22.96 59.21
N ASN D 386 0.77 -22.41 59.84
CA ASN D 386 0.78 -21.01 60.24
C ASN D 386 1.79 -20.24 59.40
N PRO D 387 1.30 -19.58 58.34
CA PRO D 387 2.12 -18.87 57.35
C PRO D 387 2.93 -17.76 57.99
N LEU D 388 2.52 -17.35 59.18
CA LEU D 388 3.24 -16.32 59.93
C LEU D 388 4.47 -16.87 60.60
N LYS D 389 4.46 -18.19 60.84
CA LYS D 389 5.60 -18.86 61.44
C LYS D 389 6.48 -19.42 60.36
N SER D 390 5.85 -20.13 59.43
CA SER D 390 6.59 -20.72 58.33
C SER D 390 5.86 -20.57 57.01
N VAL D 391 6.63 -20.22 55.99
CA VAL D 391 6.14 -20.06 54.64
C VAL D 391 5.93 -21.43 53.96
N ASP D 392 6.60 -22.45 54.49
CA ASP D 392 6.60 -23.79 53.91
C ASP D 392 5.22 -24.40 53.62
N CYS D 393 4.18 -23.91 54.27
CA CYS D 393 2.87 -24.53 54.11
C CYS D 393 2.17 -24.07 52.83
N LEU D 394 2.64 -22.96 52.25
CA LEU D 394 2.08 -22.46 51.01
C LEU D 394 2.72 -23.13 49.81
N LEU D 395 3.93 -23.65 50.00
CA LEU D 395 4.70 -24.18 48.89
C LEU D 395 3.95 -25.28 48.16
N GLY D 396 4.56 -25.78 47.08
CA GLY D 396 3.99 -26.86 46.32
C GLY D 396 2.86 -26.47 45.38
N GLN D 397 1.78 -27.24 45.45
CA GLN D 397 0.74 -27.18 44.45
C GLN D 397 -0.59 -27.07 45.17
N GLY D 398 -0.55 -26.51 46.37
CA GLY D 398 -1.75 -26.31 47.16
C GLY D 398 -2.10 -27.45 48.10
N GLU D 399 -1.13 -28.34 48.34
CA GLU D 399 -1.37 -29.53 49.16
C GLU D 399 -1.78 -29.19 50.61
N HIS D 400 -1.29 -28.04 51.10
CA HIS D 400 -1.62 -27.60 52.45
C HIS D 400 -2.55 -26.40 52.46
N ILE D 401 -3.34 -26.28 51.40
CA ILE D 401 -4.33 -25.21 51.27
C ILE D 401 -5.65 -25.87 50.94
N PRO D 402 -6.22 -26.60 51.90
CA PRO D 402 -7.37 -27.45 51.64
C PRO D 402 -8.53 -26.68 51.02
N LEU D 403 -8.52 -25.36 51.11
CA LEU D 403 -9.68 -24.59 50.64
C LEU D 403 -9.35 -23.24 50.00
N VAL D 404 -9.96 -23.00 48.84
CA VAL D 404 -9.73 -21.75 48.11
C VAL D 404 -11.04 -21.10 47.69
N MET D 405 -11.34 -19.94 48.29
CA MET D 405 -12.55 -19.20 47.94
C MET D 405 -12.16 -17.96 47.12
N LYS D 406 -12.81 -17.76 45.99
CA LYS D 406 -12.65 -16.54 45.21
C LYS D 406 -14.02 -16.01 44.82
N ASP D 407 -14.26 -14.73 45.12
CA ASP D 407 -15.55 -14.11 44.79
C ASP D 407 -16.78 -14.70 45.52
N GLY D 408 -16.53 -15.37 46.64
CA GLY D 408 -17.62 -15.92 47.43
C GLY D 408 -17.94 -17.34 47.05
N ARG D 409 -17.24 -17.87 46.05
CA ARG D 409 -17.50 -19.23 45.59
C ARG D 409 -16.34 -20.13 45.94
N LEU D 410 -16.63 -21.38 46.23
CA LEU D 410 -15.59 -22.33 46.58
C LEU D 410 -15.04 -22.98 45.35
N PHE D 411 -13.73 -22.86 45.13
CA PHE D 411 -13.04 -23.50 44.02
CA PHE D 411 -13.10 -23.52 44.02
C PHE D 411 -12.41 -24.82 44.47
N VAL D 412 -11.82 -24.81 45.64
CA VAL D 412 -11.31 -26.01 46.27
C VAL D 412 -11.83 -26.11 47.70
N ASN D 413 -12.30 -27.28 48.08
CA ASN D 413 -12.72 -27.52 49.45
C ASN D 413 -12.52 -28.97 49.81
N GLU D 414 -11.35 -29.32 50.30
CA GLU D 414 -11.09 -30.70 50.65
C GLU D 414 -11.14 -30.88 52.14
N LEU D 415 -11.86 -29.96 52.77
CA LEU D 415 -12.22 -30.00 54.17
C LEU D 415 -13.29 -31.02 54.55
N GLU D 416 -14.35 -31.05 53.73
CA GLU D 416 -15.56 -31.84 53.99
C GLU D 416 -15.64 -33.06 53.08
N THR E 4 -37.79 42.32 -1.05
CA THR E 4 -39.22 42.32 -0.61
C THR E 4 -39.32 42.89 0.80
N THR E 5 -40.46 43.50 1.15
CA THR E 5 -40.59 44.20 2.43
C THR E 5 -41.82 43.82 3.26
N PHE E 6 -41.65 43.82 4.58
CA PHE E 6 -42.74 43.56 5.52
C PHE E 6 -42.77 44.65 6.59
N LEU E 7 -43.93 44.84 7.21
CA LEU E 7 -44.03 45.76 8.33
C LEU E 7 -44.79 45.11 9.49
N PHE E 8 -44.14 44.99 10.64
CA PHE E 8 -44.76 44.40 11.81
C PHE E 8 -45.31 45.48 12.72
N ARG E 9 -46.49 45.22 13.29
CA ARG E 9 -47.24 46.27 13.97
C ARG E 9 -48.30 45.68 14.91
N ASN E 10 -48.59 46.43 15.97
CA ASN E 10 -49.57 46.00 16.98
C ASN E 10 -49.12 44.76 17.72
N GLY E 11 -47.81 44.62 17.88
CA GLY E 11 -47.24 43.47 18.56
C GLY E 11 -46.38 43.91 19.73
N ALA E 12 -46.17 43.00 20.67
CA ALA E 12 -45.26 43.26 21.78
C ALA E 12 -43.87 42.78 21.39
N LEU E 13 -42.90 43.68 21.37
CA LEU E 13 -41.53 43.32 21.02
C LEU E 13 -40.78 42.70 22.20
N LEU E 14 -40.28 41.48 22.02
CA LEU E 14 -39.37 40.90 23.01
C LEU E 14 -37.92 41.24 22.64
N ASP E 15 -37.29 42.09 23.43
CA ASP E 15 -35.87 42.35 23.31
C ASP E 15 -35.17 41.70 24.49
N PRO E 16 -34.25 40.77 24.21
CA PRO E 16 -33.64 39.86 25.18
C PRO E 16 -32.75 40.51 26.24
N ASP E 17 -32.41 41.79 26.05
CA ASP E 17 -31.55 42.50 26.99
C ASP E 17 -32.38 43.39 27.91
N HIS E 18 -33.70 43.33 27.76
CA HIS E 18 -34.60 44.09 28.62
C HIS E 18 -35.67 43.17 29.23
N PRO E 19 -35.88 43.30 30.53
CA PRO E 19 -36.73 42.37 31.28
C PRO E 19 -38.24 42.37 30.93
N ASP E 20 -38.79 43.53 30.58
CA ASP E 20 -40.21 43.60 30.20
C ASP E 20 -40.40 43.70 28.68
N LEU E 21 -41.56 43.22 28.22
CA LEU E 21 -41.91 43.28 26.80
C LEU E 21 -42.17 44.71 26.33
N LEU E 22 -41.22 45.30 25.61
CA LEU E 22 -41.42 46.64 25.06
C LEU E 22 -42.73 46.67 24.27
N GLN E 23 -43.52 47.70 24.50
CA GLN E 23 -44.82 47.84 23.83
CA GLN E 23 -44.80 47.83 23.79
C GLN E 23 -44.83 49.08 22.93
N GLY E 24 -45.66 49.04 21.88
CA GLY E 24 -45.81 50.17 20.97
C GLY E 24 -44.68 50.36 19.96
N PHE E 25 -44.21 49.26 19.37
CA PHE E 25 -43.13 49.32 18.39
C PHE E 25 -43.55 48.77 17.02
N GLU E 26 -42.84 49.22 15.99
CA GLU E 26 -43.04 48.70 14.63
C GLU E 26 -41.72 48.24 14.01
N ILE E 27 -41.75 47.11 13.35
CA ILE E 27 -40.54 46.54 12.76
C ILE E 27 -40.62 46.51 11.24
N LEU E 28 -39.61 47.06 10.58
CA LEU E 28 -39.56 47.01 9.14
C LEU E 28 -38.45 46.09 8.63
N ILE E 29 -38.85 45.02 7.94
CA ILE E 29 -37.91 44.15 7.26
C ILE E 29 -37.97 44.41 5.77
N GLU E 30 -36.81 44.50 5.14
CA GLU E 30 -36.71 44.51 3.70
C GLU E 30 -35.41 43.84 3.24
N ASP E 31 -35.52 42.93 2.28
CA ASP E 31 -34.37 42.19 1.79
C ASP E 31 -33.58 41.39 2.83
N GLY E 32 -34.30 40.70 3.70
CA GLY E 32 -33.69 39.80 4.64
C GLY E 32 -32.98 40.44 5.81
N PHE E 33 -33.17 41.73 5.99
CA PHE E 33 -32.51 42.40 7.09
C PHE E 33 -33.46 43.28 7.85
N ILE E 34 -33.20 43.41 9.13
CA ILE E 34 -33.96 44.35 9.94
C ILE E 34 -33.55 45.74 9.52
N ARG E 35 -34.51 46.49 8.98
CA ARG E 35 -34.23 47.82 8.47
C ARG E 35 -34.40 48.89 9.54
N GLU E 36 -35.57 48.93 10.18
CA GLU E 36 -35.82 49.89 11.25
C GLU E 36 -36.77 49.39 12.32
N VAL E 37 -36.56 49.86 13.54
CA VAL E 37 -37.39 49.50 14.68
C VAL E 37 -37.65 50.77 15.49
N SER E 38 -38.92 51.08 15.73
CA SER E 38 -39.23 52.26 16.53
C SER E 38 -40.70 52.41 16.93
N ASP E 39 -40.91 53.19 17.98
CA ASP E 39 -42.25 53.56 18.44
C ASP E 39 -43.02 54.27 17.34
N LYS E 40 -42.56 55.46 16.95
CA LYS E 40 -43.18 56.19 15.85
C LYS E 40 -43.44 55.26 14.69
N PRO E 41 -44.72 55.09 14.32
CA PRO E 41 -45.08 54.28 13.17
C PRO E 41 -44.11 54.50 12.02
N ILE E 42 -43.99 53.52 11.13
CA ILE E 42 -43.03 53.61 10.04
C ILE E 42 -43.70 53.97 8.71
N LYS E 43 -43.10 54.92 8.01
CA LYS E 43 -43.60 55.37 6.71
C LYS E 43 -42.96 54.57 5.58
N SER E 44 -43.58 53.45 5.19
CA SER E 44 -43.11 52.66 4.06
C SER E 44 -44.28 52.32 3.16
N SER E 45 -44.20 52.77 1.92
CA SER E 45 -45.32 52.66 0.99
C SER E 45 -45.82 51.28 0.60
N ASN E 46 -44.90 50.36 0.28
CA ASN E 46 -45.32 49.04 -0.14
C ASN E 46 -45.04 47.91 0.82
N ALA E 47 -44.64 48.23 2.03
CA ALA E 47 -44.31 47.17 2.96
C ALA E 47 -45.53 46.32 3.18
N HIS E 48 -45.32 45.01 3.24
CA HIS E 48 -46.43 44.12 3.46
C HIS E 48 -46.65 44.26 4.92
N VAL E 49 -47.80 44.82 5.27
CA VAL E 49 -48.10 45.05 6.68
C VAL E 49 -48.64 43.80 7.33
N ILE E 50 -48.08 43.45 8.49
CA ILE E 50 -48.53 42.29 9.24
C ILE E 50 -49.07 42.71 10.61
N ASP E 51 -50.25 42.20 10.95
CA ASP E 51 -50.94 42.61 12.17
C ASP E 51 -50.78 41.59 13.30
N VAL E 52 -49.84 41.88 14.19
CA VAL E 52 -49.53 41.00 15.31
C VAL E 52 -50.76 40.74 16.17
N LYS E 53 -51.56 41.79 16.38
CA LYS E 53 -52.74 41.73 17.23
C LYS E 53 -52.36 41.40 18.68
N GLY E 54 -51.41 42.17 19.20
CA GLY E 54 -50.93 42.01 20.57
C GLY E 54 -50.23 40.68 20.87
N LYS E 55 -49.75 40.00 19.84
CA LYS E 55 -48.91 38.82 20.03
C LYS E 55 -47.46 39.24 20.24
N THR E 56 -46.59 38.30 20.62
CA THR E 56 -45.20 38.68 20.89
C THR E 56 -44.26 38.54 19.69
N ILE E 57 -43.38 39.51 19.53
CA ILE E 57 -42.38 39.51 18.48
C ILE E 57 -41.02 39.34 19.12
N MET E 58 -40.36 38.23 18.78
CA MET E 58 -39.02 37.98 19.31
C MET E 58 -38.08 37.56 18.20
N PRO E 59 -36.77 37.66 18.47
CA PRO E 59 -35.69 37.16 17.63
C PRO E 59 -35.82 35.65 17.44
N GLY E 60 -35.34 35.14 16.31
CA GLY E 60 -35.36 33.70 16.07
C GLY E 60 -34.50 33.02 17.12
N LEU E 61 -34.90 31.81 17.52
CA LEU E 61 -34.21 31.07 18.58
C LEU E 61 -32.90 30.44 18.07
N ILE E 62 -31.92 30.33 18.95
CA ILE E 62 -30.66 29.70 18.59
C ILE E 62 -30.31 28.49 19.48
N ASP E 63 -29.89 27.39 18.86
CA ASP E 63 -29.43 26.20 19.59
C ASP E 63 -28.00 25.86 19.17
N LEU E 64 -27.08 25.85 20.15
CA LEU E 64 -25.64 25.73 19.91
C LEU E 64 -25.14 24.30 19.87
N HIS E 65 -26.05 23.34 19.94
CA HIS E 65 -25.61 21.98 19.98
C HIS E 65 -26.66 21.06 19.45
N VAL E 66 -26.67 20.91 18.14
CA VAL E 66 -27.54 19.92 17.50
C VAL E 66 -26.63 18.95 16.74
N HIS E 67 -27.17 17.77 16.43
CA HIS E 67 -26.59 16.92 15.40
C HIS E 67 -27.66 16.60 14.35
N VAL E 68 -27.60 17.32 13.25
CA VAL E 68 -28.57 17.16 12.19
C VAL E 68 -28.65 15.73 11.65
N VAL E 69 -27.52 15.04 11.63
CA VAL E 69 -27.47 13.69 11.04
C VAL E 69 -27.57 12.56 12.08
N ALA E 70 -27.89 12.91 13.32
CA ALA E 70 -28.16 11.90 14.34
C ALA E 70 -29.57 11.38 14.17
N ILE E 71 -29.80 10.63 13.08
CA ILE E 71 -31.14 10.17 12.74
C ILE E 71 -31.60 8.99 13.58
N GLU E 72 -30.74 8.52 14.49
CA GLU E 72 -31.15 7.47 15.41
C GLU E 72 -30.14 7.29 16.55
N PHE E 73 -30.53 6.57 17.59
CA PHE E 73 -29.73 6.45 18.81
C PHE E 73 -28.42 5.68 18.64
N ASN E 74 -28.44 4.67 17.77
CA ASN E 74 -27.22 3.93 17.47
C ASN E 74 -26.31 4.68 16.50
N LEU E 75 -25.44 5.51 17.05
CA LEU E 75 -24.58 6.39 16.27
C LEU E 75 -23.46 5.70 15.47
N PRO E 76 -22.84 4.65 16.04
CA PRO E 76 -21.89 3.88 15.23
C PRO E 76 -22.58 3.27 14.03
N ARG E 77 -23.83 2.85 14.22
CA ARG E 77 -24.61 2.27 13.15
C ARG E 77 -24.97 3.31 12.10
N VAL E 78 -25.21 4.54 12.54
CA VAL E 78 -25.56 5.61 11.61
C VAL E 78 -24.41 5.81 10.62
N ALA E 79 -23.20 5.77 11.12
CA ALA E 79 -22.01 5.90 10.29
C ALA E 79 -22.03 4.94 9.11
N THR E 80 -22.60 3.75 9.32
CA THR E 80 -22.59 2.72 8.29
C THR E 80 -23.79 2.75 7.32
N LEU E 81 -24.84 3.49 7.67
CA LEU E 81 -25.99 3.62 6.78
C LEU E 81 -25.60 4.38 5.53
N PRO E 82 -26.26 4.07 4.40
CA PRO E 82 -26.00 4.73 3.13
C PRO E 82 -26.09 6.24 3.24
N ASN E 83 -25.24 6.92 2.49
CA ASN E 83 -25.23 8.37 2.46
C ASN E 83 -26.58 8.95 2.08
N VAL E 84 -27.17 8.43 1.03
CA VAL E 84 -28.49 8.88 0.56
C VAL E 84 -29.48 8.88 1.72
N LEU E 85 -29.62 7.74 2.38
CA LEU E 85 -30.59 7.56 3.44
C LEU E 85 -30.38 8.45 4.65
N VAL E 86 -29.14 8.56 5.08
CA VAL E 86 -28.81 9.51 6.13
C VAL E 86 -29.21 10.90 5.68
N THR E 87 -28.84 11.25 4.45
CA THR E 87 -29.16 12.59 3.94
C THR E 87 -30.66 12.90 3.95
N LEU E 88 -31.47 11.96 3.47
CA LEU E 88 -32.90 12.20 3.34
C LEU E 88 -33.64 12.20 4.67
N ARG E 89 -33.05 11.56 5.68
CA ARG E 89 -33.64 11.49 6.99
C ARG E 89 -33.30 12.71 7.84
N ALA E 90 -32.22 13.39 7.45
CA ALA E 90 -31.86 14.65 8.10
C ALA E 90 -32.79 15.78 7.69
N VAL E 91 -33.53 15.59 6.60
CA VAL E 91 -34.34 16.66 6.04
C VAL E 91 -35.50 17.05 6.95
N PRO E 92 -36.38 16.10 7.26
CA PRO E 92 -37.49 16.39 8.16
C PRO E 92 -37.00 16.93 9.50
N ILE E 93 -35.83 16.46 9.93
CA ILE E 93 -35.25 16.87 11.19
C ILE E 93 -34.89 18.35 11.19
N MET E 94 -34.25 18.81 10.12
CA MET E 94 -33.89 20.22 9.99
C MET E 94 -35.14 21.08 9.86
N ARG E 95 -36.20 20.49 9.29
CA ARG E 95 -37.46 21.20 9.04
C ARG E 95 -38.24 21.39 10.34
N ALA E 96 -38.32 20.31 11.13
CA ALA E 96 -38.93 20.36 12.45
C ALA E 96 -38.27 21.40 13.37
N MET E 97 -36.96 21.53 13.26
CA MET E 97 -36.21 22.51 14.06
C MET E 97 -36.62 23.93 13.73
N LEU E 98 -36.86 24.20 12.46
CA LEU E 98 -37.26 25.55 12.02
C LEU E 98 -38.73 25.86 12.39
N ARG E 99 -39.54 24.82 12.51
CA ARG E 99 -40.92 25.01 12.97
C ARG E 99 -40.92 25.44 14.43
N ARG E 100 -40.06 24.79 15.21
CA ARG E 100 -39.98 25.05 16.64
C ARG E 100 -39.27 26.37 16.94
N GLY E 101 -39.05 27.16 15.90
CA GLY E 101 -38.53 28.53 16.03
C GLY E 101 -37.03 28.74 16.00
N PHE E 102 -36.27 27.67 15.75
CA PHE E 102 -34.80 27.79 15.76
C PHE E 102 -34.30 28.17 14.38
N THR E 103 -33.91 29.43 14.23
CA THR E 103 -33.53 29.97 12.92
C THR E 103 -32.02 29.82 12.68
N THR E 104 -31.29 29.62 13.76
CA THR E 104 -29.88 29.25 13.67
C THR E 104 -29.62 28.11 14.62
N VAL E 105 -28.70 27.25 14.24
CA VAL E 105 -28.25 26.16 15.09
C VAL E 105 -26.79 25.94 14.80
N ARG E 106 -26.03 25.60 15.84
CA ARG E 106 -24.66 25.14 15.68
C ARG E 106 -24.73 23.62 15.78
N ASP E 107 -24.39 22.96 14.67
CA ASP E 107 -24.31 21.50 14.63
C ASP E 107 -22.96 21.09 15.20
N ALA E 108 -22.97 20.24 16.21
CA ALA E 108 -21.75 20.02 17.00
C ALA E 108 -20.97 18.79 16.58
N GLY E 109 -21.20 18.32 15.36
CA GLY E 109 -20.45 17.21 14.81
C GLY E 109 -21.30 16.39 13.86
N GLY E 110 -20.82 16.23 12.64
CA GLY E 110 -21.57 15.46 11.65
C GLY E 110 -21.78 16.25 10.38
N ALA E 111 -22.80 17.10 10.38
CA ALA E 111 -23.15 17.85 9.18
C ALA E 111 -22.05 18.81 8.78
N GLY E 112 -21.72 18.81 7.50
CA GLY E 112 -20.65 19.66 6.96
C GLY E 112 -21.17 20.72 6.02
N TYR E 113 -20.24 21.37 5.34
CA TYR E 113 -20.54 22.48 4.43
C TYR E 113 -21.70 22.20 3.46
N PRO E 114 -21.73 21.00 2.85
CA PRO E 114 -22.81 20.68 1.92
C PRO E 114 -24.19 20.99 2.47
N PHE E 115 -24.49 20.53 3.69
CA PHE E 115 -25.74 20.86 4.36
C PHE E 115 -25.92 22.37 4.56
N LYS E 116 -24.85 23.06 4.89
CA LYS E 116 -24.93 24.50 5.09
C LYS E 116 -25.35 25.19 3.80
N GLN E 117 -24.82 24.72 2.67
CA GLN E 117 -25.18 25.32 1.39
C GLN E 117 -26.54 24.88 0.86
N ALA E 118 -26.97 23.66 1.18
CA ALA E 118 -28.30 23.22 0.76
C ALA E 118 -29.35 24.16 1.34
N VAL E 119 -29.07 24.63 2.55
CA VAL E 119 -29.93 25.56 3.26
C VAL E 119 -29.83 26.95 2.63
N GLU E 120 -28.61 27.45 2.50
CA GLU E 120 -28.41 28.79 1.95
C GLU E 120 -28.99 28.94 0.55
N SER E 121 -28.90 27.88 -0.25
CA SER E 121 -29.45 27.89 -1.61
C SER E 121 -30.94 27.57 -1.59
N GLY E 122 -31.52 27.54 -0.41
CA GLY E 122 -32.93 27.20 -0.29
C GLY E 122 -33.22 25.86 -0.93
N LEU E 123 -32.18 25.04 -1.11
CA LEU E 123 -32.37 23.68 -1.58
C LEU E 123 -33.25 22.92 -0.59
N VAL E 124 -33.06 23.19 0.71
CA VAL E 124 -33.95 22.64 1.74
C VAL E 124 -34.31 23.70 2.77
N GLU E 125 -35.29 23.39 3.61
CA GLU E 125 -35.79 24.33 4.61
C GLU E 125 -35.25 23.98 5.99
N GLY E 126 -34.59 24.94 6.63
CA GLY E 126 -34.14 24.72 8.00
C GLY E 126 -33.31 25.86 8.53
N PRO E 127 -32.82 25.70 9.76
CA PRO E 127 -32.07 26.76 10.40
C PRO E 127 -30.81 27.05 9.61
N ARG E 128 -30.40 28.30 9.60
CA ARG E 128 -29.04 28.61 9.19
C ARG E 128 -28.15 27.64 9.96
N LEU E 129 -27.02 27.25 9.37
CA LEU E 129 -26.14 26.23 9.96
C LEU E 129 -24.72 26.71 10.18
N PHE E 130 -24.26 26.66 11.43
CA PHE E 130 -22.85 26.83 11.72
C PHE E 130 -22.31 25.45 12.02
N VAL E 131 -21.54 24.91 11.07
CA VAL E 131 -21.15 23.51 11.10
C VAL E 131 -19.72 23.28 11.61
N SER E 132 -19.50 22.09 12.17
CA SER E 132 -18.20 21.73 12.72
C SER E 132 -17.51 20.68 11.85
N GLY E 133 -18.24 20.14 10.89
CA GLY E 133 -17.75 18.99 10.16
C GLY E 133 -17.68 17.84 11.14
N ARG E 134 -16.73 16.93 10.94
CA ARG E 134 -16.58 15.81 11.87
C ARG E 134 -15.84 16.26 13.12
N ALA E 135 -16.30 15.76 14.27
CA ALA E 135 -15.64 16.00 15.55
C ALA E 135 -14.36 15.17 15.60
N LEU E 136 -13.32 15.74 16.21
CA LEU E 136 -12.03 15.09 16.34
C LEU E 136 -11.96 14.29 17.64
N SER E 137 -11.57 13.04 17.53
CA SER E 137 -11.49 12.17 18.71
C SER E 137 -10.24 11.30 18.67
N GLN E 138 -9.57 11.21 19.80
CA GLN E 138 -8.44 10.32 19.91
C GLN E 138 -8.94 8.88 19.77
N THR E 139 -8.02 7.98 19.45
CA THR E 139 -8.32 6.55 19.40
C THR E 139 -9.04 6.15 20.69
N GLY E 140 -10.12 5.40 20.56
CA GLY E 140 -10.86 4.97 21.74
C GLY E 140 -11.48 6.14 22.46
N GLY E 141 -11.40 7.32 21.84
CA GLY E 141 -12.09 8.50 22.36
C GLY E 141 -13.60 8.39 22.21
N HIS E 142 -14.31 9.46 22.58
CA HIS E 142 -15.75 9.42 22.57
C HIS E 142 -16.35 9.46 21.14
N ALA E 143 -15.54 9.86 20.15
CA ALA E 143 -15.98 9.87 18.75
C ALA E 143 -15.41 8.71 17.93
N ASP E 144 -14.90 7.70 18.63
CA ASP E 144 -14.37 6.49 18.02
C ASP E 144 -15.42 5.39 18.16
N PRO E 145 -16.06 5.02 17.04
CA PRO E 145 -17.22 4.13 17.05
C PRO E 145 -16.88 2.66 17.06
N ARG E 146 -15.59 2.33 17.14
CA ARG E 146 -15.18 0.95 17.04
C ARG E 146 -15.49 0.19 18.31
N ALA E 147 -16.10 -0.98 18.15
CA ALA E 147 -16.45 -1.83 19.26
C ALA E 147 -15.17 -2.36 19.90
N ARG E 148 -15.29 -2.97 21.07
CA ARG E 148 -14.14 -3.54 21.74
C ARG E 148 -13.95 -4.99 21.34
N SER E 149 -12.74 -5.31 20.90
CA SER E 149 -12.38 -6.65 20.49
C SER E 149 -10.89 -6.84 20.64
N ASP E 150 -10.35 -7.87 20.03
CA ASP E 150 -8.93 -8.18 20.12
C ASP E 150 -8.14 -7.72 18.90
N TYR E 151 -8.68 -6.74 18.19
CA TYR E 151 -8.06 -6.19 17.01
C TYR E 151 -8.71 -4.84 16.76
N MET E 152 -8.06 -4.03 15.93
CA MET E 152 -8.45 -2.64 15.71
C MET E 152 -8.67 -2.37 14.24
N PRO E 153 -9.92 -2.40 13.78
CA PRO E 153 -10.23 -2.10 12.39
C PRO E 153 -9.90 -0.64 12.05
N PRO E 154 -9.80 -0.32 10.75
CA PRO E 154 -9.63 1.06 10.31
C PRO E 154 -10.68 2.00 10.90
N ASP E 155 -10.27 3.23 11.22
CA ASP E 155 -11.19 4.25 11.71
C ASP E 155 -12.43 4.34 10.83
N SER E 156 -12.21 4.49 9.53
CA SER E 156 -13.30 4.55 8.57
C SER E 156 -12.99 3.69 7.35
N PRO E 157 -14.00 2.97 6.84
CA PRO E 157 -13.81 2.12 5.68
C PRO E 157 -12.79 2.72 4.73
N CYS E 158 -12.93 4.01 4.42
CA CYS E 158 -12.15 4.62 3.36
C CYS E 158 -11.74 6.05 3.72
N GLY E 159 -10.45 6.25 3.99
CA GLY E 159 -9.98 7.50 4.52
C GLY E 159 -10.31 8.73 3.70
N CYS E 160 -10.21 8.63 2.39
CA CYS E 160 -10.40 9.77 1.50
C CYS E 160 -11.79 10.42 1.48
N CYS E 161 -12.85 9.62 1.46
CA CYS E 161 -14.22 10.16 1.39
C CYS E 161 -14.91 10.27 2.76
N VAL E 162 -15.83 11.21 2.89
CA VAL E 162 -16.52 11.42 4.16
C VAL E 162 -17.86 10.68 4.14
N ARG E 163 -18.21 10.00 5.22
CA ARG E 163 -19.55 9.45 5.31
C ARG E 163 -20.48 10.46 5.96
N VAL E 164 -21.70 10.55 5.43
CA VAL E 164 -22.66 11.55 5.90
C VAL E 164 -23.06 11.29 7.35
N GLY E 165 -23.23 10.02 7.70
CA GLY E 165 -23.70 9.64 9.03
C GLY E 165 -22.63 9.65 10.11
N ALA E 166 -21.41 10.03 9.70
CA ALA E 166 -20.28 10.09 10.62
C ALA E 166 -20.26 11.40 11.39
N LEU E 167 -20.33 11.30 12.71
CA LEU E 167 -20.32 12.48 13.57
C LEU E 167 -18.90 12.86 13.95
N GLY E 168 -17.99 11.90 13.91
CA GLY E 168 -16.62 12.18 14.27
C GLY E 168 -15.59 11.60 13.34
N ARG E 169 -14.32 11.71 13.75
CA ARG E 169 -13.20 11.11 13.04
C ARG E 169 -12.07 10.96 14.03
N VAL E 170 -11.37 9.83 13.95
CA VAL E 170 -10.27 9.55 14.85
C VAL E 170 -8.97 10.19 14.34
N ALA E 171 -8.28 10.89 15.23
CA ALA E 171 -6.99 11.47 14.90
C ALA E 171 -6.10 11.43 16.12
N ASP E 172 -4.83 11.03 15.94
CA ASP E 172 -3.92 10.86 17.07
C ASP E 172 -2.56 11.46 16.78
N GLY E 173 -2.04 12.25 17.72
CA GLY E 173 -0.77 12.93 17.51
C GLY E 173 -0.93 14.32 16.93
N VAL E 174 -0.08 15.23 17.40
CA VAL E 174 -0.06 16.63 16.97
C VAL E 174 -0.18 16.80 15.45
N ASP E 175 0.73 16.20 14.70
CA ASP E 175 0.73 16.33 13.24
C ASP E 175 -0.60 15.86 12.63
N GLU E 176 -1.06 14.70 13.09
CA GLU E 176 -2.32 14.14 12.62
C GLU E 176 -3.50 15.06 12.99
N VAL E 177 -3.56 15.53 14.23
CA VAL E 177 -4.60 16.50 14.61
C VAL E 177 -4.52 17.85 13.90
N ARG E 178 -3.30 18.34 13.59
CA ARG E 178 -3.16 19.56 12.81
CA ARG E 178 -3.13 19.55 12.79
C ARG E 178 -3.67 19.36 11.39
N ARG E 179 -3.38 18.20 10.80
CA ARG E 179 -3.84 17.92 9.44
C ARG E 179 -5.36 17.75 9.42
N ALA E 180 -5.88 17.07 10.42
CA ALA E 180 -7.32 16.86 10.56
C ALA E 180 -8.07 18.20 10.53
N VAL E 181 -7.60 19.16 11.32
CA VAL E 181 -8.29 20.43 11.40
C VAL E 181 -8.22 21.19 10.08
N ARG E 182 -7.03 21.22 9.50
CA ARG E 182 -6.81 21.89 8.23
C ARG E 182 -7.74 21.32 7.16
N GLU E 183 -8.04 20.03 7.27
CA GLU E 183 -8.94 19.38 6.33
C GLU E 183 -10.39 19.80 6.51
N GLU E 184 -10.87 19.74 7.75
CA GLU E 184 -12.23 20.15 8.06
C GLU E 184 -12.44 21.62 7.67
N LEU E 185 -11.43 22.45 7.95
CA LEU E 185 -11.50 23.88 7.60
C LEU E 185 -11.53 24.10 6.09
N GLN E 186 -10.81 23.29 5.34
CA GLN E 186 -10.81 23.47 3.89
C GLN E 186 -12.10 22.94 3.26
N MET E 187 -12.73 21.99 3.92
CA MET E 187 -14.02 21.51 3.46
C MET E 187 -15.17 22.46 3.87
N GLY E 188 -14.84 23.52 4.61
CA GLY E 188 -15.83 24.56 4.94
C GLY E 188 -16.41 24.67 6.35
N ALA E 189 -15.84 23.94 7.32
CA ALA E 189 -16.31 24.06 8.71
C ALA E 189 -16.30 25.51 9.23
N ASP E 190 -17.22 25.84 10.12
CA ASP E 190 -17.27 27.17 10.72
C ASP E 190 -16.50 27.21 12.03
N GLN E 191 -16.42 26.07 12.70
CA GLN E 191 -15.73 25.98 13.98
C GLN E 191 -15.29 24.53 14.19
N ILE E 192 -14.53 24.27 15.25
CA ILE E 192 -13.93 22.95 15.40
C ILE E 192 -14.33 22.29 16.70
N ILE E 194 -14.02 19.14 19.39
CA ILE E 194 -13.17 18.06 19.87
C ILE E 194 -13.81 17.36 21.05
N MET E 195 -13.49 16.07 21.20
CA MET E 195 -13.91 15.30 22.36
C MET E 195 -12.80 15.36 23.40
N ALA E 196 -13.02 16.16 24.45
CA ALA E 196 -11.99 16.35 25.47
C ALA E 196 -12.19 15.45 26.68
N SER E 197 -13.05 14.45 26.52
CA SER E 197 -13.48 13.66 27.67
C SER E 197 -14.15 12.39 27.21
N GLY E 198 -14.31 11.45 28.14
CA GLY E 198 -15.13 10.29 27.89
C GLY E 198 -16.57 10.73 27.65
N GLY E 199 -17.41 9.83 27.15
CA GLY E 199 -18.77 10.20 26.82
C GLY E 199 -19.80 9.20 27.31
N VAL E 200 -21.02 9.34 26.80
CA VAL E 200 -22.11 8.45 27.16
C VAL E 200 -22.58 7.66 25.94
N ALA E 201 -22.98 8.39 24.91
CA ALA E 201 -23.55 7.79 23.69
C ALA E 201 -22.51 7.09 22.82
N SER E 202 -21.49 6.51 23.45
CA SER E 202 -20.42 5.82 22.73
C SER E 202 -20.05 4.49 23.40
N PRO E 203 -19.41 3.59 22.63
CA PRO E 203 -19.16 2.21 23.04
C PRO E 203 -18.17 2.00 24.20
N THR E 204 -16.94 2.48 24.03
CA THR E 204 -15.80 1.98 24.82
C THR E 204 -15.27 2.86 25.95
N ASP E 205 -15.64 4.14 25.95
CA ASP E 205 -15.02 5.11 26.86
C ASP E 205 -15.88 5.46 28.08
N PRO E 206 -15.26 5.44 29.28
CA PRO E 206 -15.87 5.94 30.52
C PRO E 206 -15.93 7.48 30.53
N VAL E 207 -16.76 8.02 31.42
CA VAL E 207 -17.06 9.46 31.45
C VAL E 207 -15.90 10.38 31.85
N GLY E 208 -15.14 9.98 32.88
CA GLY E 208 -14.11 10.84 33.46
C GLY E 208 -12.74 10.74 32.82
N VAL E 209 -12.65 9.93 31.76
CA VAL E 209 -11.41 9.79 31.00
C VAL E 209 -11.08 11.04 30.19
N PHE E 210 -9.81 11.40 30.19
CA PHE E 210 -9.30 12.49 29.40
C PHE E 210 -9.33 12.12 27.92
N GLY E 211 -9.64 13.10 27.07
CA GLY E 211 -9.50 12.91 25.65
C GLY E 211 -8.40 13.86 25.22
N TYR E 212 -7.53 13.39 24.34
CA TYR E 212 -6.38 14.17 23.85
C TYR E 212 -5.46 14.66 24.96
N SER E 213 -4.20 14.87 24.60
CA SER E 213 -3.25 15.46 25.50
C SER E 213 -3.24 16.96 25.30
N GLU E 214 -2.66 17.68 26.24
CA GLU E 214 -2.60 19.13 26.11
C GLU E 214 -1.94 19.54 24.80
N ASP E 215 -0.88 18.83 24.42
CA ASP E 215 -0.18 19.12 23.17
C ASP E 215 -1.13 19.10 21.97
N GLU E 216 -1.98 18.09 21.92
CA GLU E 216 -2.98 17.98 20.85
C GLU E 216 -4.04 19.06 20.95
N ILE E 217 -4.51 19.34 22.16
CA ILE E 217 -5.54 20.36 22.32
C ILE E 217 -5.02 21.72 21.86
N ARG E 218 -3.81 22.05 22.30
CA ARG E 218 -3.24 23.35 21.94
C ARG E 218 -3.04 23.53 20.42
N ALA E 219 -2.56 22.49 19.75
CA ALA E 219 -2.32 22.56 18.31
C ALA E 219 -3.65 22.66 17.55
N ILE E 220 -4.65 21.95 18.04
CA ILE E 220 -6.00 22.06 17.50
C ILE E 220 -6.52 23.50 17.66
N VAL E 221 -6.38 24.05 18.86
CA VAL E 221 -6.85 25.41 19.12
C VAL E 221 -6.11 26.44 18.28
N ALA E 222 -4.80 26.27 18.16
CA ALA E 222 -4.00 27.19 17.33
C ALA E 222 -4.39 27.09 15.87
N GLU E 223 -4.80 25.90 15.44
CA GLU E 223 -5.24 25.75 14.05
C GLU E 223 -6.56 26.48 13.81
N ALA E 224 -7.50 26.33 14.73
CA ALA E 224 -8.78 27.03 14.58
C ALA E 224 -8.56 28.55 14.61
N GLN E 225 -7.70 29.01 15.51
CA GLN E 225 -7.49 30.43 15.68
C GLN E 225 -6.81 31.05 14.47
N GLY E 226 -5.88 30.31 13.88
CA GLY E 226 -5.19 30.74 12.67
C GLY E 226 -6.13 31.11 11.54
N ARG E 227 -7.34 30.56 11.58
CA ARG E 227 -8.34 30.88 10.55
C ARG E 227 -9.45 31.79 11.11
N GLY E 228 -9.25 32.32 12.30
CA GLY E 228 -10.22 33.24 12.88
C GLY E 228 -11.46 32.54 13.39
N THR E 229 -11.30 31.30 13.84
CA THR E 229 -12.40 30.57 14.49
C THR E 229 -11.93 29.98 15.81
N TYR E 230 -12.73 29.08 16.36
CA TYR E 230 -12.53 28.65 17.73
C TYR E 230 -12.78 27.16 17.87
N VAL E 231 -12.60 26.63 19.08
CA VAL E 231 -12.86 25.23 19.36
C VAL E 231 -13.91 25.05 20.46
N LEU E 232 -14.80 24.07 20.26
CA LEU E 232 -15.75 23.63 21.30
C LEU E 232 -15.40 22.19 21.73
N ALA E 233 -15.46 21.91 23.02
CA ALA E 233 -15.09 20.58 23.52
C ALA E 233 -16.16 19.90 24.37
N HIS E 234 -16.50 18.68 23.97
CA HIS E 234 -17.25 17.77 24.81
C HIS E 234 -16.44 17.59 26.09
N ALA E 235 -17.04 17.90 27.24
CA ALA E 235 -16.33 17.70 28.52
C ALA E 235 -17.26 17.71 29.74
N TYR E 236 -17.08 16.74 30.64
CA TYR E 236 -17.96 16.57 31.80
C TYR E 236 -17.34 16.96 33.14
N THR E 237 -16.14 16.46 33.43
CA THR E 237 -15.59 16.58 34.77
C THR E 237 -14.70 17.79 34.95
N PRO E 238 -14.53 18.24 36.20
CA PRO E 238 -13.78 19.44 36.50
C PRO E 238 -12.36 19.37 35.93
N ALA E 239 -11.70 18.23 36.11
CA ALA E 239 -10.34 18.06 35.61
C ALA E 239 -10.30 18.19 34.09
N ALA E 240 -11.15 17.41 33.42
CA ALA E 240 -11.23 17.40 31.97
C ALA E 240 -11.56 18.78 31.44
N ILE E 241 -12.54 19.43 32.06
CA ILE E 241 -12.98 20.76 31.70
C ILE E 241 -11.87 21.78 31.90
N ALA E 242 -11.17 21.65 33.03
CA ALA E 242 -10.16 22.64 33.40
C ALA E 242 -9.00 22.66 32.40
N ARG E 243 -8.56 21.48 31.97
CA ARG E 243 -7.44 21.40 31.03
C ARG E 243 -7.79 21.94 29.64
N ALA E 244 -9.01 21.68 29.18
CA ALA E 244 -9.47 22.18 27.89
C ALA E 244 -9.49 23.70 27.84
N VAL E 245 -9.94 24.31 28.93
CA VAL E 245 -10.01 25.76 29.00
C VAL E 245 -8.62 26.35 29.04
N ARG E 246 -7.73 25.71 29.79
CA ARG E 246 -6.36 26.18 29.89
CA ARG E 246 -6.35 26.15 29.90
C ARG E 246 -5.64 26.11 28.55
N CYS E 247 -6.02 25.14 27.72
CA CYS E 247 -5.39 24.95 26.41
C CYS E 247 -6.01 25.81 25.30
N GLY E 248 -6.95 26.68 25.67
CA GLY E 248 -7.50 27.64 24.71
C GLY E 248 -8.89 27.36 24.18
N VAL E 249 -9.56 26.34 24.69
CA VAL E 249 -10.91 26.01 24.20
C VAL E 249 -11.95 27.05 24.65
N ARG E 250 -12.87 27.38 23.76
CA ARG E 250 -13.74 28.54 23.96
C ARG E 250 -15.14 28.18 24.48
N THR E 251 -15.78 27.20 23.89
CA THR E 251 -17.02 26.71 24.47
C THR E 251 -16.83 25.30 25.03
N ILE E 252 -17.52 25.03 26.12
CA ILE E 252 -17.48 23.74 26.79
C ILE E 252 -18.87 23.15 26.66
N GLU E 253 -18.97 21.98 26.03
CA GLU E 253 -20.27 21.37 25.82
C GLU E 253 -20.61 20.42 26.97
N HIS E 254 -21.86 20.51 27.44
CA HIS E 254 -22.39 19.68 28.52
C HIS E 254 -21.98 20.21 29.90
N GLY E 255 -20.73 19.96 30.29
CA GLY E 255 -20.19 20.42 31.56
C GLY E 255 -20.98 19.96 32.77
N ASN E 256 -21.66 18.82 32.66
CA ASN E 256 -22.56 18.37 33.71
C ASN E 256 -21.95 18.32 35.12
N LEU E 257 -20.70 17.86 35.21
CA LEU E 257 -20.11 17.53 36.50
C LEU E 257 -19.12 18.61 36.93
N ILE E 258 -19.25 19.78 36.33
CA ILE E 258 -18.42 20.92 36.69
C ILE E 258 -18.61 21.26 38.16
N ASP E 259 -17.52 21.69 38.81
CA ASP E 259 -17.59 22.13 40.20
C ASP E 259 -17.33 23.63 40.25
N ASP E 260 -17.41 24.22 41.44
CA ASP E 260 -17.28 25.68 41.61
C ASP E 260 -15.91 26.20 41.18
N GLU E 261 -14.87 25.45 41.53
CA GLU E 261 -13.50 25.87 41.22
C GLU E 261 -13.30 26.00 39.71
N THR E 262 -13.86 25.05 38.95
CA THR E 262 -13.74 25.08 37.51
C THR E 262 -14.69 26.09 36.88
N ALA E 263 -15.93 26.14 37.40
CA ALA E 263 -16.89 27.17 37.00
C ALA E 263 -16.27 28.57 37.06
N ARG E 264 -15.43 28.81 38.08
CA ARG E 264 -14.78 30.11 38.23
C ARG E 264 -13.69 30.28 37.20
N LEU E 265 -12.97 29.19 36.93
CA LEU E 265 -11.90 29.18 35.93
C LEU E 265 -12.46 29.52 34.56
N VAL E 266 -13.58 28.89 34.20
CA VAL E 266 -14.27 29.17 32.95
C VAL E 266 -14.63 30.65 32.84
N ALA E 267 -15.28 31.17 33.87
CA ALA E 267 -15.64 32.58 33.93
C ALA E 267 -14.41 33.46 33.81
N GLU E 268 -13.35 33.08 34.52
CA GLU E 268 -12.14 33.86 34.58
C GLU E 268 -11.49 33.94 33.21
N HIS E 269 -11.70 32.91 32.40
CA HIS E 269 -11.15 32.90 31.05
C HIS E 269 -12.09 33.53 30.03
N GLY E 270 -13.34 33.76 30.42
CA GLY E 270 -14.31 34.35 29.51
C GLY E 270 -14.86 33.36 28.50
N ALA E 271 -14.75 32.07 28.80
CA ALA E 271 -15.28 31.05 27.91
C ALA E 271 -16.74 30.76 28.24
N TYR E 272 -17.38 29.90 27.45
CA TYR E 272 -18.80 29.61 27.62
C TYR E 272 -19.08 28.14 27.89
N VAL E 273 -20.21 27.88 28.54
CA VAL E 273 -20.69 26.52 28.64
C VAL E 273 -22.04 26.38 27.95
N VAL E 274 -22.23 25.24 27.28
CA VAL E 274 -23.49 24.94 26.65
C VAL E 274 -24.07 23.69 27.27
N PRO E 275 -24.91 23.86 28.30
CA PRO E 275 -25.58 22.71 28.88
C PRO E 275 -26.50 22.07 27.84
N THR E 276 -26.92 20.84 28.09
CA THR E 276 -27.80 20.15 27.18
C THR E 276 -28.58 19.13 27.99
N LEU E 277 -29.26 19.62 29.02
CA LEU E 277 -29.91 18.76 30.00
C LEU E 277 -30.98 17.83 29.43
N VAL E 278 -31.66 18.29 28.38
CA VAL E 278 -32.81 17.55 27.84
C VAL E 278 -32.43 16.19 27.26
N THR E 279 -31.19 16.05 26.80
CA THR E 279 -30.79 14.80 26.15
C THR E 279 -30.75 13.62 27.11
N TYR E 280 -30.43 13.90 28.38
CA TYR E 280 -30.23 12.83 29.38
C TYR E 280 -31.55 12.35 29.90
N ASP E 281 -32.49 13.26 30.09
CA ASP E 281 -33.86 12.85 30.37
C ASP E 281 -34.26 11.87 29.27
N ALA E 282 -34.08 12.30 28.03
CA ALA E 282 -34.42 11.50 26.85
C ALA E 282 -33.78 10.12 26.85
N LEU E 283 -32.47 10.05 27.05
CA LEU E 283 -31.76 8.77 27.16
C LEU E 283 -32.29 7.93 28.33
N ALA E 284 -32.65 8.60 29.40
CA ALA E 284 -33.15 7.93 30.60
C ALA E 284 -34.60 7.51 30.39
N SER E 285 -35.18 7.99 29.30
CA SER E 285 -36.61 7.84 29.05
C SER E 285 -36.89 6.88 27.90
N GLU E 286 -36.33 7.19 26.72
CA GLU E 286 -36.63 6.42 25.51
C GLU E 286 -35.39 6.09 24.70
N GLY E 287 -34.23 6.04 25.36
CA GLY E 287 -33.00 5.61 24.70
C GLY E 287 -32.99 4.10 24.62
N GLU E 288 -33.15 3.47 25.78
CA GLU E 288 -33.20 2.02 25.88
C GLU E 288 -34.27 1.44 24.96
N LYS E 289 -35.36 2.18 24.80
CA LYS E 289 -36.49 1.76 23.97
C LYS E 289 -36.28 1.97 22.48
N TYR E 290 -35.47 2.95 22.11
CA TYR E 290 -35.26 3.27 20.70
C TYR E 290 -33.92 2.79 20.15
N GLY E 291 -33.51 1.59 20.54
CA GLY E 291 -32.34 0.94 19.96
C GLY E 291 -31.00 1.56 20.33
N LEU E 292 -30.90 2.09 21.54
CA LEU E 292 -29.61 2.52 22.07
C LEU E 292 -28.95 1.35 22.77
N PRO E 293 -27.67 1.09 22.44
CA PRO E 293 -26.90 -0.03 22.97
C PRO E 293 -26.77 0.03 24.51
N PRO E 294 -26.90 -1.14 25.18
CA PRO E 294 -26.88 -1.21 26.64
C PRO E 294 -25.60 -0.64 27.24
N GLU E 295 -24.53 -0.60 26.44
CA GLU E 295 -23.22 -0.13 26.87
C GLU E 295 -23.25 1.36 27.20
N SER E 296 -24.05 2.11 26.45
CA SER E 296 -24.17 3.56 26.65
C SER E 296 -25.23 3.94 27.69
N ILE E 297 -26.13 3.01 27.96
CA ILE E 297 -27.17 3.21 28.98
C ILE E 297 -26.57 3.19 30.39
N ALA E 298 -25.52 2.39 30.55
CA ALA E 298 -24.81 2.28 31.83
C ALA E 298 -24.18 3.61 32.26
N LYS E 299 -23.88 4.47 31.29
CA LYS E 299 -23.17 5.71 31.55
CA LYS E 299 -23.17 5.71 31.57
C LYS E 299 -24.10 6.92 31.76
N ILE E 300 -25.38 6.76 31.41
CA ILE E 300 -26.36 7.85 31.56
C ILE E 300 -26.43 8.39 32.98
N ALA E 301 -26.52 7.47 33.95
CA ALA E 301 -26.69 7.84 35.34
C ALA E 301 -25.51 8.64 35.87
N ASP E 302 -24.44 8.67 35.08
CA ASP E 302 -23.19 9.31 35.47
C ASP E 302 -23.24 10.84 35.36
N VAL E 303 -24.24 11.36 34.64
CA VAL E 303 -24.30 12.80 34.40
C VAL E 303 -25.71 13.40 34.56
N HIS E 304 -26.72 12.54 34.53
CA HIS E 304 -28.10 13.00 34.56
C HIS E 304 -28.51 13.80 35.80
N GLY E 305 -28.26 13.23 36.98
CA GLY E 305 -28.72 13.83 38.24
C GLY E 305 -28.04 15.13 38.64
N ALA E 306 -26.81 15.33 38.18
CA ALA E 306 -26.06 16.55 38.47
C ALA E 306 -26.49 17.73 37.61
N GLY E 307 -27.34 17.46 36.63
CA GLY E 307 -27.71 18.44 35.60
C GLY E 307 -28.16 19.80 36.09
N LEU E 308 -29.23 19.84 36.86
CA LEU E 308 -29.81 21.11 37.30
C LEU E 308 -28.93 21.86 38.30
N HIS E 309 -28.24 21.13 39.16
CA HIS E 309 -27.36 21.77 40.11
C HIS E 309 -26.17 22.43 39.41
N SER E 310 -25.73 21.84 38.30
CA SER E 310 -24.63 22.43 37.51
C SER E 310 -24.97 23.84 37.01
N ILE E 311 -26.25 24.10 36.74
CA ILE E 311 -26.68 25.44 36.32
C ILE E 311 -26.52 26.47 37.45
N GLU E 312 -26.87 26.07 38.68
CA GLU E 312 -26.69 26.94 39.83
C GLU E 312 -25.22 27.27 40.03
N ILE E 313 -24.41 26.22 40.10
CA ILE E 313 -22.96 26.36 40.19
C ILE E 313 -22.46 27.35 39.16
N MET E 314 -22.80 27.08 37.90
CA MET E 314 -22.40 27.93 36.80
C MET E 314 -22.89 29.37 36.98
N LYS E 315 -24.18 29.54 37.26
CA LYS E 315 -24.74 30.85 37.52
C LYS E 315 -24.08 31.57 38.71
N ARG E 316 -23.89 30.83 39.78
CA ARG E 316 -23.27 31.38 40.98
C ARG E 316 -21.89 31.92 40.66
N ALA E 317 -21.27 31.39 39.61
CA ALA E 317 -19.88 31.68 39.32
C ALA E 317 -19.72 32.69 38.19
N GLY E 318 -20.84 33.03 37.55
CA GLY E 318 -20.84 34.09 36.54
C GLY E 318 -20.62 33.56 35.13
N VAL E 319 -20.71 32.24 35.00
CA VAL E 319 -20.50 31.60 33.71
C VAL E 319 -21.54 32.01 32.67
N LYS E 320 -21.05 32.31 31.47
CA LYS E 320 -21.89 32.61 30.33
C LYS E 320 -22.35 31.29 29.73
N MET E 321 -23.66 31.03 29.81
CA MET E 321 -24.27 29.79 29.35
C MET E 321 -25.10 29.95 28.05
N GLY E 322 -24.67 29.27 26.98
CA GLY E 322 -25.44 29.23 25.75
C GLY E 322 -26.54 28.18 25.83
N PHE E 323 -27.46 28.20 24.87
CA PHE E 323 -28.55 27.21 24.83
C PHE E 323 -28.16 26.05 23.89
N GLY E 324 -28.52 24.82 24.27
CA GLY E 324 -28.15 23.63 23.50
C GLY E 324 -28.94 22.39 23.90
N THR E 325 -29.16 21.46 22.98
CA THR E 325 -30.04 20.33 23.27
C THR E 325 -29.40 18.96 23.07
N ASP E 326 -28.68 18.78 21.96
CA ASP E 326 -27.92 17.57 21.72
C ASP E 326 -28.76 16.31 21.80
N LEU E 327 -29.85 16.26 21.03
CA LEU E 327 -30.74 15.09 21.01
C LEU E 327 -30.49 14.15 19.82
N LEU E 328 -30.93 12.90 19.98
CA LEU E 328 -30.68 11.87 18.97
C LEU E 328 -31.96 11.18 18.51
N GLY E 329 -32.00 10.82 17.23
CA GLY E 329 -33.06 9.98 16.69
C GLY E 329 -34.46 10.50 16.94
N GLU E 330 -35.33 9.66 17.51
CA GLU E 330 -36.73 10.03 17.73
C GLU E 330 -36.85 11.20 18.70
N ALA E 331 -35.88 11.27 19.61
CA ALA E 331 -35.90 12.25 20.68
C ALA E 331 -35.61 13.67 20.22
N GLN E 332 -35.21 13.85 18.97
CA GLN E 332 -34.94 15.22 18.48
C GLN E 332 -36.20 16.09 18.62
N ARG E 333 -37.36 15.43 18.73
CA ARG E 333 -38.65 16.09 18.84
C ARG E 333 -38.76 16.93 20.12
N LEU E 334 -38.02 16.52 21.14
CA LEU E 334 -38.12 17.10 22.48
C LEU E 334 -37.33 18.39 22.60
N GLN E 335 -36.86 18.90 21.47
CA GLN E 335 -35.91 20.01 21.48
C GLN E 335 -36.31 21.16 22.44
N SER E 336 -37.54 21.65 22.31
CA SER E 336 -37.97 22.81 23.08
C SER E 336 -38.02 22.59 24.61
N ASP E 337 -38.17 21.33 25.01
CA ASP E 337 -38.25 20.99 26.44
C ASP E 337 -37.10 21.58 27.25
N GLU E 338 -36.00 21.91 26.57
CA GLU E 338 -34.82 22.47 27.25
C GLU E 338 -35.16 23.82 27.87
N PHE E 339 -36.14 24.51 27.30
CA PHE E 339 -36.48 25.85 27.82
C PHE E 339 -37.06 25.73 29.21
N ARG E 340 -37.88 24.70 29.38
CA ARG E 340 -38.66 24.54 30.58
C ARG E 340 -37.89 23.77 31.63
N ILE E 341 -36.84 23.10 31.20
CA ILE E 341 -35.97 22.41 32.13
C ILE E 341 -35.03 23.44 32.74
N LEU E 342 -34.47 24.30 31.89
CA LEU E 342 -33.61 25.38 32.34
C LEU E 342 -34.37 26.32 33.26
N ALA E 343 -35.63 26.59 32.93
CA ALA E 343 -36.45 27.53 33.71
C ALA E 343 -36.77 26.98 35.10
N GLU E 344 -36.43 25.72 35.35
CA GLU E 344 -36.59 25.17 36.69
C GLU E 344 -35.59 25.81 37.64
N VAL E 345 -34.53 26.39 37.09
CA VAL E 345 -33.46 26.95 37.91
C VAL E 345 -33.19 28.40 37.52
N LEU E 346 -33.54 28.75 36.29
CA LEU E 346 -33.28 30.09 35.77
C LEU E 346 -34.59 30.81 35.45
N SER E 347 -34.60 32.12 35.62
CA SER E 347 -35.76 32.91 35.27
C SER E 347 -35.94 32.79 33.77
N PRO E 348 -37.20 32.83 33.31
CA PRO E 348 -37.52 32.81 31.88
C PRO E 348 -36.63 33.78 31.11
N ALA E 349 -36.38 34.95 31.69
CA ALA E 349 -35.59 35.97 31.02
C ALA E 349 -34.18 35.45 30.77
N GLU E 350 -33.65 34.72 31.73
CA GLU E 350 -32.27 34.26 31.67
C GLU E 350 -32.12 33.15 30.62
N VAL E 351 -33.15 32.33 30.51
CA VAL E 351 -33.22 31.27 29.53
C VAL E 351 -33.30 31.89 28.13
N ILE E 352 -34.32 32.71 27.90
CA ILE E 352 -34.47 33.36 26.59
C ILE E 352 -33.16 33.95 26.08
N ALA E 353 -32.49 34.74 26.91
CA ALA E 353 -31.14 35.23 26.60
C ALA E 353 -30.15 34.11 26.20
N SER E 354 -30.26 32.95 26.82
CA SER E 354 -29.36 31.85 26.50
CA SER E 354 -29.34 31.87 26.50
C SER E 354 -29.52 31.48 25.04
N ALA E 355 -30.78 31.42 24.60
CA ALA E 355 -31.11 30.96 23.26
C ALA E 355 -31.01 32.08 22.24
N THR E 356 -30.51 33.23 22.65
CA THR E 356 -30.50 34.40 21.78
C THR E 356 -29.19 35.18 21.86
N ILE E 357 -29.11 36.15 22.75
CA ILE E 357 -27.98 37.07 22.73
C ILE E 357 -26.65 36.42 23.13
N VAL E 358 -26.68 35.44 24.02
CA VAL E 358 -25.45 34.78 24.46
C VAL E 358 -24.97 33.85 23.37
N SER E 359 -25.90 33.12 22.77
CA SER E 359 -25.61 32.26 21.63
C SER E 359 -24.98 33.07 20.52
N ALA E 360 -25.65 34.13 20.11
CA ALA E 360 -25.16 35.00 19.05
C ALA E 360 -23.73 35.42 19.35
N GLU E 361 -23.46 35.73 20.61
CA GLU E 361 -22.11 36.07 21.06
C GLU E 361 -21.10 34.95 20.76
N VAL E 362 -21.51 33.70 21.00
CA VAL E 362 -20.68 32.54 20.68
C VAL E 362 -20.40 32.46 19.19
N LEU E 363 -21.44 32.63 18.36
CA LEU E 363 -21.32 32.55 16.91
C LEU E 363 -20.49 33.68 16.34
N GLY E 364 -20.10 34.63 17.18
CA GLY E 364 -19.43 35.84 16.71
C GLY E 364 -20.39 36.68 15.89
N MET E 365 -21.68 36.60 16.23
CA MET E 365 -22.73 37.22 15.44
C MET E 365 -23.50 38.28 16.22
N GLN E 366 -22.86 38.90 17.21
CA GLN E 366 -23.54 39.91 18.02
C GLN E 366 -24.12 41.04 17.16
N ASP E 367 -25.35 41.43 17.47
CA ASP E 367 -26.06 42.49 16.73
C ASP E 367 -26.46 42.07 15.32
N LYS E 368 -26.06 40.87 14.90
CA LYS E 368 -26.45 40.37 13.59
C LYS E 368 -27.47 39.26 13.76
N LEU E 369 -27.46 38.63 14.94
CA LEU E 369 -28.45 37.61 15.26
C LEU E 369 -28.89 37.72 16.72
N GLY E 370 -30.03 37.10 17.02
CA GLY E 370 -30.54 37.02 18.39
C GLY E 370 -31.17 38.31 18.91
N ARG E 371 -31.19 39.33 18.07
CA ARG E 371 -31.78 40.61 18.42
C ARG E 371 -32.42 41.22 17.20
N ILE E 372 -33.63 41.73 17.35
CA ILE E 372 -34.28 42.49 16.30
C ILE E 372 -33.84 43.96 16.34
N VAL E 373 -32.86 44.29 15.52
CA VAL E 373 -32.35 45.65 15.49
C VAL E 373 -31.89 45.96 14.07
N PRO E 374 -31.81 47.27 13.72
CA PRO E 374 -31.33 47.62 12.40
C PRO E 374 -30.09 46.81 12.04
N GLY E 375 -30.11 46.19 10.87
CA GLY E 375 -28.93 45.46 10.39
C GLY E 375 -28.93 43.97 10.65
N ALA E 376 -29.32 43.57 11.85
CA ALA E 376 -29.38 42.14 12.19
C ALA E 376 -30.20 41.40 11.14
N HIS E 377 -29.91 40.12 10.95
CA HIS E 377 -30.64 39.31 9.98
C HIS E 377 -32.13 39.27 10.33
N ALA E 378 -32.97 39.31 9.30
CA ALA E 378 -34.42 39.29 9.52
C ALA E 378 -34.92 37.93 10.00
N ASP E 379 -34.47 37.52 11.19
CA ASP E 379 -34.95 36.27 11.81
C ASP E 379 -35.93 36.58 12.94
N VAL E 380 -37.21 36.45 12.64
CA VAL E 380 -38.27 36.93 13.52
C VAL E 380 -39.31 35.88 13.83
N LEU E 381 -39.78 35.87 15.08
CA LEU E 381 -40.86 34.97 15.46
C LEU E 381 -42.11 35.70 15.96
N VAL E 382 -43.27 35.13 15.65
CA VAL E 382 -44.50 35.56 16.30
C VAL E 382 -44.99 34.49 17.26
N VAL E 383 -45.02 34.84 18.54
CA VAL E 383 -45.37 33.92 19.61
C VAL E 383 -46.66 34.34 20.30
N ASP E 384 -47.67 33.48 20.21
CA ASP E 384 -48.92 33.69 20.92
C ASP E 384 -48.71 33.42 22.40
N GLY E 385 -47.98 34.31 23.07
CA GLY E 385 -47.71 34.15 24.50
C GLY E 385 -46.61 35.08 24.98
N ASN E 386 -46.32 35.02 26.27
CA ASN E 386 -45.23 35.83 26.80
C ASN E 386 -44.13 34.98 27.44
N PRO E 387 -43.11 34.62 26.64
CA PRO E 387 -42.02 33.76 27.02
C PRO E 387 -41.34 34.27 28.29
N LEU E 388 -41.29 35.60 28.43
CA LEU E 388 -40.71 36.24 29.62
C LEU E 388 -41.47 35.93 30.91
N LYS E 389 -42.73 35.51 30.78
CA LYS E 389 -43.54 35.14 31.94
C LYS E 389 -43.50 33.63 32.10
N SER E 390 -43.67 32.93 30.99
CA SER E 390 -43.57 31.49 30.95
C SER E 390 -43.04 31.10 29.58
N VAL E 391 -42.03 30.24 29.55
CA VAL E 391 -41.53 29.72 28.28
C VAL E 391 -42.42 28.59 27.77
N ASP E 392 -43.51 28.34 28.48
CA ASP E 392 -44.46 27.30 28.13
C ASP E 392 -45.01 27.44 26.71
N CYS E 393 -44.95 28.65 26.16
CA CYS E 393 -45.52 28.88 24.84
C CYS E 393 -44.57 28.44 23.74
N LEU E 394 -43.30 28.24 24.09
CA LEU E 394 -42.29 27.79 23.13
C LEU E 394 -42.22 26.27 23.04
N LEU E 395 -42.81 25.59 24.01
CA LEU E 395 -42.77 24.13 24.03
C LEU E 395 -43.46 23.57 22.80
N GLY E 396 -43.28 22.26 22.58
CA GLY E 396 -43.98 21.53 21.51
C GLY E 396 -43.37 21.65 20.12
N GLN E 397 -44.23 21.53 19.10
CA GLN E 397 -43.83 21.68 17.71
C GLN E 397 -44.25 23.02 17.13
N GLY E 398 -44.01 24.10 17.87
CA GLY E 398 -44.41 25.43 17.42
C GLY E 398 -45.92 25.68 17.44
N GLU E 399 -46.65 24.93 18.26
CA GLU E 399 -48.10 25.13 18.33
C GLU E 399 -48.49 26.59 18.59
N HIS E 400 -47.71 27.29 19.43
CA HIS E 400 -48.00 28.69 19.76
C HIS E 400 -47.01 29.64 19.13
N ILE E 401 -46.44 29.21 18.01
CA ILE E 401 -45.55 30.05 17.20
C ILE E 401 -46.14 30.04 15.80
N PRO E 402 -47.13 30.91 15.56
CA PRO E 402 -47.82 30.98 14.27
C PRO E 402 -47.08 31.76 13.18
N LEU E 403 -45.98 32.43 13.53
CA LEU E 403 -45.11 33.00 12.51
C LEU E 403 -43.62 32.76 12.74
N VAL E 404 -42.96 32.23 11.71
CA VAL E 404 -41.52 31.96 11.71
C VAL E 404 -40.88 32.60 10.48
N MET E 405 -39.96 33.54 10.70
CA MET E 405 -39.31 34.26 9.61
C MET E 405 -37.78 34.19 9.68
N LYS E 406 -37.16 33.74 8.59
CA LYS E 406 -35.71 33.61 8.51
CA LYS E 406 -35.71 33.60 8.50
C LYS E 406 -35.17 34.30 7.26
N ASP E 407 -34.16 35.14 7.43
CA ASP E 407 -33.59 35.88 6.30
C ASP E 407 -34.64 36.68 5.53
N GLY E 408 -35.62 37.22 6.24
CA GLY E 408 -36.59 38.10 5.64
C GLY E 408 -37.64 37.37 4.81
N ARG E 409 -37.78 36.07 5.06
CA ARG E 409 -38.74 35.26 4.32
C ARG E 409 -39.60 34.43 5.26
N LEU E 410 -40.87 34.25 4.89
CA LEU E 410 -41.80 33.52 5.74
C LEU E 410 -41.75 32.05 5.44
N PHE E 411 -41.40 31.24 6.43
CA PHE E 411 -41.37 29.79 6.31
CA PHE E 411 -41.40 29.81 6.25
C PHE E 411 -42.68 29.22 6.81
N VAL E 412 -43.22 29.84 7.84
CA VAL E 412 -44.55 29.55 8.34
C VAL E 412 -45.33 30.80 8.65
N ASN E 413 -46.60 30.82 8.32
CA ASN E 413 -47.46 31.95 8.68
C ASN E 413 -48.95 31.64 8.77
N GLU E 414 -49.45 31.40 9.96
CA GLU E 414 -50.87 31.13 10.12
C GLU E 414 -51.68 32.30 10.68
N LEU E 415 -51.03 33.43 10.84
CA LEU E 415 -51.71 34.63 11.31
C LEU E 415 -52.92 34.91 10.42
N GLU E 416 -52.82 34.48 9.16
CA GLU E 416 -53.92 34.58 8.20
C GLU E 416 -53.65 33.71 6.98
N THR F 4 -56.80 1.64 3.38
CA THR F 4 -57.29 2.42 2.22
C THR F 4 -57.71 1.50 1.05
N THR F 5 -58.85 1.81 0.45
CA THR F 5 -59.45 1.00 -0.61
C THR F 5 -60.25 1.88 -1.56
N PHE F 6 -59.96 1.80 -2.86
CA PHE F 6 -60.58 2.68 -3.85
C PHE F 6 -61.37 1.93 -4.91
N LEU F 7 -62.23 2.66 -5.63
CA LEU F 7 -62.97 2.10 -6.75
C LEU F 7 -63.21 3.15 -7.84
N PHE F 8 -62.58 2.93 -8.99
CA PHE F 8 -62.73 3.82 -10.14
C PHE F 8 -63.96 3.46 -10.96
N ARG F 9 -64.69 4.49 -11.39
CA ARG F 9 -65.99 4.29 -11.99
C ARG F 9 -66.30 5.39 -13.00
N ASN F 10 -67.11 5.06 -14.01
CA ASN F 10 -67.56 6.03 -15.01
C ASN F 10 -66.45 6.66 -15.84
N GLY F 11 -65.61 5.82 -16.43
CA GLY F 11 -64.51 6.28 -17.27
C GLY F 11 -64.13 5.24 -18.30
N ALA F 12 -63.22 5.60 -19.20
CA ALA F 12 -62.80 4.68 -20.26
C ALA F 12 -61.46 3.99 -19.92
N LEU F 13 -61.45 2.66 -20.01
CA LEU F 13 -60.28 1.89 -19.65
C LEU F 13 -59.31 1.65 -20.80
N LEU F 14 -58.07 2.13 -20.66
CA LEU F 14 -56.99 1.84 -21.61
C LEU F 14 -56.35 0.47 -21.33
N ASP F 15 -56.46 -0.43 -22.30
CA ASP F 15 -55.79 -1.72 -22.23
C ASP F 15 -54.85 -1.91 -23.41
N PRO F 16 -53.54 -1.89 -23.15
CA PRO F 16 -52.50 -1.92 -24.18
C PRO F 16 -52.71 -2.93 -25.30
N ASP F 17 -53.20 -4.12 -24.97
CA ASP F 17 -53.41 -5.15 -26.00
C ASP F 17 -54.78 -5.08 -26.69
N HIS F 18 -55.44 -3.93 -26.61
CA HIS F 18 -56.70 -3.68 -27.28
CA HIS F 18 -56.70 -3.70 -27.29
C HIS F 18 -56.64 -2.30 -27.92
N PRO F 19 -57.06 -2.18 -29.18
CA PRO F 19 -56.87 -0.91 -29.87
C PRO F 19 -57.83 0.17 -29.42
N ASP F 20 -58.84 -0.22 -28.64
CA ASP F 20 -59.92 0.68 -28.26
C ASP F 20 -59.99 0.87 -26.75
N LEU F 21 -60.17 2.12 -26.33
CA LEU F 21 -60.56 2.43 -24.96
C LEU F 21 -61.87 1.74 -24.62
N LEU F 22 -61.81 0.77 -23.71
CA LEU F 22 -63.03 0.07 -23.31
C LEU F 22 -63.91 0.98 -22.45
N GLN F 23 -65.22 0.77 -22.50
CA GLN F 23 -66.13 1.66 -21.77
C GLN F 23 -66.98 0.94 -20.72
N GLY F 24 -67.50 1.74 -19.78
CA GLY F 24 -68.34 1.23 -18.70
C GLY F 24 -67.66 0.15 -17.86
N PHE F 25 -66.51 0.49 -17.29
CA PHE F 25 -65.75 -0.47 -16.47
C PHE F 25 -65.52 0.01 -15.05
N GLU F 26 -65.56 -0.92 -14.11
CA GLU F 26 -65.30 -0.58 -12.72
C GLU F 26 -64.01 -1.26 -12.23
N ILE F 27 -63.25 -0.55 -11.40
CA ILE F 27 -61.95 -1.04 -10.94
C ILE F 27 -61.83 -0.99 -9.42
N LEU F 28 -61.46 -2.10 -8.81
CA LEU F 28 -61.34 -2.18 -7.36
C LEU F 28 -59.89 -2.32 -6.86
N ILE F 29 -59.39 -1.26 -6.23
CA ILE F 29 -58.05 -1.28 -5.70
C ILE F 29 -58.08 -1.52 -4.20
N GLU F 30 -57.49 -2.63 -3.77
CA GLU F 30 -57.35 -2.89 -2.35
C GLU F 30 -55.89 -3.08 -2.03
N ASP F 31 -55.37 -2.27 -1.12
CA ASP F 31 -54.00 -2.45 -0.69
C ASP F 31 -52.93 -2.40 -1.77
N GLY F 32 -53.03 -1.44 -2.67
CA GLY F 32 -51.98 -1.22 -3.65
C GLY F 32 -52.00 -2.27 -4.72
N PHE F 33 -53.03 -3.11 -4.67
CA PHE F 33 -53.15 -4.14 -5.65
C PHE F 33 -54.52 -4.01 -6.28
N ILE F 34 -54.59 -4.33 -7.54
CA ILE F 34 -55.85 -4.30 -8.24
C ILE F 34 -56.53 -5.62 -7.96
N ARG F 35 -57.75 -5.53 -7.45
CA ARG F 35 -58.51 -6.72 -7.05
C ARG F 35 -59.52 -7.17 -8.09
N GLU F 36 -60.21 -6.22 -8.71
CA GLU F 36 -61.20 -6.55 -9.72
C GLU F 36 -61.35 -5.50 -10.80
N VAL F 37 -61.49 -5.96 -12.03
CA VAL F 37 -61.88 -5.11 -13.14
C VAL F 37 -62.93 -5.86 -13.94
N SER F 38 -64.13 -5.29 -14.01
CA SER F 38 -65.22 -5.93 -14.74
C SER F 38 -66.24 -4.91 -15.26
N ASP F 39 -67.09 -5.38 -16.17
CA ASP F 39 -68.14 -4.57 -16.77
C ASP F 39 -69.34 -4.47 -15.84
N LYS F 40 -69.80 -5.63 -15.36
CA LYS F 40 -70.87 -5.68 -14.36
C LYS F 40 -70.42 -4.98 -13.09
N PRO F 41 -71.18 -3.95 -12.66
CA PRO F 41 -70.82 -3.17 -11.47
C PRO F 41 -70.53 -4.08 -10.27
N ILE F 42 -69.72 -3.60 -9.35
CA ILE F 42 -69.43 -4.34 -8.13
C ILE F 42 -69.57 -3.47 -6.88
N LYS F 43 -70.04 -4.04 -5.80
CA LYS F 43 -70.26 -3.27 -4.60
C LYS F 43 -69.08 -3.29 -3.65
N SER F 44 -68.62 -2.10 -3.28
CA SER F 44 -67.74 -1.92 -2.16
C SER F 44 -68.37 -0.83 -1.33
N SER F 45 -68.99 -1.20 -0.22
CA SER F 45 -69.59 -0.18 0.60
C SER F 45 -68.47 0.70 1.13
N ASN F 46 -67.40 0.04 1.56
CA ASN F 46 -66.23 0.67 2.16
C ASN F 46 -65.38 1.60 1.29
N ALA F 47 -65.15 1.21 0.05
CA ALA F 47 -64.20 1.92 -0.80
C ALA F 47 -64.48 3.39 -1.14
N HIS F 48 -63.41 4.19 -1.20
CA HIS F 48 -63.51 5.56 -1.67
C HIS F 48 -63.75 5.55 -3.18
N VAL F 49 -64.95 5.94 -3.59
CA VAL F 49 -65.32 5.92 -5.01
C VAL F 49 -64.81 7.13 -5.78
N ILE F 50 -64.29 6.88 -6.98
CA ILE F 50 -63.78 7.95 -7.82
C ILE F 50 -64.42 7.94 -9.20
N ASP F 51 -65.14 9.02 -9.52
CA ASP F 51 -65.84 9.12 -10.79
C ASP F 51 -64.96 9.81 -11.83
N VAL F 52 -64.39 9.02 -12.73
CA VAL F 52 -63.48 9.55 -13.74
C VAL F 52 -64.11 10.66 -14.57
N LYS F 53 -65.42 10.54 -14.79
CA LYS F 53 -66.14 11.50 -15.62
C LYS F 53 -65.95 11.17 -17.09
N GLY F 54 -65.97 9.88 -17.41
CA GLY F 54 -65.78 9.41 -18.77
C GLY F 54 -64.37 9.62 -19.29
N LYS F 55 -63.46 10.06 -18.40
CA LYS F 55 -62.06 10.22 -18.77
C LYS F 55 -61.32 8.89 -18.82
N THR F 56 -60.02 8.96 -19.07
CA THR F 56 -59.21 7.79 -19.35
C THR F 56 -58.55 7.23 -18.10
N ILE F 57 -58.69 5.93 -17.89
CA ILE F 57 -57.95 5.22 -16.87
C ILE F 57 -56.94 4.31 -17.57
N MET F 58 -55.67 4.71 -17.55
CA MET F 58 -54.59 3.89 -18.09
C MET F 58 -53.62 3.42 -17.00
N PRO F 59 -52.85 2.36 -17.31
CA PRO F 59 -51.84 1.85 -16.39
C PRO F 59 -50.74 2.89 -16.19
N GLY F 60 -50.04 2.82 -15.07
CA GLY F 60 -48.93 3.75 -14.82
C GLY F 60 -47.92 3.63 -15.94
N LEU F 61 -47.28 4.75 -16.29
CA LEU F 61 -46.26 4.75 -17.36
C LEU F 61 -44.90 4.21 -16.88
N ILE F 62 -44.13 3.69 -17.82
CA ILE F 62 -42.82 3.10 -17.49
C ILE F 62 -41.73 3.66 -18.39
N ASP F 63 -40.70 4.24 -17.78
CA ASP F 63 -39.52 4.68 -18.53
C ASP F 63 -38.29 3.81 -18.22
N LEU F 64 -37.79 3.11 -19.25
CA LEU F 64 -36.80 2.07 -19.07
C LEU F 64 -35.36 2.58 -19.08
N HIS F 65 -35.17 3.89 -19.29
CA HIS F 65 -33.82 4.46 -19.27
C HIS F 65 -33.71 5.88 -18.70
N VAL F 66 -33.62 5.97 -17.37
CA VAL F 66 -33.46 7.25 -16.71
C VAL F 66 -32.14 7.32 -15.95
N HIS F 67 -31.69 8.53 -15.65
CA HIS F 67 -30.54 8.74 -14.78
C HIS F 67 -30.93 9.75 -13.69
N VAL F 68 -31.56 9.24 -12.65
CA VAL F 68 -31.99 10.07 -11.53
C VAL F 68 -30.91 11.02 -11.00
N VAL F 69 -29.64 10.63 -11.12
CA VAL F 69 -28.58 11.48 -10.54
C VAL F 69 -27.87 12.36 -11.58
N ALA F 70 -28.39 12.38 -12.80
CA ALA F 70 -27.85 13.23 -13.85
C ALA F 70 -28.37 14.64 -13.63
N ILE F 71 -27.87 15.30 -12.59
CA ILE F 71 -28.44 16.57 -12.16
C ILE F 71 -27.87 17.73 -12.94
N GLU F 72 -26.83 17.45 -13.73
CA GLU F 72 -26.26 18.43 -14.63
C GLU F 72 -25.87 17.73 -15.93
N PHE F 73 -25.59 18.52 -16.97
CA PHE F 73 -25.17 17.98 -18.25
C PHE F 73 -23.71 17.51 -18.19
N ASN F 74 -22.92 18.17 -17.34
CA ASN F 74 -21.53 17.80 -17.12
C ASN F 74 -21.41 16.66 -16.11
N LEU F 75 -21.41 15.43 -16.59
CA LEU F 75 -21.47 14.27 -15.71
C LEU F 75 -20.24 14.06 -14.82
N PRO F 76 -19.04 14.17 -15.39
CA PRO F 76 -17.85 14.09 -14.54
C PRO F 76 -17.86 15.09 -13.37
N ARG F 77 -18.34 16.30 -13.62
CA ARG F 77 -18.36 17.31 -12.57
C ARG F 77 -19.33 16.89 -11.47
N VAL F 78 -20.42 16.23 -11.85
CA VAL F 78 -21.44 15.75 -10.93
C VAL F 78 -20.86 14.74 -9.95
N ALA F 79 -19.98 13.89 -10.45
CA ALA F 79 -19.38 12.85 -9.63
C ALA F 79 -18.48 13.43 -8.51
N THR F 80 -18.02 14.67 -8.69
CA THR F 80 -17.13 15.29 -7.71
C THR F 80 -17.87 16.18 -6.71
N LEU F 81 -19.17 16.39 -6.95
CA LEU F 81 -19.99 17.16 -6.03
C LEU F 81 -20.28 16.31 -4.79
N PRO F 82 -20.55 16.98 -3.65
CA PRO F 82 -20.88 16.33 -2.37
C PRO F 82 -22.11 15.43 -2.48
N ASN F 83 -22.04 14.27 -1.86
CA ASN F 83 -23.14 13.32 -1.91
C ASN F 83 -24.47 13.93 -1.45
N VAL F 84 -24.40 14.87 -0.53
CA VAL F 84 -25.61 15.49 0.00
C VAL F 84 -26.31 16.30 -1.09
N LEU F 85 -25.56 17.17 -1.77
CA LEU F 85 -26.13 17.99 -2.82
C LEU F 85 -26.74 17.14 -3.90
N VAL F 86 -25.99 16.13 -4.34
CA VAL F 86 -26.47 15.24 -5.40
C VAL F 86 -27.75 14.58 -4.91
N THR F 87 -27.71 14.03 -3.69
CA THR F 87 -28.91 13.43 -3.14
C THR F 87 -30.09 14.41 -3.13
N LEU F 88 -29.86 15.61 -2.61
CA LEU F 88 -30.93 16.59 -2.49
C LEU F 88 -31.42 17.09 -3.86
N ARG F 89 -30.49 17.38 -4.77
CA ARG F 89 -30.87 17.86 -6.10
C ARG F 89 -31.65 16.82 -6.93
N ALA F 90 -31.57 15.56 -6.51
CA ALA F 90 -32.23 14.44 -7.19
C ALA F 90 -33.71 14.29 -6.83
N VAL F 91 -34.09 14.81 -5.67
CA VAL F 91 -35.47 14.68 -5.17
C VAL F 91 -36.52 15.30 -6.11
N PRO F 92 -36.37 16.59 -6.44
CA PRO F 92 -37.29 17.20 -7.38
C PRO F 92 -37.40 16.36 -8.66
N ILE F 93 -36.26 16.15 -9.30
CA ILE F 93 -36.17 15.25 -10.45
C ILE F 93 -37.09 14.03 -10.33
N MET F 94 -36.91 13.23 -9.27
CA MET F 94 -37.71 12.02 -9.08
C MET F 94 -39.21 12.32 -8.91
N ARG F 95 -39.51 13.51 -8.40
CA ARG F 95 -40.88 13.92 -8.14
C ARG F 95 -41.53 14.29 -9.47
N ALA F 96 -40.82 15.10 -10.24
CA ALA F 96 -41.28 15.53 -11.54
C ALA F 96 -41.55 14.34 -12.46
N MET F 97 -40.86 13.22 -12.24
CA MET F 97 -41.07 12.02 -13.07
C MET F 97 -42.42 11.35 -12.80
N LEU F 98 -42.83 11.36 -11.53
CA LEU F 98 -44.09 10.71 -11.13
C LEU F 98 -45.27 11.55 -11.59
N ARG F 99 -45.13 12.87 -11.47
CA ARG F 99 -46.14 13.82 -11.90
C ARG F 99 -46.49 13.66 -13.39
N ARG F 100 -45.51 13.27 -14.21
CA ARG F 100 -45.76 13.02 -15.63
C ARG F 100 -46.33 11.64 -15.83
N GLY F 101 -46.62 10.95 -14.74
CA GLY F 101 -47.28 9.65 -14.85
C GLY F 101 -46.40 8.44 -14.98
N PHE F 102 -45.11 8.60 -14.78
CA PHE F 102 -44.23 7.44 -14.80
C PHE F 102 -44.21 6.82 -13.42
N THR F 103 -44.91 5.71 -13.27
CA THR F 103 -45.07 5.10 -11.97
C THR F 103 -43.91 4.14 -11.72
N THR F 104 -43.19 3.81 -12.79
CA THR F 104 -42.02 2.95 -12.68
C THR F 104 -40.95 3.39 -13.66
N VAL F 105 -39.69 3.41 -13.22
CA VAL F 105 -38.58 3.70 -14.13
C VAL F 105 -37.38 2.81 -13.86
N ARG F 106 -36.67 2.44 -14.93
CA ARG F 106 -35.42 1.72 -14.80
C ARG F 106 -34.28 2.72 -14.88
N ASP F 107 -33.52 2.85 -13.80
CA ASP F 107 -32.37 3.72 -13.80
C ASP F 107 -31.19 2.97 -14.38
N ALA F 108 -30.52 3.61 -15.32
CA ALA F 108 -29.47 2.99 -16.13
C ALA F 108 -28.08 3.25 -15.63
N GLY F 109 -27.96 3.78 -14.44
CA GLY F 109 -26.67 4.02 -13.87
C GLY F 109 -26.58 5.21 -12.98
N GLY F 110 -26.16 4.95 -11.76
CA GLY F 110 -25.97 5.96 -10.75
C GLY F 110 -26.82 5.75 -9.55
N ALA F 111 -28.13 5.70 -9.70
CA ALA F 111 -28.98 5.48 -8.54
C ALA F 111 -28.77 4.08 -8.03
N GLY F 112 -28.68 3.93 -6.73
CA GLY F 112 -28.46 2.65 -6.10
C GLY F 112 -29.64 2.20 -5.29
N TYR F 113 -29.53 1.01 -4.70
CA TYR F 113 -30.58 0.47 -3.84
C TYR F 113 -31.06 1.44 -2.74
N PRO F 114 -30.16 2.26 -2.20
CA PRO F 114 -30.54 3.33 -1.27
C PRO F 114 -31.71 4.20 -1.73
N PHE F 115 -31.67 4.68 -2.96
CA PHE F 115 -32.81 5.42 -3.53
C PHE F 115 -34.02 4.51 -3.68
N LYS F 116 -33.79 3.32 -4.21
CA LYS F 116 -34.86 2.35 -4.35
C LYS F 116 -35.62 2.23 -3.03
N GLN F 117 -34.90 2.12 -1.91
CA GLN F 117 -35.55 1.91 -0.63
C GLN F 117 -36.04 3.19 0.04
N ALA F 118 -35.51 4.33 -0.41
CA ALA F 118 -36.00 5.61 0.10
C ALA F 118 -37.40 5.85 -0.45
N VAL F 119 -37.60 5.47 -1.70
CA VAL F 119 -38.91 5.53 -2.33
C VAL F 119 -39.87 4.51 -1.72
N GLU F 120 -39.45 3.25 -1.65
CA GLU F 120 -40.31 2.20 -1.11
C GLU F 120 -40.82 2.50 0.29
N SER F 121 -40.00 3.15 1.10
CA SER F 121 -40.37 3.36 2.49
C SER F 121 -41.28 4.57 2.63
N GLY F 122 -41.04 5.58 1.80
CA GLY F 122 -41.87 6.77 1.83
C GLY F 122 -41.06 8.01 2.10
N LEU F 123 -39.78 7.83 2.41
CA LEU F 123 -38.89 8.96 2.59
C LEU F 123 -39.09 10.03 1.51
N VAL F 124 -39.32 9.61 0.27
CA VAL F 124 -39.55 10.57 -0.81
C VAL F 124 -40.55 10.02 -1.80
N GLU F 125 -41.10 10.89 -2.65
CA GLU F 125 -42.06 10.46 -3.66
C GLU F 125 -41.43 10.39 -5.05
N GLY F 126 -41.61 9.26 -5.71
CA GLY F 126 -41.14 9.11 -7.08
C GLY F 126 -41.58 7.79 -7.65
N PRO F 127 -41.09 7.45 -8.85
CA PRO F 127 -41.47 6.16 -9.41
C PRO F 127 -40.87 5.02 -8.59
N ARG F 128 -41.43 3.84 -8.75
CA ARG F 128 -40.78 2.63 -8.29
C ARG F 128 -39.52 2.47 -9.14
N LEU F 129 -38.40 2.22 -8.48
CA LEU F 129 -37.11 2.14 -9.17
C LEU F 129 -36.59 0.73 -9.40
N PHE F 130 -36.22 0.46 -10.65
CA PHE F 130 -35.36 -0.69 -10.94
C PHE F 130 -33.96 -0.17 -11.21
N VAL F 131 -33.04 -0.48 -10.30
CA VAL F 131 -31.73 0.14 -10.31
C VAL F 131 -30.60 -0.79 -10.75
N SER F 132 -29.57 -0.16 -11.33
CA SER F 132 -28.37 -0.82 -11.83
C SER F 132 -27.18 -0.59 -10.90
N GLY F 133 -27.28 0.42 -10.05
CA GLY F 133 -26.12 0.86 -9.32
C GLY F 133 -25.26 1.55 -10.36
N ARG F 134 -23.95 1.31 -10.33
CA ARG F 134 -23.07 1.95 -11.30
C ARG F 134 -22.95 1.15 -12.59
N ALA F 135 -22.90 1.88 -13.70
CA ALA F 135 -22.65 1.26 -14.98
C ALA F 135 -21.21 0.79 -15.05
N LEU F 136 -20.99 -0.38 -15.62
CA LEU F 136 -19.63 -0.90 -15.84
C LEU F 136 -19.07 -0.39 -17.16
N SER F 137 -17.86 0.11 -17.10
CA SER F 137 -17.15 0.63 -18.26
C SER F 137 -15.67 0.23 -18.22
N GLN F 138 -15.11 -0.05 -19.38
CA GLN F 138 -13.69 -0.27 -19.49
C GLN F 138 -12.97 1.06 -19.30
N THR F 139 -11.67 1.01 -19.07
CA THR F 139 -10.87 2.22 -19.06
C THR F 139 -11.05 2.95 -20.39
N GLY F 140 -11.24 4.27 -20.32
CA GLY F 140 -11.38 5.09 -21.52
C GLY F 140 -12.74 4.97 -22.16
N GLY F 141 -13.65 4.24 -21.52
CA GLY F 141 -14.96 3.98 -22.09
C GLY F 141 -16.03 4.98 -21.69
N HIS F 142 -17.23 4.80 -22.21
CA HIS F 142 -18.30 5.78 -22.03
C HIS F 142 -18.42 6.28 -20.58
N ALA F 143 -18.43 5.35 -19.63
CA ALA F 143 -18.62 5.74 -18.22
C ALA F 143 -17.31 6.03 -17.47
N ASP F 144 -16.22 6.24 -18.20
CA ASP F 144 -14.98 6.70 -17.59
C ASP F 144 -14.90 8.21 -17.66
N PRO F 145 -14.94 8.88 -16.50
CA PRO F 145 -15.06 10.34 -16.38
C PRO F 145 -13.73 11.08 -16.45
N ARG F 146 -12.62 10.36 -16.49
CA ARG F 146 -11.32 11.00 -16.44
C ARG F 146 -10.99 11.81 -17.69
N ALA F 147 -10.36 12.96 -17.50
CA ALA F 147 -10.00 13.81 -18.63
C ALA F 147 -8.81 13.23 -19.37
N ARG F 148 -8.42 13.88 -20.46
CA ARG F 148 -7.29 13.43 -21.23
C ARG F 148 -6.05 14.27 -20.93
N SER F 149 -5.02 13.62 -20.38
CA SER F 149 -3.74 14.28 -20.12
C SER F 149 -2.65 13.24 -20.22
N ASP F 150 -1.48 13.55 -19.68
CA ASP F 150 -0.35 12.65 -19.72
C ASP F 150 -0.18 11.90 -18.40
N TYR F 151 -1.30 11.51 -17.80
CA TYR F 151 -1.31 10.66 -16.63
C TYR F 151 -2.72 10.15 -16.42
N MET F 152 -2.83 9.01 -15.74
CA MET F 152 -4.12 8.44 -15.36
C MET F 152 -4.34 8.59 -13.87
N PRO F 153 -5.25 9.49 -13.46
CA PRO F 153 -5.62 9.53 -12.06
C PRO F 153 -6.51 8.32 -11.74
N PRO F 154 -6.63 7.98 -10.44
CA PRO F 154 -7.46 6.83 -10.03
C PRO F 154 -8.92 7.03 -10.42
N ASP F 155 -9.59 5.95 -10.81
CA ASP F 155 -10.99 6.01 -11.25
C ASP F 155 -11.86 6.78 -10.26
N SER F 156 -11.74 6.42 -8.99
CA SER F 156 -12.42 7.12 -7.91
C SER F 156 -11.39 7.56 -6.86
N PRO F 157 -11.62 8.72 -6.24
CA PRO F 157 -10.74 9.17 -5.18
C PRO F 157 -10.43 8.03 -4.23
N CYS F 158 -11.42 7.15 -4.04
CA CYS F 158 -11.27 5.99 -3.16
C CYS F 158 -12.36 4.96 -3.46
N GLY F 159 -12.00 3.90 -4.16
CA GLY F 159 -12.95 2.96 -4.73
C GLY F 159 -13.85 2.24 -3.75
N CYS F 160 -13.48 2.25 -2.47
CA CYS F 160 -14.28 1.58 -1.46
C CYS F 160 -15.68 2.16 -1.36
N CYS F 161 -15.77 3.50 -1.39
CA CYS F 161 -17.03 4.22 -1.21
C CYS F 161 -17.60 4.84 -2.51
N VAL F 162 -18.78 4.38 -2.91
CA VAL F 162 -19.52 4.95 -4.02
C VAL F 162 -19.85 6.45 -3.84
N ARG F 163 -19.46 7.27 -4.80
CA ARG F 163 -19.94 8.66 -4.88
C ARG F 163 -21.37 8.64 -5.41
N VAL F 164 -22.28 9.33 -4.72
CA VAL F 164 -23.67 9.35 -5.15
C VAL F 164 -23.82 9.82 -6.62
N GLY F 165 -23.02 10.81 -7.02
CA GLY F 165 -23.15 11.38 -8.35
C GLY F 165 -22.38 10.66 -9.43
N ALA F 166 -21.85 9.48 -9.11
CA ALA F 166 -21.15 8.67 -10.08
C ALA F 166 -22.12 7.81 -10.85
N LEU F 167 -22.11 7.93 -12.18
CA LEU F 167 -22.99 7.12 -13.01
C LEU F 167 -22.41 5.74 -13.36
N GLY F 168 -21.09 5.63 -13.36
CA GLY F 168 -20.43 4.38 -13.72
C GLY F 168 -19.27 4.05 -12.82
N ARG F 169 -18.67 2.87 -13.05
CA ARG F 169 -17.39 2.51 -12.44
C ARG F 169 -16.50 1.86 -13.49
N VAL F 170 -15.20 2.13 -13.42
CA VAL F 170 -14.25 1.50 -14.34
C VAL F 170 -13.91 0.08 -13.88
N ALA F 171 -13.98 -0.90 -14.79
CA ALA F 171 -13.51 -2.25 -14.51
C ALA F 171 -12.92 -2.83 -15.79
N ASP F 172 -11.76 -3.51 -15.67
CA ASP F 172 -11.13 -4.12 -16.84
C ASP F 172 -10.77 -5.59 -16.65
N GLY F 173 -11.19 -6.43 -17.58
CA GLY F 173 -10.79 -7.81 -17.56
C GLY F 173 -11.73 -8.66 -16.75
N VAL F 174 -11.68 -9.97 -16.98
CA VAL F 174 -12.68 -10.87 -16.47
C VAL F 174 -12.84 -10.83 -14.97
N ASP F 175 -11.75 -11.01 -14.23
CA ASP F 175 -11.82 -11.04 -12.77
C ASP F 175 -12.31 -9.71 -12.20
N GLU F 176 -11.98 -8.59 -12.85
CA GLU F 176 -12.49 -7.28 -12.41
C GLU F 176 -13.98 -7.10 -12.70
N VAL F 177 -14.41 -7.43 -13.92
CA VAL F 177 -15.84 -7.34 -14.24
C VAL F 177 -16.66 -8.28 -13.35
N ARG F 178 -16.23 -9.53 -13.21
CA ARG F 178 -16.87 -10.45 -12.27
C ARG F 178 -17.03 -9.87 -10.87
N ARG F 179 -15.96 -9.36 -10.28
CA ARG F 179 -16.04 -8.78 -8.94
C ARG F 179 -16.98 -7.57 -8.88
N ALA F 180 -16.84 -6.67 -9.85
CA ALA F 180 -17.69 -5.47 -9.89
C ALA F 180 -19.17 -5.85 -9.92
N VAL F 181 -19.52 -6.84 -10.74
CA VAL F 181 -20.91 -7.25 -10.85
C VAL F 181 -21.41 -7.89 -9.56
N ARG F 182 -20.57 -8.73 -8.97
CA ARG F 182 -20.91 -9.37 -7.72
C ARG F 182 -21.12 -8.34 -6.59
N GLU F 183 -20.40 -7.22 -6.70
CA GLU F 183 -20.46 -6.17 -5.70
C GLU F 183 -21.73 -5.34 -5.80
N GLU F 184 -22.08 -4.92 -7.02
CA GLU F 184 -23.32 -4.17 -7.25
C GLU F 184 -24.55 -5.01 -6.90
N LEU F 185 -24.54 -6.28 -7.27
CA LEU F 185 -25.64 -7.16 -6.94
C LEU F 185 -25.82 -7.28 -5.43
N GLN F 186 -24.72 -7.40 -4.68
CA GLN F 186 -24.83 -7.55 -3.24
C GLN F 186 -25.29 -6.25 -2.60
N MET F 187 -24.94 -5.13 -3.21
CA MET F 187 -25.42 -3.80 -2.79
C MET F 187 -26.89 -3.54 -3.21
N GLY F 188 -27.46 -4.44 -4.02
CA GLY F 188 -28.89 -4.43 -4.28
C GLY F 188 -29.36 -4.04 -5.67
N ALA F 189 -28.47 -4.11 -6.65
CA ALA F 189 -28.85 -3.83 -8.03
C ALA F 189 -29.96 -4.79 -8.50
N ASP F 190 -30.88 -4.30 -9.32
CA ASP F 190 -31.93 -5.15 -9.90
C ASP F 190 -31.49 -5.74 -11.23
N GLN F 191 -30.64 -5.00 -11.95
CA GLN F 191 -30.10 -5.47 -13.22
C GLN F 191 -28.71 -4.86 -13.39
N ILE F 192 -28.00 -5.22 -14.46
CA ILE F 192 -26.65 -4.72 -14.70
C ILE F 192 -26.52 -3.92 -16.00
N ILE F 194 -23.80 -2.02 -18.70
CA ILE F 194 -22.43 -1.94 -19.17
C ILE F 194 -22.40 -1.00 -20.35
N MET F 195 -21.29 -0.29 -20.53
CA MET F 195 -21.11 0.46 -21.78
C MET F 195 -20.45 -0.43 -22.83
N ALA F 196 -21.23 -0.80 -23.84
CA ALA F 196 -20.71 -1.62 -24.95
C ALA F 196 -20.27 -0.77 -26.14
N SER F 197 -20.06 0.53 -25.93
CA SER F 197 -19.51 1.35 -27.00
C SER F 197 -19.16 2.77 -26.56
N GLY F 198 -18.69 3.56 -27.52
CA GLY F 198 -18.39 4.96 -27.29
C GLY F 198 -19.65 5.78 -27.13
N GLY F 199 -19.54 6.94 -26.52
CA GLY F 199 -20.72 7.70 -26.15
C GLY F 199 -20.80 9.11 -26.67
N VAL F 200 -21.97 9.70 -26.51
CA VAL F 200 -22.19 11.10 -26.85
C VAL F 200 -21.92 11.95 -25.60
N ALA F 201 -22.11 11.35 -24.44
CA ALA F 201 -21.90 12.04 -23.17
C ALA F 201 -20.74 11.44 -22.34
N SER F 202 -19.60 11.24 -22.98
CA SER F 202 -18.38 10.83 -22.30
C SER F 202 -17.24 11.75 -22.74
N PRO F 203 -16.11 11.71 -22.02
CA PRO F 203 -15.07 12.74 -22.17
C PRO F 203 -14.07 12.55 -23.33
N THR F 204 -13.71 11.31 -23.67
CA THR F 204 -12.73 11.09 -24.74
C THR F 204 -13.10 10.16 -25.92
N ASP F 205 -13.88 9.13 -25.65
CA ASP F 205 -14.21 8.08 -26.62
C ASP F 205 -15.13 8.54 -27.76
N PRO F 206 -14.84 8.09 -29.00
CA PRO F 206 -15.76 8.29 -30.11
C PRO F 206 -16.97 7.39 -29.93
N VAL F 207 -17.85 7.34 -30.92
CA VAL F 207 -19.10 6.58 -30.78
C VAL F 207 -19.03 5.18 -31.39
N GLY F 208 -18.26 5.02 -32.47
CA GLY F 208 -18.12 3.73 -33.16
C GLY F 208 -17.24 2.71 -32.45
N VAL F 209 -16.48 3.18 -31.46
CA VAL F 209 -15.61 2.33 -30.67
C VAL F 209 -16.39 1.22 -29.94
N PHE F 210 -15.77 0.05 -29.79
CA PHE F 210 -16.33 -0.98 -28.93
C PHE F 210 -16.05 -0.69 -27.48
N GLY F 211 -16.82 -1.31 -26.60
CA GLY F 211 -16.51 -1.37 -25.18
C GLY F 211 -16.50 -2.84 -24.80
N TYR F 212 -15.42 -3.28 -24.17
CA TYR F 212 -15.32 -4.66 -23.68
C TYR F 212 -15.05 -5.72 -24.75
N SER F 213 -14.11 -6.61 -24.46
CA SER F 213 -13.96 -7.81 -25.22
C SER F 213 -15.20 -8.66 -24.99
N GLU F 214 -15.38 -9.68 -25.81
CA GLU F 214 -16.51 -10.59 -25.62
C GLU F 214 -16.33 -11.43 -24.37
N ASP F 215 -15.08 -11.72 -24.05
CA ASP F 215 -14.78 -12.45 -22.82
C ASP F 215 -15.38 -11.73 -21.61
N GLU F 216 -15.17 -10.42 -21.55
CA GLU F 216 -15.64 -9.59 -20.45
C GLU F 216 -17.17 -9.48 -20.44
N ILE F 217 -17.77 -9.23 -21.61
CA ILE F 217 -19.22 -9.17 -21.72
C ILE F 217 -19.93 -10.46 -21.28
N ARG F 218 -19.43 -11.59 -21.76
CA ARG F 218 -19.99 -12.90 -21.41
C ARG F 218 -19.85 -13.21 -19.93
N ALA F 219 -18.73 -12.86 -19.33
CA ALA F 219 -18.53 -13.07 -17.89
C ALA F 219 -19.55 -12.26 -17.10
N ILE F 220 -19.68 -10.97 -17.43
CA ILE F 220 -20.70 -10.10 -16.85
C ILE F 220 -22.12 -10.71 -16.97
N VAL F 221 -22.49 -11.11 -18.18
CA VAL F 221 -23.81 -11.69 -18.42
C VAL F 221 -24.06 -12.93 -17.56
N ALA F 222 -23.07 -13.81 -17.47
CA ALA F 222 -23.20 -15.02 -16.62
C ALA F 222 -23.33 -14.68 -15.14
N GLU F 223 -22.73 -13.58 -14.71
CA GLU F 223 -22.91 -13.10 -13.34
C GLU F 223 -24.32 -12.57 -13.08
N ALA F 224 -24.81 -11.68 -13.93
CA ALA F 224 -26.22 -11.30 -13.82
C ALA F 224 -27.10 -12.55 -13.86
N GLN F 225 -26.95 -13.37 -14.91
CA GLN F 225 -27.80 -14.55 -15.03
C GLN F 225 -27.77 -15.41 -13.77
N GLY F 226 -26.59 -15.57 -13.18
CA GLY F 226 -26.44 -16.41 -12.00
C GLY F 226 -27.32 -15.96 -10.85
N ARG F 227 -27.62 -14.66 -10.82
CA ARG F 227 -28.51 -14.12 -9.80
C ARG F 227 -29.94 -13.89 -10.36
N GLY F 228 -30.26 -14.55 -11.47
CA GLY F 228 -31.59 -14.53 -12.02
C GLY F 228 -31.99 -13.20 -12.62
N THR F 229 -31.00 -12.42 -13.04
CA THR F 229 -31.28 -11.14 -13.68
C THR F 229 -30.52 -11.00 -15.01
N TYR F 230 -30.33 -9.77 -15.50
CA TYR F 230 -29.92 -9.57 -16.89
C TYR F 230 -29.07 -8.31 -17.07
N VAL F 231 -28.48 -8.20 -18.26
CA VAL F 231 -27.65 -7.05 -18.59
C VAL F 231 -28.29 -6.22 -19.68
N LEU F 232 -28.27 -4.90 -19.50
CA LEU F 232 -28.60 -3.97 -20.55
C LEU F 232 -27.30 -3.31 -21.00
N ALA F 233 -27.18 -3.03 -22.29
CA ALA F 233 -25.95 -2.48 -22.85
C ALA F 233 -26.17 -1.23 -23.69
N HIS F 234 -25.33 -0.22 -23.47
CA HIS F 234 -25.27 0.97 -24.31
C HIS F 234 -24.56 0.61 -25.63
N ALA F 235 -25.21 0.84 -26.77
CA ALA F 235 -24.64 0.48 -28.06
C ALA F 235 -25.35 1.16 -29.24
N TYR F 236 -24.56 1.71 -30.17
CA TYR F 236 -25.13 2.46 -31.30
C TYR F 236 -25.02 1.73 -32.65
N THR F 237 -23.82 1.25 -32.96
CA THR F 237 -23.55 0.64 -34.27
C THR F 237 -23.94 -0.82 -34.31
N PRO F 238 -24.14 -1.35 -35.52
CA PRO F 238 -24.56 -2.71 -35.78
C PRO F 238 -23.57 -3.76 -35.28
N ALA F 239 -22.28 -3.45 -35.36
CA ALA F 239 -21.25 -4.40 -34.94
C ALA F 239 -21.23 -4.51 -33.42
N ALA F 240 -21.25 -3.35 -32.77
CA ALA F 240 -21.34 -3.27 -31.31
C ALA F 240 -22.59 -3.97 -30.80
N ILE F 241 -23.68 -3.80 -31.53
CA ILE F 241 -24.97 -4.30 -31.12
C ILE F 241 -24.97 -5.80 -31.22
N ALA F 242 -24.42 -6.29 -32.33
CA ALA F 242 -24.47 -7.72 -32.63
C ALA F 242 -23.64 -8.51 -31.64
N ARG F 243 -22.47 -7.96 -31.31
CA ARG F 243 -21.56 -8.66 -30.41
C ARG F 243 -22.17 -8.71 -29.02
N ALA F 244 -22.76 -7.59 -28.62
CA ALA F 244 -23.49 -7.54 -27.35
C ALA F 244 -24.52 -8.68 -27.28
N VAL F 245 -25.39 -8.73 -28.27
CA VAL F 245 -26.43 -9.73 -28.35
C VAL F 245 -25.88 -11.15 -28.32
N ARG F 246 -24.87 -11.41 -29.14
CA ARG F 246 -24.30 -12.75 -29.22
C ARG F 246 -23.61 -13.12 -27.91
N CYS F 247 -23.28 -12.11 -27.12
CA CYS F 247 -22.67 -12.35 -25.82
C CYS F 247 -23.73 -12.52 -24.73
N GLY F 248 -24.99 -12.25 -25.07
CA GLY F 248 -26.09 -12.57 -24.17
C GLY F 248 -26.73 -11.39 -23.47
N VAL F 249 -26.43 -10.16 -23.87
CA VAL F 249 -27.07 -9.04 -23.20
C VAL F 249 -28.52 -8.99 -23.70
N ARG F 250 -29.43 -8.62 -22.81
CA ARG F 250 -30.85 -8.82 -23.03
C ARG F 250 -31.60 -7.59 -23.56
N THR F 251 -31.17 -6.40 -23.15
CA THR F 251 -31.68 -5.17 -23.78
C THR F 251 -30.55 -4.24 -24.25
N ILE F 252 -30.76 -3.62 -25.40
CA ILE F 252 -29.78 -2.74 -26.02
C ILE F 252 -30.25 -1.29 -25.94
N GLU F 253 -29.45 -0.43 -25.32
CA GLU F 253 -29.84 0.96 -25.11
C GLU F 253 -29.54 1.87 -26.30
N HIS F 254 -30.53 2.66 -26.72
CA HIS F 254 -30.37 3.59 -27.83
C HIS F 254 -30.40 2.87 -29.17
N GLY F 255 -29.31 2.21 -29.53
CA GLY F 255 -29.18 1.51 -30.81
C GLY F 255 -29.50 2.36 -32.03
N ASN F 256 -29.03 3.60 -32.04
CA ASN F 256 -29.38 4.55 -33.12
C ASN F 256 -29.05 4.13 -34.55
N LEU F 257 -27.92 3.46 -34.74
CA LEU F 257 -27.45 3.14 -36.09
C LEU F 257 -27.73 1.70 -36.52
N ILE F 258 -28.57 1.00 -35.76
CA ILE F 258 -28.90 -0.37 -36.11
C ILE F 258 -29.38 -0.43 -37.56
N ASP F 259 -29.26 -1.61 -38.17
CA ASP F 259 -29.71 -1.83 -39.54
C ASP F 259 -30.50 -3.13 -39.64
N ASP F 260 -31.09 -3.38 -40.81
CA ASP F 260 -31.96 -4.54 -41.02
C ASP F 260 -31.27 -5.82 -40.59
N GLU F 261 -30.00 -5.96 -40.94
CA GLU F 261 -29.23 -7.14 -40.56
CA GLU F 261 -29.20 -7.12 -40.56
C GLU F 261 -29.30 -7.39 -39.06
N THR F 262 -28.81 -6.42 -38.28
CA THR F 262 -28.75 -6.55 -36.83
C THR F 262 -30.12 -6.68 -36.21
N ALA F 263 -31.09 -5.93 -36.74
CA ALA F 263 -32.44 -5.93 -36.19
C ALA F 263 -33.00 -7.34 -36.15
N ARG F 264 -32.93 -8.06 -37.26
CA ARG F 264 -33.40 -9.43 -37.32
C ARG F 264 -32.71 -10.28 -36.24
N LEU F 265 -31.41 -10.08 -36.08
CA LEU F 265 -30.60 -10.81 -35.09
C LEU F 265 -31.10 -10.61 -33.66
N VAL F 266 -31.28 -9.34 -33.29
CA VAL F 266 -31.96 -8.96 -32.04
C VAL F 266 -33.28 -9.70 -31.85
N ALA F 267 -34.21 -9.47 -32.78
CA ALA F 267 -35.50 -10.13 -32.76
C ALA F 267 -35.34 -11.63 -32.59
N GLU F 268 -34.45 -12.23 -33.37
CA GLU F 268 -34.26 -13.67 -33.34
C GLU F 268 -33.81 -14.16 -31.95
N HIS F 269 -32.89 -13.44 -31.31
CA HIS F 269 -32.47 -13.83 -29.97
C HIS F 269 -33.45 -13.36 -28.90
N GLY F 270 -34.45 -12.58 -29.31
CA GLY F 270 -35.46 -12.11 -28.36
C GLY F 270 -34.95 -11.01 -27.44
N ALA F 271 -33.98 -10.25 -27.93
CA ALA F 271 -33.50 -9.09 -27.19
C ALA F 271 -34.50 -7.96 -27.38
N TYR F 272 -34.45 -6.97 -26.49
CA TYR F 272 -35.28 -5.79 -26.63
C TYR F 272 -34.36 -4.61 -26.93
N VAL F 273 -34.92 -3.53 -27.47
CA VAL F 273 -34.16 -2.32 -27.73
C VAL F 273 -34.89 -1.12 -27.16
N VAL F 274 -34.15 -0.24 -26.49
CA VAL F 274 -34.74 0.90 -25.83
C VAL F 274 -34.16 2.17 -26.43
N PRO F 275 -34.73 2.62 -27.55
CA PRO F 275 -34.33 3.91 -28.11
C PRO F 275 -34.54 5.04 -27.10
N THR F 276 -33.82 6.14 -27.28
CA THR F 276 -33.96 7.27 -26.40
C THR F 276 -33.80 8.55 -27.19
N LEU F 277 -34.59 8.66 -28.26
CA LEU F 277 -34.48 9.74 -29.23
C LEU F 277 -34.53 11.12 -28.61
N VAL F 278 -35.38 11.28 -27.61
CA VAL F 278 -35.60 12.58 -26.97
C VAL F 278 -34.31 13.29 -26.62
N THR F 279 -33.35 12.53 -26.10
CA THR F 279 -32.20 13.15 -25.48
C THR F 279 -31.26 13.83 -26.46
N TYR F 280 -31.30 13.37 -27.71
CA TYR F 280 -30.42 13.93 -28.73
C TYR F 280 -30.91 15.29 -29.20
N ASP F 281 -32.19 15.55 -29.04
CA ASP F 281 -32.73 16.89 -29.27
C ASP F 281 -32.23 17.81 -28.17
N ALA F 282 -32.60 17.48 -26.93
CA ALA F 282 -32.22 18.26 -25.77
C ALA F 282 -30.75 18.69 -25.84
N LEU F 283 -29.87 17.73 -26.12
CA LEU F 283 -28.44 18.00 -26.17
C LEU F 283 -28.11 18.97 -27.31
N ALA F 284 -28.68 18.73 -28.49
CA ALA F 284 -28.48 19.62 -29.62
C ALA F 284 -29.03 21.03 -29.35
N SER F 285 -30.18 21.11 -28.71
CA SER F 285 -30.89 22.37 -28.52
C SER F 285 -30.31 23.25 -27.41
N GLU F 286 -30.09 22.66 -26.24
CA GLU F 286 -29.72 23.44 -25.06
C GLU F 286 -28.59 22.80 -24.25
N GLY F 287 -27.94 21.77 -24.80
CA GLY F 287 -26.84 21.12 -24.11
C GLY F 287 -25.63 22.04 -23.99
N GLU F 288 -25.17 22.55 -25.12
CA GLU F 288 -24.03 23.46 -25.17
C GLU F 288 -24.22 24.62 -24.19
N LYS F 289 -25.28 25.39 -24.41
CA LYS F 289 -25.61 26.52 -23.56
C LYS F 289 -25.52 26.19 -22.06
N TYR F 290 -26.00 25.01 -21.68
CA TYR F 290 -26.04 24.60 -20.27
C TYR F 290 -24.81 23.83 -19.80
N GLY F 291 -23.64 24.44 -19.92
CA GLY F 291 -22.39 23.83 -19.43
C GLY F 291 -22.20 22.38 -19.85
N LEU F 292 -22.60 22.06 -21.07
CA LEU F 292 -22.32 20.74 -21.64
C LEU F 292 -21.00 20.82 -22.41
N PRO F 293 -19.98 20.07 -21.93
CA PRO F 293 -18.64 20.08 -22.49
C PRO F 293 -18.61 20.08 -24.03
N PRO F 294 -17.71 20.91 -24.62
CA PRO F 294 -17.53 21.13 -26.06
C PRO F 294 -17.11 19.89 -26.85
N GLU F 295 -16.23 19.08 -26.29
CA GLU F 295 -15.77 17.86 -26.95
C GLU F 295 -16.87 16.80 -26.96
N SER F 296 -17.75 16.88 -25.98
CA SER F 296 -18.92 16.03 -25.92
C SER F 296 -19.93 16.41 -27.01
N ILE F 297 -20.02 17.72 -27.27
CA ILE F 297 -20.96 18.30 -28.22
C ILE F 297 -20.75 17.82 -29.66
N ALA F 298 -19.49 17.68 -30.05
CA ALA F 298 -19.15 17.27 -31.41
C ALA F 298 -19.73 15.92 -31.69
N LYS F 299 -19.87 15.12 -30.63
CA LYS F 299 -20.38 13.75 -30.77
C LYS F 299 -21.76 13.74 -31.39
N ILE F 300 -22.64 14.61 -30.89
CA ILE F 300 -24.07 14.53 -31.21
C ILE F 300 -24.47 14.34 -32.67
N ALA F 301 -23.83 15.06 -33.58
CA ALA F 301 -24.15 14.99 -34.99
C ALA F 301 -24.09 13.56 -35.46
N ASP F 302 -23.27 12.78 -34.77
CA ASP F 302 -23.04 11.39 -35.13
C ASP F 302 -24.27 10.46 -35.14
N VAL F 303 -25.24 10.70 -34.24
CA VAL F 303 -26.40 9.81 -34.09
C VAL F 303 -27.75 10.51 -34.17
N HIS F 304 -27.75 11.82 -34.43
CA HIS F 304 -28.99 12.61 -34.42
C HIS F 304 -30.03 12.29 -35.50
N GLY F 305 -29.58 12.19 -36.75
CA GLY F 305 -30.44 11.90 -37.89
C GLY F 305 -31.07 10.53 -37.99
N ALA F 306 -30.27 9.52 -37.66
CA ALA F 306 -30.66 8.14 -37.77
C ALA F 306 -31.84 7.79 -36.88
N GLY F 307 -31.89 8.45 -35.74
CA GLY F 307 -32.87 8.12 -34.71
C GLY F 307 -34.24 7.71 -35.23
N LEU F 308 -34.86 8.58 -36.00
CA LEU F 308 -36.23 8.32 -36.43
C LEU F 308 -36.31 7.08 -37.31
N HIS F 309 -35.40 6.97 -38.27
CA HIS F 309 -35.37 5.85 -39.19
C HIS F 309 -35.16 4.50 -38.50
N SER F 310 -34.42 4.49 -37.40
CA SER F 310 -34.09 3.25 -36.71
C SER F 310 -35.35 2.55 -36.20
N ILE F 311 -36.30 3.35 -35.75
CA ILE F 311 -37.57 2.81 -35.29
C ILE F 311 -38.28 2.03 -36.42
N GLU F 312 -38.28 2.58 -37.63
CA GLU F 312 -38.82 1.89 -38.81
C GLU F 312 -38.16 0.54 -39.07
N ILE F 313 -36.83 0.57 -39.14
CA ILE F 313 -36.02 -0.62 -39.30
C ILE F 313 -36.39 -1.65 -38.24
N MET F 314 -36.44 -1.19 -36.99
CA MET F 314 -36.74 -2.06 -35.86
C MET F 314 -38.15 -2.64 -35.91
N LYS F 315 -39.11 -1.79 -36.26
CA LYS F 315 -40.49 -2.25 -36.40
C LYS F 315 -40.57 -3.33 -37.49
N ARG F 316 -40.08 -2.99 -38.69
CA ARG F 316 -40.08 -3.93 -39.81
C ARG F 316 -39.42 -5.25 -39.43
N ALA F 317 -38.46 -5.20 -38.52
CA ALA F 317 -37.75 -6.40 -38.11
C ALA F 317 -38.52 -7.18 -37.06
N GLY F 318 -39.48 -6.52 -36.43
CA GLY F 318 -40.27 -7.17 -35.38
C GLY F 318 -39.49 -7.14 -34.08
N VAL F 319 -38.77 -6.04 -33.88
CA VAL F 319 -38.00 -5.86 -32.65
C VAL F 319 -38.84 -5.23 -31.55
N LYS F 320 -38.94 -5.95 -30.44
CA LYS F 320 -39.61 -5.44 -29.27
C LYS F 320 -38.88 -4.21 -28.74
N MET F 321 -39.56 -3.06 -28.80
CA MET F 321 -39.00 -1.80 -28.36
C MET F 321 -39.66 -1.33 -27.08
N GLY F 322 -38.85 -1.04 -26.07
CA GLY F 322 -39.35 -0.47 -24.83
C GLY F 322 -39.28 1.04 -24.89
N PHE F 323 -39.69 1.71 -23.83
CA PHE F 323 -39.69 3.17 -23.78
C PHE F 323 -38.49 3.71 -22.98
N GLY F 324 -37.88 4.80 -23.46
CA GLY F 324 -36.79 5.44 -22.74
C GLY F 324 -36.47 6.85 -23.21
N THR F 325 -35.80 7.63 -22.37
CA THR F 325 -35.59 9.06 -22.63
C THR F 325 -34.14 9.51 -22.42
N ASP F 326 -33.49 8.97 -21.39
CA ASP F 326 -32.05 9.23 -21.12
C ASP F 326 -31.71 10.71 -21.13
N LEU F 327 -32.34 11.49 -20.26
CA LEU F 327 -32.15 12.94 -20.24
C LEU F 327 -31.27 13.40 -19.08
N LEU F 328 -30.57 14.50 -19.28
CA LEU F 328 -29.62 15.01 -18.30
C LEU F 328 -29.93 16.46 -17.92
N GLY F 329 -29.51 16.84 -16.72
CA GLY F 329 -29.66 18.20 -16.25
C GLY F 329 -31.05 18.78 -16.43
N GLU F 330 -31.08 20.05 -16.83
CA GLU F 330 -32.31 20.82 -16.90
C GLU F 330 -33.26 20.20 -17.93
N ALA F 331 -32.71 19.36 -18.79
CA ALA F 331 -33.49 18.74 -19.87
C ALA F 331 -34.34 17.59 -19.36
N GLN F 332 -34.11 17.20 -18.12
CA GLN F 332 -34.88 16.09 -17.54
C GLN F 332 -36.38 16.37 -17.73
N ARG F 333 -36.73 17.64 -17.94
CA ARG F 333 -38.13 18.05 -18.01
C ARG F 333 -38.81 17.69 -19.34
N LEU F 334 -38.02 17.31 -20.34
CA LEU F 334 -38.57 16.94 -21.65
C LEU F 334 -39.00 15.48 -21.72
N GLN F 335 -38.83 14.77 -20.61
CA GLN F 335 -39.16 13.37 -20.56
C GLN F 335 -40.36 13.00 -21.46
N SER F 336 -41.45 13.75 -21.35
CA SER F 336 -42.70 13.36 -22.04
C SER F 336 -42.70 13.48 -23.58
N ASP F 337 -41.88 14.38 -24.14
CA ASP F 337 -41.71 14.51 -25.61
C ASP F 337 -41.39 13.20 -26.37
N GLU F 338 -40.62 12.31 -25.77
CA GLU F 338 -40.40 11.00 -26.38
C GLU F 338 -41.71 10.43 -26.93
N PHE F 339 -42.81 10.71 -26.23
CA PHE F 339 -44.12 10.26 -26.70
C PHE F 339 -44.42 10.88 -28.08
N ARG F 340 -44.25 12.19 -28.17
CA ARG F 340 -44.48 12.94 -29.39
C ARG F 340 -43.60 12.39 -30.53
N ILE F 341 -42.30 12.34 -30.27
CA ILE F 341 -41.33 11.87 -31.24
C ILE F 341 -41.70 10.49 -31.78
N LEU F 342 -41.97 9.57 -30.88
CA LEU F 342 -42.25 8.20 -31.29
C LEU F 342 -43.52 8.08 -32.15
N ALA F 343 -44.48 8.98 -31.93
CA ALA F 343 -45.73 8.94 -32.69
C ALA F 343 -45.58 9.55 -34.09
N GLU F 344 -44.50 10.27 -34.31
CA GLU F 344 -44.21 10.79 -35.63
C GLU F 344 -44.01 9.61 -36.56
N VAL F 345 -43.42 8.54 -36.05
CA VAL F 345 -43.17 7.37 -36.84
C VAL F 345 -43.99 6.15 -36.43
N LEU F 346 -44.57 6.17 -35.24
CA LEU F 346 -45.29 5.00 -34.74
C LEU F 346 -46.73 5.27 -34.37
N SER F 347 -47.53 4.21 -34.39
CA SER F 347 -48.91 4.33 -33.96
C SER F 347 -48.95 4.67 -32.47
N PRO F 348 -49.81 5.61 -32.09
CA PRO F 348 -50.03 6.02 -30.70
C PRO F 348 -50.27 4.81 -29.81
N ALA F 349 -51.00 3.85 -30.32
CA ALA F 349 -51.17 2.58 -29.63
C ALA F 349 -49.81 1.89 -29.40
N GLU F 350 -49.04 1.72 -30.47
CA GLU F 350 -47.71 1.10 -30.37
C GLU F 350 -46.83 1.78 -29.31
N VAL F 351 -46.75 3.11 -29.37
CA VAL F 351 -46.01 3.89 -28.39
C VAL F 351 -46.43 3.58 -26.96
N ILE F 352 -47.71 3.79 -26.66
CA ILE F 352 -48.24 3.55 -25.31
C ILE F 352 -47.99 2.12 -24.84
N ALA F 353 -47.90 1.20 -25.78
CA ALA F 353 -47.59 -0.17 -25.42
C ALA F 353 -46.09 -0.32 -25.11
N SER F 354 -45.27 0.50 -25.77
CA SER F 354 -43.83 0.48 -25.54
CA SER F 354 -43.84 0.44 -25.53
C SER F 354 -43.56 0.82 -24.08
N ALA F 355 -44.40 1.68 -23.53
CA ALA F 355 -44.21 2.23 -22.20
C ALA F 355 -45.07 1.53 -21.17
N THR F 356 -45.52 0.32 -21.50
CA THR F 356 -46.42 -0.43 -20.60
C THR F 356 -46.15 -1.93 -20.65
N ILE F 357 -46.88 -2.66 -21.49
CA ILE F 357 -46.75 -4.11 -21.46
C ILE F 357 -45.39 -4.58 -21.93
N VAL F 358 -44.73 -3.77 -22.75
CA VAL F 358 -43.39 -4.10 -23.22
C VAL F 358 -42.33 -3.80 -22.16
N SER F 359 -42.22 -2.54 -21.75
CA SER F 359 -41.34 -2.17 -20.65
C SER F 359 -41.49 -3.13 -19.47
N ALA F 360 -42.71 -3.58 -19.24
CA ALA F 360 -43.02 -4.39 -18.07
C ALA F 360 -42.43 -5.78 -18.22
N GLU F 361 -42.43 -6.24 -19.46
CA GLU F 361 -41.90 -7.55 -19.79
C GLU F 361 -40.36 -7.49 -19.73
N VAL F 362 -39.82 -6.30 -19.98
CA VAL F 362 -38.39 -6.08 -19.83
C VAL F 362 -38.00 -6.24 -18.37
N LEU F 363 -38.86 -5.77 -17.47
CA LEU F 363 -38.57 -5.85 -16.04
C LEU F 363 -39.01 -7.19 -15.47
N GLY F 364 -39.47 -8.10 -16.34
CA GLY F 364 -39.97 -9.39 -15.90
C GLY F 364 -41.13 -9.19 -14.94
N MET F 365 -42.00 -8.24 -15.27
CA MET F 365 -43.09 -7.89 -14.39
C MET F 365 -44.44 -8.01 -15.10
N GLN F 366 -44.54 -8.98 -16.00
CA GLN F 366 -45.74 -9.16 -16.80
C GLN F 366 -46.94 -9.50 -15.91
N ASP F 367 -48.04 -8.77 -16.12
CA ASP F 367 -49.29 -8.95 -15.35
C ASP F 367 -49.18 -8.37 -13.95
N LYS F 368 -48.09 -7.66 -13.71
CA LYS F 368 -47.88 -7.02 -12.44
C LYS F 368 -47.69 -5.52 -12.56
N LEU F 369 -47.34 -5.08 -13.76
CA LEU F 369 -47.16 -3.67 -14.05
C LEU F 369 -47.58 -3.39 -15.49
N GLY F 370 -47.94 -2.15 -15.77
CA GLY F 370 -48.24 -1.73 -17.12
C GLY F 370 -49.56 -2.25 -17.68
N ARG F 371 -50.30 -2.99 -16.88
CA ARG F 371 -51.62 -3.40 -17.31
C ARG F 371 -52.52 -3.48 -16.09
N ILE F 372 -53.73 -2.96 -16.20
CA ILE F 372 -54.64 -2.95 -15.08
C ILE F 372 -55.41 -4.24 -15.20
N VAL F 373 -55.17 -5.15 -14.27
CA VAL F 373 -55.74 -6.47 -14.34
C VAL F 373 -55.72 -7.04 -12.93
N PRO F 374 -56.64 -7.97 -12.62
CA PRO F 374 -56.70 -8.53 -11.28
C PRO F 374 -55.36 -9.15 -10.86
N GLY F 375 -54.78 -8.60 -9.78
CA GLY F 375 -53.53 -9.11 -9.24
C GLY F 375 -52.30 -8.33 -9.69
N ALA F 376 -52.48 -7.04 -9.95
CA ALA F 376 -51.37 -6.18 -10.34
C ALA F 376 -51.19 -5.02 -9.37
N HIS F 377 -50.08 -4.28 -9.52
CA HIS F 377 -49.87 -3.11 -8.69
C HIS F 377 -50.89 -2.02 -9.02
N ALA F 378 -51.30 -1.27 -8.00
CA ALA F 378 -52.26 -0.20 -8.16
C ALA F 378 -51.59 1.00 -8.79
N ASP F 379 -51.03 0.79 -9.98
CA ASP F 379 -50.36 1.88 -10.69
C ASP F 379 -51.30 2.38 -11.76
N VAL F 380 -51.98 3.47 -11.46
CA VAL F 380 -53.06 3.94 -12.30
C VAL F 380 -53.00 5.44 -12.49
N LEU F 381 -53.43 5.88 -13.68
CA LEU F 381 -53.51 7.30 -13.96
C LEU F 381 -54.91 7.68 -14.46
N VAL F 382 -55.17 8.99 -14.49
CA VAL F 382 -56.37 9.52 -15.07
C VAL F 382 -55.97 10.65 -16.03
N VAL F 383 -56.22 10.42 -17.31
CA VAL F 383 -55.83 11.38 -18.34
C VAL F 383 -57.02 12.09 -18.95
N ASP F 384 -56.93 13.41 -19.03
CA ASP F 384 -57.94 14.22 -19.69
C ASP F 384 -57.75 14.12 -21.19
N GLY F 385 -58.09 12.96 -21.75
CA GLY F 385 -57.90 12.72 -23.18
C GLY F 385 -57.91 11.25 -23.56
N ASN F 386 -57.52 10.97 -24.80
CA ASN F 386 -57.45 9.61 -25.31
C ASN F 386 -56.14 9.33 -26.05
N PRO F 387 -55.13 8.82 -25.34
CA PRO F 387 -53.81 8.58 -25.93
C PRO F 387 -53.87 7.63 -27.11
N LEU F 388 -54.79 6.67 -27.07
CA LEU F 388 -54.97 5.73 -28.17
C LEU F 388 -55.38 6.43 -29.48
N LYS F 389 -55.85 7.67 -29.37
CA LYS F 389 -56.14 8.50 -30.54
C LYS F 389 -55.05 9.57 -30.69
N SER F 390 -54.60 10.11 -29.56
CA SER F 390 -53.52 11.09 -29.61
CA SER F 390 -53.57 11.15 -29.56
C SER F 390 -52.56 10.88 -28.45
N VAL F 391 -51.42 11.55 -28.53
CA VAL F 391 -50.37 11.40 -27.54
C VAL F 391 -50.10 12.73 -26.86
N ASP F 392 -50.78 13.77 -27.32
CA ASP F 392 -50.57 15.13 -26.82
C ASP F 392 -50.98 15.31 -25.36
N CYS F 393 -51.86 14.46 -24.87
CA CYS F 393 -52.34 14.58 -23.48
C CYS F 393 -51.28 14.19 -22.45
N LEU F 394 -50.35 13.32 -22.84
CA LEU F 394 -49.27 12.89 -21.97
C LEU F 394 -48.16 13.93 -21.92
N LEU F 395 -48.10 14.79 -22.94
CA LEU F 395 -47.04 15.78 -23.01
C LEU F 395 -46.98 16.65 -21.76
N GLY F 396 -45.90 17.43 -21.66
CA GLY F 396 -45.75 18.44 -20.60
C GLY F 396 -45.51 17.89 -19.21
N GLN F 397 -45.78 18.72 -18.21
CA GLN F 397 -45.62 18.36 -16.81
C GLN F 397 -46.89 17.73 -16.22
N GLY F 398 -47.66 17.05 -17.07
CA GLY F 398 -48.88 16.38 -16.61
C GLY F 398 -50.16 17.21 -16.57
N GLU F 399 -50.15 18.41 -17.15
CA GLU F 399 -51.35 19.27 -17.16
C GLU F 399 -52.65 18.48 -17.40
N HIS F 400 -52.62 17.55 -18.33
CA HIS F 400 -53.80 16.76 -18.64
C HIS F 400 -53.74 15.38 -17.99
N ILE F 401 -52.87 15.27 -16.99
CA ILE F 401 -52.83 14.11 -16.10
C ILE F 401 -53.11 14.54 -14.66
N PRO F 402 -54.40 14.59 -14.29
CA PRO F 402 -54.84 15.13 -13.01
C PRO F 402 -54.96 14.11 -11.87
N LEU F 403 -54.82 12.82 -12.17
CA LEU F 403 -54.75 11.81 -11.11
C LEU F 403 -53.63 10.78 -11.35
N VAL F 404 -52.64 10.82 -10.46
CA VAL F 404 -51.52 9.91 -10.49
C VAL F 404 -51.55 9.03 -9.23
N MET F 405 -51.62 7.73 -9.42
CA MET F 405 -51.67 6.80 -8.29
C MET F 405 -50.68 5.62 -8.39
N LYS F 406 -49.75 5.56 -7.44
CA LYS F 406 -48.75 4.48 -7.39
CA LYS F 406 -48.75 4.49 -7.40
C LYS F 406 -48.84 3.71 -6.10
N ASP F 407 -48.84 2.38 -6.21
CA ASP F 407 -48.89 1.53 -5.03
C ASP F 407 -50.23 1.67 -4.32
N GLY F 408 -51.29 1.91 -5.09
CA GLY F 408 -52.64 2.01 -4.53
C GLY F 408 -52.82 3.25 -3.67
N ARG F 409 -52.05 4.29 -3.96
CA ARG F 409 -52.19 5.55 -3.24
C ARG F 409 -52.03 6.74 -4.19
N LEU F 410 -52.64 7.86 -3.82
CA LEU F 410 -52.70 9.02 -4.70
C LEU F 410 -51.60 10.01 -4.40
N PHE F 411 -50.67 10.18 -5.34
CA PHE F 411 -49.62 11.19 -5.21
CA PHE F 411 -49.66 11.20 -5.14
C PHE F 411 -50.12 12.52 -5.74
N VAL F 412 -51.01 12.45 -6.71
CA VAL F 412 -51.60 13.66 -7.26
C VAL F 412 -53.08 13.47 -7.55
N ASN F 413 -53.86 14.48 -7.19
CA ASN F 413 -55.28 14.47 -7.49
C ASN F 413 -55.84 15.87 -7.70
N GLU F 414 -56.52 16.07 -8.82
CA GLU F 414 -57.09 17.37 -9.12
C GLU F 414 -58.56 17.31 -9.51
N LEU F 415 -59.13 16.12 -9.45
CA LEU F 415 -60.54 15.89 -9.76
C LEU F 415 -61.55 16.50 -8.79
N GLU F 416 -61.18 16.47 -7.52
CA GLU F 416 -62.03 16.78 -6.38
C GLU F 416 -61.56 18.06 -5.70
N THR G 4 -4.45 -49.14 26.99
CA THR G 4 -4.62 -50.45 27.67
C THR G 4 -5.38 -51.43 26.76
N THR G 5 -5.83 -52.53 27.36
CA THR G 5 -6.59 -53.55 26.63
C THR G 5 -7.99 -53.73 27.23
N PHE G 6 -8.97 -53.94 26.35
CA PHE G 6 -10.36 -54.08 26.77
C PHE G 6 -11.06 -55.28 26.14
N LEU G 7 -12.06 -55.80 26.84
CA LEU G 7 -12.85 -56.91 26.33
C LEU G 7 -14.33 -56.63 26.53
N PHE G 8 -15.06 -56.54 25.42
CA PHE G 8 -16.52 -56.40 25.46
C PHE G 8 -17.12 -57.78 25.33
N ARG G 9 -17.96 -58.15 26.28
CA ARG G 9 -18.55 -59.47 26.30
C ARG G 9 -20.00 -59.42 26.71
N ASN G 10 -20.75 -60.45 26.35
CA ASN G 10 -22.16 -60.53 26.74
C ASN G 10 -23.08 -59.42 26.22
N GLY G 11 -22.92 -59.03 24.97
CA GLY G 11 -23.72 -57.97 24.41
C GLY G 11 -24.17 -58.16 22.98
N ALA G 12 -25.21 -57.42 22.59
CA ALA G 12 -25.70 -57.49 21.23
C ALA G 12 -24.95 -56.52 20.34
N LEU G 13 -24.22 -57.08 19.37
CA LEU G 13 -23.39 -56.32 18.46
C LEU G 13 -24.22 -55.74 17.32
N LEU G 14 -24.15 -54.42 17.14
CA LEU G 14 -24.85 -53.74 16.04
C LEU G 14 -23.91 -53.62 14.84
N ASP G 15 -24.25 -54.33 13.77
CA ASP G 15 -23.45 -54.30 12.56
C ASP G 15 -24.20 -53.60 11.43
N PRO G 16 -23.81 -52.35 11.11
CA PRO G 16 -24.57 -51.44 10.26
C PRO G 16 -25.05 -52.04 8.94
N ASP G 17 -24.40 -53.08 8.45
CA ASP G 17 -24.91 -53.74 7.24
C ASP G 17 -25.49 -55.12 7.51
N HIS G 18 -26.09 -55.29 8.68
CA HIS G 18 -26.95 -56.45 8.96
C HIS G 18 -28.24 -55.98 9.64
N PRO G 19 -29.38 -56.58 9.26
CA PRO G 19 -30.69 -56.06 9.67
C PRO G 19 -30.94 -56.16 11.16
N ASP G 20 -30.28 -57.10 11.84
CA ASP G 20 -30.54 -57.32 13.28
C ASP G 20 -29.29 -57.63 14.09
N LEU G 21 -29.32 -57.29 15.37
CA LEU G 21 -28.16 -57.41 16.25
C LEU G 21 -27.57 -58.81 16.31
N LEU G 22 -26.26 -58.91 16.08
CA LEU G 22 -25.54 -60.16 16.24
C LEU G 22 -25.39 -60.47 17.74
N GLN G 23 -26.02 -61.54 18.19
CA GLN G 23 -26.06 -61.84 19.62
C GLN G 23 -24.91 -62.73 20.08
N GLY G 24 -24.49 -62.56 21.33
CA GLY G 24 -23.41 -63.34 21.91
C GLY G 24 -22.07 -63.18 21.22
N PHE G 25 -21.61 -61.93 21.13
CA PHE G 25 -20.32 -61.62 20.50
C PHE G 25 -19.34 -61.00 21.51
N GLU G 26 -18.05 -61.15 21.24
CA GLU G 26 -17.03 -60.58 22.12
C GLU G 26 -16.03 -59.70 21.36
N ILE G 27 -15.72 -58.55 21.95
CA ILE G 27 -14.90 -57.52 21.31
C ILE G 27 -13.59 -57.27 22.04
N LEU G 28 -12.47 -57.39 21.32
CA LEU G 28 -11.17 -57.13 21.92
C LEU G 28 -10.49 -55.86 21.40
N ILE G 29 -10.57 -54.81 22.22
CA ILE G 29 -9.84 -53.58 21.96
C ILE G 29 -8.43 -53.73 22.50
N GLU G 30 -7.44 -53.48 21.65
CA GLU G 30 -6.06 -53.43 22.09
C GLU G 30 -5.36 -52.24 21.45
N ASP G 31 -5.09 -51.22 22.26
CA ASP G 31 -4.27 -50.10 21.82
C ASP G 31 -4.99 -49.19 20.81
N GLY G 32 -6.22 -48.80 21.15
CA GLY G 32 -6.98 -47.89 20.31
C GLY G 32 -7.58 -48.49 19.04
N PHE G 33 -7.29 -49.77 18.79
CA PHE G 33 -7.82 -50.43 17.60
C PHE G 33 -8.66 -51.66 17.94
N ILE G 34 -9.57 -52.00 17.05
CA ILE G 34 -10.29 -53.25 17.17
C ILE G 34 -9.34 -54.39 16.83
N ARG G 35 -9.07 -55.24 17.81
CA ARG G 35 -8.14 -56.34 17.62
C ARG G 35 -8.88 -57.62 17.23
N GLU G 36 -9.96 -57.91 17.96
CA GLU G 36 -10.73 -59.13 17.70
C GLU G 36 -12.22 -58.99 17.96
N VAL G 37 -13.01 -59.61 17.09
CA VAL G 37 -14.46 -59.70 17.26
C VAL G 37 -14.90 -61.15 17.02
N SER G 38 -15.58 -61.75 17.97
CA SER G 38 -16.00 -63.12 17.73
C SER G 38 -17.17 -63.57 18.58
N ASP G 39 -17.87 -64.55 18.04
CA ASP G 39 -18.91 -65.25 18.78
C ASP G 39 -18.24 -66.14 19.80
N LYS G 40 -17.19 -66.84 19.35
CA LYS G 40 -16.46 -67.72 20.21
C LYS G 40 -15.80 -66.85 21.25
N PRO G 41 -15.93 -67.23 22.51
CA PRO G 41 -15.33 -66.44 23.57
C PRO G 41 -13.84 -66.43 23.41
N ILE G 42 -13.21 -65.30 23.70
CA ILE G 42 -11.76 -65.20 23.61
C ILE G 42 -11.19 -64.92 24.97
N LYS G 43 -10.07 -65.54 25.26
CA LYS G 43 -9.42 -65.41 26.55
C LYS G 43 -8.43 -64.25 26.54
N SER G 44 -8.49 -63.43 27.58
CA SER G 44 -7.53 -62.37 27.77
C SER G 44 -7.31 -62.16 29.27
N SER G 45 -6.14 -62.59 29.74
CA SER G 45 -5.73 -62.28 31.09
C SER G 45 -5.26 -60.84 31.08
N ASN G 46 -5.31 -60.24 29.89
CA ASN G 46 -4.80 -58.89 29.67
C ASN G 46 -5.40 -57.82 30.59
N ALA G 47 -6.67 -57.49 30.43
CA ALA G 47 -7.20 -56.40 31.25
C ALA G 47 -8.70 -56.10 31.27
N HIS G 48 -9.02 -55.14 32.12
CA HIS G 48 -10.39 -54.65 32.36
CA HIS G 48 -10.38 -54.65 32.37
C HIS G 48 -11.44 -55.21 31.41
N VAL G 49 -12.30 -56.06 31.96
CA VAL G 49 -13.43 -56.63 31.25
C VAL G 49 -14.65 -55.74 31.44
N ILE G 50 -15.51 -55.69 30.44
CA ILE G 50 -16.71 -54.89 30.52
C ILE G 50 -17.94 -55.73 30.20
N ASP G 51 -18.84 -55.80 31.18
CA ASP G 51 -20.07 -56.59 31.04
C ASP G 51 -21.19 -55.73 30.47
N VAL G 52 -21.50 -55.95 29.20
CA VAL G 52 -22.54 -55.18 28.53
C VAL G 52 -23.89 -55.40 29.21
N LYS G 53 -24.07 -56.58 29.79
CA LYS G 53 -25.31 -56.93 30.45
C LYS G 53 -26.50 -56.89 29.49
N GLY G 54 -26.26 -57.35 28.27
CA GLY G 54 -27.29 -57.46 27.25
C GLY G 54 -27.58 -56.21 26.46
N LYS G 55 -26.87 -55.14 26.77
CA LYS G 55 -27.05 -53.86 26.10
C LYS G 55 -26.43 -53.93 24.71
N THR G 56 -26.65 -52.88 23.92
CA THR G 56 -26.12 -52.81 22.56
C THR G 56 -24.67 -52.34 22.54
N ILE G 57 -23.91 -52.91 21.61
CA ILE G 57 -22.56 -52.44 21.32
C ILE G 57 -22.44 -52.03 19.86
N MET G 58 -22.55 -50.72 19.61
CA MET G 58 -22.47 -50.19 18.24
C MET G 58 -21.23 -49.33 18.02
N PRO G 59 -20.85 -49.13 16.75
CA PRO G 59 -19.72 -48.24 16.47
C PRO G 59 -20.10 -46.80 16.79
N GLY G 60 -19.09 -45.95 17.01
CA GLY G 60 -19.32 -44.53 17.26
C GLY G 60 -20.03 -43.80 16.11
N LEU G 61 -20.83 -42.80 16.46
CA LEU G 61 -21.57 -42.04 15.47
C LEU G 61 -20.68 -41.04 14.71
N ILE G 62 -21.04 -40.80 13.45
CA ILE G 62 -20.32 -39.82 12.62
C ILE G 62 -21.26 -38.70 12.14
N ASP G 63 -20.92 -37.46 12.47
CA ASP G 63 -21.68 -36.30 11.94
C ASP G 63 -20.88 -35.58 10.87
N LEU G 64 -21.38 -35.62 9.63
CA LEU G 64 -20.65 -35.09 8.49
C LEU G 64 -20.79 -33.58 8.30
N HIS G 65 -21.63 -32.92 9.09
CA HIS G 65 -21.78 -31.48 8.91
C HIS G 65 -22.00 -30.70 10.21
N VAL G 66 -20.91 -30.25 10.82
CA VAL G 66 -21.02 -29.43 12.02
C VAL G 66 -20.16 -28.17 11.91
N HIS G 67 -20.46 -27.19 12.76
CA HIS G 67 -19.62 -25.99 12.89
C HIS G 67 -19.26 -25.73 14.33
N VAL G 68 -18.12 -26.25 14.75
CA VAL G 68 -17.66 -26.11 16.14
C VAL G 68 -17.57 -24.66 16.63
N VAL G 69 -17.14 -23.73 15.80
CA VAL G 69 -17.02 -22.35 16.24
C VAL G 69 -18.29 -21.54 16.10
N ALA G 70 -19.36 -22.17 15.63
CA ALA G 70 -20.66 -21.50 15.48
C ALA G 70 -21.33 -21.41 16.84
N ILE G 71 -20.86 -20.48 17.66
CA ILE G 71 -21.24 -20.43 19.06
C ILE G 71 -22.45 -19.56 19.30
N GLU G 72 -23.03 -19.03 18.24
CA GLU G 72 -24.30 -18.33 18.32
C GLU G 72 -24.87 -18.11 16.92
N PHE G 73 -26.07 -17.53 16.85
CA PHE G 73 -26.82 -17.46 15.59
C PHE G 73 -26.32 -16.37 14.65
N ASN G 74 -25.94 -15.22 15.22
CA ASN G 74 -25.40 -14.13 14.42
C ASN G 74 -23.94 -14.41 14.06
N LEU G 75 -23.75 -15.15 12.97
CA LEU G 75 -22.43 -15.64 12.54
C LEU G 75 -21.43 -14.53 12.19
N PRO G 76 -21.90 -13.47 11.52
CA PRO G 76 -21.00 -12.34 11.26
C PRO G 76 -20.45 -11.75 12.55
N ARG G 77 -21.25 -11.74 13.61
CA ARG G 77 -20.81 -11.21 14.88
C ARG G 77 -19.77 -12.13 15.47
N VAL G 78 -19.92 -13.42 15.24
CA VAL G 78 -19.01 -14.39 15.80
C VAL G 78 -17.61 -14.13 15.25
N ALA G 79 -17.55 -13.78 13.97
CA ALA G 79 -16.30 -13.50 13.30
C ALA G 79 -15.60 -12.33 13.98
N THR G 80 -16.39 -11.51 14.67
CA THR G 80 -15.84 -10.30 15.30
C THR G 80 -15.54 -10.48 16.79
N LEU G 81 -15.98 -11.62 17.34
CA LEU G 81 -15.69 -11.93 18.75
C LEU G 81 -14.22 -12.28 18.87
N PRO G 82 -13.63 -11.97 20.03
CA PRO G 82 -12.23 -12.27 20.33
C PRO G 82 -11.92 -13.75 20.11
N ASN G 83 -10.72 -14.02 19.61
CA ASN G 83 -10.27 -15.38 19.32
C ASN G 83 -10.27 -16.29 20.56
N VAL G 84 -9.86 -15.73 21.68
CA VAL G 84 -9.85 -16.41 22.98
C VAL G 84 -11.26 -16.83 23.38
N LEU G 85 -12.22 -15.91 23.22
CA LEU G 85 -13.61 -16.19 23.55
C LEU G 85 -14.24 -17.25 22.63
N VAL G 86 -13.98 -17.17 21.34
CA VAL G 86 -14.58 -18.15 20.43
C VAL G 86 -14.01 -19.53 20.74
N THR G 87 -12.70 -19.57 21.05
CA THR G 87 -11.99 -20.82 21.32
C THR G 87 -12.57 -21.50 22.55
N LEU G 88 -12.60 -20.75 23.65
CA LEU G 88 -13.13 -21.23 24.91
C LEU G 88 -14.58 -21.73 24.80
N ARG G 89 -15.43 -20.97 24.12
CA ARG G 89 -16.83 -21.37 23.94
C ARG G 89 -17.04 -22.59 23.01
N ALA G 90 -16.11 -22.80 22.09
CA ALA G 90 -16.16 -23.97 21.21
C ALA G 90 -15.94 -25.26 21.99
N VAL G 91 -15.25 -25.15 23.12
CA VAL G 91 -14.88 -26.30 23.95
C VAL G 91 -16.07 -27.10 24.49
N PRO G 92 -16.92 -26.47 25.32
CA PRO G 92 -18.11 -27.16 25.78
C PRO G 92 -18.89 -27.79 24.63
N ILE G 93 -19.13 -27.01 23.57
CA ILE G 93 -19.79 -27.52 22.36
C ILE G 93 -19.24 -28.89 21.93
N MET G 94 -17.92 -28.98 21.78
CA MET G 94 -17.28 -30.21 21.32
C MET G 94 -17.42 -31.36 22.32
N ARG G 95 -17.56 -31.00 23.59
CA ARG G 95 -17.69 -31.98 24.65
C ARG G 95 -19.03 -32.68 24.53
N ALA G 96 -20.07 -31.90 24.27
CA ALA G 96 -21.41 -32.43 24.11
C ALA G 96 -21.51 -33.39 22.92
N MET G 97 -20.85 -33.07 21.82
CA MET G 97 -20.97 -33.88 20.62
C MET G 97 -20.55 -35.31 20.89
N LEU G 98 -19.53 -35.45 21.73
CA LEU G 98 -18.94 -36.74 22.02
C LEU G 98 -19.81 -37.51 23.02
N ARG G 99 -20.27 -36.80 24.04
CA ARG G 99 -21.23 -37.34 24.98
C ARG G 99 -22.43 -37.95 24.21
N ARG G 100 -22.92 -37.22 23.22
CA ARG G 100 -24.05 -37.70 22.42
C ARG G 100 -23.68 -38.84 21.46
N GLY G 101 -22.45 -39.34 21.55
CA GLY G 101 -22.06 -40.52 20.80
C GLY G 101 -21.27 -40.29 19.54
N PHE G 102 -21.11 -39.02 19.15
CA PHE G 102 -20.35 -38.68 17.95
C PHE G 102 -18.85 -38.75 18.20
N THR G 103 -18.22 -39.73 17.59
CA THR G 103 -16.80 -39.96 17.81
C THR G 103 -16.00 -39.35 16.67
N THR G 104 -16.63 -39.23 15.51
CA THR G 104 -16.06 -38.46 14.42
C THR G 104 -17.06 -37.43 13.88
N VAL G 105 -16.58 -36.22 13.61
CA VAL G 105 -17.38 -35.24 12.87
C VAL G 105 -16.54 -34.55 11.78
N ARG G 106 -17.21 -34.10 10.73
CA ARG G 106 -16.58 -33.33 9.69
C ARG G 106 -17.00 -31.88 9.86
N ASP G 107 -16.07 -30.99 10.16
CA ASP G 107 -16.43 -29.60 10.32
C ASP G 107 -16.55 -28.96 8.94
N ALA G 108 -17.67 -28.27 8.72
CA ALA G 108 -18.01 -27.82 7.37
C ALA G 108 -17.64 -26.35 7.13
N GLY G 109 -16.87 -25.78 8.06
CA GLY G 109 -16.43 -24.39 7.90
C GLY G 109 -16.16 -23.76 9.24
N GLY G 110 -14.99 -23.14 9.37
CA GLY G 110 -14.58 -22.52 10.62
C GLY G 110 -13.40 -23.21 11.28
N ALA G 111 -13.67 -24.22 12.09
CA ALA G 111 -12.60 -24.91 12.82
C ALA G 111 -11.43 -25.34 11.92
N GLY G 112 -10.22 -24.94 12.32
CA GLY G 112 -9.03 -25.29 11.56
C GLY G 112 -8.29 -26.50 12.11
N TYR G 113 -7.14 -26.75 11.50
CA TYR G 113 -6.25 -27.83 11.88
C TYR G 113 -5.83 -27.74 13.35
N PRO G 114 -5.76 -26.51 13.90
CA PRO G 114 -5.44 -26.32 15.33
C PRO G 114 -6.43 -27.02 16.27
N PHE G 115 -7.72 -26.88 16.03
CA PHE G 115 -8.70 -27.68 16.78
C PHE G 115 -8.45 -29.16 16.59
N LYS G 116 -8.19 -29.56 15.35
CA LYS G 116 -7.97 -30.97 15.05
C LYS G 116 -6.81 -31.53 15.85
N GLN G 117 -5.72 -30.77 15.95
CA GLN G 117 -4.59 -31.22 16.77
C GLN G 117 -4.79 -31.04 18.28
N ALA G 118 -5.53 -30.02 18.70
CA ALA G 118 -5.93 -29.91 20.11
C ALA G 118 -6.64 -31.19 20.59
N VAL G 119 -7.44 -31.78 19.71
CA VAL G 119 -8.19 -32.98 20.04
C VAL G 119 -7.30 -34.21 20.00
N GLU G 120 -6.53 -34.37 18.92
CA GLU G 120 -5.67 -35.55 18.79
C GLU G 120 -4.62 -35.59 19.89
N SER G 121 -4.23 -34.41 20.38
CA SER G 121 -3.12 -34.33 21.33
C SER G 121 -3.60 -34.49 22.75
N GLY G 122 -4.90 -34.37 22.96
CA GLY G 122 -5.48 -34.58 24.28
C GLY G 122 -5.64 -33.27 25.04
N LEU G 123 -5.40 -32.16 24.37
CA LEU G 123 -5.56 -30.88 25.00
C LEU G 123 -7.03 -30.62 25.27
N VAL G 124 -7.92 -31.17 24.44
CA VAL G 124 -9.34 -31.19 24.74
C VAL G 124 -10.03 -32.49 24.37
N GLU G 125 -11.14 -32.76 25.05
CA GLU G 125 -11.98 -33.92 24.75
C GLU G 125 -13.03 -33.55 23.70
N GLY G 126 -13.14 -34.37 22.66
CA GLY G 126 -14.19 -34.19 21.69
C GLY G 126 -14.06 -35.22 20.60
N PRO G 127 -14.96 -35.16 19.61
CA PRO G 127 -14.86 -36.11 18.50
C PRO G 127 -13.62 -35.84 17.65
N ARG G 128 -13.14 -36.88 16.99
CA ARG G 128 -12.11 -36.76 15.97
C ARG G 128 -12.61 -35.81 14.89
N LEU G 129 -11.73 -34.92 14.43
CA LEU G 129 -12.11 -33.83 13.51
C LEU G 129 -11.57 -33.97 12.10
N PHE G 130 -12.47 -33.98 11.12
CA PHE G 130 -12.08 -33.74 9.73
C PHE G 130 -12.51 -32.32 9.39
N VAL G 131 -11.54 -31.43 9.23
CA VAL G 131 -11.81 -29.99 9.18
C VAL G 131 -11.70 -29.45 7.75
N SER G 132 -12.44 -28.38 7.48
CA SER G 132 -12.41 -27.75 6.16
C SER G 132 -11.65 -26.43 6.18
N GLY G 133 -11.33 -25.94 7.37
CA GLY G 133 -10.82 -24.60 7.52
C GLY G 133 -11.94 -23.66 7.14
N ARG G 134 -11.65 -22.64 6.35
CA ARG G 134 -12.70 -21.71 5.96
C ARG G 134 -13.37 -22.11 4.65
N ALA G 135 -14.68 -21.96 4.63
CA ALA G 135 -15.47 -22.15 3.41
C ALA G 135 -15.13 -21.07 2.38
N LEU G 136 -14.96 -21.47 1.12
CA LEU G 136 -14.82 -20.48 0.05
C LEU G 136 -16.19 -19.94 -0.37
N SER G 137 -16.28 -18.62 -0.50
CA SER G 137 -17.48 -17.97 -0.98
C SER G 137 -17.14 -16.82 -1.91
N GLN G 138 -17.97 -16.62 -2.93
CA GLN G 138 -17.79 -15.47 -3.81
C GLN G 138 -18.29 -14.21 -3.13
N THR G 139 -17.90 -13.05 -3.66
CA THR G 139 -18.42 -11.79 -3.15
C THR G 139 -19.96 -11.77 -3.14
N GLY G 140 -20.52 -11.41 -2.00
CA GLY G 140 -21.96 -11.43 -1.81
C GLY G 140 -22.57 -12.80 -1.55
N GLY G 141 -21.73 -13.85 -1.52
CA GLY G 141 -22.21 -15.22 -1.34
C GLY G 141 -22.64 -15.55 0.08
N HIS G 142 -22.93 -16.82 0.32
CA HIS G 142 -23.42 -17.27 1.63
C HIS G 142 -22.38 -17.13 2.76
N ALA G 143 -21.11 -17.14 2.41
CA ALA G 143 -20.05 -16.99 3.42
C ALA G 143 -19.38 -15.61 3.37
N ASP G 144 -20.07 -14.67 2.72
CA ASP G 144 -19.69 -13.25 2.75
C ASP G 144 -20.58 -12.54 3.75
N PRO G 145 -20.01 -12.20 4.91
CA PRO G 145 -20.73 -11.70 6.08
C PRO G 145 -20.96 -10.19 6.04
N ARG G 146 -20.42 -9.51 5.05
CA ARG G 146 -20.59 -8.05 4.98
C ARG G 146 -22.05 -7.67 4.77
N ALA G 147 -22.48 -6.64 5.49
CA ALA G 147 -23.84 -6.13 5.39
C ALA G 147 -24.02 -5.33 4.11
N ARG G 148 -25.26 -5.03 3.79
CA ARG G 148 -25.59 -4.25 2.61
C ARG G 148 -25.66 -2.78 2.95
N SER G 149 -24.88 -2.00 2.23
CA SER G 149 -24.82 -0.56 2.37
C SER G 149 -24.34 -0.04 1.04
N ASP G 150 -23.84 1.19 1.02
CA ASP G 150 -23.34 1.77 -0.22
C ASP G 150 -21.83 1.65 -0.38
N TYR G 151 -21.19 0.89 0.49
CA TYR G 151 -19.76 0.69 0.41
C TYR G 151 -19.42 -0.75 0.73
N MET G 152 -18.27 -1.23 0.25
CA MET G 152 -17.85 -2.58 0.56
C MET G 152 -16.56 -2.51 1.35
N PRO G 153 -16.62 -2.85 2.63
CA PRO G 153 -15.42 -2.89 3.45
C PRO G 153 -14.62 -4.12 3.06
N PRO G 154 -13.38 -4.18 3.46
CA PRO G 154 -12.57 -5.35 3.14
C PRO G 154 -13.23 -6.53 3.82
N ASP G 155 -13.11 -7.70 3.22
CA ASP G 155 -13.82 -8.83 3.73
C ASP G 155 -13.44 -9.06 5.17
N SER G 156 -12.15 -8.95 5.47
CA SER G 156 -11.70 -9.12 6.84
C SER G 156 -10.64 -8.08 7.11
N PRO G 157 -10.46 -7.75 8.37
CA PRO G 157 -9.44 -6.76 8.75
C PRO G 157 -8.07 -7.11 8.19
N CYS G 158 -7.36 -8.01 8.86
CA CYS G 158 -6.10 -8.57 8.36
C CYS G 158 -6.35 -9.96 7.80
N GLY G 159 -6.64 -10.04 6.50
CA GLY G 159 -6.85 -11.32 5.85
C GLY G 159 -5.70 -12.23 6.20
N CYS G 160 -4.51 -11.64 6.30
CA CYS G 160 -3.28 -12.35 6.67
C CYS G 160 -3.46 -13.25 7.90
N CYS G 161 -4.07 -12.70 8.96
CA CYS G 161 -4.40 -13.46 10.16
C CYS G 161 -5.88 -13.87 10.18
N VAL G 162 -6.10 -15.18 10.24
CA VAL G 162 -7.47 -15.73 10.32
C VAL G 162 -8.12 -15.53 11.69
N ARG G 163 -9.38 -15.08 11.69
CA ARG G 163 -10.19 -15.01 12.91
C ARG G 163 -10.73 -16.39 13.27
N VAL G 164 -10.64 -16.78 14.53
CA VAL G 164 -11.14 -18.09 14.92
C VAL G 164 -12.66 -18.24 14.70
N GLY G 165 -13.38 -17.12 14.63
CA GLY G 165 -14.82 -17.14 14.50
C GLY G 165 -15.34 -17.04 13.07
N ALA G 166 -14.43 -17.02 12.10
CA ALA G 166 -14.81 -16.96 10.68
C ALA G 166 -15.17 -18.34 10.14
N LEU G 167 -16.36 -18.47 9.57
CA LEU G 167 -16.74 -19.77 9.03
C LEU G 167 -16.24 -19.90 7.60
N GLY G 168 -16.09 -18.75 6.95
CA GLY G 168 -15.62 -18.71 5.56
C GLY G 168 -14.65 -17.58 5.23
N ARG G 169 -14.35 -17.46 3.95
CA ARG G 169 -13.50 -16.41 3.42
C ARG G 169 -13.99 -16.08 2.01
N VAL G 170 -13.85 -14.83 1.60
CA VAL G 170 -14.31 -14.39 0.29
C VAL G 170 -13.18 -14.53 -0.73
N ALA G 171 -13.52 -15.05 -1.90
CA ALA G 171 -12.55 -15.29 -2.97
C ALA G 171 -13.22 -15.26 -4.33
N ASP G 172 -12.67 -14.45 -5.23
CA ASP G 172 -13.27 -14.30 -6.56
C ASP G 172 -12.22 -14.50 -7.63
N GLY G 173 -12.58 -15.21 -8.69
CA GLY G 173 -11.63 -15.43 -9.75
C GLY G 173 -10.95 -16.77 -9.60
N VAL G 174 -10.47 -17.32 -10.71
CA VAL G 174 -9.78 -18.60 -10.70
C VAL G 174 -8.48 -18.51 -9.93
N ASP G 175 -7.71 -17.45 -10.14
CA ASP G 175 -6.45 -17.33 -9.44
C ASP G 175 -6.73 -17.22 -7.96
N GLU G 176 -7.72 -16.39 -7.64
CA GLU G 176 -8.05 -16.11 -6.26
C GLU G 176 -8.51 -17.39 -5.54
N VAL G 177 -9.37 -18.18 -6.17
CA VAL G 177 -9.88 -19.40 -5.52
C VAL G 177 -8.81 -20.47 -5.44
N ARG G 178 -7.93 -20.51 -6.43
CA ARG G 178 -6.79 -21.43 -6.43
C ARG G 178 -5.86 -21.17 -5.24
N ARG G 179 -5.49 -19.93 -5.03
CA ARG G 179 -4.63 -19.55 -3.92
C ARG G 179 -5.30 -19.87 -2.58
N ALA G 180 -6.56 -19.46 -2.43
CA ALA G 180 -7.31 -19.73 -1.20
C ALA G 180 -7.31 -21.20 -0.82
N VAL G 181 -7.60 -22.08 -1.78
CA VAL G 181 -7.58 -23.51 -1.52
C VAL G 181 -6.16 -23.95 -1.16
N ARG G 182 -5.18 -23.35 -1.83
CA ARG G 182 -3.79 -23.73 -1.60
C ARG G 182 -3.38 -23.33 -0.19
N GLU G 183 -3.83 -22.16 0.25
CA GLU G 183 -3.60 -21.76 1.63
C GLU G 183 -4.29 -22.70 2.62
N GLU G 184 -5.60 -22.90 2.46
CA GLU G 184 -6.38 -23.71 3.40
C GLU G 184 -5.75 -25.08 3.52
N LEU G 185 -5.37 -25.66 2.40
CA LEU G 185 -4.79 -26.98 2.39
C LEU G 185 -3.45 -26.98 3.12
N GLN G 186 -2.73 -25.87 3.00
CA GLN G 186 -1.38 -25.79 3.53
C GLN G 186 -1.44 -25.54 5.03
N MET G 187 -2.50 -24.87 5.47
CA MET G 187 -2.75 -24.69 6.91
C MET G 187 -3.33 -25.96 7.55
N GLY G 188 -3.60 -27.00 6.75
CA GLY G 188 -3.99 -28.30 7.31
C GLY G 188 -5.42 -28.81 7.09
N ALA G 189 -6.19 -28.18 6.20
CA ALA G 189 -7.56 -28.65 5.92
C ALA G 189 -7.60 -30.08 5.40
N ASP G 190 -8.55 -30.88 5.89
CA ASP G 190 -8.73 -32.25 5.39
C ASP G 190 -9.55 -32.30 4.10
N GLN G 191 -10.42 -31.31 3.92
CA GLN G 191 -11.16 -31.19 2.69
C GLN G 191 -11.56 -29.72 2.49
N ILE G 192 -12.09 -29.41 1.32
CA ILE G 192 -12.42 -28.04 0.99
C ILE G 192 -13.93 -27.81 0.91
N ILE G 194 -16.95 -25.22 -0.21
CA ILE G 194 -17.36 -24.02 -0.93
C ILE G 194 -18.86 -23.74 -0.79
N MET G 195 -19.22 -22.47 -0.95
CA MET G 195 -20.61 -22.08 -1.04
C MET G 195 -21.04 -22.10 -2.51
N ALA G 196 -21.78 -23.13 -2.91
CA ALA G 196 -22.19 -23.28 -4.31
C ALA G 196 -23.57 -22.67 -4.59
N SER G 197 -24.05 -21.86 -3.65
CA SER G 197 -25.39 -21.32 -3.77
C SER G 197 -25.66 -20.35 -2.65
N GLY G 198 -26.77 -19.62 -2.76
CA GLY G 198 -27.20 -18.73 -1.68
C GLY G 198 -27.63 -19.56 -0.49
N GLY G 199 -27.80 -18.91 0.65
CA GLY G 199 -28.14 -19.64 1.88
C GLY G 199 -29.00 -18.83 2.83
N VAL G 200 -29.30 -19.42 3.99
CA VAL G 200 -30.21 -18.80 4.97
C VAL G 200 -29.53 -17.91 6.01
N ALA G 201 -28.44 -18.41 6.60
CA ALA G 201 -27.77 -17.71 7.70
C ALA G 201 -26.84 -16.57 7.26
N SER G 202 -27.06 -16.05 6.07
CA SER G 202 -26.26 -14.93 5.55
C SER G 202 -27.12 -13.69 5.24
N PRO G 203 -26.49 -12.51 5.30
CA PRO G 203 -27.11 -11.19 5.09
C PRO G 203 -27.78 -10.95 3.72
N THR G 204 -27.01 -10.92 2.63
CA THR G 204 -27.52 -10.38 1.37
C THR G 204 -27.90 -11.35 0.24
N ASP G 205 -27.47 -12.61 0.32
CA ASP G 205 -27.72 -13.55 -0.77
C ASP G 205 -29.08 -14.26 -0.67
N PRO G 206 -29.80 -14.36 -1.79
CA PRO G 206 -30.99 -15.20 -1.86
C PRO G 206 -30.62 -16.68 -2.02
N VAL G 207 -31.50 -17.56 -1.56
CA VAL G 207 -31.22 -19.00 -1.53
C VAL G 207 -30.98 -19.64 -2.91
N GLY G 208 -31.58 -19.05 -3.95
CA GLY G 208 -31.50 -19.64 -5.30
C GLY G 208 -30.29 -19.20 -6.11
N VAL G 209 -29.62 -18.14 -5.64
CA VAL G 209 -28.44 -17.60 -6.30
C VAL G 209 -27.30 -18.63 -6.45
N PHE G 210 -26.76 -18.75 -7.66
CA PHE G 210 -25.57 -19.58 -7.88
C PHE G 210 -24.36 -18.99 -7.16
N GLY G 211 -23.55 -19.87 -6.56
CA GLY G 211 -22.28 -19.47 -5.99
C GLY G 211 -21.15 -19.89 -6.92
N TYR G 212 -20.40 -18.93 -7.42
CA TYR G 212 -19.24 -19.21 -8.29
C TYR G 212 -19.61 -19.61 -9.71
N SER G 213 -18.66 -19.43 -10.61
CA SER G 213 -18.78 -19.90 -11.97
C SER G 213 -18.21 -21.32 -12.03
N GLU G 214 -18.56 -22.05 -13.08
CA GLU G 214 -18.10 -23.42 -13.24
C GLU G 214 -16.58 -23.44 -13.34
N ASP G 215 -16.01 -22.38 -13.89
CA ASP G 215 -14.57 -22.21 -13.95
C ASP G 215 -13.98 -22.21 -12.57
N GLU G 216 -14.59 -21.46 -11.67
CA GLU G 216 -14.12 -21.37 -10.30
C GLU G 216 -14.31 -22.69 -9.60
N ILE G 217 -15.49 -23.30 -9.76
CA ILE G 217 -15.72 -24.60 -9.14
C ILE G 217 -14.73 -25.66 -9.61
N ARG G 218 -14.48 -25.74 -10.92
CA ARG G 218 -13.57 -26.75 -11.43
CA ARG G 218 -13.55 -26.71 -11.48
C ARG G 218 -12.14 -26.49 -10.96
N ALA G 219 -11.78 -25.22 -10.81
CA ALA G 219 -10.45 -24.86 -10.37
C ALA G 219 -10.23 -25.32 -8.93
N ILE G 220 -11.27 -25.18 -8.11
CA ILE G 220 -11.24 -25.57 -6.71
C ILE G 220 -11.17 -27.09 -6.58
N VAL G 221 -11.90 -27.80 -7.44
CA VAL G 221 -11.93 -29.26 -7.37
C VAL G 221 -10.61 -29.85 -7.81
N ALA G 222 -9.99 -29.23 -8.80
CA ALA G 222 -8.68 -29.65 -9.28
C ALA G 222 -7.65 -29.57 -8.16
N GLU G 223 -7.67 -28.47 -7.40
CA GLU G 223 -6.74 -28.28 -6.29
C GLU G 223 -6.95 -29.31 -5.18
N ALA G 224 -8.20 -29.45 -4.75
CA ALA G 224 -8.52 -30.43 -3.74
C ALA G 224 -8.11 -31.84 -4.19
N GLN G 225 -8.34 -32.16 -5.46
CA GLN G 225 -7.97 -33.48 -5.97
C GLN G 225 -6.45 -33.66 -6.10
N GLY G 226 -5.77 -32.61 -6.58
CA GLY G 226 -4.33 -32.59 -6.62
C GLY G 226 -3.68 -32.99 -5.30
N ARG G 227 -4.37 -32.79 -4.18
CA ARG G 227 -3.86 -33.22 -2.89
C ARG G 227 -4.56 -34.50 -2.37
N GLY G 228 -5.25 -35.21 -3.25
CA GLY G 228 -5.89 -36.45 -2.86
C GLY G 228 -7.08 -36.22 -1.95
N THR G 229 -7.75 -35.10 -2.10
CA THR G 229 -8.99 -34.89 -1.34
C THR G 229 -10.11 -34.40 -2.27
N TYR G 230 -11.16 -33.81 -1.68
CA TYR G 230 -12.36 -33.51 -2.43
C TYR G 230 -12.99 -32.22 -1.92
N VAL G 231 -14.03 -31.78 -2.63
CA VAL G 231 -14.78 -30.59 -2.26
C VAL G 231 -16.19 -30.97 -1.81
N LEU G 232 -16.66 -30.37 -0.73
CA LEU G 232 -18.08 -30.41 -0.39
C LEU G 232 -18.69 -29.04 -0.73
N ALA G 233 -19.96 -29.03 -1.11
CA ALA G 233 -20.59 -27.79 -1.57
C ALA G 233 -21.98 -27.59 -1.00
N HIS G 234 -22.22 -26.37 -0.52
CA HIS G 234 -23.51 -25.90 -0.02
C HIS G 234 -24.42 -25.54 -1.19
N ALA G 235 -25.45 -26.34 -1.42
CA ALA G 235 -26.36 -26.12 -2.54
C ALA G 235 -27.79 -26.53 -2.20
N TYR G 236 -28.75 -25.64 -2.46
CA TYR G 236 -30.16 -25.93 -2.19
C TYR G 236 -30.93 -26.41 -3.42
N THR G 237 -30.87 -25.62 -4.49
CA THR G 237 -31.69 -25.87 -5.68
C THR G 237 -31.10 -26.93 -6.62
N PRO G 238 -31.96 -27.52 -7.46
CA PRO G 238 -31.56 -28.50 -8.48
C PRO G 238 -30.47 -27.97 -9.44
N ALA G 239 -30.57 -26.70 -9.85
CA ALA G 239 -29.65 -26.14 -10.83
C ALA G 239 -28.25 -25.90 -10.25
N ALA G 240 -28.20 -25.54 -8.97
CA ALA G 240 -26.94 -25.32 -8.30
C ALA G 240 -26.31 -26.65 -7.86
N ILE G 241 -27.15 -27.60 -7.46
CA ILE G 241 -26.67 -28.94 -7.12
C ILE G 241 -26.13 -29.62 -8.37
N ALA G 242 -26.66 -29.23 -9.51
CA ALA G 242 -26.34 -29.92 -10.75
C ALA G 242 -25.05 -29.41 -11.39
N ARG G 243 -24.78 -28.11 -11.28
CA ARG G 243 -23.52 -27.60 -11.81
C ARG G 243 -22.39 -28.08 -10.91
N ALA G 244 -22.64 -28.08 -9.60
CA ALA G 244 -21.63 -28.51 -8.65
C ALA G 244 -21.18 -29.95 -8.94
N VAL G 245 -22.14 -30.83 -9.20
CA VAL G 245 -21.81 -32.22 -9.45
C VAL G 245 -21.08 -32.41 -10.78
N ARG G 246 -21.46 -31.63 -11.78
CA ARG G 246 -20.82 -31.73 -13.09
CA ARG G 246 -20.83 -31.70 -13.10
C ARG G 246 -19.44 -31.08 -13.07
N CYS G 247 -19.19 -30.26 -12.06
CA CYS G 247 -17.87 -29.66 -11.90
C CYS G 247 -16.95 -30.53 -11.03
N GLY G 248 -17.52 -31.60 -10.48
CA GLY G 248 -16.72 -32.58 -9.76
C GLY G 248 -16.79 -32.50 -8.25
N VAL G 249 -17.73 -31.71 -7.73
CA VAL G 249 -18.00 -31.71 -6.29
C VAL G 249 -18.43 -33.10 -5.85
N ARG G 250 -17.90 -33.55 -4.72
CA ARG G 250 -18.11 -34.93 -4.31
C ARG G 250 -19.24 -35.12 -3.28
N THR G 251 -19.36 -34.21 -2.31
CA THR G 251 -20.53 -34.24 -1.45
C THR G 251 -21.31 -32.94 -1.58
N ILE G 252 -22.62 -33.05 -1.38
CA ILE G 252 -23.53 -31.93 -1.49
C ILE G 252 -24.21 -31.77 -0.13
N GLU G 253 -24.10 -30.57 0.43
CA GLU G 253 -24.64 -30.32 1.76
C GLU G 253 -26.04 -29.71 1.66
N HIS G 254 -26.98 -30.29 2.42
CA HIS G 254 -28.38 -29.86 2.44
C HIS G 254 -29.21 -30.49 1.31
N GLY G 255 -29.23 -29.83 0.15
CA GLY G 255 -29.98 -30.32 -1.01
C GLY G 255 -31.50 -30.30 -0.86
N ASN G 256 -31.98 -29.42 0.01
CA ASN G 256 -33.41 -29.38 0.34
C ASN G 256 -34.29 -29.43 -0.91
N LEU G 257 -33.97 -28.58 -1.88
CA LEU G 257 -34.88 -28.34 -3.01
C LEU G 257 -34.61 -29.23 -4.20
N ILE G 258 -33.90 -30.33 -3.97
CA ILE G 258 -33.53 -31.24 -5.04
C ILE G 258 -34.74 -31.95 -5.68
N ASP G 259 -34.65 -32.21 -6.97
CA ASP G 259 -35.70 -32.95 -7.69
C ASP G 259 -35.24 -34.36 -8.11
N ASP G 260 -36.05 -35.05 -8.90
CA ASP G 260 -35.73 -36.43 -9.30
C ASP G 260 -34.59 -36.52 -10.32
N GLU G 261 -34.58 -35.59 -11.27
CA GLU G 261 -33.53 -35.57 -12.28
C GLU G 261 -32.18 -35.41 -11.61
N THR G 262 -32.06 -34.36 -10.80
CA THR G 262 -30.81 -34.05 -10.11
C THR G 262 -30.36 -35.18 -9.19
N ALA G 263 -31.30 -35.74 -8.44
CA ALA G 263 -31.02 -36.90 -7.60
C ALA G 263 -30.44 -38.04 -8.43
N ARG G 264 -31.03 -38.29 -9.59
CA ARG G 264 -30.51 -39.33 -10.48
C ARG G 264 -29.09 -39.01 -10.90
N LEU G 265 -28.85 -37.73 -11.16
CA LEU G 265 -27.54 -37.23 -11.59
C LEU G 265 -26.48 -37.51 -10.52
N VAL G 266 -26.86 -37.22 -9.28
CA VAL G 266 -25.99 -37.40 -8.13
C VAL G 266 -25.61 -38.84 -7.96
N ALA G 267 -26.62 -39.72 -7.95
CA ALA G 267 -26.39 -41.14 -7.78
C ALA G 267 -25.50 -41.62 -8.91
N GLU G 268 -25.82 -41.16 -10.11
CA GLU G 268 -25.11 -41.54 -11.31
C GLU G 268 -23.63 -41.16 -11.27
N HIS G 269 -23.31 -40.07 -10.60
CA HIS G 269 -21.93 -39.61 -10.50
C HIS G 269 -21.24 -40.19 -9.28
N GLY G 270 -21.97 -40.96 -8.48
CA GLY G 270 -21.40 -41.54 -7.27
C GLY G 270 -21.05 -40.50 -6.23
N ALA G 271 -21.73 -39.36 -6.28
CA ALA G 271 -21.56 -38.32 -5.25
C ALA G 271 -22.44 -38.65 -4.05
N TYR G 272 -22.25 -37.90 -2.96
CA TYR G 272 -23.04 -38.08 -1.76
C TYR G 272 -23.85 -36.84 -1.45
N VAL G 273 -24.95 -37.00 -0.71
CA VAL G 273 -25.65 -35.85 -0.18
C VAL G 273 -25.71 -35.95 1.34
N VAL G 274 -25.61 -34.82 2.01
CA VAL G 274 -25.68 -34.78 3.47
C VAL G 274 -26.77 -33.80 3.95
N PRO G 275 -27.98 -34.33 4.19
CA PRO G 275 -29.14 -33.55 4.63
C PRO G 275 -28.93 -33.03 6.05
N THR G 276 -29.52 -31.87 6.36
CA THR G 276 -29.34 -31.27 7.68
C THR G 276 -30.66 -30.71 8.21
N LEU G 277 -31.70 -31.54 8.18
CA LEU G 277 -33.07 -31.13 8.51
C LEU G 277 -33.19 -30.49 9.88
N VAL G 278 -32.61 -31.13 10.88
CA VAL G 278 -32.74 -30.62 12.24
C VAL G 278 -32.51 -29.11 12.35
N THR G 279 -31.62 -28.58 11.53
CA THR G 279 -31.24 -27.17 11.71
C THR G 279 -32.37 -26.22 11.35
N TYR G 280 -33.20 -26.61 10.38
CA TYR G 280 -34.29 -25.74 9.92
C TYR G 280 -35.50 -25.69 10.88
N ASP G 281 -35.73 -26.78 11.59
CA ASP G 281 -36.65 -26.76 12.72
C ASP G 281 -36.18 -25.72 13.73
N ALA G 282 -34.94 -25.88 14.17
CA ALA G 282 -34.38 -25.02 15.20
C ALA G 282 -34.36 -23.57 14.80
N LEU G 283 -34.02 -23.28 13.56
CA LEU G 283 -33.99 -21.89 13.15
C LEU G 283 -35.37 -21.31 13.27
N ALA G 284 -36.37 -22.05 12.81
CA ALA G 284 -37.72 -21.55 12.88
C ALA G 284 -38.23 -21.35 14.30
N SER G 285 -38.02 -22.35 15.15
CA SER G 285 -38.50 -22.23 16.52
C SER G 285 -37.76 -21.19 17.32
N GLU G 286 -36.45 -21.18 17.23
CA GLU G 286 -35.65 -20.26 18.01
C GLU G 286 -34.71 -19.35 17.25
N GLY G 287 -34.80 -19.29 15.93
CA GLY G 287 -33.89 -18.42 15.23
C GLY G 287 -34.06 -16.95 15.53
N GLU G 288 -35.29 -16.46 15.46
CA GLU G 288 -35.56 -15.06 15.78
C GLU G 288 -35.36 -14.77 17.26
N LYS G 289 -35.76 -15.72 18.10
CA LYS G 289 -35.70 -15.61 19.55
C LYS G 289 -34.28 -15.38 20.09
N TYR G 290 -33.31 -16.12 19.55
CA TYR G 290 -31.93 -16.02 20.02
C TYR G 290 -31.06 -15.07 19.20
N GLY G 291 -31.64 -13.97 18.73
CA GLY G 291 -30.89 -12.95 18.02
C GLY G 291 -30.41 -13.35 16.64
N LEU G 292 -31.33 -13.90 15.85
CA LEU G 292 -31.04 -14.21 14.45
C LEU G 292 -31.70 -13.16 13.55
N PRO G 293 -30.90 -12.47 12.73
CA PRO G 293 -31.32 -11.37 11.86
C PRO G 293 -32.69 -11.61 11.21
N PRO G 294 -33.46 -10.53 11.01
CA PRO G 294 -34.81 -10.58 10.46
C PRO G 294 -34.85 -10.90 8.98
N GLU G 295 -33.74 -10.64 8.28
CA GLU G 295 -33.64 -10.89 6.85
C GLU G 295 -33.08 -12.29 6.58
N SER G 296 -32.62 -12.94 7.65
CA SER G 296 -32.20 -14.33 7.58
C SER G 296 -33.38 -15.20 8.01
N ILE G 297 -34.34 -14.57 8.68
CA ILE G 297 -35.54 -15.25 9.15
C ILE G 297 -36.50 -15.51 7.98
N ALA G 298 -36.34 -14.72 6.92
CA ALA G 298 -37.21 -14.83 5.75
C ALA G 298 -36.99 -16.12 4.97
N LYS G 299 -35.74 -16.39 4.66
CA LYS G 299 -35.33 -17.47 3.77
C LYS G 299 -35.69 -18.90 4.19
N ILE G 300 -35.87 -19.11 5.49
CA ILE G 300 -36.08 -20.44 6.03
C ILE G 300 -37.28 -21.21 5.49
N ALA G 301 -38.37 -20.53 5.21
CA ALA G 301 -39.59 -21.20 4.80
C ALA G 301 -39.46 -22.04 3.53
N ASP G 302 -38.74 -21.54 2.53
CA ASP G 302 -38.64 -22.31 1.31
C ASP G 302 -37.96 -23.65 1.56
N VAL G 303 -36.83 -23.62 2.26
CA VAL G 303 -36.11 -24.84 2.59
C VAL G 303 -36.96 -25.77 3.47
N HIS G 304 -37.39 -25.26 4.61
CA HIS G 304 -37.97 -26.09 5.66
C HIS G 304 -39.03 -27.05 5.17
N GLY G 305 -39.96 -26.56 4.37
CA GLY G 305 -41.01 -27.39 3.79
C GLY G 305 -40.55 -28.60 2.99
N ALA G 306 -39.58 -28.39 2.11
CA ALA G 306 -39.09 -29.43 1.20
C ALA G 306 -38.21 -30.48 1.85
N GLY G 307 -37.64 -30.16 3.01
CA GLY G 307 -36.73 -31.07 3.69
C GLY G 307 -37.14 -32.52 3.61
N LEU G 308 -38.15 -32.89 4.40
CA LEU G 308 -38.51 -34.28 4.56
C LEU G 308 -38.71 -34.98 3.22
N HIS G 309 -39.47 -34.38 2.33
CA HIS G 309 -39.75 -35.01 1.03
C HIS G 309 -38.47 -35.21 0.22
N SER G 310 -37.48 -34.36 0.45
CA SER G 310 -36.19 -34.50 -0.24
CA SER G 310 -36.19 -34.49 -0.22
C SER G 310 -35.68 -35.90 0.02
N ILE G 311 -35.68 -36.31 1.29
CA ILE G 311 -35.21 -37.63 1.68
C ILE G 311 -35.90 -38.69 0.83
N GLU G 312 -37.20 -38.55 0.67
CA GLU G 312 -37.98 -39.48 -0.15
C GLU G 312 -37.51 -39.48 -1.61
N ILE G 313 -37.25 -38.29 -2.14
CA ILE G 313 -36.74 -38.16 -3.51
C ILE G 313 -35.40 -38.87 -3.70
N MET G 314 -34.52 -38.70 -2.73
CA MET G 314 -33.15 -39.19 -2.83
C MET G 314 -33.10 -40.69 -2.66
N LYS G 315 -33.82 -41.20 -1.66
CA LYS G 315 -33.89 -42.65 -1.45
C LYS G 315 -34.35 -43.33 -2.73
N ARG G 316 -35.46 -42.86 -3.28
CA ARG G 316 -36.00 -43.42 -4.51
C ARG G 316 -34.91 -43.50 -5.57
N ALA G 317 -34.21 -42.40 -5.77
CA ALA G 317 -33.15 -42.33 -6.78
C ALA G 317 -31.94 -43.19 -6.40
N GLY G 318 -31.83 -43.55 -5.14
CA GLY G 318 -30.72 -44.40 -4.67
C GLY G 318 -29.46 -43.60 -4.45
N VAL G 319 -29.61 -42.43 -3.84
CA VAL G 319 -28.48 -41.57 -3.50
C VAL G 319 -27.81 -42.01 -2.20
N LYS G 320 -26.48 -42.06 -2.19
CA LYS G 320 -25.77 -42.29 -0.93
C LYS G 320 -25.91 -41.04 -0.06
N MET G 321 -26.70 -41.12 1.00
CA MET G 321 -26.88 -39.98 1.90
C MET G 321 -26.04 -40.24 3.14
N GLY G 322 -25.47 -39.19 3.71
CA GLY G 322 -24.76 -39.30 4.97
C GLY G 322 -25.50 -38.50 6.03
N PHE G 323 -25.02 -38.59 7.28
CA PHE G 323 -25.65 -37.89 8.41
C PHE G 323 -25.00 -36.54 8.66
N GLY G 324 -25.82 -35.53 8.94
CA GLY G 324 -25.33 -34.20 9.30
C GLY G 324 -26.41 -33.38 9.97
N THR G 325 -26.02 -32.31 10.67
CA THR G 325 -26.97 -31.55 11.48
C THR G 325 -26.87 -30.04 11.22
N ASP G 326 -25.65 -29.51 11.29
CA ASP G 326 -25.41 -28.11 10.94
C ASP G 326 -26.14 -27.13 11.87
N LEU G 327 -26.07 -27.38 13.18
CA LEU G 327 -26.77 -26.54 14.15
C LEU G 327 -25.93 -25.35 14.62
N LEU G 328 -26.61 -24.28 15.06
CA LEU G 328 -25.94 -23.03 15.40
C LEU G 328 -26.23 -22.57 16.81
N GLY G 329 -25.20 -22.09 17.51
CA GLY G 329 -25.36 -21.50 18.83
C GLY G 329 -25.99 -22.44 19.84
N GLU G 330 -26.87 -21.89 20.67
CA GLU G 330 -27.55 -22.66 21.71
C GLU G 330 -28.35 -23.83 21.14
N ALA G 331 -28.64 -23.76 19.84
CA ALA G 331 -29.38 -24.83 19.17
C ALA G 331 -28.54 -26.10 18.95
N GLN G 332 -27.24 -26.01 19.18
CA GLN G 332 -26.37 -27.17 18.97
C GLN G 332 -26.81 -28.40 19.77
N ARG G 333 -27.62 -28.20 20.80
CA ARG G 333 -28.00 -29.31 21.69
C ARG G 333 -28.89 -30.36 21.02
N LEU G 334 -29.52 -30.00 19.91
CA LEU G 334 -30.48 -30.88 19.23
C LEU G 334 -29.80 -31.86 18.26
N GLN G 335 -28.47 -31.86 18.24
CA GLN G 335 -27.75 -32.74 17.33
C GLN G 335 -28.46 -34.07 17.10
N SER G 336 -28.81 -34.76 18.19
CA SER G 336 -29.35 -36.11 18.09
C SER G 336 -30.75 -36.19 17.48
N ASP G 337 -31.44 -35.05 17.38
CA ASP G 337 -32.78 -35.03 16.82
C ASP G 337 -32.83 -35.44 15.37
N GLU G 338 -31.73 -35.20 14.64
CA GLU G 338 -31.66 -35.58 13.23
C GLU G 338 -32.01 -37.06 13.03
N PHE G 339 -31.58 -37.91 13.95
CA PHE G 339 -31.93 -39.33 13.91
C PHE G 339 -33.44 -39.52 13.87
N ARG G 340 -34.12 -38.87 14.82
CA ARG G 340 -35.57 -38.94 14.93
C ARG G 340 -36.24 -38.45 13.64
N ILE G 341 -35.89 -37.25 13.21
CA ILE G 341 -36.47 -36.68 12.01
C ILE G 341 -36.34 -37.65 10.84
N LEU G 342 -35.12 -38.09 10.57
CA LEU G 342 -34.88 -39.02 9.46
C LEU G 342 -35.74 -40.29 9.60
N ALA G 343 -36.00 -40.68 10.84
CA ALA G 343 -36.70 -41.93 11.13
C ALA G 343 -38.17 -41.86 10.75
N GLU G 344 -38.61 -40.69 10.31
CA GLU G 344 -39.98 -40.54 9.84
C GLU G 344 -40.08 -40.98 8.39
N VAL G 345 -38.95 -41.13 7.73
CA VAL G 345 -38.94 -41.46 6.32
C VAL G 345 -38.06 -42.67 6.01
N LEU G 346 -37.10 -42.94 6.90
CA LEU G 346 -36.20 -44.07 6.72
C LEU G 346 -36.35 -45.07 7.85
N SER G 347 -35.97 -46.33 7.60
CA SER G 347 -35.98 -47.34 8.65
C SER G 347 -34.82 -47.10 9.60
N PRO G 348 -35.02 -47.43 10.88
CA PRO G 348 -33.94 -47.30 11.86
C PRO G 348 -32.60 -47.72 11.27
N ALA G 349 -32.59 -48.84 10.57
CA ALA G 349 -31.36 -49.40 10.01
C ALA G 349 -30.71 -48.47 8.98
N GLU G 350 -31.53 -47.83 8.15
CA GLU G 350 -31.03 -46.92 7.13
C GLU G 350 -30.42 -45.67 7.77
N VAL G 351 -31.18 -45.01 8.64
CA VAL G 351 -30.68 -43.84 9.36
C VAL G 351 -29.33 -44.13 10.00
N ILE G 352 -29.23 -45.25 10.71
CA ILE G 352 -27.97 -45.63 11.35
C ILE G 352 -26.81 -45.73 10.39
N ALA G 353 -27.06 -46.32 9.23
CA ALA G 353 -26.02 -46.46 8.21
C ALA G 353 -25.53 -45.09 7.72
N SER G 354 -26.44 -44.12 7.68
CA SER G 354 -26.13 -42.73 7.36
C SER G 354 -25.03 -42.21 8.27
N ALA G 355 -25.09 -42.60 9.53
CA ALA G 355 -24.26 -42.00 10.56
C ALA G 355 -23.07 -42.89 10.89
N THR G 356 -22.84 -43.90 10.06
CA THR G 356 -21.74 -44.83 10.28
C THR G 356 -21.07 -45.20 8.95
N ILE G 357 -21.43 -46.35 8.40
CA ILE G 357 -20.75 -46.84 7.20
C ILE G 357 -20.80 -45.88 6.01
N VAL G 358 -21.91 -45.16 5.85
CA VAL G 358 -22.01 -44.20 4.74
C VAL G 358 -21.09 -43.01 4.99
N SER G 359 -21.25 -42.38 6.16
CA SER G 359 -20.34 -41.35 6.61
C SER G 359 -18.87 -41.74 6.46
N ALA G 360 -18.50 -42.93 6.95
CA ALA G 360 -17.11 -43.35 6.90
C ALA G 360 -16.63 -43.39 5.45
N GLU G 361 -17.55 -43.64 4.54
CA GLU G 361 -17.21 -43.80 3.14
C GLU G 361 -16.90 -42.42 2.58
N VAL G 362 -17.71 -41.45 2.98
CA VAL G 362 -17.46 -40.07 2.64
C VAL G 362 -16.08 -39.65 3.11
N LEU G 363 -15.73 -40.08 4.32
CA LEU G 363 -14.47 -39.70 4.95
C LEU G 363 -13.27 -40.43 4.33
N GLY G 364 -13.55 -41.47 3.55
CA GLY G 364 -12.49 -42.31 3.03
C GLY G 364 -11.98 -43.21 4.15
N MET G 365 -12.82 -43.42 5.16
CA MET G 365 -12.40 -44.18 6.32
C MET G 365 -13.13 -45.52 6.46
N GLN G 366 -13.29 -46.25 5.36
CA GLN G 366 -13.99 -47.54 5.41
C GLN G 366 -13.15 -48.62 6.05
N ASP G 367 -13.79 -49.41 6.91
CA ASP G 367 -13.10 -50.44 7.68
C ASP G 367 -12.18 -49.84 8.72
N LYS G 368 -12.20 -48.52 8.84
CA LYS G 368 -11.43 -47.81 9.84
C LYS G 368 -12.39 -47.12 10.81
N LEU G 369 -13.54 -46.71 10.30
CA LEU G 369 -14.57 -46.05 11.11
C LEU G 369 -15.98 -46.56 10.78
N GLY G 370 -16.92 -46.28 11.67
CA GLY G 370 -18.32 -46.62 11.45
C GLY G 370 -18.59 -48.11 11.42
N ARG G 371 -17.64 -48.91 11.89
CA ARG G 371 -17.84 -50.35 11.95
C ARG G 371 -16.91 -51.02 12.96
N ILE G 372 -17.49 -51.87 13.80
CA ILE G 372 -16.76 -52.60 14.80
C ILE G 372 -16.20 -53.89 14.22
N VAL G 373 -15.01 -53.80 13.64
CA VAL G 373 -14.36 -54.94 13.02
C VAL G 373 -12.84 -54.79 13.18
N PRO G 374 -12.11 -55.92 13.13
CA PRO G 374 -10.66 -55.93 13.28
C PRO G 374 -10.02 -54.84 12.44
N GLY G 375 -9.09 -54.08 13.02
CA GLY G 375 -8.42 -53.00 12.29
C GLY G 375 -9.00 -51.63 12.57
N ALA G 376 -10.33 -51.52 12.49
CA ALA G 376 -11.01 -50.26 12.72
C ALA G 376 -10.56 -49.59 14.02
N HIS G 377 -10.63 -48.26 14.05
CA HIS G 377 -10.37 -47.51 15.26
C HIS G 377 -11.37 -47.93 16.31
N ALA G 378 -10.94 -48.00 17.56
CA ALA G 378 -11.79 -48.46 18.65
C ALA G 378 -12.71 -47.35 19.12
N ASP G 379 -13.66 -46.98 18.27
CA ASP G 379 -14.66 -45.96 18.63
C ASP G 379 -15.97 -46.67 18.88
N VAL G 380 -16.24 -46.97 20.15
CA VAL G 380 -17.39 -47.76 20.48
C VAL G 380 -18.35 -47.04 21.40
N LEU G 381 -19.63 -47.38 21.28
CA LEU G 381 -20.65 -46.93 22.20
C LEU G 381 -21.36 -48.15 22.77
N VAL G 382 -21.87 -48.00 23.98
CA VAL G 382 -22.83 -48.96 24.50
C VAL G 382 -24.14 -48.23 24.71
N VAL G 383 -25.14 -48.62 23.92
CA VAL G 383 -26.45 -48.01 23.99
C VAL G 383 -27.43 -48.92 24.73
N ASP G 384 -28.18 -48.34 25.66
CA ASP G 384 -29.21 -49.08 26.37
C ASP G 384 -30.48 -49.10 25.55
N GLY G 385 -30.54 -50.01 24.59
CA GLY G 385 -31.69 -50.12 23.70
C GLY G 385 -31.25 -50.76 22.40
N ASN G 386 -32.20 -50.93 21.48
CA ASN G 386 -31.88 -51.36 20.13
C ASN G 386 -32.24 -50.25 19.15
N PRO G 387 -31.21 -49.57 18.61
CA PRO G 387 -31.39 -48.46 17.67
C PRO G 387 -31.89 -48.95 16.32
N LEU G 388 -31.71 -50.24 16.04
CA LEU G 388 -32.20 -50.84 14.80
C LEU G 388 -33.72 -51.04 14.79
N LYS G 389 -34.34 -50.88 15.97
CA LYS G 389 -35.78 -51.03 16.11
C LYS G 389 -36.46 -49.72 16.51
N SER G 390 -35.81 -48.98 17.41
CA SER G 390 -36.26 -47.64 17.76
C SER G 390 -35.04 -46.76 17.99
N VAL G 391 -35.00 -45.65 17.27
CA VAL G 391 -33.87 -44.75 17.31
C VAL G 391 -34.02 -43.76 18.46
N ASP G 392 -34.94 -44.06 19.37
CA ASP G 392 -35.23 -43.15 20.48
C ASP G 392 -34.16 -43.15 21.56
N CYS G 393 -33.44 -44.25 21.69
CA CYS G 393 -32.39 -44.34 22.71
C CYS G 393 -31.18 -43.45 22.40
N LEU G 394 -31.06 -43.03 21.15
CA LEU G 394 -29.95 -42.18 20.73
C LEU G 394 -30.25 -40.73 21.03
N LEU G 395 -31.47 -40.46 21.49
CA LEU G 395 -31.95 -39.09 21.64
C LEU G 395 -31.42 -38.38 22.87
N GLY G 396 -31.64 -37.07 22.93
CA GLY G 396 -31.26 -36.29 24.10
C GLY G 396 -29.78 -36.01 24.20
N GLN G 397 -29.23 -36.24 25.39
CA GLN G 397 -27.85 -35.88 25.70
C GLN G 397 -27.05 -37.11 26.09
N GLY G 398 -27.37 -38.23 25.46
CA GLY G 398 -26.67 -39.47 25.73
C GLY G 398 -27.16 -40.15 27.01
N GLU G 399 -28.34 -39.73 27.48
CA GLU G 399 -28.93 -40.34 28.69
C GLU G 399 -29.06 -41.86 28.58
N HIS G 400 -29.21 -42.37 27.35
CA HIS G 400 -29.31 -43.80 27.13
C HIS G 400 -28.04 -44.37 26.48
N ILE G 401 -26.99 -43.57 26.45
CA ILE G 401 -25.68 -44.05 26.02
C ILE G 401 -24.74 -44.03 27.22
N PRO G 402 -24.73 -45.11 28.00
CA PRO G 402 -23.97 -45.18 29.25
C PRO G 402 -22.46 -45.26 29.02
N LEU G 403 -22.05 -45.80 27.87
CA LEU G 403 -20.63 -45.97 27.57
C LEU G 403 -20.24 -45.40 26.21
N VAL G 404 -19.10 -44.71 26.18
CA VAL G 404 -18.57 -44.06 24.97
C VAL G 404 -17.05 -44.16 24.91
N MET G 405 -16.54 -44.86 23.89
CA MET G 405 -15.10 -45.05 23.73
C MET G 405 -14.61 -44.57 22.36
N LYS G 406 -13.51 -43.80 22.39
CA LYS G 406 -12.92 -43.24 21.18
C LYS G 406 -11.43 -43.56 21.15
N ASP G 407 -10.96 -44.09 20.03
CA ASP G 407 -9.55 -44.45 19.91
C ASP G 407 -9.13 -45.45 20.98
N GLY G 408 -10.09 -46.23 21.49
CA GLY G 408 -9.79 -47.20 22.53
C GLY G 408 -9.62 -46.58 23.90
N ARG G 409 -10.15 -45.38 24.09
CA ARG G 409 -10.11 -44.72 25.39
C ARG G 409 -11.52 -44.38 25.83
N LEU G 410 -11.83 -44.62 27.10
CA LEU G 410 -13.14 -44.30 27.65
C LEU G 410 -13.24 -42.83 27.99
N PHE G 411 -14.33 -42.19 27.59
CA PHE G 411 -14.55 -40.77 27.89
CA PHE G 411 -14.53 -40.79 27.91
C PHE G 411 -15.70 -40.63 28.86
N VAL G 412 -16.62 -41.58 28.79
CA VAL G 412 -17.75 -41.62 29.70
C VAL G 412 -18.13 -43.07 29.95
N ASN G 413 -18.39 -43.38 31.22
CA ASN G 413 -18.71 -44.75 31.61
C ASN G 413 -19.43 -44.83 32.94
N GLU G 414 -20.73 -45.01 32.88
CA GLU G 414 -21.53 -45.16 34.09
C GLU G 414 -22.12 -46.57 34.17
N LEU G 415 -21.26 -47.56 33.88
CA LEU G 415 -21.57 -48.96 34.07
C LEU G 415 -20.82 -49.48 35.29
N GLU G 416 -20.00 -48.62 35.88
CA GLU G 416 -19.22 -48.97 37.06
C GLU G 416 -19.04 -47.74 37.95
N THR H 4 34.79 35.92 -26.01
CA THR H 4 34.78 37.10 -26.93
C THR H 4 34.82 38.40 -26.13
N THR H 5 35.29 39.47 -26.76
CA THR H 5 35.48 40.74 -26.05
C THR H 5 34.55 41.85 -26.56
N PHE H 6 33.94 42.57 -25.62
CA PHE H 6 33.04 43.67 -25.97
C PHE H 6 33.42 44.93 -25.21
N LEU H 7 33.56 46.04 -25.93
CA LEU H 7 33.88 47.33 -25.32
C LEU H 7 32.76 48.35 -25.52
N PHE H 8 32.21 48.84 -24.41
CA PHE H 8 31.15 49.83 -24.46
C PHE H 8 31.68 51.24 -24.31
N ARG H 9 31.30 52.12 -25.23
CA ARG H 9 31.82 53.48 -25.23
C ARG H 9 30.81 54.51 -25.71
N ASN H 10 31.02 55.75 -25.27
CA ASN H 10 30.31 56.91 -25.84
C ASN H 10 28.90 57.15 -25.28
N GLY H 11 28.54 56.44 -24.22
CA GLY H 11 27.23 56.62 -23.62
C GLY H 11 27.34 56.98 -22.16
N ALA H 12 26.22 57.28 -21.53
CA ALA H 12 26.19 57.50 -20.08
C ALA H 12 26.35 56.16 -19.35
N LEU H 13 26.32 56.21 -18.03
CA LEU H 13 26.51 55.03 -17.22
C LEU H 13 25.64 55.12 -15.96
N LEU H 14 25.11 53.98 -15.52
CA LEU H 14 24.23 54.02 -14.36
C LEU H 14 24.77 53.21 -13.18
N ASP H 15 24.90 53.88 -12.04
CA ASP H 15 25.37 53.27 -10.80
C ASP H 15 24.29 53.50 -9.76
N PRO H 16 23.50 52.45 -9.46
CA PRO H 16 22.27 52.61 -8.66
C PRO H 16 22.46 53.27 -7.29
N ASP H 17 23.71 53.49 -6.88
CA ASP H 17 23.96 54.14 -5.59
C ASP H 17 24.28 55.63 -5.70
N HIS H 18 24.54 56.10 -6.93
CA HIS H 18 24.77 57.51 -7.17
CA HIS H 18 24.76 57.52 -7.17
C HIS H 18 23.54 58.13 -7.85
N PRO H 19 23.09 59.30 -7.36
CA PRO H 19 21.87 59.95 -7.83
C PRO H 19 21.90 60.44 -9.27
N ASP H 20 23.09 60.51 -9.87
CA ASP H 20 23.25 61.10 -11.19
C ASP H 20 23.95 60.17 -12.17
N LEU H 21 23.53 60.17 -13.42
CA LEU H 21 24.17 59.37 -14.46
C LEU H 21 25.65 59.74 -14.60
N LEU H 22 26.52 58.74 -14.49
CA LEU H 22 27.95 58.97 -14.67
C LEU H 22 28.34 59.22 -16.14
N GLN H 23 29.43 59.94 -16.33
CA GLN H 23 29.82 60.37 -17.68
C GLN H 23 31.27 60.05 -18.02
N GLY H 24 31.55 59.96 -19.32
CA GLY H 24 32.91 59.75 -19.81
C GLY H 24 33.57 58.47 -19.32
N PHE H 25 32.74 57.47 -19.03
CA PHE H 25 33.22 56.17 -18.57
C PHE H 25 33.20 55.14 -19.69
N GLU H 26 34.25 54.32 -19.76
CA GLU H 26 34.27 53.20 -20.69
C GLU H 26 34.14 51.88 -19.92
N ILE H 27 33.66 50.85 -20.61
CA ILE H 27 33.32 49.58 -19.99
C ILE H 27 33.89 48.40 -20.76
N LEU H 28 34.80 47.65 -20.16
CA LEU H 28 35.42 46.54 -20.84
C LEU H 28 34.81 45.20 -20.45
N ILE H 29 34.39 44.44 -21.45
CA ILE H 29 33.76 43.15 -21.21
C ILE H 29 34.45 42.01 -21.91
N GLU H 30 34.78 40.96 -21.18
CA GLU H 30 35.25 39.74 -21.79
C GLU H 30 34.92 38.52 -20.95
N ASP H 31 34.69 37.39 -21.62
CA ASP H 31 34.45 36.13 -20.95
C ASP H 31 33.28 36.08 -19.98
N GLY H 32 32.23 36.82 -20.29
CA GLY H 32 30.99 36.79 -19.54
C GLY H 32 30.88 37.68 -18.31
N PHE H 33 31.99 38.33 -17.97
CA PHE H 33 32.05 39.22 -16.82
C PHE H 33 32.56 40.59 -17.20
N ILE H 34 32.30 41.58 -16.35
CA ILE H 34 32.79 42.93 -16.55
C ILE H 34 34.27 42.98 -16.15
N ARG H 35 35.12 43.52 -17.00
CA ARG H 35 36.55 43.56 -16.74
C ARG H 35 37.14 44.86 -16.17
N GLU H 36 36.81 46.00 -16.78
CA GLU H 36 37.33 47.29 -16.36
C GLU H 36 36.27 48.34 -16.45
N VAL H 37 36.39 49.39 -15.65
CA VAL H 37 35.42 50.46 -15.73
C VAL H 37 36.11 51.81 -15.51
N SER H 38 36.82 52.27 -16.53
CA SER H 38 37.66 53.46 -16.39
C SER H 38 37.10 54.70 -17.09
N ASP H 39 37.37 55.86 -16.50
CA ASP H 39 37.03 57.15 -17.11
C ASP H 39 38.17 57.65 -18.01
N LYS H 40 39.29 56.93 -17.98
CA LYS H 40 40.39 57.17 -18.90
C LYS H 40 40.25 56.17 -20.05
N PRO H 41 39.42 56.51 -21.05
CA PRO H 41 39.20 55.57 -22.13
C PRO H 41 40.39 54.62 -22.24
N ILE H 42 40.13 53.40 -22.68
CA ILE H 42 41.15 52.38 -22.79
C ILE H 42 40.99 51.68 -24.11
N LYS H 43 42.07 51.15 -24.65
CA LYS H 43 41.97 50.48 -25.93
C LYS H 43 42.30 49.01 -25.78
N SER H 44 41.45 48.20 -26.39
CA SER H 44 41.65 46.77 -26.42
C SER H 44 41.90 46.46 -27.87
N SER H 45 42.99 45.74 -28.11
CA SER H 45 43.41 45.39 -29.45
C SER H 45 42.42 44.50 -30.17
N ASN H 46 41.78 43.60 -29.42
CA ASN H 46 40.88 42.65 -30.03
C ASN H 46 39.52 42.66 -29.37
N ALA H 47 38.75 43.71 -29.62
CA ALA H 47 37.42 43.82 -29.02
C ALA H 47 36.40 44.33 -30.01
N HIS H 48 35.14 43.97 -29.82
CA HIS H 48 34.07 44.50 -30.65
C HIS H 48 33.55 45.76 -29.98
N VAL H 49 33.67 46.89 -30.66
CA VAL H 49 33.32 48.17 -30.06
C VAL H 49 31.85 48.52 -30.25
N ILE H 50 31.25 49.10 -29.22
CA ILE H 50 29.83 49.46 -29.26
C ILE H 50 29.62 50.93 -28.94
N ASP H 51 28.88 51.60 -29.82
CA ASP H 51 28.70 53.05 -29.72
C ASP H 51 27.34 53.36 -29.11
N VAL H 52 27.35 53.83 -27.88
CA VAL H 52 26.11 54.14 -27.15
C VAL H 52 25.44 55.40 -27.67
N LYS H 53 26.26 56.35 -28.13
CA LYS H 53 25.73 57.58 -28.73
C LYS H 53 24.73 58.26 -27.82
N GLY H 54 25.16 58.60 -26.61
CA GLY H 54 24.33 59.34 -25.66
C GLY H 54 23.30 58.49 -24.93
N LYS H 55 23.16 57.24 -25.36
CA LYS H 55 22.23 56.33 -24.71
C LYS H 55 22.77 55.92 -23.34
N THR H 56 21.93 55.30 -22.53
CA THR H 56 22.33 54.94 -21.18
C THR H 56 22.70 53.47 -21.04
N ILE H 57 23.89 53.22 -20.51
CA ILE H 57 24.31 51.87 -20.18
C ILE H 57 24.02 51.59 -18.72
N MET H 58 22.99 50.80 -18.45
CA MET H 58 22.66 50.38 -17.08
C MET H 58 22.81 48.86 -16.96
N PRO H 59 22.85 48.36 -15.72
CA PRO H 59 22.98 46.92 -15.47
C PRO H 59 21.64 46.19 -15.69
N GLY H 60 21.71 44.89 -15.95
CA GLY H 60 20.50 44.12 -16.18
C GLY H 60 19.49 44.25 -15.06
N LEU H 61 18.21 44.21 -15.41
CA LEU H 61 17.16 44.26 -14.40
C LEU H 61 16.90 42.89 -13.76
N ILE H 62 16.29 42.93 -12.58
CA ILE H 62 16.06 41.73 -11.80
C ILE H 62 14.65 41.74 -11.26
N ASP H 63 13.90 40.68 -11.52
CA ASP H 63 12.55 40.55 -10.97
C ASP H 63 12.49 39.42 -9.92
N LEU H 64 12.14 39.78 -8.69
CA LEU H 64 12.26 38.89 -7.55
C LEU H 64 11.05 38.00 -7.30
N HIS H 65 10.05 38.07 -8.18
CA HIS H 65 8.85 37.29 -7.97
C HIS H 65 8.07 37.07 -9.25
N VAL H 66 8.51 36.09 -10.03
CA VAL H 66 7.81 35.64 -11.22
C VAL H 66 7.33 34.21 -11.03
N HIS H 67 6.54 33.72 -11.97
CA HIS H 67 6.13 32.33 -12.03
C HIS H 67 6.15 31.89 -13.49
N VAL H 68 7.31 31.48 -13.95
CA VAL H 68 7.50 31.14 -15.35
C VAL H 68 6.47 30.14 -15.89
N VAL H 69 6.14 29.12 -15.12
CA VAL H 69 5.16 28.12 -15.55
C VAL H 69 3.71 28.51 -15.20
N ALA H 70 3.47 29.80 -14.95
CA ALA H 70 2.11 30.29 -14.74
C ALA H 70 1.54 30.80 -16.07
N ILE H 71 0.97 29.88 -16.85
CA ILE H 71 0.67 30.16 -18.25
C ILE H 71 -0.80 30.46 -18.48
N GLU H 72 -1.59 30.37 -17.41
CA GLU H 72 -2.99 30.78 -17.45
C GLU H 72 -3.35 31.38 -16.10
N PHE H 73 -4.58 31.86 -15.98
CA PHE H 73 -5.04 32.42 -14.71
C PHE H 73 -5.50 31.31 -13.78
N ASN H 74 -6.11 30.27 -14.35
CA ASN H 74 -6.58 29.13 -13.57
C ASN H 74 -5.43 28.17 -13.20
N LEU H 75 -4.79 28.42 -12.07
CA LEU H 75 -3.58 27.70 -11.71
C LEU H 75 -3.79 26.22 -11.41
N PRO H 76 -4.76 25.88 -10.55
CA PRO H 76 -4.98 24.46 -10.33
C PRO H 76 -5.03 23.70 -11.65
N ARG H 77 -5.64 24.31 -12.66
CA ARG H 77 -5.80 23.67 -13.97
C ARG H 77 -4.45 23.41 -14.65
N VAL H 78 -3.51 24.34 -14.48
CA VAL H 78 -2.21 24.21 -15.12
C VAL H 78 -1.43 22.99 -14.64
N ALA H 79 -1.65 22.62 -13.38
CA ALA H 79 -1.03 21.42 -12.80
C ALA H 79 -1.54 20.12 -13.46
N THR H 80 -2.73 20.19 -14.05
CA THR H 80 -3.30 19.02 -14.72
C THR H 80 -2.94 18.96 -16.19
N LEU H 81 -2.46 20.08 -16.74
CA LEU H 81 -2.04 20.13 -18.11
C LEU H 81 -0.79 19.27 -18.30
N PRO H 82 -0.67 18.65 -19.49
CA PRO H 82 0.47 17.84 -19.89
C PRO H 82 1.79 18.58 -19.67
N ASN H 83 2.78 17.83 -19.18
CA ASN H 83 4.13 18.35 -19.03
C ASN H 83 4.70 18.98 -20.32
N VAL H 84 4.65 18.27 -21.43
CA VAL H 84 5.13 18.84 -22.69
C VAL H 84 4.51 20.23 -22.95
N LEU H 85 3.21 20.36 -22.76
CA LEU H 85 2.52 21.59 -23.09
C LEU H 85 2.99 22.76 -22.24
N VAL H 86 3.00 22.55 -20.93
CA VAL H 86 3.39 23.59 -19.99
C VAL H 86 4.80 24.07 -20.26
N THR H 87 5.71 23.12 -20.46
CA THR H 87 7.10 23.44 -20.76
C THR H 87 7.19 24.30 -22.02
N LEU H 88 6.42 23.92 -23.03
CA LEU H 88 6.48 24.59 -24.33
C LEU H 88 5.91 25.99 -24.27
N ARG H 89 4.89 26.17 -23.44
CA ARG H 89 4.24 27.46 -23.32
C ARG H 89 4.93 28.39 -22.33
N ALA H 90 5.95 27.87 -21.66
CA ALA H 90 6.80 28.69 -20.80
C ALA H 90 7.94 29.28 -21.63
N VAL H 91 8.24 28.67 -22.77
CA VAL H 91 9.34 29.17 -23.57
C VAL H 91 9.16 30.65 -23.94
N PRO H 92 8.05 30.99 -24.61
CA PRO H 92 7.84 32.37 -25.03
C PRO H 92 7.88 33.36 -23.86
N ILE H 93 7.41 32.90 -22.71
CA ILE H 93 7.31 33.75 -21.53
C ILE H 93 8.70 34.16 -20.99
N MET H 94 9.64 33.23 -20.99
CA MET H 94 10.98 33.53 -20.49
C MET H 94 11.69 34.51 -21.42
N ARG H 95 11.44 34.34 -22.71
CA ARG H 95 12.05 35.17 -23.75
C ARG H 95 11.56 36.61 -23.59
N ALA H 96 10.24 36.77 -23.57
CA ALA H 96 9.60 38.06 -23.34
C ALA H 96 10.16 38.79 -22.10
N MET H 97 10.41 38.07 -21.02
CA MET H 97 10.98 38.66 -19.81
C MET H 97 12.35 39.26 -20.13
N LEU H 98 13.18 38.48 -20.80
CA LEU H 98 14.52 38.90 -21.16
C LEU H 98 14.46 40.12 -22.09
N ARG H 99 13.46 40.15 -22.96
CA ARG H 99 13.31 41.22 -23.93
C ARG H 99 13.04 42.55 -23.24
N ARG H 100 12.31 42.49 -22.13
CA ARG H 100 11.96 43.68 -21.37
C ARG H 100 13.06 44.08 -20.40
N GLY H 101 14.28 43.58 -20.61
CA GLY H 101 15.43 43.99 -19.79
C GLY H 101 15.82 43.12 -18.61
N PHE H 102 14.90 42.29 -18.12
CA PHE H 102 15.19 41.39 -16.99
C PHE H 102 16.14 40.26 -17.37
N THR H 103 17.36 40.30 -16.84
CA THR H 103 18.39 39.31 -17.15
C THR H 103 18.56 38.32 -15.99
N THR H 104 17.82 38.57 -14.92
CA THR H 104 17.77 37.67 -13.78
C THR H 104 16.41 37.78 -13.13
N VAL H 105 15.81 36.63 -12.85
CA VAL H 105 14.52 36.61 -12.17
C VAL H 105 14.55 35.55 -11.07
N ARG H 106 13.77 35.79 -10.02
CA ARG H 106 13.65 34.82 -8.95
C ARG H 106 12.28 34.19 -9.00
N ASP H 107 12.23 32.89 -9.29
CA ASP H 107 10.97 32.21 -9.44
C ASP H 107 10.41 31.86 -8.08
N ALA H 108 9.15 32.23 -7.86
CA ALA H 108 8.56 32.15 -6.54
C ALA H 108 7.73 30.88 -6.34
N GLY H 109 7.83 29.94 -7.28
CA GLY H 109 7.10 28.69 -7.17
C GLY H 109 6.77 28.13 -8.55
N GLY H 110 7.10 26.87 -8.77
CA GLY H 110 6.89 26.25 -10.07
C GLY H 110 8.17 25.81 -10.74
N ALA H 111 8.78 26.67 -11.55
CA ALA H 111 10.00 26.28 -12.28
C ALA H 111 11.04 25.69 -11.33
N GLY H 112 11.71 24.63 -11.78
CA GLY H 112 12.77 24.05 -10.98
C GLY H 112 14.14 24.07 -11.66
N TYR H 113 15.08 23.35 -11.07
CA TYR H 113 16.46 23.31 -11.54
C TYR H 113 16.63 23.03 -13.06
N PRO H 114 15.72 22.24 -13.65
CA PRO H 114 15.74 21.91 -15.08
C PRO H 114 15.50 23.10 -16.02
N PHE H 115 14.62 24.02 -15.62
CA PHE H 115 14.46 25.24 -16.39
C PHE H 115 15.75 26.07 -16.28
N LYS H 116 16.26 26.14 -15.06
CA LYS H 116 17.51 26.79 -14.76
C LYS H 116 18.64 26.24 -15.66
N GLN H 117 18.80 24.93 -15.69
CA GLN H 117 19.87 24.34 -16.49
C GLN H 117 19.66 24.52 -17.99
N ALA H 118 18.40 24.53 -18.42
CA ALA H 118 18.06 24.77 -19.83
C ALA H 118 18.46 26.17 -20.28
N VAL H 119 18.15 27.17 -19.47
CA VAL H 119 18.62 28.51 -19.77
C VAL H 119 20.14 28.54 -19.81
N GLU H 120 20.78 27.95 -18.80
CA GLU H 120 22.24 28.05 -18.69
CA GLU H 120 22.24 27.97 -18.63
C GLU H 120 22.98 27.33 -19.81
N SER H 121 22.39 26.27 -20.35
CA SER H 121 23.06 25.52 -21.41
C SER H 121 22.80 26.09 -22.81
N GLY H 122 22.06 27.19 -22.89
CA GLY H 122 21.75 27.80 -24.19
C GLY H 122 20.58 27.13 -24.90
N LEU H 123 20.13 26.01 -24.35
CA LEU H 123 18.99 25.30 -24.92
C LEU H 123 17.84 26.27 -25.16
N VAL H 124 17.71 27.24 -24.25
CA VAL H 124 16.60 28.19 -24.31
C VAL H 124 17.06 29.58 -23.85
N GLU H 125 16.37 30.64 -24.29
CA GLU H 125 16.78 31.99 -23.94
C GLU H 125 15.86 32.65 -22.90
N GLY H 126 16.46 33.35 -21.94
CA GLY H 126 15.68 33.93 -20.86
C GLY H 126 16.56 34.44 -19.75
N PRO H 127 15.96 34.95 -18.67
CA PRO H 127 16.77 35.46 -17.57
C PRO H 127 17.53 34.33 -16.88
N ARG H 128 18.55 34.70 -16.12
CA ARG H 128 19.13 33.80 -15.14
C ARG H 128 18.04 33.50 -14.11
N LEU H 129 17.83 32.22 -13.81
CA LEU H 129 16.78 31.84 -12.85
C LEU H 129 17.34 31.46 -11.49
N PHE H 130 16.72 31.99 -10.45
CA PHE H 130 16.93 31.54 -9.09
C PHE H 130 15.63 30.91 -8.64
N VAL H 131 15.60 29.57 -8.67
CA VAL H 131 14.36 28.81 -8.54
C VAL H 131 14.04 28.34 -7.11
N SER H 132 12.76 28.24 -6.81
CA SER H 132 12.31 27.79 -5.51
C SER H 132 11.85 26.34 -5.53
N GLY H 133 11.78 25.76 -6.71
CA GLY H 133 11.07 24.51 -6.89
C GLY H 133 9.60 24.80 -6.62
N ARG H 134 8.93 23.90 -5.91
CA ARG H 134 7.54 24.11 -5.56
C ARG H 134 7.41 24.88 -4.26
N ALA H 135 6.48 25.83 -4.21
CA ALA H 135 6.14 26.48 -2.95
C ALA H 135 5.58 25.43 -1.98
N LEU H 136 5.90 25.57 -0.70
CA LEU H 136 5.33 24.68 0.31
C LEU H 136 4.07 25.32 0.88
N SER H 137 3.03 24.50 1.06
CA SER H 137 1.79 25.01 1.65
C SER H 137 1.16 23.98 2.55
N GLN H 138 0.52 24.45 3.60
CA GLN H 138 -0.23 23.60 4.50
C GLN H 138 -1.42 23.07 3.76
N THR H 139 -2.01 22.00 4.28
CA THR H 139 -3.25 21.52 3.71
C THR H 139 -4.26 22.67 3.75
N GLY H 140 -4.93 22.90 2.63
CA GLY H 140 -5.93 23.96 2.56
C GLY H 140 -5.31 25.33 2.38
N GLY H 141 -3.99 25.37 2.19
CA GLY H 141 -3.28 26.63 2.07
C GLY H 141 -3.36 27.26 0.69
N HIS H 142 -2.56 28.30 0.47
CA HIS H 142 -2.63 29.08 -0.75
C HIS H 142 -2.11 28.30 -1.97
N ALA H 143 -1.27 27.31 -1.75
CA ALA H 143 -0.77 26.49 -2.85
C ALA H 143 -1.39 25.10 -2.87
N ASP H 144 -2.56 24.96 -2.24
CA ASP H 144 -3.31 23.71 -2.25
C ASP H 144 -4.46 23.79 -3.25
N PRO H 145 -4.29 23.19 -4.43
CA PRO H 145 -5.16 23.38 -5.60
C PRO H 145 -6.52 22.71 -5.49
N ARG H 146 -6.69 21.83 -4.51
CA ARG H 146 -7.88 21.01 -4.40
C ARG H 146 -9.18 21.79 -4.20
N ALA H 147 -10.24 21.33 -4.86
CA ALA H 147 -11.51 22.03 -4.78
C ALA H 147 -12.12 21.74 -3.42
N ARG H 148 -13.24 22.39 -3.14
CA ARG H 148 -13.95 22.15 -1.91
C ARG H 148 -15.08 21.18 -2.20
N SER H 149 -15.10 20.09 -1.45
CA SER H 149 -16.12 19.08 -1.58
C SER H 149 -16.16 18.29 -0.30
N ASP H 150 -16.79 17.14 -0.34
CA ASP H 150 -16.91 16.30 0.84
C ASP H 150 -15.82 15.24 0.96
N TYR H 151 -14.77 15.36 0.17
CA TYR H 151 -13.64 14.45 0.25
C TYR H 151 -12.31 15.15 -0.07
N MET H 152 -11.21 14.61 0.45
CA MET H 152 -9.88 15.12 0.13
C MET H 152 -9.16 14.13 -0.77
N PRO H 153 -9.12 14.41 -2.08
CA PRO H 153 -8.28 13.58 -2.93
C PRO H 153 -6.83 13.97 -2.64
N PRO H 154 -5.86 13.22 -3.18
CA PRO H 154 -4.49 13.49 -2.77
C PRO H 154 -3.93 14.76 -3.42
N ASP H 155 -2.95 15.37 -2.77
CA ASP H 155 -2.24 16.51 -3.31
C ASP H 155 -1.49 16.08 -4.58
N SER H 156 -0.72 15.01 -4.46
CA SER H 156 0.04 14.47 -5.59
C SER H 156 -0.64 13.26 -6.23
N PRO H 157 -1.06 13.42 -7.50
CA PRO H 157 -1.46 12.24 -8.25
C PRO H 157 -0.23 11.36 -8.47
N CYS H 158 0.91 12.03 -8.72
CA CYS H 158 2.19 11.35 -9.00
C CYS H 158 2.79 10.68 -7.75
N GLY H 159 2.90 11.44 -6.68
CA GLY H 159 3.55 10.94 -5.48
C GLY H 159 5.05 11.06 -5.57
N CYS H 160 5.63 10.45 -6.61
CA CYS H 160 7.07 10.58 -6.87
C CYS H 160 7.32 11.73 -7.84
N CYS H 161 6.57 11.70 -8.95
CA CYS H 161 6.77 12.63 -10.05
C CYS H 161 6.10 13.99 -9.86
N VAL H 162 6.94 15.01 -9.93
CA VAL H 162 6.53 16.39 -10.00
C VAL H 162 5.84 16.70 -11.33
N ARG H 163 4.72 17.43 -11.29
CA ARG H 163 4.15 18.01 -12.51
C ARG H 163 4.83 19.34 -12.84
N VAL H 164 5.12 19.55 -14.12
CA VAL H 164 5.74 20.80 -14.56
C VAL H 164 4.84 22.00 -14.26
N GLY H 165 3.54 21.75 -14.24
CA GLY H 165 2.56 22.80 -14.07
C GLY H 165 2.22 23.13 -12.62
N ALA H 166 2.74 22.35 -11.70
CA ALA H 166 2.50 22.58 -10.28
C ALA H 166 3.32 23.75 -9.75
N LEU H 167 2.67 24.74 -9.16
CA LEU H 167 3.39 25.84 -8.55
C LEU H 167 3.80 25.51 -7.12
N GLY H 168 3.08 24.58 -6.50
CA GLY H 168 3.32 24.25 -5.10
C GLY H 168 3.18 22.78 -4.77
N ARG H 169 3.27 22.47 -3.48
CA ARG H 169 3.04 21.12 -2.99
C ARG H 169 2.56 21.22 -1.56
N VAL H 170 1.69 20.31 -1.16
CA VAL H 170 1.15 20.35 0.20
C VAL H 170 2.00 19.53 1.16
N ALA H 171 2.31 20.13 2.29
CA ALA H 171 3.06 19.45 3.33
C ALA H 171 2.58 19.91 4.71
N ASP H 172 2.34 18.96 5.61
CA ASP H 172 1.96 19.30 6.98
C ASP H 172 2.81 18.57 8.01
N GLY H 173 3.22 19.31 9.05
CA GLY H 173 3.97 18.72 10.15
C GLY H 173 5.45 18.96 10.01
N VAL H 174 6.14 19.19 11.12
CA VAL H 174 7.57 19.43 11.07
C VAL H 174 8.30 18.41 10.20
N ASP H 175 8.10 17.12 10.48
CA ASP H 175 8.80 16.08 9.71
C ASP H 175 8.46 16.16 8.22
N GLU H 176 7.18 16.20 7.90
CA GLU H 176 6.76 16.34 6.51
C GLU H 176 7.39 17.55 5.83
N VAL H 177 7.46 18.69 6.51
CA VAL H 177 7.98 19.92 5.88
C VAL H 177 9.49 19.91 5.73
N ARG H 178 10.19 19.31 6.70
CA ARG H 178 11.63 19.10 6.64
CA ARG H 178 11.62 19.18 6.60
C ARG H 178 12.00 18.30 5.40
N ARG H 179 11.34 17.15 5.26
CA ARG H 179 11.56 16.27 4.12
C ARG H 179 11.32 16.98 2.77
N ALA H 180 10.22 17.71 2.66
CA ALA H 180 9.90 18.43 1.43
C ALA H 180 10.97 19.47 1.06
N VAL H 181 11.42 20.24 2.05
CA VAL H 181 12.52 21.17 1.84
C VAL H 181 13.80 20.44 1.41
N ARG H 182 14.06 19.28 2.01
CA ARG H 182 15.25 18.50 1.64
C ARG H 182 15.19 17.96 0.20
N GLU H 183 14.01 17.51 -0.22
CA GLU H 183 13.82 17.09 -1.60
C GLU H 183 14.00 18.26 -2.58
N GLU H 184 13.34 19.38 -2.30
CA GLU H 184 13.47 20.56 -3.16
C GLU H 184 14.94 20.98 -3.28
N LEU H 185 15.66 20.93 -2.17
CA LEU H 185 17.05 21.31 -2.20
C LEU H 185 17.85 20.32 -3.04
N GLN H 186 17.68 19.02 -2.78
CA GLN H 186 18.45 18.04 -3.52
C GLN H 186 18.13 18.11 -5.01
N MET H 187 16.87 18.39 -5.34
CA MET H 187 16.47 18.58 -6.73
C MET H 187 17.03 19.88 -7.37
N GLY H 188 17.69 20.71 -6.56
CA GLY H 188 18.41 21.90 -7.06
C GLY H 188 17.83 23.29 -6.83
N ALA H 189 16.93 23.45 -5.86
CA ALA H 189 16.35 24.77 -5.60
C ALA H 189 17.38 25.75 -5.02
N ASP H 190 17.33 27.00 -5.48
CA ASP H 190 18.24 28.05 -4.98
C ASP H 190 17.78 28.65 -3.65
N GLN H 191 16.49 28.55 -3.39
CA GLN H 191 15.92 29.08 -2.16
C GLN H 191 14.57 28.41 -1.94
N ILE H 192 13.94 28.67 -0.81
CA ILE H 192 12.71 27.98 -0.45
C ILE H 192 11.56 28.96 -0.27
N ILE H 194 7.58 29.61 0.97
CA ILE H 194 6.39 29.13 1.68
C ILE H 194 5.19 30.03 1.54
N MET H 195 4.01 29.44 1.64
CA MET H 195 2.82 30.25 1.77
C MET H 195 2.61 30.46 3.27
N ALA H 196 2.72 31.71 3.70
CA ALA H 196 2.63 32.03 5.14
C ALA H 196 1.29 32.70 5.48
N SER H 197 0.34 32.59 4.56
CA SER H 197 -0.91 33.32 4.65
C SER H 197 -1.85 32.80 3.57
N GLY H 198 -3.12 33.19 3.64
CA GLY H 198 -4.08 32.92 2.58
C GLY H 198 -3.78 33.73 1.34
N GLY H 199 -4.37 33.34 0.21
CA GLY H 199 -4.04 33.98 -1.04
C GLY H 199 -5.24 34.44 -1.84
N VAL H 200 -5.00 35.37 -2.76
CA VAL H 200 -6.04 35.87 -3.64
C VAL H 200 -6.42 34.82 -4.68
N ALA H 201 -5.41 34.31 -5.39
CA ALA H 201 -5.62 33.34 -6.44
C ALA H 201 -5.57 31.90 -5.91
N SER H 202 -6.71 31.41 -5.42
CA SER H 202 -6.79 30.05 -4.89
C SER H 202 -8.23 29.59 -4.72
N PRO H 203 -8.45 28.26 -4.83
CA PRO H 203 -9.75 27.61 -4.59
C PRO H 203 -10.44 27.93 -3.24
N THR H 204 -9.76 27.69 -2.12
CA THR H 204 -10.46 27.64 -0.82
C THR H 204 -10.03 28.67 0.24
N ASP H 205 -8.74 28.95 0.31
CA ASP H 205 -8.18 29.76 1.40
C ASP H 205 -8.54 31.24 1.30
N PRO H 206 -9.13 31.79 2.38
CA PRO H 206 -9.30 33.24 2.55
C PRO H 206 -7.96 33.93 2.76
N VAL H 207 -7.94 35.26 2.70
CA VAL H 207 -6.69 36.01 2.77
C VAL H 207 -6.12 36.14 4.19
N GLY H 208 -7.00 36.36 5.18
CA GLY H 208 -6.58 36.61 6.55
C GLY H 208 -5.97 35.44 7.31
N VAL H 209 -6.25 34.22 6.87
CA VAL H 209 -5.77 33.01 7.54
C VAL H 209 -4.24 32.93 7.59
N PHE H 210 -3.72 32.31 8.65
CA PHE H 210 -2.31 31.97 8.71
C PHE H 210 -2.00 30.72 7.89
N GLY H 211 -0.78 30.67 7.38
CA GLY H 211 -0.24 29.44 6.81
C GLY H 211 0.90 28.94 7.69
N TYR H 212 0.79 27.70 8.16
CA TYR H 212 1.80 27.03 8.98
C TYR H 212 1.90 27.50 10.43
N SER H 213 2.20 26.57 11.32
CA SER H 213 2.49 26.90 12.69
C SER H 213 3.90 27.47 12.76
N GLU H 214 4.25 28.04 13.91
CA GLU H 214 5.58 28.61 14.11
C GLU H 214 6.65 27.52 14.06
N ASP H 215 6.30 26.34 14.56
CA ASP H 215 7.22 25.20 14.55
C ASP H 215 7.55 24.75 13.14
N GLU H 216 6.52 24.63 12.30
CA GLU H 216 6.70 24.27 10.90
C GLU H 216 7.57 25.31 10.18
N ILE H 217 7.30 26.59 10.40
CA ILE H 217 8.07 27.65 9.73
C ILE H 217 9.52 27.65 10.19
N ARG H 218 9.71 27.46 11.49
CA ARG H 218 11.06 27.43 12.05
CA ARG H 218 11.05 27.42 12.06
C ARG H 218 11.86 26.25 11.51
N ALA H 219 11.19 25.11 11.34
CA ALA H 219 11.83 23.89 10.84
C ALA H 219 12.28 24.12 9.43
N ILE H 220 11.43 24.79 8.66
CA ILE H 220 11.70 25.13 7.26
C ILE H 220 12.87 26.11 7.14
N VAL H 221 12.84 27.16 7.94
CA VAL H 221 13.93 28.15 7.97
C VAL H 221 15.29 27.52 8.31
N ALA H 222 15.29 26.58 9.26
CA ALA H 222 16.53 25.92 9.64
C ALA H 222 17.13 25.09 8.50
N GLU H 223 16.29 24.32 7.81
CA GLU H 223 16.76 23.55 6.67
C GLU H 223 17.34 24.46 5.60
N ALA H 224 16.57 25.48 5.20
CA ALA H 224 17.06 26.45 4.23
C ALA H 224 18.44 26.98 4.59
N GLN H 225 18.62 27.28 5.88
CA GLN H 225 19.89 27.83 6.36
C GLN H 225 21.02 26.80 6.38
N GLY H 226 20.69 25.56 6.74
CA GLY H 226 21.72 24.52 6.76
C GLY H 226 22.40 24.36 5.41
N ARG H 227 21.73 24.82 4.35
CA ARG H 227 22.31 24.75 3.01
C ARG H 227 22.76 26.14 2.52
N GLY H 228 22.71 27.10 3.43
CA GLY H 228 23.26 28.42 3.15
C GLY H 228 22.36 29.23 2.25
N THR H 229 21.07 28.93 2.30
CA THR H 229 20.10 29.72 1.56
C THR H 229 19.01 30.20 2.52
N TYR H 230 17.89 30.67 1.98
CA TYR H 230 16.87 31.30 2.83
C TYR H 230 15.44 30.94 2.40
N VAL H 231 14.47 31.40 3.19
CA VAL H 231 13.06 31.23 2.89
C VAL H 231 12.37 32.55 2.49
N LEU H 232 11.54 32.50 1.46
CA LEU H 232 10.63 33.61 1.18
C LEU H 232 9.21 33.17 1.53
N ALA H 233 8.40 34.14 1.97
CA ALA H 233 7.04 33.85 2.40
C ALA H 233 6.01 34.82 1.86
N HIS H 234 5.02 34.26 1.18
CA HIS H 234 3.81 34.96 0.76
C HIS H 234 3.00 35.30 2.01
N ALA H 235 2.72 36.58 2.23
CA ALA H 235 1.98 37.03 3.42
C ALA H 235 1.42 38.44 3.23
N TYR H 236 0.19 38.66 3.68
CA TYR H 236 -0.50 39.96 3.51
C TYR H 236 -0.64 40.79 4.79
N THR H 237 -1.09 40.16 5.87
CA THR H 237 -1.50 40.88 7.07
C THR H 237 -0.41 41.02 8.13
N PRO H 238 -0.47 42.10 8.92
CA PRO H 238 0.56 42.36 9.90
C PRO H 238 0.88 41.10 10.70
N ALA H 239 -0.16 40.45 11.21
CA ALA H 239 0.02 39.26 12.06
C ALA H 239 0.75 38.16 11.31
N ALA H 240 0.21 37.81 10.15
CA ALA H 240 0.84 36.84 9.27
C ALA H 240 2.27 37.24 8.92
N ILE H 241 2.50 38.51 8.64
CA ILE H 241 3.81 38.98 8.26
C ILE H 241 4.79 38.87 9.42
N ALA H 242 4.31 39.21 10.61
CA ALA H 242 5.16 39.36 11.79
C ALA H 242 5.68 38.02 12.31
N ARG H 243 4.78 37.05 12.43
CA ARG H 243 5.14 35.70 12.87
C ARG H 243 6.21 35.15 11.94
N ALA H 244 6.01 35.37 10.65
CA ALA H 244 6.94 34.89 9.65
C ALA H 244 8.35 35.40 9.93
N VAL H 245 8.48 36.72 10.08
CA VAL H 245 9.78 37.34 10.32
C VAL H 245 10.40 36.86 11.63
N ARG H 246 9.57 36.76 12.67
CA ARG H 246 10.04 36.27 13.96
CA ARG H 246 9.99 36.25 13.97
C ARG H 246 10.53 34.81 13.88
N CYS H 247 10.03 34.06 12.91
CA CYS H 247 10.46 32.67 12.72
C CYS H 247 11.67 32.53 11.81
N GLY H 248 12.17 33.64 11.29
CA GLY H 248 13.43 33.64 10.56
C GLY H 248 13.34 33.79 9.06
N VAL H 249 12.11 33.96 8.56
CA VAL H 249 11.88 34.16 7.13
C VAL H 249 12.56 35.43 6.67
N ARG H 250 13.27 35.36 5.54
CA ARG H 250 14.15 36.45 5.09
C ARG H 250 13.50 37.49 4.18
N THR H 251 12.62 37.06 3.27
CA THR H 251 11.88 38.03 2.46
C THR H 251 10.38 37.75 2.54
N ILE H 252 9.61 38.83 2.48
CA ILE H 252 8.17 38.74 2.52
C ILE H 252 7.69 39.18 1.17
N GLU H 253 6.74 38.45 0.61
CA GLU H 253 6.22 38.79 -0.71
C GLU H 253 4.86 39.44 -0.54
N HIS H 254 4.60 40.49 -1.32
CA HIS H 254 3.34 41.22 -1.24
C HIS H 254 3.33 42.24 -0.08
N GLY H 255 2.91 41.81 1.10
CA GLY H 255 2.86 42.68 2.27
C GLY H 255 1.80 43.76 2.16
N ASN H 256 0.91 43.61 1.18
CA ASN H 256 -0.07 44.65 0.86
C ASN H 256 -0.77 45.31 2.06
N LEU H 257 -1.08 44.50 3.07
CA LEU H 257 -1.85 44.97 4.20
C LEU H 257 -0.98 45.16 5.44
N ILE H 258 0.29 45.48 5.21
CA ILE H 258 1.21 45.71 6.32
C ILE H 258 0.94 47.07 6.99
N ASP H 259 0.93 47.07 8.32
CA ASP H 259 0.78 48.31 9.07
C ASP H 259 2.15 48.91 9.41
N ASP H 260 2.13 50.08 10.06
CA ASP H 260 3.37 50.80 10.36
C ASP H 260 4.22 50.12 11.44
N GLU H 261 3.57 49.49 12.40
CA GLU H 261 4.28 48.78 13.45
C GLU H 261 5.14 47.66 12.89
N THR H 262 4.49 46.64 12.32
CA THR H 262 5.19 45.46 11.82
C THR H 262 6.24 45.83 10.78
N ALA H 263 6.05 46.97 10.13
CA ALA H 263 7.02 47.46 9.15
C ALA H 263 8.35 47.74 9.81
N ARG H 264 8.32 48.18 11.07
CA ARG H 264 9.54 48.43 11.82
C ARG H 264 10.18 47.13 12.24
N LEU H 265 9.33 46.21 12.71
CA LEU H 265 9.74 44.86 13.00
C LEU H 265 10.53 44.34 11.80
N VAL H 266 9.92 44.43 10.62
CA VAL H 266 10.58 43.98 9.41
C VAL H 266 11.95 44.63 9.28
N ALA H 267 11.97 45.97 9.32
CA ALA H 267 13.19 46.72 9.09
C ALA H 267 14.28 46.40 10.11
N GLU H 268 13.86 46.19 11.36
CA GLU H 268 14.79 45.89 12.43
C GLU H 268 15.46 44.53 12.23
N HIS H 269 14.64 43.53 11.90
CA HIS H 269 15.12 42.17 11.68
C HIS H 269 15.91 42.06 10.39
N GLY H 270 15.97 43.13 9.62
CA GLY H 270 16.80 43.18 8.42
C GLY H 270 16.20 42.44 7.23
N ALA H 271 14.92 42.08 7.34
CA ALA H 271 14.23 41.37 6.27
C ALA H 271 13.83 42.32 5.16
N TYR H 272 13.51 41.76 4.00
CA TYR H 272 13.12 42.55 2.83
C TYR H 272 11.65 42.33 2.52
N VAL H 273 11.08 43.26 1.75
CA VAL H 273 9.74 43.05 1.23
C VAL H 273 9.72 43.18 -0.29
N VAL H 274 8.97 42.29 -0.93
CA VAL H 274 8.72 42.36 -2.35
C VAL H 274 7.23 42.59 -2.60
N PRO H 275 6.85 43.85 -2.85
CA PRO H 275 5.47 44.14 -3.21
C PRO H 275 5.27 43.75 -4.68
N THR H 276 4.05 43.38 -5.05
CA THR H 276 3.79 42.95 -6.44
C THR H 276 2.51 43.57 -6.96
N LEU H 277 2.44 44.89 -6.81
CA LEU H 277 1.28 45.71 -7.16
C LEU H 277 0.63 45.37 -8.51
N VAL H 278 1.45 45.25 -9.55
CA VAL H 278 0.97 45.09 -10.90
C VAL H 278 -0.05 43.96 -11.05
N THR H 279 0.23 42.83 -10.41
CA THR H 279 -0.62 41.66 -10.57
C THR H 279 -2.06 41.89 -10.14
N TYR H 280 -2.27 42.79 -9.20
CA TYR H 280 -3.61 43.08 -8.71
C TYR H 280 -4.38 43.93 -9.71
N ASP H 281 -3.66 44.84 -10.38
CA ASP H 281 -4.21 45.59 -11.51
C ASP H 281 -4.73 44.60 -12.54
N ALA H 282 -3.85 43.74 -13.01
CA ALA H 282 -4.21 42.81 -14.04
C ALA H 282 -5.34 41.92 -13.61
N LEU H 283 -5.33 41.45 -12.37
CA LEU H 283 -6.39 40.57 -11.95
C LEU H 283 -7.74 41.26 -12.03
N ALA H 284 -7.81 42.48 -11.54
CA ALA H 284 -9.06 43.22 -11.58
C ALA H 284 -9.53 43.55 -12.99
N SER H 285 -8.61 43.99 -13.83
CA SER H 285 -8.96 44.37 -15.19
C SER H 285 -9.39 43.26 -16.13
N GLU H 286 -8.64 42.17 -16.14
CA GLU H 286 -8.90 41.10 -17.08
C GLU H 286 -9.04 39.73 -16.48
N GLY H 287 -9.12 39.64 -15.16
CA GLY H 287 -9.14 38.33 -14.56
C GLY H 287 -10.31 37.45 -14.90
N GLU H 288 -11.52 37.99 -14.87
CA GLU H 288 -12.68 37.19 -15.20
C GLU H 288 -12.64 36.80 -16.65
N LYS H 289 -12.20 37.75 -17.47
CA LYS H 289 -12.16 37.53 -18.91
C LYS H 289 -11.51 36.21 -19.27
N TYR H 290 -10.37 35.92 -18.65
CA TYR H 290 -9.58 34.72 -18.97
C TYR H 290 -9.77 33.60 -17.96
N GLY H 291 -11.02 33.19 -17.80
CA GLY H 291 -11.36 32.02 -16.99
C GLY H 291 -10.76 32.01 -15.60
N LEU H 292 -10.42 33.19 -15.09
CA LEU H 292 -9.96 33.32 -13.71
C LEU H 292 -11.12 33.02 -12.77
N PRO H 293 -11.05 31.88 -12.06
CA PRO H 293 -12.10 31.37 -11.18
C PRO H 293 -12.88 32.45 -10.44
N PRO H 294 -14.21 32.31 -10.37
CA PRO H 294 -15.14 33.24 -9.72
C PRO H 294 -14.87 33.38 -8.22
N GLU H 295 -14.31 32.34 -7.61
CA GLU H 295 -13.95 32.35 -6.19
C GLU H 295 -12.77 33.28 -5.92
N SER H 296 -11.82 33.27 -6.85
CA SER H 296 -10.64 34.13 -6.79
C SER H 296 -11.08 35.58 -6.95
N ILE H 297 -12.10 35.77 -7.77
CA ILE H 297 -12.62 37.09 -8.08
C ILE H 297 -13.10 37.76 -6.82
N ALA H 298 -13.77 37.01 -5.96
CA ALA H 298 -14.31 37.56 -4.73
C ALA H 298 -13.21 38.14 -3.87
N LYS H 299 -12.03 37.55 -3.96
CA LYS H 299 -10.92 37.94 -3.10
C LYS H 299 -9.97 39.04 -3.56
N ILE H 300 -10.11 39.57 -4.76
CA ILE H 300 -9.12 40.53 -5.24
C ILE H 300 -9.22 41.88 -4.54
N ALA H 301 -10.43 42.38 -4.40
CA ALA H 301 -10.68 43.69 -3.84
C ALA H 301 -10.15 43.78 -2.43
N ASP H 302 -9.95 42.62 -1.82
CA ASP H 302 -9.49 42.56 -0.44
C ASP H 302 -8.14 43.22 -0.18
N VAL H 303 -7.19 43.12 -1.09
CA VAL H 303 -5.90 43.78 -0.89
C VAL H 303 -5.45 44.71 -2.02
N HIS H 304 -6.23 44.79 -3.08
CA HIS H 304 -5.81 45.57 -4.24
C HIS H 304 -5.59 47.07 -4.01
N GLY H 305 -6.52 47.71 -3.30
CA GLY H 305 -6.41 49.11 -2.97
C GLY H 305 -5.33 49.52 -1.99
N ALA H 306 -5.16 48.68 -0.99
CA ALA H 306 -4.26 48.91 0.13
C ALA H 306 -2.81 48.98 -0.28
N GLY H 307 -2.52 48.35 -1.40
CA GLY H 307 -1.15 48.13 -1.83
C GLY H 307 -0.35 49.39 -2.07
N LEU H 308 -0.95 50.36 -2.75
CA LEU H 308 -0.25 51.58 -3.10
C LEU H 308 0.19 52.34 -1.84
N HIS H 309 -0.62 52.24 -0.80
CA HIS H 309 -0.31 52.86 0.49
C HIS H 309 0.86 52.14 1.19
N SER H 310 0.79 50.81 1.24
CA SER H 310 1.81 50.02 1.91
C SER H 310 3.21 50.43 1.52
N ILE H 311 3.38 50.84 0.27
CA ILE H 311 4.69 51.26 -0.22
C ILE H 311 5.23 52.44 0.58
N GLU H 312 4.39 53.46 0.74
CA GLU H 312 4.71 54.61 1.57
C GLU H 312 5.07 54.12 2.97
N ILE H 313 4.12 53.45 3.61
CA ILE H 313 4.32 52.89 4.94
C ILE H 313 5.70 52.22 5.11
N MET H 314 6.15 51.55 4.06
CA MET H 314 7.42 50.82 4.10
C MET H 314 8.64 51.71 3.84
N LYS H 315 8.48 52.65 2.92
CA LYS H 315 9.48 53.70 2.68
C LYS H 315 9.81 54.42 3.98
N ARG H 316 8.76 54.84 4.68
CA ARG H 316 8.86 55.59 5.92
C ARG H 316 9.52 54.80 7.06
N ALA H 317 9.22 53.50 7.13
CA ALA H 317 9.80 52.65 8.17
C ALA H 317 11.21 52.25 7.81
N GLY H 318 11.60 52.52 6.57
CA GLY H 318 12.94 52.20 6.10
C GLY H 318 13.14 50.71 5.81
N VAL H 319 12.09 50.08 5.31
CA VAL H 319 12.17 48.69 4.86
C VAL H 319 12.93 48.60 3.55
N LYS H 320 13.88 47.67 3.48
CA LYS H 320 14.55 47.34 2.24
C LYS H 320 13.56 46.65 1.29
N MET H 321 13.09 47.38 0.29
CA MET H 321 12.11 46.86 -0.67
C MET H 321 12.76 46.37 -1.97
N GLY H 322 12.33 45.22 -2.46
CA GLY H 322 12.83 44.68 -3.72
C GLY H 322 11.73 44.69 -4.76
N PHE H 323 12.11 44.46 -6.02
CA PHE H 323 11.16 44.52 -7.15
C PHE H 323 10.51 43.17 -7.53
N GLY H 324 9.19 43.14 -7.54
CA GLY H 324 8.44 41.91 -7.87
C GLY H 324 7.14 42.19 -8.61
N THR H 325 6.73 41.24 -9.46
CA THR H 325 5.59 41.44 -10.35
C THR H 325 4.52 40.35 -10.15
N ASP H 326 4.94 39.09 -10.25
CA ASP H 326 4.06 37.98 -9.95
C ASP H 326 2.83 37.95 -10.86
N LEU H 327 3.03 37.91 -12.17
CA LEU H 327 1.89 37.88 -13.10
C LEU H 327 1.54 36.47 -13.59
N LEU H 328 0.29 36.29 -14.00
CA LEU H 328 -0.19 35.01 -14.52
C LEU H 328 -0.75 35.14 -15.92
N GLY H 329 -0.68 34.07 -16.70
CA GLY H 329 -1.27 34.04 -18.03
C GLY H 329 -0.84 35.17 -18.95
N GLU H 330 -1.81 35.78 -19.62
CA GLU H 330 -1.56 36.84 -20.59
C GLU H 330 -1.10 38.14 -19.93
N ALA H 331 -1.36 38.24 -18.63
CA ALA H 331 -0.96 39.43 -17.87
C ALA H 331 0.55 39.60 -17.87
N GLN H 332 1.28 38.50 -17.97
CA GLN H 332 2.73 38.57 -17.87
C GLN H 332 3.33 39.60 -18.81
N ARG H 333 2.55 40.03 -19.79
CA ARG H 333 3.07 41.01 -20.75
C ARG H 333 3.25 42.37 -20.06
N LEU H 334 2.65 42.50 -18.88
CA LEU H 334 2.60 43.75 -18.14
C LEU H 334 3.75 43.90 -17.15
N GLN H 335 4.70 42.97 -17.21
CA GLN H 335 5.79 42.95 -16.24
C GLN H 335 6.38 44.35 -15.97
N SER H 336 6.45 45.16 -17.02
CA SER H 336 7.14 46.45 -16.94
C SER H 336 6.37 47.56 -16.23
N ASP H 337 5.04 47.44 -16.19
CA ASP H 337 4.19 48.41 -15.51
C ASP H 337 4.51 48.57 -14.03
N GLU H 338 5.21 47.59 -13.49
CA GLU H 338 5.55 47.64 -12.08
C GLU H 338 6.36 48.90 -11.82
N PHE H 339 7.18 49.29 -12.80
CA PHE H 339 7.95 50.52 -12.71
C PHE H 339 7.02 51.73 -12.68
N ARG H 340 6.04 51.75 -13.56
CA ARG H 340 5.13 52.88 -13.67
C ARG H 340 4.28 53.04 -12.41
N ILE H 341 3.93 51.92 -11.79
CA ILE H 341 3.11 51.96 -10.57
C ILE H 341 3.96 52.33 -9.35
N LEU H 342 5.20 51.88 -9.34
CA LEU H 342 6.11 52.20 -8.25
C LEU H 342 6.53 53.65 -8.38
N ALA H 343 6.45 54.18 -9.59
CA ALA H 343 6.83 55.57 -9.85
C ALA H 343 5.78 56.51 -9.27
N GLU H 344 4.56 56.04 -9.15
CA GLU H 344 3.51 56.87 -8.59
C GLU H 344 3.88 57.30 -7.18
N VAL H 345 4.53 56.42 -6.44
CA VAL H 345 4.91 56.73 -5.07
C VAL H 345 6.39 56.83 -4.69
N LEU H 346 7.28 56.59 -5.64
CA LEU H 346 8.71 56.62 -5.35
C LEU H 346 9.52 57.25 -6.49
N SER H 347 10.72 57.69 -6.15
CA SER H 347 11.63 58.29 -7.11
C SER H 347 12.18 57.24 -8.05
N PRO H 348 12.51 57.64 -9.27
CA PRO H 348 13.01 56.68 -10.26
C PRO H 348 14.26 55.98 -9.76
N ALA H 349 15.14 56.73 -9.09
CA ALA H 349 16.36 56.17 -8.54
C ALA H 349 16.04 55.10 -7.49
N GLU H 350 15.02 55.38 -6.67
CA GLU H 350 14.62 54.46 -5.63
C GLU H 350 14.10 53.18 -6.28
N VAL H 351 13.23 53.34 -7.27
CA VAL H 351 12.65 52.22 -7.99
C VAL H 351 13.71 51.40 -8.72
N ILE H 352 14.61 52.07 -9.41
CA ILE H 352 15.70 51.37 -10.11
C ILE H 352 16.68 50.74 -9.13
N ALA H 353 16.58 51.09 -7.86
CA ALA H 353 17.35 50.41 -6.83
C ALA H 353 16.56 49.21 -6.32
N SER H 354 15.24 49.32 -6.38
CA SER H 354 14.35 48.21 -6.07
C SER H 354 14.70 47.00 -6.94
N ALA H 355 14.98 47.27 -8.21
CA ALA H 355 15.10 46.21 -9.21
C ALA H 355 16.54 45.98 -9.62
N THR H 356 17.48 46.42 -8.80
CA THR H 356 18.90 46.20 -9.06
C THR H 356 19.65 45.83 -7.79
N ILE H 357 20.45 46.77 -7.30
CA ILE H 357 21.29 46.53 -6.12
C ILE H 357 20.57 45.90 -4.93
N VAL H 358 19.32 46.28 -4.69
CA VAL H 358 18.55 45.69 -3.59
C VAL H 358 18.15 44.26 -3.90
N SER H 359 17.82 44.00 -5.17
CA SER H 359 17.50 42.65 -5.60
C SER H 359 18.73 41.76 -5.55
N ALA H 360 19.87 42.30 -5.97
CA ALA H 360 21.09 41.52 -6.01
C ALA H 360 21.52 41.16 -4.59
N GLU H 361 21.09 41.97 -3.63
CA GLU H 361 21.46 41.80 -2.23
C GLU H 361 20.64 40.66 -1.66
N VAL H 362 19.38 40.59 -2.08
CA VAL H 362 18.49 39.50 -1.72
C VAL H 362 19.01 38.17 -2.22
N LEU H 363 19.43 38.15 -3.49
CA LEU H 363 19.99 36.96 -4.11
C LEU H 363 21.36 36.61 -3.54
N GLY H 364 21.85 37.42 -2.61
CA GLY H 364 23.22 37.26 -2.12
C GLY H 364 24.26 37.41 -3.22
N MET H 365 23.94 38.22 -4.24
CA MET H 365 24.83 38.37 -5.39
C MET H 365 25.43 39.77 -5.47
N GLN H 366 25.56 40.42 -4.31
CA GLN H 366 26.04 41.80 -4.23
C GLN H 366 27.40 41.98 -4.90
N ASP H 367 27.47 42.93 -5.83
CA ASP H 367 28.70 43.23 -6.56
C ASP H 367 28.93 42.27 -7.73
N LYS H 368 27.91 41.49 -8.04
CA LYS H 368 28.01 40.52 -9.12
C LYS H 368 26.80 40.65 -10.04
N LEU H 369 25.78 41.35 -9.55
CA LEU H 369 24.58 41.65 -10.34
C LEU H 369 23.98 42.98 -9.90
N GLY H 370 23.29 43.64 -10.82
CA GLY H 370 22.61 44.89 -10.51
C GLY H 370 23.59 46.03 -10.32
N ARG H 371 24.83 45.79 -10.72
CA ARG H 371 25.87 46.80 -10.74
C ARG H 371 26.92 46.45 -11.78
N ILE H 372 27.28 47.44 -12.60
CA ILE H 372 28.37 47.27 -13.56
C ILE H 372 29.66 47.65 -12.88
N VAL H 373 30.42 46.64 -12.47
CA VAL H 373 31.69 46.84 -11.81
C VAL H 373 32.64 45.68 -12.12
N PRO H 374 33.94 45.97 -12.12
CA PRO H 374 34.87 44.88 -12.41
C PRO H 374 34.54 43.69 -11.53
N GLY H 375 34.38 42.52 -12.14
CA GLY H 375 34.03 41.30 -11.39
C GLY H 375 32.61 40.86 -11.66
N ALA H 376 31.68 41.80 -11.55
CA ALA H 376 30.26 41.50 -11.75
C ALA H 376 30.00 40.81 -13.09
N HIS H 377 28.83 40.20 -13.21
CA HIS H 377 28.43 39.51 -14.42
C HIS H 377 28.12 40.50 -15.55
N ALA H 378 28.37 40.07 -16.78
CA ALA H 378 28.16 40.89 -17.95
C ALA H 378 26.67 41.00 -18.31
N ASP H 379 25.88 41.52 -17.38
CA ASP H 379 24.47 41.76 -17.62
C ASP H 379 24.27 43.26 -17.80
N VAL H 380 24.26 43.71 -19.05
CA VAL H 380 24.15 45.13 -19.36
C VAL H 380 23.01 45.44 -20.34
N LEU H 381 22.37 46.58 -20.13
CA LEU H 381 21.36 47.09 -21.07
C LEU H 381 21.82 48.38 -21.76
N VAL H 382 21.18 48.70 -22.87
CA VAL H 382 21.27 50.00 -23.49
C VAL H 382 19.87 50.60 -23.57
N VAL H 383 19.67 51.73 -22.91
CA VAL H 383 18.36 52.36 -22.86
C VAL H 383 18.32 53.66 -23.65
N ASP H 384 17.16 53.93 -24.26
CA ASP H 384 16.95 55.20 -24.94
C ASP H 384 16.37 56.19 -23.95
N GLY H 385 17.21 56.67 -23.05
CA GLY H 385 16.79 57.63 -22.03
C GLY H 385 17.53 57.47 -20.71
N ASN H 386 16.99 58.10 -19.68
CA ASN H 386 17.57 58.01 -18.35
C ASN H 386 16.53 57.64 -17.29
N PRO H 387 16.55 56.37 -16.83
CA PRO H 387 15.61 55.80 -15.88
C PRO H 387 15.58 56.55 -14.55
N LEU H 388 16.70 57.17 -14.18
CA LEU H 388 16.78 57.94 -12.95
C LEU H 388 15.83 59.13 -12.96
N LYS H 389 15.80 59.86 -14.07
CA LYS H 389 14.88 60.98 -14.20
C LYS H 389 13.49 60.45 -14.51
N SER H 390 13.42 59.55 -15.47
CA SER H 390 12.14 58.99 -15.90
C SER H 390 12.21 57.50 -16.20
N VAL H 391 11.20 56.77 -15.71
CA VAL H 391 11.14 55.32 -15.91
C VAL H 391 10.07 54.94 -16.94
N ASP H 392 10.22 55.47 -18.15
CA ASP H 392 9.25 55.21 -19.22
C ASP H 392 9.94 54.46 -20.34
N CYS H 393 11.25 54.65 -20.43
CA CYS H 393 12.07 53.95 -21.40
C CYS H 393 12.06 52.45 -21.12
N LEU H 394 11.56 52.09 -19.94
CA LEU H 394 11.51 50.69 -19.51
C LEU H 394 10.16 50.07 -19.83
N LEU H 395 9.11 50.87 -19.88
CA LEU H 395 7.78 50.32 -20.10
C LEU H 395 7.59 49.62 -21.44
N GLY H 396 6.63 48.72 -21.47
CA GLY H 396 6.31 47.99 -22.68
C GLY H 396 7.23 46.82 -22.95
N GLN H 397 7.24 46.32 -24.17
CA GLN H 397 8.08 45.19 -24.52
C GLN H 397 9.48 45.59 -24.90
N GLY H 398 10.08 46.43 -24.09
CA GLY H 398 11.44 46.87 -24.32
C GLY H 398 11.73 47.55 -25.65
N GLU H 399 10.77 48.34 -26.13
CA GLU H 399 10.98 49.05 -27.37
C GLU H 399 12.12 50.03 -27.22
N HIS H 400 12.16 50.70 -26.08
CA HIS H 400 13.21 51.70 -25.82
C HIS H 400 14.44 51.11 -25.17
N ILE H 401 14.64 49.81 -25.38
CA ILE H 401 15.84 49.11 -24.95
C ILE H 401 16.45 48.36 -26.12
N PRO H 402 17.19 49.08 -26.97
CA PRO H 402 17.79 48.59 -28.21
C PRO H 402 18.86 47.52 -28.00
N LEU H 403 19.40 47.42 -26.79
CA LEU H 403 20.39 46.38 -26.53
C LEU H 403 20.17 45.65 -25.21
N VAL H 404 20.38 44.33 -25.24
CA VAL H 404 20.31 43.50 -24.04
C VAL H 404 21.44 42.47 -24.02
N MET H 405 22.37 42.65 -23.10
CA MET H 405 23.47 41.72 -22.93
C MET H 405 23.33 40.92 -21.62
N LYS H 406 23.64 39.64 -21.69
CA LYS H 406 23.60 38.76 -20.53
C LYS H 406 24.72 37.74 -20.64
N ASP H 407 25.44 37.50 -19.54
CA ASP H 407 26.61 36.64 -19.59
C ASP H 407 27.59 37.11 -20.67
N GLY H 408 27.61 38.43 -20.91
CA GLY H 408 28.52 39.00 -21.90
C GLY H 408 28.23 38.46 -23.28
N ARG H 409 26.95 38.29 -23.58
CA ARG H 409 26.51 37.84 -24.90
C ARG H 409 25.33 38.66 -25.36
N LEU H 410 25.39 39.12 -26.60
CA LEU H 410 24.30 39.90 -27.14
C LEU H 410 23.10 39.01 -27.41
N PHE H 411 21.95 39.39 -26.87
CA PHE H 411 20.72 38.68 -27.16
C PHE H 411 19.90 39.55 -28.11
N VAL H 412 19.78 40.81 -27.76
CA VAL H 412 19.08 41.79 -28.57
C VAL H 412 20.00 42.96 -28.83
N ASN H 413 20.12 43.35 -30.08
CA ASN H 413 20.92 44.51 -30.43
C ASN H 413 20.42 45.21 -31.68
N GLU H 414 19.37 46.00 -31.55
CA GLU H 414 18.78 46.68 -32.69
C GLU H 414 19.44 48.02 -32.76
N LEU H 415 20.60 48.04 -32.13
CA LEU H 415 21.43 49.22 -32.05
C LEU H 415 22.10 49.46 -33.40
N GLU H 416 22.81 48.44 -33.89
CA GLU H 416 23.51 48.54 -35.16
C GLU H 416 22.60 48.27 -36.35
#